data_9LQ7
#
_entry.id   9LQ7
#
_cell.length_a   1.00
_cell.length_b   1.00
_cell.length_c   1.00
_cell.angle_alpha   90.00
_cell.angle_beta   90.00
_cell.angle_gamma   90.00
#
_symmetry.space_group_name_H-M   'P 1'
#
loop_
_entity.id
_entity.type
_entity.pdbx_description
1 polymer Cmr1
2 polymer 'Type III-B CRISPR-associated protein Cas10/Cmr2'
3 polymer 'CRISPR-associated protein Cmr3'
4 polymer 'Type III-B CRISPR module RAMP protein Cmr4'
5 polymer 'CRISPR type III-B/RAMP module-associated protein Cmr5'
6 polymer 'RAMP superfamily protein'
7 polymer NTR
8 polymer crRNA
9 non-polymer "ADENOSINE-5'-TRIPHOSPHATE"
10 non-polymer S-ADENOSYLMETHIONINE
11 non-polymer 'MANGANESE (II) ION'
#
loop_
_entity_poly.entity_id
_entity_poly.type
_entity_poly.pdbx_seq_one_letter_code
_entity_poly.pdbx_strand_id
1 'polypeptide(L)'
;MNQLTAILKQHTPMIHFQHNESGATLRASEVKPLLDKFILTKLGNGDIREGRLYAKKNNWLIDNEKNYALNYKLSISLQK
KSRLEYLITSSTFPLPTERPSNFFTIQNSPYFAQEKCVGINTNSTIILKKSNSDPRKKEAEFKEKNWSQIDKKGLEWQDF
TIKIFSLKGDLINKIQTYLPAFFICHNFGTRNNKGFGSFTVEYINNQKNICNVEDTLKENFAFVYKKKIALSRQSTLDFI
YIYNQIFSTIKKDYQILKSGYNFRNEYIKSLLFCYFVSKYPNYRWEKRKMKQLIKARGYELKGDHSPISGIRENDNSWND
PNPNGYNYAYIRAILGLAEQYEFQLETPYQKAIVKIKSANNCISRYKSPLLFKIINNSIYLVGNEINTEILNKPFQYSYI
EQTKNKNMRTGKSEITERTMHINEIEMNYKNRINYHYTPTSFSLIDFMQYAMSYKKNGKNILNYIPLKQ
;
A
2 'polypeptide(L)'
;MKYIAITLGPITRTIEMAESTKELWAASYFFSYLAKKIVEPFVKKNRTFQLPLINEEMQKPHCGAGLFPDRYIFKSEPGD
LELLKQHSDQVLIEIAGHIASPSLPGTAKDVSQIYHYLKSYIKIYFIERTLESDDPHVVIPACEKYLNIIENQETFPEQE
ETMISHQKSDFLKFLITNVNGKIYRKDKNSIPRFTGSFLTRDAFGDMNGERLFESILEISASELNINIQQKALEVITANE
KNKGEKYSDQIWDAEEIILNDNKAQLRPYHKYIAIIKSDGDSMGETIKSMGAYNIPITQLSKALLSFNIESINEIVAYGG
KPIFIGGDDLLCFAPVCCNGNNVFNLVEKLSTCFDQCINQHLQQYINACSEAQRPLPSLSFGISITYHKYPMFEALHTTD
YLLEMVAKDNLFKYTLSNKNILNENMKRFILKNKLAFSLQKHSGQIYHTAMSKKGKSYVKFNMLLQKYILKNKDMSKTQE
SEKFLSSVIQMIRAHAEILQIILQNEDKRTEMLKNYFDNNFNESCHLGYTGLFEDIQTLLCLRYQENIQDYQNRNEIIQQ
NTILTSDEKEILIVSPAMDAIHTIFTALQFIHFINYNKDE
;
B
3 'polypeptide(L)'
;MSHHHHHHHHDGKPIPNPLLGLDSTGSDQTENSGENLYFQGANAMNRHYLITLTPMDWFFFGGERTLDDGKSADYISHSN
KFPQQSALLGMIRYQLLKQHNLLSQFPYTENKPTEKEIMKTLIGEQSFRMTERKAKSLGLGVIKQISPLMLIECKDDTSS
RSIYFPLPLDDGYKVSFNETSNEDKVFYNGIECPIPNVYPASEEQDSGNQKRKFFDHKTYNNYLFWCTQGNNQIKKLLSD
EIWISKMQIGITKHVEEGEDNDKSFYKQEFLQLKKSFIYAFYITLSGESELSSDIIQLGGQRSVFRMEVESIEENSDIQE
KYQTAAQFLTQSDRLLILSPTYVDNLKELSALCNFMWSDSIVFRNIQTTNASNFYGKPIKSSSKYHFLKPGSVLYFKQGK
RKEVEKLLMDYTYLRLSGYNIYI
;
C
4 'polypeptide(L)'
;MTTRMYVINTLSNMHVGSGEVNYGVIANLIQRDSVTNLPNINSSGLKGAIREYFKENEDLVRELFGSAPRDEKTLPGKVR
FFEANLLSMPVRSDKVPFLMAISDEVLQELITKMKFFNCEEATQYISHLSTLLDNIKTQAQGTDFAYVFDPLLQGAIIEE
VSIRATCPSHIPLQPSLKKLLGDRLVILSHKYFSILSDDNHLPVLSRNNLENGQSANLWYEQVLPRYSRLYFMLMDGNAQ
SEYLKKFRDTLCTPSTIIQIGANASIGYGYCQISELSPF
;
D,E,F
5 'polypeptide(L)'
;MKISKKQIEYAIEALRANNIITNDNQYPKVFKGYISSFGAAVIQSGLIPAIIFFENEDNDANADRHKIIGVLKDIINAMR
QQYTVTDATILVSSQIPANYSMAQYIIEHGNTDQLLKEITEAAVAMKLALRMYKSE
;
G,H
6 'polypeptide(L)'
;MPKNYTLQNASNLGWLFYKDYYRQEPNVDFISTQGKESDTTADFFRKTNQRITAYQLNSESPLVAAFNNHFGTPLQLKTI
YPGLITGSGLPHQTGSKGEFKLGFQFDYTTGLPYIPGSSIKGTLRSMFPFSLKDKGSTKRILPEYRKERMEYIRDLIIEV
TNINEISDTEIQALEYAIFTNSTPSGKTIEFSLEEKDVFYDAFVADSKDGVMLSDDYITPHGENPLKDPKPILFLKIRPD
VTINFYFKLCTTHLYKEKVCSSKQIEEIKKQNDFSSSDYKMITAHQKRNLFEKILLCIGIGAKTNIGYGQLKKL
;
I
7 'polyribonucleotide' CACAAGGGACGCCACUUCAUGGAAAUAAAUCACUCACGAAUGUCUUAAU K
8 'polyribonucleotide' AUUAAGACAUUCGUGAGUGAUUUAUUUCCAUGAAGUGGCGUCCCUUGUG J
#
loop_
_chem_comp.id
_chem_comp.type
_chem_comp.name
_chem_comp.formula
A RNA linking ADENOSINE-5'-MONOPHOSPHATE 'C10 H14 N5 O7 P'
ATP non-polymer ADENOSINE-5'-TRIPHOSPHATE 'C10 H16 N5 O13 P3'
C RNA linking CYTIDINE-5'-MONOPHOSPHATE 'C9 H14 N3 O8 P'
G RNA linking GUANOSINE-5'-MONOPHOSPHATE 'C10 H14 N5 O8 P'
MN non-polymer 'MANGANESE (II) ION' 'Mn 2'
SAM non-polymer S-ADENOSYLMETHIONINE 'C15 H22 N6 O5 S'
U RNA linking URIDINE-5'-MONOPHOSPHATE 'C9 H13 N2 O9 P'
#
# COMPACT_ATOMS: atom_id res chain seq x y z
N MET A 1 -34.86 -28.59 34.39
CA MET A 1 -34.12 -29.83 34.17
C MET A 1 -33.52 -29.87 32.77
N ASN A 2 -32.32 -30.43 32.66
CA ASN A 2 -31.62 -30.54 31.39
C ASN A 2 -31.43 -31.97 30.93
N GLN A 3 -31.46 -32.95 31.83
CA GLN A 3 -31.24 -34.34 31.49
C GLN A 3 -32.44 -35.17 31.91
N LEU A 4 -32.82 -36.11 31.05
CA LEU A 4 -33.89 -37.07 31.35
C LEU A 4 -33.32 -38.46 31.25
N THR A 5 -33.42 -39.23 32.33
CA THR A 5 -32.91 -40.58 32.39
C THR A 5 -34.07 -41.55 32.58
N ALA A 6 -34.15 -42.55 31.72
CA ALA A 6 -35.21 -43.54 31.79
C ALA A 6 -34.61 -44.94 31.72
N ILE A 7 -35.24 -45.88 32.42
CA ILE A 7 -34.82 -47.27 32.45
C ILE A 7 -35.86 -48.09 31.68
N LEU A 8 -35.40 -48.84 30.68
CA LEU A 8 -36.27 -49.57 29.79
C LEU A 8 -36.21 -51.06 30.11
N LYS A 9 -37.38 -51.70 30.10
CA LYS A 9 -37.49 -53.14 30.25
C LYS A 9 -37.93 -53.75 28.93
N GLN A 10 -37.36 -54.90 28.60
CA GLN A 10 -37.63 -55.58 27.34
C GLN A 10 -38.70 -56.64 27.54
N HIS A 11 -39.65 -56.69 26.60
CA HIS A 11 -40.68 -57.71 26.61
C HIS A 11 -40.55 -58.73 25.48
N THR A 12 -40.02 -58.33 24.34
CA THR A 12 -39.76 -59.25 23.24
C THR A 12 -38.36 -59.01 22.69
N PRO A 13 -37.69 -60.05 22.18
CA PRO A 13 -36.31 -59.90 21.72
C PRO A 13 -36.24 -59.15 20.39
N MET A 14 -35.51 -58.04 20.39
CA MET A 14 -35.39 -57.22 19.20
C MET A 14 -34.52 -57.90 18.15
N ILE A 15 -34.92 -57.76 16.88
CA ILE A 15 -34.15 -58.28 15.76
C ILE A 15 -33.18 -57.19 15.34
N HIS A 16 -31.91 -57.36 15.68
CA HIS A 16 -30.88 -56.35 15.49
C HIS A 16 -29.89 -56.81 14.43
N PHE A 17 -29.57 -55.93 13.49
CA PHE A 17 -28.66 -56.25 12.41
C PHE A 17 -27.20 -55.99 12.76
N GLN A 18 -26.92 -55.37 13.90
CA GLN A 18 -25.56 -55.08 14.34
C GLN A 18 -25.25 -55.79 15.65
N HIS A 19 -25.66 -57.05 15.74
CA HIS A 19 -25.50 -57.85 16.94
C HIS A 19 -24.05 -58.18 17.26
N ASN A 20 -23.12 -57.93 16.34
CA ASN A 20 -21.73 -58.31 16.56
C ASN A 20 -21.13 -57.57 17.75
N GLU A 21 -21.40 -56.28 17.87
CA GLU A 21 -20.88 -55.49 18.98
C GLU A 21 -21.54 -55.93 20.29
N SER A 22 -20.73 -55.99 21.35
CA SER A 22 -21.26 -56.38 22.65
C SER A 22 -22.17 -55.33 23.25
N GLY A 23 -22.07 -54.08 22.81
CA GLY A 23 -22.90 -53.02 23.32
C GLY A 23 -24.13 -52.78 22.46
N ALA A 24 -24.44 -53.74 21.60
CA ALA A 24 -25.55 -53.60 20.66
C ALA A 24 -26.87 -53.53 21.42
N THR A 25 -27.60 -52.43 21.24
CA THR A 25 -28.86 -52.20 21.92
C THR A 25 -29.79 -51.47 20.97
N LEU A 26 -30.87 -50.92 21.54
CA LEU A 26 -31.82 -50.14 20.76
C LEU A 26 -31.12 -48.91 20.16
N ARG A 27 -31.35 -48.67 18.87
CA ARG A 27 -30.66 -47.62 18.15
C ARG A 27 -31.48 -46.33 18.22
N ALA A 28 -30.80 -45.25 18.62
CA ALA A 28 -31.48 -43.96 18.77
C ALA A 28 -31.82 -43.33 17.44
N SER A 29 -31.14 -43.71 16.36
CA SER A 29 -31.50 -43.22 15.03
C SER A 29 -32.87 -43.73 14.60
N GLU A 30 -33.39 -44.75 15.28
CA GLU A 30 -34.74 -45.25 15.06
C GLU A 30 -35.74 -44.62 16.03
N VAL A 31 -35.36 -44.47 17.30
CA VAL A 31 -36.28 -43.98 18.32
C VAL A 31 -36.59 -42.50 18.09
N LYS A 32 -35.56 -41.69 17.83
CA LYS A 32 -35.76 -40.24 17.77
C LYS A 32 -36.73 -39.81 16.68
N PRO A 33 -36.63 -40.27 15.42
CA PRO A 33 -37.61 -39.84 14.42
C PRO A 33 -39.04 -40.21 14.77
N LEU A 34 -39.25 -41.39 15.36
CA LEU A 34 -40.60 -41.78 15.76
C LEU A 34 -41.07 -40.99 16.97
N LEU A 35 -40.17 -40.74 17.92
CA LEU A 35 -40.54 -39.95 19.09
C LEU A 35 -40.89 -38.52 18.70
N ASP A 36 -40.16 -37.95 17.74
CA ASP A 36 -40.47 -36.60 17.27
C ASP A 36 -41.87 -36.56 16.66
N LYS A 37 -42.21 -37.55 15.83
CA LYS A 37 -43.54 -37.60 15.24
C LYS A 37 -44.61 -37.83 16.31
N PHE A 38 -44.31 -38.68 17.29
CA PHE A 38 -45.27 -38.95 18.35
C PHE A 38 -45.56 -37.69 19.16
N ILE A 39 -44.52 -36.93 19.50
CA ILE A 39 -44.70 -35.73 20.31
C ILE A 39 -45.44 -34.64 19.54
N LEU A 40 -45.07 -34.45 18.26
CA LEU A 40 -45.77 -33.47 17.43
C LEU A 40 -47.22 -33.87 17.24
N THR A 41 -47.49 -35.16 17.07
CA THR A 41 -48.87 -35.62 16.99
C THR A 41 -49.62 -35.34 18.29
N LYS A 42 -48.98 -35.60 19.43
CA LYS A 42 -49.63 -35.39 20.72
C LYS A 42 -49.78 -33.90 21.03
N LEU A 43 -48.80 -33.08 20.63
CA LEU A 43 -48.89 -31.64 20.88
C LEU A 43 -50.08 -31.03 20.14
N GLY A 44 -50.32 -31.46 18.92
CA GLY A 44 -51.43 -30.97 18.12
C GLY A 44 -52.74 -31.68 18.36
N ASN A 45 -52.83 -32.52 19.40
CA ASN A 45 -54.05 -33.26 19.73
C ASN A 45 -54.48 -34.16 18.57
N GLY A 46 -53.55 -35.00 18.11
CA GLY A 46 -53.80 -35.93 17.04
C GLY A 46 -53.46 -35.44 15.65
N ASP A 47 -53.12 -34.17 15.49
CA ASP A 47 -52.76 -33.61 14.19
C ASP A 47 -51.31 -33.13 14.25
N ILE A 48 -50.52 -33.51 13.25
CA ILE A 48 -49.10 -33.19 13.26
C ILE A 48 -48.84 -31.75 12.83
N ARG A 49 -49.76 -31.12 12.08
CA ARG A 49 -49.55 -29.74 11.66
C ARG A 49 -49.71 -28.78 12.82
N GLU A 50 -50.75 -28.96 13.64
CA GLU A 50 -50.91 -28.12 14.83
C GLU A 50 -49.75 -28.36 15.81
N GLY A 51 -49.31 -29.61 15.94
CA GLY A 51 -48.20 -29.90 16.83
C GLY A 51 -46.90 -29.25 16.38
N ARG A 52 -46.68 -29.19 15.07
CA ARG A 52 -45.50 -28.49 14.57
C ARG A 52 -45.59 -26.99 14.80
N LEU A 53 -46.80 -26.43 14.67
CA LEU A 53 -47.00 -25.03 15.00
C LEU A 53 -46.73 -24.76 16.47
N TYR A 54 -47.14 -25.69 17.33
CA TYR A 54 -46.84 -25.57 18.76
C TYR A 54 -45.34 -25.61 18.99
N ALA A 55 -44.64 -26.55 18.34
CA ALA A 55 -43.19 -26.63 18.51
C ALA A 55 -42.49 -25.44 17.87
N LYS A 56 -43.02 -24.95 16.74
CA LYS A 56 -42.48 -23.75 16.13
C LYS A 56 -42.67 -22.54 17.05
N LYS A 57 -43.80 -22.48 17.74
CA LYS A 57 -44.08 -21.34 18.62
C LYS A 57 -43.06 -21.27 19.76
N ASN A 58 -42.89 -22.36 20.50
CA ASN A 58 -41.96 -22.35 21.62
C ASN A 58 -40.57 -22.86 21.22
N ASN A 59 -40.06 -22.38 20.09
CA ASN A 59 -38.69 -22.60 19.63
C ASN A 59 -38.14 -23.99 19.90
N TRP A 60 -38.95 -25.03 19.71
CA TRP A 60 -38.54 -26.41 19.97
C TRP A 60 -38.03 -27.13 18.74
N LEU A 61 -38.07 -26.50 17.57
CA LEU A 61 -37.71 -27.16 16.32
C LEU A 61 -36.26 -26.87 15.96
N ILE A 62 -35.56 -27.89 15.47
CA ILE A 62 -34.21 -27.69 14.95
C ILE A 62 -34.25 -26.76 13.74
N ASP A 63 -35.20 -27.00 12.84
CA ASP A 63 -35.47 -26.12 11.71
C ASP A 63 -36.95 -25.82 11.69
N ASN A 64 -37.28 -24.53 11.59
CA ASN A 64 -38.67 -24.10 11.59
C ASN A 64 -39.35 -24.28 10.23
N GLU A 65 -38.64 -24.79 9.23
CA GLU A 65 -39.11 -24.75 7.85
C GLU A 65 -39.50 -26.11 7.27
N LYS A 66 -38.69 -27.16 7.45
CA LYS A 66 -38.85 -28.34 6.62
C LYS A 66 -38.81 -29.69 7.31
N ASN A 67 -38.61 -29.75 8.63
CA ASN A 67 -38.47 -31.05 9.27
C ASN A 67 -39.23 -31.09 10.59
N TYR A 68 -39.61 -32.32 10.98
CA TYR A 68 -40.30 -32.58 12.24
C TYR A 68 -39.35 -32.68 13.44
N ALA A 69 -38.04 -32.53 13.22
CA ALA A 69 -37.06 -32.81 14.26
C ALA A 69 -37.17 -31.82 15.41
N LEU A 70 -37.09 -32.35 16.63
CA LEU A 70 -37.08 -31.55 17.84
C LEU A 70 -35.67 -31.47 18.42
N ASN A 71 -35.38 -30.34 19.08
CA ASN A 71 -34.02 -30.04 19.53
C ASN A 71 -33.75 -30.72 20.86
N TYR A 72 -33.43 -32.00 20.80
CA TYR A 72 -32.97 -32.73 21.96
C TYR A 72 -32.00 -33.81 21.52
N LYS A 73 -31.23 -34.32 22.47
CA LYS A 73 -30.20 -35.33 22.21
C LYS A 73 -30.61 -36.63 22.89
N LEU A 74 -30.57 -37.74 22.14
CA LEU A 74 -31.03 -39.03 22.62
C LEU A 74 -29.88 -40.02 22.59
N SER A 75 -29.71 -40.77 23.68
CA SER A 75 -28.66 -41.77 23.78
C SER A 75 -29.23 -43.00 24.48
N ILE A 76 -28.96 -44.18 23.92
CA ILE A 76 -29.41 -45.45 24.50
C ILE A 76 -28.18 -46.30 24.76
N SER A 77 -28.03 -46.74 26.00
CA SER A 77 -26.85 -47.48 26.42
C SER A 77 -27.24 -48.67 27.28
N LEU A 78 -26.36 -49.65 27.31
CA LEU A 78 -26.54 -50.84 28.14
C LEU A 78 -25.78 -50.67 29.45
N GLN A 79 -26.44 -51.02 30.55
CA GLN A 79 -25.80 -50.99 31.86
C GLN A 79 -25.03 -52.29 32.11
N LYS A 80 -25.70 -53.42 31.97
CA LYS A 80 -25.07 -54.74 32.05
C LYS A 80 -25.10 -55.39 30.67
N LYS A 81 -23.93 -55.82 30.20
CA LYS A 81 -23.75 -56.25 28.82
C LYS A 81 -24.00 -57.74 28.61
N SER A 82 -24.83 -58.35 29.43
CA SER A 82 -25.19 -59.76 29.27
C SER A 82 -26.51 -59.84 28.50
N ARG A 83 -26.49 -60.53 27.38
CA ARG A 83 -27.65 -60.59 26.49
C ARG A 83 -27.96 -62.03 26.14
N LEU A 84 -29.23 -62.25 25.75
CA LEU A 84 -29.68 -63.53 25.25
C LEU A 84 -29.90 -63.43 23.74
N GLU A 85 -29.31 -64.36 22.99
CA GLU A 85 -29.41 -64.37 21.54
C GLU A 85 -30.39 -65.43 21.10
N TYR A 86 -31.36 -65.04 20.29
CA TYR A 86 -32.44 -65.93 19.84
C TYR A 86 -32.33 -66.17 18.34
N LEU A 87 -32.58 -67.42 17.94
CA LEU A 87 -32.74 -67.77 16.54
C LEU A 87 -34.23 -67.78 16.23
N ILE A 88 -34.67 -66.83 15.41
CA ILE A 88 -36.09 -66.64 15.12
C ILE A 88 -36.31 -67.09 13.68
N THR A 89 -37.05 -68.19 13.52
CA THR A 89 -37.35 -68.75 12.22
C THR A 89 -38.85 -69.02 12.11
N SER A 90 -39.31 -69.24 10.89
CA SER A 90 -40.68 -69.61 10.62
C SER A 90 -40.87 -71.11 10.47
N SER A 91 -39.82 -71.90 10.67
CA SER A 91 -39.85 -73.34 10.48
C SER A 91 -39.42 -74.02 11.77
N THR A 92 -40.18 -75.03 12.19
CA THR A 92 -39.82 -75.82 13.36
C THR A 92 -38.68 -76.77 13.03
N PHE A 93 -37.81 -77.01 14.01
CA PHE A 93 -36.71 -77.93 13.85
C PHE A 93 -36.31 -78.48 15.21
N PRO A 94 -35.77 -79.69 15.26
CA PRO A 94 -35.32 -80.25 16.55
C PRO A 94 -34.22 -79.42 17.16
N LEU A 95 -34.25 -79.32 18.49
CA LEU A 95 -33.25 -78.54 19.21
C LEU A 95 -31.91 -79.27 19.23
N PRO A 96 -30.80 -78.63 18.84
CA PRO A 96 -29.50 -79.28 18.94
C PRO A 96 -29.03 -79.29 20.40
N THR A 97 -28.62 -80.46 20.88
CA THR A 97 -28.19 -80.59 22.27
C THR A 97 -26.71 -80.26 22.42
N GLU A 98 -26.30 -79.14 21.84
CA GLU A 98 -25.01 -78.53 22.13
C GLU A 98 -25.10 -77.07 21.69
N ARG A 99 -25.35 -76.18 22.64
CA ARG A 99 -25.54 -74.77 22.32
C ARG A 99 -24.99 -73.92 23.45
N PRO A 100 -24.60 -72.68 23.15
CA PRO A 100 -24.24 -71.75 24.23
C PRO A 100 -25.42 -71.49 25.15
N SER A 101 -25.11 -71.20 26.41
CA SER A 101 -26.15 -71.04 27.42
C SER A 101 -27.10 -69.88 27.11
N ASN A 102 -26.67 -68.91 26.30
CA ASN A 102 -27.50 -67.79 25.93
C ASN A 102 -28.20 -67.98 24.59
N PHE A 103 -28.09 -69.17 23.99
CA PHE A 103 -28.68 -69.44 22.70
C PHE A 103 -30.07 -70.04 22.89
N PHE A 104 -31.06 -69.45 22.23
CA PHE A 104 -32.44 -69.88 22.32
C PHE A 104 -33.10 -69.77 20.95
N THR A 105 -34.23 -70.44 20.79
CA THR A 105 -34.90 -70.49 19.51
C THR A 105 -36.39 -70.17 19.66
N ILE A 106 -36.95 -69.53 18.65
CA ILE A 106 -38.38 -69.33 18.50
C ILE A 106 -38.77 -70.05 17.21
N GLN A 107 -39.35 -71.24 17.35
CA GLN A 107 -39.49 -72.14 16.21
C GLN A 107 -40.49 -71.61 15.19
N ASN A 108 -41.67 -71.20 15.65
CA ASN A 108 -42.75 -70.75 14.77
C ASN A 108 -43.00 -69.27 15.06
N SER A 109 -42.54 -68.41 14.17
CA SER A 109 -42.62 -66.97 14.35
C SER A 109 -43.03 -66.32 13.05
N PRO A 110 -43.61 -65.12 13.11
CA PRO A 110 -43.91 -64.39 11.87
C PRO A 110 -42.68 -63.98 11.09
N TYR A 111 -41.51 -63.92 11.72
CA TYR A 111 -40.28 -63.55 11.04
C TYR A 111 -39.86 -64.70 10.14
N PHE A 112 -39.98 -64.51 8.83
CA PHE A 112 -39.71 -65.56 7.86
C PHE A 112 -38.48 -65.30 7.02
N ALA A 113 -37.78 -64.18 7.24
CA ALA A 113 -36.46 -64.06 6.66
C ALA A 113 -35.50 -64.99 7.40
N GLN A 114 -34.35 -65.23 6.79
CA GLN A 114 -33.31 -66.07 7.39
C GLN A 114 -33.79 -67.52 7.56
N GLU A 115 -34.62 -67.98 6.64
CA GLU A 115 -35.06 -69.38 6.68
C GLU A 115 -33.93 -70.33 6.30
N LYS A 116 -32.93 -69.87 5.56
CA LYS A 116 -31.80 -70.69 5.21
C LYS A 116 -30.86 -70.95 6.38
N CYS A 117 -31.07 -70.26 7.51
CA CYS A 117 -30.22 -70.46 8.68
C CYS A 117 -30.39 -71.84 9.28
N VAL A 118 -31.48 -72.53 8.97
CA VAL A 118 -31.70 -73.90 9.41
C VAL A 118 -31.99 -74.74 8.18
N GLY A 119 -31.13 -75.71 7.89
CA GLY A 119 -31.31 -76.54 6.71
C GLY A 119 -30.16 -77.46 6.38
N ILE A 120 -29.78 -77.50 5.11
CA ILE A 120 -28.81 -78.46 4.60
C ILE A 120 -27.45 -77.82 4.34
N ASN A 121 -27.43 -76.63 3.75
CA ASN A 121 -26.18 -76.04 3.29
C ASN A 121 -25.25 -75.75 4.46
N THR A 122 -23.95 -75.79 4.18
CA THR A 122 -22.93 -75.57 5.20
C THR A 122 -22.94 -74.16 5.75
N ASN A 123 -23.60 -73.22 5.07
CA ASN A 123 -23.73 -71.86 5.58
C ASN A 123 -24.81 -71.72 6.64
N SER A 124 -25.60 -72.77 6.87
CA SER A 124 -26.68 -72.71 7.85
C SER A 124 -26.12 -72.74 9.27
N THR A 125 -26.73 -71.94 10.16
CA THR A 125 -26.34 -71.96 11.56
C THR A 125 -26.63 -73.32 12.19
N ILE A 126 -27.81 -73.87 11.90
CA ILE A 126 -28.20 -75.19 12.39
C ILE A 126 -28.42 -76.09 11.19
N ILE A 127 -27.73 -77.23 11.18
CA ILE A 127 -27.72 -78.14 10.04
C ILE A 127 -28.49 -79.40 10.41
N LEU A 128 -29.46 -79.77 9.58
CA LEU A 128 -30.29 -80.96 9.80
C LEU A 128 -29.84 -82.07 8.87
N LYS A 129 -29.53 -83.24 9.44
CA LYS A 129 -29.24 -84.42 8.66
C LYS A 129 -30.07 -85.58 9.19
N LYS A 130 -30.33 -86.55 8.31
CA LYS A 130 -31.16 -87.68 8.68
C LYS A 130 -30.50 -88.48 9.80
N SER A 131 -31.23 -88.68 10.89
CA SER A 131 -30.69 -89.39 12.04
C SER A 131 -30.47 -90.86 11.71
N ASN A 132 -29.49 -91.45 12.38
CA ASN A 132 -29.20 -92.86 12.19
C ASN A 132 -30.29 -93.72 12.82
N SER A 133 -30.14 -95.03 12.70
CA SER A 133 -31.11 -95.99 13.22
C SER A 133 -32.48 -95.76 12.60
N ASP A 134 -33.34 -95.06 13.32
CA ASP A 134 -34.69 -94.79 12.81
C ASP A 134 -34.63 -93.76 11.69
N PRO A 135 -35.36 -93.97 10.59
CA PRO A 135 -35.53 -92.90 9.62
C PRO A 135 -36.38 -91.77 10.20
N ARG A 136 -36.40 -90.65 9.48
CA ARG A 136 -37.06 -89.43 9.94
C ARG A 136 -36.53 -89.00 11.31
N LYS A 137 -37.17 -88.01 11.92
CA LYS A 137 -36.77 -87.49 13.22
C LYS A 137 -35.29 -87.11 13.23
N LYS A 138 -34.95 -86.24 12.29
CA LYS A 138 -33.57 -85.78 12.14
C LYS A 138 -33.12 -85.03 13.39
N GLU A 139 -31.81 -84.99 13.60
CA GLU A 139 -31.23 -84.23 14.69
C GLU A 139 -30.42 -83.08 14.13
N ALA A 140 -30.22 -82.06 14.95
CA ALA A 140 -29.64 -80.80 14.51
C ALA A 140 -28.27 -80.60 15.13
N GLU A 141 -27.38 -79.95 14.38
CA GLU A 141 -26.04 -79.62 14.84
C GLU A 141 -25.84 -78.11 14.77
N PHE A 142 -25.26 -77.54 15.82
CA PHE A 142 -25.07 -76.11 15.94
C PHE A 142 -23.66 -75.74 15.48
N LYS A 143 -23.57 -74.85 14.50
CA LYS A 143 -22.30 -74.35 13.99
C LYS A 143 -22.14 -72.91 14.46
N GLU A 144 -21.17 -72.68 15.35
CA GLU A 144 -20.98 -71.36 15.92
C GLU A 144 -20.39 -70.39 14.90
N LYS A 145 -19.62 -70.89 13.94
CA LYS A 145 -19.01 -70.01 12.95
C LYS A 145 -20.07 -69.36 12.08
N ASN A 146 -21.10 -70.11 11.68
CA ASN A 146 -22.22 -69.54 10.95
C ASN A 146 -23.08 -68.65 11.85
N TRP A 147 -23.10 -68.94 13.15
CA TRP A 147 -23.82 -68.09 14.10
C TRP A 147 -23.23 -66.69 14.12
N SER A 148 -21.90 -66.58 14.02
CA SER A 148 -21.25 -65.28 14.01
C SER A 148 -21.61 -64.49 12.76
N GLN A 149 -21.60 -65.13 11.59
CA GLN A 149 -21.91 -64.45 10.33
C GLN A 149 -23.40 -64.60 9.99
N ILE A 150 -24.23 -64.09 10.88
CA ILE A 150 -25.66 -63.98 10.62
C ILE A 150 -26.00 -62.50 10.56
N ASP A 151 -26.88 -62.15 9.63
CA ASP A 151 -27.21 -60.74 9.41
C ASP A 151 -27.97 -60.17 10.60
N LYS A 152 -28.93 -60.91 11.14
CA LYS A 152 -29.76 -60.42 12.24
C LYS A 152 -29.90 -61.49 13.31
N LYS A 153 -29.89 -61.05 14.57
CA LYS A 153 -30.08 -61.92 15.72
C LYS A 153 -31.18 -61.34 16.60
N GLY A 154 -31.89 -62.24 17.28
CA GLY A 154 -32.85 -61.82 18.29
C GLY A 154 -32.17 -61.57 19.61
N LEU A 155 -32.11 -60.32 20.03
CA LEU A 155 -31.35 -59.93 21.22
C LEU A 155 -32.29 -59.44 22.31
N GLU A 156 -32.10 -59.96 23.52
CA GLU A 156 -32.83 -59.50 24.70
C GLU A 156 -31.82 -59.14 25.77
N TRP A 157 -31.89 -57.92 26.27
CA TRP A 157 -30.96 -57.42 27.27
C TRP A 157 -31.68 -57.17 28.58
N GLN A 158 -30.88 -57.02 29.64
CA GLN A 158 -31.43 -56.60 30.93
C GLN A 158 -31.78 -55.12 30.86
N ASP A 159 -32.21 -54.56 32.00
CA ASP A 159 -32.64 -53.17 32.02
C ASP A 159 -31.51 -52.24 31.58
N PHE A 160 -31.85 -51.31 30.70
CA PHE A 160 -30.86 -50.40 30.12
C PHE A 160 -31.42 -48.99 30.11
N THR A 161 -30.52 -48.02 30.01
CA THR A 161 -30.83 -46.63 30.28
C THR A 161 -31.01 -45.84 28.98
N ILE A 162 -31.99 -44.94 28.97
CA ILE A 162 -32.19 -43.99 27.89
C ILE A 162 -31.93 -42.59 28.45
N LYS A 163 -31.03 -41.86 27.80
CA LYS A 163 -30.64 -40.53 28.23
C LYS A 163 -31.10 -39.51 27.20
N ILE A 164 -31.92 -38.56 27.63
CA ILE A 164 -32.40 -37.47 26.79
C ILE A 164 -31.86 -36.17 27.35
N PHE A 165 -31.18 -35.40 26.51
CA PHE A 165 -30.58 -34.13 26.91
C PHE A 165 -31.18 -33.01 26.07
N SER A 166 -31.57 -31.92 26.75
CA SER A 166 -32.05 -30.73 26.09
C SER A 166 -31.88 -29.56 27.04
N LEU A 167 -31.37 -28.45 26.52
CA LEU A 167 -31.24 -27.25 27.32
C LEU A 167 -32.57 -26.52 27.51
N LYS A 168 -33.62 -26.94 26.79
CA LYS A 168 -34.95 -26.40 26.96
C LYS A 168 -35.69 -27.22 28.01
N GLY A 169 -36.04 -26.59 29.13
CA GLY A 169 -36.70 -27.32 30.21
C GLY A 169 -38.10 -27.77 29.85
N ASP A 170 -38.84 -26.92 29.13
CA ASP A 170 -40.22 -27.25 28.78
C ASP A 170 -40.29 -28.40 27.78
N LEU A 171 -39.28 -28.52 26.91
CA LEU A 171 -39.22 -29.66 26.00
C LEU A 171 -39.01 -30.95 26.76
N ILE A 172 -38.16 -30.93 27.79
CA ILE A 172 -37.88 -32.13 28.57
C ILE A 172 -39.12 -32.58 29.33
N ASN A 173 -39.85 -31.63 29.93
CA ASN A 173 -41.02 -31.99 30.72
C ASN A 173 -42.14 -32.52 29.85
N LYS A 174 -42.27 -32.02 28.62
CA LYS A 174 -43.26 -32.58 27.70
C LYS A 174 -42.84 -33.96 27.22
N ILE A 175 -41.54 -34.19 27.05
CA ILE A 175 -41.05 -35.51 26.68
C ILE A 175 -41.33 -36.50 27.80
N GLN A 176 -41.20 -36.06 29.05
CA GLN A 176 -41.44 -36.93 30.19
C GLN A 176 -42.88 -37.44 30.22
N THR A 177 -43.84 -36.57 29.88
CA THR A 177 -45.24 -36.98 29.85
C THR A 177 -45.49 -38.01 28.76
N TYR A 178 -44.88 -37.84 27.59
CA TYR A 178 -45.20 -38.67 26.42
C TYR A 178 -44.29 -39.88 26.25
N LEU A 179 -43.13 -39.90 26.92
CA LEU A 179 -42.20 -41.01 26.74
C LEU A 179 -42.80 -42.37 27.11
N PRO A 180 -43.46 -42.54 28.27
CA PRO A 180 -44.07 -43.85 28.55
C PRO A 180 -45.10 -44.27 27.52
N ALA A 181 -45.88 -43.32 26.99
CA ALA A 181 -46.87 -43.66 25.99
C ALA A 181 -46.24 -43.99 24.64
N PHE A 182 -45.12 -43.33 24.31
CA PHE A 182 -44.49 -43.56 23.02
C PHE A 182 -44.01 -45.01 22.89
N PHE A 183 -43.35 -45.53 23.92
CA PHE A 183 -42.80 -46.88 23.81
C PHE A 183 -43.89 -47.94 23.85
N ILE A 184 -44.99 -47.67 24.55
CA ILE A 184 -46.12 -48.61 24.57
C ILE A 184 -46.74 -48.71 23.19
N CYS A 185 -46.77 -47.61 22.44
CA CYS A 185 -47.46 -47.57 21.15
C CYS A 185 -46.57 -47.99 19.98
N HIS A 186 -45.28 -48.19 20.19
CA HIS A 186 -44.36 -48.46 19.10
C HIS A 186 -43.54 -49.72 19.35
N ASN A 187 -43.14 -50.37 18.26
CA ASN A 187 -42.19 -51.46 18.27
C ASN A 187 -40.98 -51.06 17.42
N PHE A 188 -39.84 -51.68 17.71
CA PHE A 188 -38.60 -51.34 17.03
C PHE A 188 -37.88 -52.60 16.58
N GLY A 189 -37.18 -52.50 15.45
CA GLY A 189 -36.43 -53.61 14.90
C GLY A 189 -37.10 -54.18 13.66
N THR A 190 -36.46 -55.21 13.12
CA THR A 190 -36.99 -55.89 11.95
C THR A 190 -38.26 -56.66 12.32
N ARG A 191 -39.25 -56.59 11.44
CA ARG A 191 -40.55 -57.22 11.67
C ARG A 191 -41.17 -56.74 12.99
N ASN A 192 -41.10 -55.43 13.20
CA ASN A 192 -41.59 -54.87 14.45
C ASN A 192 -43.11 -54.92 14.54
N ASN A 193 -43.81 -54.93 13.41
CA ASN A 193 -45.27 -54.92 13.44
C ASN A 193 -45.86 -56.21 14.01
N LYS A 194 -45.06 -57.26 14.14
CA LYS A 194 -45.51 -58.52 14.73
C LYS A 194 -45.13 -58.66 16.20
N GLY A 195 -44.64 -57.60 16.81
CA GLY A 195 -44.36 -57.61 18.24
C GLY A 195 -42.99 -58.15 18.61
N PHE A 196 -41.96 -57.69 17.93
CA PHE A 196 -40.60 -58.16 18.19
C PHE A 196 -39.73 -57.16 18.95
N GLY A 197 -40.19 -55.92 19.10
CA GLY A 197 -39.38 -54.90 19.75
C GLY A 197 -40.11 -54.14 20.84
N SER A 198 -40.94 -54.82 21.62
CA SER A 198 -41.75 -54.16 22.63
C SER A 198 -40.90 -53.77 23.83
N PHE A 199 -41.00 -52.51 24.23
CA PHE A 199 -40.32 -52.00 25.40
C PHE A 199 -41.29 -51.17 26.23
N THR A 200 -41.02 -51.10 27.54
CA THR A 200 -41.80 -50.26 28.44
C THR A 200 -40.86 -49.53 29.37
N VAL A 201 -41.32 -48.40 29.88
CA VAL A 201 -40.53 -47.54 30.77
C VAL A 201 -40.84 -47.90 32.21
N GLU A 202 -39.80 -48.09 33.01
CA GLU A 202 -39.94 -48.43 34.42
C GLU A 202 -39.65 -47.25 35.33
N TYR A 203 -38.49 -46.63 35.21
CA TYR A 203 -38.08 -45.52 36.06
C TYR A 203 -37.76 -44.31 35.21
N ILE A 204 -38.48 -43.22 35.44
CA ILE A 204 -38.21 -41.94 34.78
C ILE A 204 -37.53 -41.04 35.80
N ASN A 205 -36.23 -40.79 35.61
CA ASN A 205 -35.42 -40.01 36.54
C ASN A 205 -35.54 -40.56 37.96
N ASN A 206 -35.43 -41.89 38.07
CA ASN A 206 -35.54 -42.60 39.34
C ASN A 206 -36.92 -42.41 39.97
N GLN A 207 -37.96 -42.52 39.14
CA GLN A 207 -39.34 -42.48 39.61
C GLN A 207 -40.13 -43.56 38.90
N LYS A 208 -40.78 -44.42 39.68
CA LYS A 208 -41.51 -45.55 39.10
C LYS A 208 -42.71 -45.06 38.29
N ASN A 209 -42.77 -45.48 37.04
CA ASN A 209 -43.82 -45.02 36.13
C ASN A 209 -45.05 -45.91 36.26
N ILE A 210 -46.20 -45.29 36.47
CA ILE A 210 -47.48 -46.01 36.50
C ILE A 210 -48.32 -45.57 35.30
N CYS A 211 -48.20 -46.30 34.20
CA CYS A 211 -48.92 -46.02 32.97
C CYS A 211 -49.71 -47.25 32.58
N ASN A 212 -51.03 -47.16 32.66
CA ASN A 212 -51.89 -48.28 32.31
C ASN A 212 -51.78 -48.55 30.81
N VAL A 213 -51.43 -49.78 30.46
CA VAL A 213 -51.18 -50.11 29.06
C VAL A 213 -52.48 -50.10 28.25
N GLU A 214 -53.60 -50.44 28.88
CA GLU A 214 -54.85 -50.55 28.13
C GLU A 214 -55.32 -49.19 27.63
N ASP A 215 -55.40 -48.20 28.51
CA ASP A 215 -55.91 -46.90 28.09
C ASP A 215 -54.89 -46.15 27.25
N THR A 216 -53.60 -46.39 27.46
CA THR A 216 -52.59 -45.78 26.59
C THR A 216 -52.78 -46.22 25.15
N LEU A 217 -53.04 -47.51 24.92
CA LEU A 217 -53.33 -47.99 23.59
C LEU A 217 -54.68 -47.48 23.07
N LYS A 218 -55.63 -47.26 23.98
CA LYS A 218 -56.96 -46.82 23.57
C LYS A 218 -56.92 -45.45 22.91
N GLU A 219 -56.18 -44.51 23.51
CA GLU A 219 -56.18 -43.14 22.99
C GLU A 219 -55.43 -43.02 21.69
N ASN A 220 -54.43 -43.87 21.45
CA ASN A 220 -53.56 -43.72 20.29
C ASN A 220 -54.02 -44.52 19.09
N PHE A 221 -54.73 -45.62 19.29
CA PHE A 221 -55.12 -46.51 18.20
C PHE A 221 -56.64 -46.55 18.07
N ALA A 222 -57.10 -46.77 16.84
CA ALA A 222 -58.53 -46.78 16.56
C ALA A 222 -59.20 -48.02 17.11
N PHE A 223 -58.60 -49.19 16.93
CA PHE A 223 -59.15 -50.44 17.45
C PHE A 223 -58.08 -51.18 18.24
N VAL A 224 -58.48 -51.75 19.37
CA VAL A 224 -57.59 -52.50 20.24
C VAL A 224 -58.30 -53.78 20.66
N TYR A 225 -57.63 -54.92 20.53
CA TYR A 225 -58.14 -56.20 20.96
C TYR A 225 -57.11 -56.87 21.87
N LYS A 226 -57.61 -57.63 22.83
CA LYS A 226 -56.77 -58.33 23.80
C LYS A 226 -56.97 -59.83 23.68
N LYS A 227 -55.86 -60.57 23.71
CA LYS A 227 -55.87 -62.02 23.59
C LYS A 227 -55.40 -62.64 24.89
N LYS A 228 -56.19 -63.57 25.43
CA LYS A 228 -55.86 -64.24 26.68
C LYS A 228 -54.99 -65.45 26.37
N ILE A 229 -53.71 -65.36 26.68
CA ILE A 229 -52.81 -66.50 26.47
C ILE A 229 -53.02 -67.50 27.60
N ALA A 230 -52.72 -68.76 27.31
CA ALA A 230 -52.89 -69.82 28.29
C ALA A 230 -51.90 -69.65 29.43
N LEU A 231 -52.41 -69.41 30.63
CA LEU A 231 -51.56 -69.24 31.82
C LEU A 231 -51.08 -70.62 32.29
N SER A 232 -50.22 -71.22 31.48
CA SER A 232 -49.68 -72.52 31.81
C SER A 232 -48.76 -72.43 33.02
N ARG A 233 -48.66 -73.53 33.75
CA ARG A 233 -47.83 -73.58 34.95
C ARG A 233 -46.37 -73.76 34.54
N GLN A 234 -45.52 -74.07 35.52
CA GLN A 234 -44.07 -74.16 35.31
C GLN A 234 -43.52 -72.86 34.71
N SER A 235 -43.94 -71.73 35.28
CA SER A 235 -43.49 -70.44 34.80
C SER A 235 -42.11 -70.10 35.35
N THR A 236 -41.17 -71.03 35.16
CA THR A 236 -39.75 -70.80 35.45
C THR A 236 -38.92 -70.67 34.18
N LEU A 237 -39.27 -71.40 33.13
CA LEU A 237 -38.72 -71.19 31.80
C LEU A 237 -39.52 -70.08 31.11
N ASP A 238 -39.38 -68.88 31.67
CA ASP A 238 -40.18 -67.75 31.22
C ASP A 238 -39.90 -67.42 29.75
N PHE A 239 -38.63 -67.46 29.36
CA PHE A 239 -38.26 -67.03 28.01
C PHE A 239 -38.88 -67.91 26.94
N ILE A 240 -38.49 -69.18 26.87
CA ILE A 240 -38.72 -69.96 25.68
C ILE A 240 -40.17 -70.42 25.57
N TYR A 241 -40.70 -71.00 26.65
CA TYR A 241 -42.05 -71.58 26.58
C TYR A 241 -43.09 -70.51 26.28
N ILE A 242 -42.99 -69.37 26.95
CA ILE A 242 -43.96 -68.29 26.73
C ILE A 242 -43.75 -67.66 25.36
N TYR A 243 -42.50 -67.37 24.99
CA TYR A 243 -42.24 -66.71 23.71
C TYR A 243 -42.70 -67.56 22.54
N ASN A 244 -42.45 -68.87 22.60
CA ASN A 244 -42.81 -69.75 21.50
C ASN A 244 -44.32 -69.80 21.31
N GLN A 245 -45.09 -69.85 22.41
CA GLN A 245 -46.54 -69.81 22.29
C GLN A 245 -47.01 -68.50 21.67
N ILE A 246 -46.47 -67.38 22.14
CA ILE A 246 -46.99 -66.08 21.73
C ILE A 246 -46.75 -65.85 20.25
N PHE A 247 -45.53 -66.12 19.78
CA PHE A 247 -45.21 -65.88 18.39
C PHE A 247 -45.84 -66.91 17.46
N SER A 248 -45.98 -68.17 17.91
CA SER A 248 -46.73 -69.14 17.14
C SER A 248 -48.20 -68.75 17.04
N THR A 249 -48.76 -68.22 18.13
CA THR A 249 -50.14 -67.76 18.10
C THR A 249 -50.30 -66.57 17.17
N ILE A 250 -49.34 -65.64 17.19
CA ILE A 250 -49.42 -64.48 16.30
C ILE A 250 -49.35 -64.91 14.84
N LYS A 251 -48.44 -65.84 14.52
CA LYS A 251 -48.38 -66.36 13.16
C LYS A 251 -49.66 -67.13 12.82
N LYS A 252 -50.19 -67.89 13.78
CA LYS A 252 -51.49 -68.52 13.60
C LYS A 252 -52.57 -67.49 13.35
N ASP A 253 -52.67 -66.49 14.23
CA ASP A 253 -53.75 -65.51 14.12
C ASP A 253 -53.60 -64.63 12.88
N TYR A 254 -52.36 -64.25 12.55
CA TYR A 254 -52.17 -63.41 11.37
C TYR A 254 -52.41 -64.18 10.09
N GLN A 255 -52.04 -65.46 10.06
CA GLN A 255 -52.32 -66.29 8.89
C GLN A 255 -53.69 -66.95 9.05
N ILE A 256 -54.64 -66.10 9.45
CA ILE A 256 -56.07 -66.38 9.42
C ILE A 256 -56.72 -65.20 8.70
N LEU A 257 -56.38 -63.99 9.13
CA LEU A 257 -56.85 -62.79 8.46
C LEU A 257 -56.31 -62.73 7.03
N LYS A 258 -55.00 -62.86 6.88
CA LYS A 258 -54.35 -62.89 5.59
C LYS A 258 -54.13 -64.35 5.20
N SER A 259 -54.71 -64.75 4.07
CA SER A 259 -54.75 -66.15 3.66
C SER A 259 -55.40 -66.99 4.75
N GLY A 260 -55.20 -68.31 4.68
CA GLY A 260 -55.81 -69.19 5.66
C GLY A 260 -54.86 -70.21 6.25
N TYR A 261 -55.40 -71.16 6.99
CA TYR A 261 -54.61 -72.23 7.59
C TYR A 261 -54.89 -73.53 6.86
N ASN A 262 -53.81 -74.20 6.45
CA ASN A 262 -53.93 -75.42 5.65
C ASN A 262 -52.87 -76.41 6.12
N PHE A 263 -53.22 -77.23 7.11
CA PHE A 263 -52.30 -78.14 7.77
C PHE A 263 -53.12 -79.16 8.54
N ARG A 264 -52.72 -80.44 8.43
CA ARG A 264 -53.57 -81.55 8.85
C ARG A 264 -54.98 -81.40 8.28
N ASN A 265 -55.97 -81.93 8.97
CA ASN A 265 -57.37 -81.79 8.57
C ASN A 265 -57.96 -80.63 9.34
N GLU A 266 -57.51 -79.42 9.02
CA GLU A 266 -57.94 -78.20 9.69
C GLU A 266 -57.80 -77.05 8.70
N TYR A 267 -58.94 -76.44 8.39
CA TYR A 267 -59.01 -75.38 7.39
C TYR A 267 -59.82 -74.21 7.93
N ILE A 268 -59.18 -73.05 8.02
CA ILE A 268 -59.87 -71.79 8.34
C ILE A 268 -59.77 -70.90 7.10
N LYS A 269 -60.92 -70.44 6.62
CA LYS A 269 -60.93 -69.60 5.44
C LYS A 269 -60.28 -68.25 5.72
N SER A 270 -59.70 -67.67 4.68
CA SER A 270 -59.11 -66.33 4.78
C SER A 270 -60.18 -65.31 5.17
N LEU A 271 -60.03 -64.72 6.36
CA LEU A 271 -61.04 -63.77 6.83
C LEU A 271 -61.10 -62.54 5.93
N LEU A 272 -59.96 -62.11 5.38
CA LEU A 272 -59.99 -61.04 4.39
C LEU A 272 -60.77 -61.46 3.15
N PHE A 273 -60.58 -62.71 2.70
CA PHE A 273 -61.34 -63.22 1.57
C PHE A 273 -62.83 -63.29 1.90
N CYS A 274 -63.16 -63.77 3.10
CA CYS A 274 -64.56 -63.82 3.51
C CYS A 274 -65.17 -62.43 3.60
N TYR A 275 -64.36 -61.45 3.98
CA TYR A 275 -64.86 -60.08 4.16
C TYR A 275 -65.35 -59.50 2.83
N PHE A 276 -64.63 -59.75 1.74
CA PHE A 276 -64.97 -59.10 0.48
C PHE A 276 -66.10 -59.83 -0.25
N VAL A 277 -66.28 -61.12 0.01
CA VAL A 277 -67.42 -61.83 -0.57
C VAL A 277 -68.73 -61.31 0.03
N SER A 278 -68.70 -60.96 1.31
CA SER A 278 -69.92 -60.49 1.98
C SER A 278 -70.39 -59.15 1.42
N LYS A 279 -69.47 -58.24 1.14
CA LYS A 279 -69.85 -56.89 0.72
C LYS A 279 -70.39 -56.87 -0.71
N TYR A 280 -70.90 -55.72 -1.14
CA TYR A 280 -71.61 -55.60 -2.42
C TYR A 280 -70.75 -55.92 -3.63
N PRO A 281 -69.51 -55.39 -3.76
CA PRO A 281 -68.73 -55.68 -4.97
C PRO A 281 -68.43 -57.16 -5.13
N ASN A 282 -68.51 -57.91 -4.03
CA ASN A 282 -68.30 -59.36 -4.04
C ASN A 282 -66.95 -59.70 -4.66
N TYR A 283 -65.91 -59.02 -4.20
CA TYR A 283 -64.57 -59.24 -4.73
C TYR A 283 -64.09 -60.65 -4.41
N ARG A 284 -63.39 -61.25 -5.37
CA ARG A 284 -62.70 -62.51 -5.17
C ARG A 284 -61.20 -62.27 -5.32
N TRP A 285 -60.43 -62.86 -4.41
CA TRP A 285 -59.01 -62.56 -4.33
C TRP A 285 -58.28 -63.04 -5.59
N GLU A 286 -57.14 -62.39 -5.85
CA GLU A 286 -56.35 -62.67 -7.05
C GLU A 286 -55.82 -64.10 -7.06
N LYS A 287 -55.73 -64.74 -5.90
CA LYS A 287 -55.26 -66.13 -5.85
C LYS A 287 -56.18 -67.04 -6.65
N ARG A 288 -57.49 -66.78 -6.58
CA ARG A 288 -58.45 -67.58 -7.36
C ARG A 288 -58.17 -67.50 -8.84
N LYS A 289 -58.01 -66.29 -9.37
CA LYS A 289 -57.78 -66.14 -10.80
C LYS A 289 -56.37 -66.55 -11.20
N MET A 290 -55.40 -66.43 -10.29
CA MET A 290 -54.06 -66.95 -10.57
C MET A 290 -54.12 -68.43 -10.85
N LYS A 291 -54.80 -69.20 -9.99
CA LYS A 291 -54.91 -70.63 -10.18
C LYS A 291 -55.70 -70.97 -11.44
N GLN A 292 -56.78 -70.23 -11.69
CA GLN A 292 -57.59 -70.49 -12.87
C GLN A 292 -56.81 -70.23 -14.16
N LEU A 293 -56.04 -69.15 -14.20
CA LEU A 293 -55.25 -68.84 -15.39
C LEU A 293 -54.19 -69.91 -15.63
N ILE A 294 -53.52 -70.36 -14.56
CA ILE A 294 -52.48 -71.37 -14.71
C ILE A 294 -53.09 -72.69 -15.19
N LYS A 295 -54.29 -73.02 -14.71
CA LYS A 295 -54.96 -74.22 -15.19
C LYS A 295 -55.42 -74.05 -16.63
N ALA A 296 -55.72 -72.83 -17.05
CA ALA A 296 -56.11 -72.58 -18.44
C ALA A 296 -55.00 -72.94 -19.42
N ARG A 297 -53.76 -73.02 -18.94
CA ARG A 297 -52.64 -73.52 -19.72
C ARG A 297 -52.36 -74.97 -19.33
N GLY A 298 -51.38 -75.58 -20.00
CA GLY A 298 -51.08 -76.98 -19.76
C GLY A 298 -50.30 -77.22 -18.48
N TYR A 299 -50.51 -76.37 -17.48
CA TYR A 299 -49.89 -76.52 -16.18
C TYR A 299 -50.94 -76.98 -15.17
N GLU A 300 -50.65 -78.06 -14.47
CA GLU A 300 -51.56 -78.62 -13.47
C GLU A 300 -50.99 -78.41 -12.07
N LEU A 301 -51.84 -77.97 -11.15
CA LEU A 301 -51.42 -77.53 -9.83
C LEU A 301 -51.78 -78.59 -8.79
N LYS A 302 -50.95 -78.69 -7.76
CA LYS A 302 -51.17 -79.68 -6.71
C LYS A 302 -52.29 -79.23 -5.78
N GLY A 303 -53.24 -80.11 -5.56
CA GLY A 303 -54.30 -79.86 -4.59
C GLY A 303 -55.39 -80.89 -4.66
N ASP A 304 -55.82 -81.38 -3.49
CA ASP A 304 -56.94 -82.32 -3.45
C ASP A 304 -58.29 -81.64 -3.54
N HIS A 305 -58.35 -80.33 -3.26
CA HIS A 305 -59.59 -79.58 -3.27
C HIS A 305 -59.49 -78.43 -4.27
N SER A 306 -60.59 -78.16 -4.96
CA SER A 306 -60.62 -77.11 -5.96
C SER A 306 -60.59 -75.75 -5.29
N PRO A 307 -60.22 -74.69 -6.02
CA PRO A 307 -60.17 -73.36 -5.42
C PRO A 307 -61.51 -72.95 -4.83
N ILE A 308 -61.43 -72.26 -3.69
CA ILE A 308 -62.62 -71.93 -2.91
C ILE A 308 -63.29 -70.70 -3.51
N SER A 309 -64.60 -70.81 -3.73
CA SER A 309 -65.42 -69.69 -4.19
C SER A 309 -66.45 -69.36 -3.13
N GLY A 310 -66.59 -68.08 -2.82
CA GLY A 310 -67.61 -67.71 -1.84
C GLY A 310 -67.23 -68.11 -0.42
N ILE A 311 -68.26 -68.16 0.43
CA ILE A 311 -68.09 -68.39 1.84
C ILE A 311 -68.62 -69.76 2.29
N ARG A 312 -69.60 -70.32 1.59
CA ARG A 312 -70.28 -71.53 2.03
C ARG A 312 -69.30 -72.68 2.24
N GLU A 313 -69.75 -73.69 2.98
CA GLU A 313 -68.85 -74.70 3.52
C GLU A 313 -68.12 -75.45 2.42
N ASN A 314 -68.81 -75.83 1.35
CA ASN A 314 -68.19 -76.58 0.25
C ASN A 314 -68.60 -75.95 -1.08
N ASP A 315 -67.79 -74.99 -1.55
CA ASP A 315 -67.89 -74.45 -2.91
C ASP A 315 -66.55 -74.55 -3.61
N ASN A 316 -65.86 -75.67 -3.46
CA ASN A 316 -64.58 -75.87 -4.13
C ASN A 316 -64.84 -76.07 -5.62
N SER A 317 -64.79 -74.97 -6.37
CA SER A 317 -65.13 -74.98 -7.78
C SER A 317 -63.98 -74.42 -8.61
N TRP A 318 -63.92 -74.84 -9.86
CA TRP A 318 -62.91 -74.35 -10.78
C TRP A 318 -63.45 -73.32 -11.78
N ASN A 319 -64.76 -73.21 -11.94
CA ASN A 319 -65.36 -72.33 -12.92
C ASN A 319 -66.29 -71.34 -12.25
N ASP A 320 -66.36 -70.13 -12.82
CA ASP A 320 -67.23 -69.09 -12.33
C ASP A 320 -68.70 -69.48 -12.55
N PRO A 321 -69.64 -68.92 -11.75
CA PRO A 321 -70.98 -69.51 -11.66
C PRO A 321 -71.69 -69.74 -13.00
N ASN A 322 -71.95 -68.68 -13.77
CA ASN A 322 -72.65 -68.82 -15.05
C ASN A 322 -72.82 -67.49 -15.78
N PRO A 323 -73.58 -66.51 -15.24
CA PRO A 323 -73.92 -65.34 -16.07
C PRO A 323 -72.70 -64.56 -16.55
N ASN A 324 -71.70 -64.40 -15.69
CA ASN A 324 -70.46 -63.76 -16.04
C ASN A 324 -69.42 -64.11 -14.98
N GLY A 325 -68.17 -63.75 -15.24
CA GLY A 325 -67.13 -64.02 -14.29
C GLY A 325 -67.29 -63.25 -13.00
N TYR A 326 -66.67 -63.77 -11.95
CA TYR A 326 -66.66 -63.09 -10.67
C TYR A 326 -65.94 -61.75 -10.77
N ASN A 327 -66.14 -60.90 -9.77
CA ASN A 327 -65.41 -59.66 -9.65
C ASN A 327 -64.14 -59.94 -8.86
N TYR A 328 -62.98 -59.65 -9.45
CA TYR A 328 -61.70 -59.99 -8.87
C TYR A 328 -60.90 -58.74 -8.55
N ALA A 329 -60.09 -58.82 -7.51
CA ALA A 329 -59.22 -57.72 -7.11
C ALA A 329 -58.07 -58.26 -6.29
N TYR A 330 -57.05 -57.43 -6.11
CA TYR A 330 -55.87 -57.77 -5.32
C TYR A 330 -56.22 -57.55 -3.86
N ILE A 331 -56.86 -58.55 -3.26
CA ILE A 331 -57.37 -58.41 -1.89
C ILE A 331 -56.24 -58.37 -0.88
N ARG A 332 -55.20 -59.18 -1.09
CA ARG A 332 -54.15 -59.36 -0.10
C ARG A 332 -53.17 -58.19 -0.04
N ALA A 333 -53.29 -57.21 -0.92
CA ALA A 333 -52.37 -56.07 -0.90
C ALA A 333 -52.60 -55.19 0.33
N ILE A 334 -53.86 -55.01 0.74
CA ILE A 334 -54.16 -54.07 1.81
C ILE A 334 -53.55 -54.50 3.14
N LEU A 335 -53.26 -55.79 3.32
CA LEU A 335 -52.65 -56.29 4.54
C LEU A 335 -51.17 -56.61 4.37
N GLY A 336 -50.51 -55.97 3.41
CA GLY A 336 -49.10 -56.23 3.18
C GLY A 336 -48.79 -56.62 1.75
N LEU A 337 -47.91 -55.84 1.10
CA LEU A 337 -47.56 -56.10 -0.29
C LEU A 337 -46.44 -57.14 -0.37
N ALA A 338 -46.63 -58.14 -1.21
CA ALA A 338 -45.64 -59.18 -1.46
C ALA A 338 -44.99 -58.96 -2.83
N GLU A 339 -43.96 -59.74 -3.10
CA GLU A 339 -43.24 -59.66 -4.36
C GLU A 339 -43.44 -60.86 -5.27
N GLN A 340 -43.53 -62.06 -4.70
CA GLN A 340 -43.71 -63.28 -5.48
C GLN A 340 -44.81 -64.12 -4.89
N TYR A 341 -45.54 -64.82 -5.76
CA TYR A 341 -46.48 -65.86 -5.37
C TYR A 341 -45.97 -67.19 -5.88
N GLU A 342 -45.79 -68.14 -4.98
CA GLU A 342 -45.29 -69.47 -5.30
C GLU A 342 -46.45 -70.45 -5.24
N PHE A 343 -46.62 -71.25 -6.30
CA PHE A 343 -47.78 -72.11 -6.40
C PHE A 343 -47.47 -73.60 -6.40
N GLN A 344 -46.22 -74.01 -6.62
CA GLN A 344 -45.75 -75.36 -6.31
C GLN A 344 -46.58 -76.42 -7.07
N LEU A 345 -46.35 -76.43 -8.39
CA LEU A 345 -46.97 -77.42 -9.27
C LEU A 345 -46.84 -78.83 -8.71
N GLU A 346 -47.83 -79.67 -9.04
CA GLU A 346 -47.85 -81.04 -8.54
C GLU A 346 -46.65 -81.81 -9.10
N THR A 347 -46.37 -81.64 -10.39
CA THR A 347 -45.19 -82.21 -11.02
C THR A 347 -43.95 -81.82 -10.21
N PRO A 348 -43.27 -82.77 -9.59
CA PRO A 348 -42.24 -82.42 -8.61
C PRO A 348 -41.08 -81.67 -9.23
N TYR A 349 -40.27 -81.07 -8.35
CA TYR A 349 -39.05 -80.35 -8.71
C TYR A 349 -39.30 -79.18 -9.65
N GLN A 350 -40.53 -78.66 -9.69
CA GLN A 350 -40.82 -77.47 -10.46
C GLN A 350 -42.05 -76.77 -9.90
N LYS A 351 -42.07 -75.44 -10.02
CA LYS A 351 -43.11 -74.63 -9.43
C LYS A 351 -43.31 -73.38 -10.28
N ALA A 352 -44.46 -72.73 -10.10
CA ALA A 352 -44.79 -71.51 -10.81
C ALA A 352 -44.65 -70.31 -9.89
N ILE A 353 -44.03 -69.26 -10.41
CA ILE A 353 -43.81 -68.02 -9.67
C ILE A 353 -44.55 -66.90 -10.36
N VAL A 354 -45.36 -66.16 -9.61
CA VAL A 354 -46.06 -64.99 -10.10
C VAL A 354 -45.43 -63.78 -9.44
N LYS A 355 -44.94 -62.84 -10.25
CA LYS A 355 -44.27 -61.65 -9.75
C LYS A 355 -45.25 -60.48 -9.75
N ILE A 356 -45.22 -59.69 -8.68
CA ILE A 356 -46.12 -58.56 -8.51
C ILE A 356 -45.33 -57.28 -8.73
N LYS A 357 -45.80 -56.45 -9.66
CA LYS A 357 -45.23 -55.14 -9.91
C LYS A 357 -46.37 -54.13 -9.98
N SER A 358 -46.03 -52.87 -9.71
CA SER A 358 -47.04 -51.85 -9.43
C SER A 358 -47.73 -51.31 -10.67
N ALA A 359 -47.43 -51.83 -11.86
CA ALA A 359 -48.10 -51.42 -13.11
C ALA A 359 -47.96 -49.93 -13.34
N ASN A 360 -46.71 -49.46 -13.24
CA ASN A 360 -46.20 -48.10 -13.07
C ASN A 360 -45.58 -47.99 -11.68
N ASN A 361 -44.33 -47.54 -11.62
CA ASN A 361 -43.54 -47.65 -10.40
C ASN A 361 -43.98 -46.58 -9.40
N CYS A 362 -45.05 -46.89 -8.68
CA CYS A 362 -45.54 -46.04 -7.61
C CYS A 362 -45.60 -46.75 -6.26
N ILE A 363 -46.04 -48.00 -6.23
CA ILE A 363 -46.14 -48.76 -4.99
C ILE A 363 -45.08 -49.85 -5.03
N SER A 364 -43.99 -49.65 -4.31
CA SER A 364 -42.94 -50.65 -4.19
C SER A 364 -43.10 -51.53 -2.97
N ARG A 365 -43.65 -50.99 -1.88
CA ARG A 365 -43.81 -51.73 -0.64
C ARG A 365 -45.08 -51.27 0.05
N TYR A 366 -45.48 -52.01 1.08
CA TYR A 366 -46.56 -51.59 1.97
C TYR A 366 -46.42 -52.35 3.27
N LYS A 367 -46.14 -51.63 4.35
CA LYS A 367 -46.12 -52.25 5.67
C LYS A 367 -47.52 -52.69 6.07
N SER A 368 -47.59 -53.81 6.78
CA SER A 368 -48.89 -54.30 7.23
C SER A 368 -49.51 -53.30 8.19
N PRO A 369 -50.80 -52.96 8.01
CA PRO A 369 -51.42 -51.95 8.88
C PRO A 369 -51.84 -52.47 10.24
N LEU A 370 -51.63 -53.75 10.54
CA LEU A 370 -51.95 -54.33 11.83
C LEU A 370 -50.70 -54.40 12.69
N LEU A 371 -50.79 -53.92 13.92
CA LEU A 371 -49.68 -53.90 14.85
C LEU A 371 -49.96 -54.84 16.01
N PHE A 372 -49.10 -55.84 16.19
CA PHE A 372 -49.18 -56.77 17.31
C PHE A 372 -48.26 -56.28 18.41
N LYS A 373 -48.79 -56.19 19.63
CA LYS A 373 -48.04 -55.70 20.78
C LYS A 373 -48.07 -56.74 21.89
N ILE A 374 -46.94 -56.92 22.56
CA ILE A 374 -46.77 -57.91 23.61
C ILE A 374 -46.19 -57.21 24.82
N ILE A 375 -47.03 -56.97 25.83
CA ILE A 375 -46.60 -56.36 27.08
C ILE A 375 -47.09 -57.24 28.22
N ASN A 376 -46.16 -57.67 29.08
CA ASN A 376 -46.46 -58.52 30.21
C ASN A 376 -47.21 -59.78 29.79
N ASN A 377 -46.72 -60.40 28.71
CA ASN A 377 -47.25 -61.67 28.19
C ASN A 377 -48.71 -61.55 27.75
N SER A 378 -49.19 -60.34 27.47
CA SER A 378 -50.52 -60.12 26.96
C SER A 378 -50.42 -59.62 25.52
N ILE A 379 -51.24 -60.19 24.63
CA ILE A 379 -51.20 -59.88 23.21
C ILE A 379 -52.28 -58.85 22.91
N TYR A 380 -51.84 -57.68 22.46
CA TYR A 380 -52.74 -56.61 22.04
C TYR A 380 -52.56 -56.37 20.55
N LEU A 381 -53.66 -56.47 19.79
CA LEU A 381 -53.65 -56.22 18.35
C LEU A 381 -54.29 -54.86 18.12
N VAL A 382 -53.47 -53.86 17.80
CA VAL A 382 -53.93 -52.49 17.63
C VAL A 382 -53.70 -52.09 16.18
N GLY A 383 -54.34 -50.97 15.80
CA GLY A 383 -54.17 -50.48 14.45
C GLY A 383 -54.96 -49.21 14.24
N ASN A 384 -54.88 -48.73 13.01
CA ASN A 384 -55.56 -47.50 12.58
C ASN A 384 -56.09 -47.75 11.18
N GLU A 385 -56.51 -46.69 10.50
CA GLU A 385 -56.95 -46.81 9.12
C GLU A 385 -55.76 -47.05 8.20
N ILE A 386 -56.04 -47.69 7.07
CA ILE A 386 -55.01 -48.01 6.08
C ILE A 386 -54.71 -46.78 5.25
N ASN A 387 -53.56 -46.78 4.59
CA ASN A 387 -53.24 -45.73 3.65
C ASN A 387 -54.15 -45.85 2.43
N THR A 388 -54.93 -44.80 2.17
CA THR A 388 -55.89 -44.83 1.06
C THR A 388 -55.19 -44.84 -0.30
N GLU A 389 -53.89 -44.56 -0.35
CA GLU A 389 -53.20 -44.54 -1.64
C GLU A 389 -53.12 -45.92 -2.27
N ILE A 390 -53.11 -46.98 -1.45
CA ILE A 390 -53.06 -48.32 -2.01
C ILE A 390 -54.36 -48.67 -2.72
N LEU A 391 -55.47 -48.09 -2.30
CA LEU A 391 -56.78 -48.46 -2.83
C LEU A 391 -56.88 -48.09 -4.30
N ASN A 392 -57.39 -49.04 -5.10
CA ASN A 392 -57.65 -48.84 -6.53
C ASN A 392 -56.37 -48.45 -7.28
N LYS A 393 -55.40 -49.36 -7.26
CA LYS A 393 -54.17 -49.19 -8.02
C LYS A 393 -53.86 -50.45 -8.79
N PRO A 394 -53.25 -50.33 -9.96
CA PRO A 394 -53.04 -51.49 -10.82
C PRO A 394 -51.79 -52.27 -10.44
N PHE A 395 -51.74 -53.53 -10.91
CA PHE A 395 -50.63 -54.41 -10.62
C PHE A 395 -50.46 -55.41 -11.77
N GLN A 396 -49.28 -55.43 -12.38
CA GLN A 396 -48.96 -56.42 -13.40
C GLN A 396 -48.40 -57.68 -12.78
N TYR A 397 -48.75 -58.82 -13.36
CA TYR A 397 -48.31 -60.12 -12.86
C TYR A 397 -47.52 -60.83 -13.96
N SER A 398 -46.30 -61.25 -13.62
CA SER A 398 -45.46 -62.01 -14.54
C SER A 398 -45.51 -63.48 -14.13
N TYR A 399 -45.93 -64.33 -15.06
CA TYR A 399 -46.06 -65.76 -14.81
C TYR A 399 -44.84 -66.46 -15.38
N ILE A 400 -44.00 -67.01 -14.51
CA ILE A 400 -42.79 -67.71 -14.91
C ILE A 400 -42.78 -69.09 -14.26
N GLU A 401 -42.27 -70.07 -15.00
CA GLU A 401 -42.18 -71.45 -14.52
C GLU A 401 -40.74 -71.74 -14.15
N GLN A 402 -40.54 -72.25 -12.94
CA GLN A 402 -39.22 -72.58 -12.44
C GLN A 402 -39.13 -74.07 -12.18
N THR A 403 -38.10 -74.71 -12.73
CA THR A 403 -37.88 -76.13 -12.57
C THR A 403 -36.58 -76.33 -11.79
N LYS A 404 -36.69 -76.91 -10.59
CA LYS A 404 -35.51 -77.25 -9.79
C LYS A 404 -35.03 -78.62 -10.26
N ASN A 405 -34.24 -78.61 -11.33
CA ASN A 405 -33.87 -79.83 -12.01
C ASN A 405 -33.08 -80.76 -11.09
N LYS A 406 -33.18 -82.06 -11.35
CA LYS A 406 -32.47 -83.03 -10.53
C LYS A 406 -30.98 -82.95 -10.82
N ASN A 407 -30.28 -82.12 -10.04
CA ASN A 407 -28.85 -81.81 -10.07
C ASN A 407 -28.17 -81.86 -11.44
N MET A 408 -26.84 -81.89 -11.44
CA MET A 408 -26.05 -82.18 -12.63
C MET A 408 -24.85 -83.03 -12.26
N ARG A 409 -24.91 -83.72 -11.12
CA ARG A 409 -23.90 -84.61 -10.54
C ARG A 409 -22.77 -83.84 -9.85
N THR A 410 -22.80 -82.50 -9.82
CA THR A 410 -21.69 -81.78 -9.21
C THR A 410 -22.13 -80.72 -8.20
N GLY A 411 -23.21 -79.99 -8.46
CA GLY A 411 -23.47 -78.80 -7.67
C GLY A 411 -24.83 -78.70 -6.99
N LYS A 412 -25.77 -79.56 -7.37
CA LYS A 412 -27.11 -79.60 -6.78
C LYS A 412 -27.83 -78.27 -6.97
N SER A 413 -27.83 -77.77 -8.21
CA SER A 413 -28.31 -76.43 -8.47
C SER A 413 -29.14 -76.39 -9.75
N GLU A 414 -29.91 -75.31 -9.88
CA GLU A 414 -30.77 -75.09 -11.05
C GLU A 414 -30.73 -73.62 -11.44
N ILE A 415 -30.97 -73.36 -12.73
CA ILE A 415 -31.09 -72.01 -13.25
C ILE A 415 -32.33 -71.85 -14.12
N THR A 416 -33.16 -72.88 -14.26
CA THR A 416 -34.22 -72.89 -15.26
C THR A 416 -35.32 -71.88 -14.90
N GLU A 417 -35.64 -71.03 -15.87
CA GLU A 417 -36.76 -70.08 -15.76
C GLU A 417 -37.43 -69.99 -17.12
N ARG A 418 -38.73 -70.24 -17.16
CA ARG A 418 -39.49 -70.22 -18.40
C ARG A 418 -40.76 -69.39 -18.20
N THR A 419 -41.06 -68.54 -19.17
CA THR A 419 -42.21 -67.65 -19.10
C THR A 419 -43.46 -68.40 -19.56
N MET A 420 -44.39 -68.62 -18.65
CA MET A 420 -45.65 -69.27 -19.00
C MET A 420 -46.48 -68.34 -19.87
N HIS A 421 -47.02 -68.87 -20.97
CA HIS A 421 -47.75 -68.07 -21.95
C HIS A 421 -49.21 -67.94 -21.51
N ILE A 422 -49.41 -67.22 -20.41
CA ILE A 422 -50.73 -67.04 -19.84
C ILE A 422 -51.45 -65.92 -20.59
N ASN A 423 -52.68 -66.20 -21.01
CA ASN A 423 -53.50 -65.17 -21.64
C ASN A 423 -53.89 -64.14 -20.59
N GLU A 424 -53.26 -62.96 -20.65
CA GLU A 424 -53.40 -61.96 -19.61
C GLU A 424 -54.67 -61.13 -19.81
N ILE A 425 -55.34 -60.85 -18.70
CA ILE A 425 -56.52 -59.99 -18.73
C ILE A 425 -56.11 -58.56 -19.05
N GLU A 426 -56.86 -57.91 -19.94
CA GLU A 426 -56.56 -56.53 -20.29
C GLU A 426 -56.71 -55.62 -19.08
N MET A 427 -55.91 -54.56 -19.05
CA MET A 427 -55.88 -53.68 -17.90
C MET A 427 -57.23 -52.99 -17.71
N ASN A 428 -57.86 -52.55 -18.80
CA ASN A 428 -59.14 -51.86 -18.73
C ASN A 428 -60.33 -52.82 -18.77
N TYR A 429 -60.12 -54.09 -18.47
CA TYR A 429 -61.20 -55.07 -18.51
C TYR A 429 -62.20 -54.84 -17.39
N LYS A 430 -63.48 -55.00 -17.72
CA LYS A 430 -64.57 -54.87 -16.73
C LYS A 430 -64.56 -53.49 -16.07
N ASN A 431 -64.20 -52.47 -16.85
CA ASN A 431 -64.08 -51.09 -16.36
C ASN A 431 -63.14 -51.03 -15.15
N ARG A 432 -61.94 -51.59 -15.34
CA ARG A 432 -60.88 -51.57 -14.34
C ARG A 432 -61.30 -52.29 -13.05
N ILE A 433 -62.11 -53.33 -13.19
CA ILE A 433 -62.31 -54.31 -12.12
C ILE A 433 -61.95 -55.66 -12.73
N ASN A 434 -60.67 -56.01 -12.70
CA ASN A 434 -60.20 -57.19 -13.41
C ASN A 434 -59.62 -58.24 -12.47
N TYR A 435 -58.59 -57.88 -11.69
CA TYR A 435 -57.77 -58.72 -10.82
C TYR A 435 -56.39 -58.10 -10.78
N HIS A 436 -56.18 -57.08 -11.61
CA HIS A 436 -54.98 -56.26 -11.57
C HIS A 436 -55.06 -55.13 -10.56
N TYR A 437 -56.25 -54.82 -10.07
CA TYR A 437 -56.50 -53.58 -9.34
C TYR A 437 -56.87 -53.87 -7.89
N THR A 438 -56.36 -53.05 -6.98
CA THR A 438 -56.68 -53.17 -5.58
C THR A 438 -58.14 -52.76 -5.34
N PRO A 439 -58.76 -53.26 -4.27
CA PRO A 439 -60.16 -52.91 -4.01
C PRO A 439 -60.36 -51.42 -3.83
N THR A 440 -61.52 -50.94 -4.27
CA THR A 440 -61.81 -49.51 -4.22
C THR A 440 -62.10 -49.05 -2.80
N SER A 441 -62.87 -49.83 -2.04
CA SER A 441 -63.29 -49.44 -0.70
C SER A 441 -62.87 -50.50 0.31
N PHE A 442 -62.32 -50.04 1.43
CA PHE A 442 -61.91 -50.92 2.53
C PHE A 442 -61.64 -50.11 3.79
N SER A 443 -62.21 -50.56 4.91
CA SER A 443 -61.98 -49.93 6.21
C SER A 443 -61.47 -50.98 7.19
N LEU A 444 -60.35 -50.68 7.85
CA LEU A 444 -59.78 -51.65 8.78
C LEU A 444 -60.67 -51.86 10.00
N ILE A 445 -61.26 -50.79 10.52
CA ILE A 445 -62.12 -50.92 11.69
C ILE A 445 -63.29 -51.83 11.38
N ASP A 446 -63.87 -51.69 10.19
CA ASP A 446 -64.93 -52.60 9.76
C ASP A 446 -64.39 -54.01 9.58
N PHE A 447 -63.20 -54.15 9.00
CA PHE A 447 -62.63 -55.48 8.79
C PHE A 447 -62.33 -56.18 10.11
N MET A 448 -61.71 -55.47 11.06
CA MET A 448 -61.40 -56.10 12.33
C MET A 448 -62.66 -56.45 13.10
N GLN A 449 -63.75 -55.69 12.92
CA GLN A 449 -65.03 -56.06 13.50
C GLN A 449 -65.53 -57.38 12.91
N TYR A 450 -65.54 -57.48 11.58
CA TYR A 450 -66.03 -58.70 10.93
C TYR A 450 -65.11 -59.88 11.19
N ALA A 451 -63.79 -59.64 11.20
CA ALA A 451 -62.84 -60.74 11.33
C ALA A 451 -62.90 -61.39 12.70
N MET A 452 -62.96 -60.59 13.77
CA MET A 452 -62.93 -61.13 15.11
C MET A 452 -64.31 -61.39 15.69
N SER A 453 -65.37 -61.10 14.94
CA SER A 453 -66.71 -61.57 15.27
C SER A 453 -67.09 -62.80 14.46
N TYR A 454 -66.20 -63.31 13.63
CA TYR A 454 -66.50 -64.44 12.78
C TYR A 454 -66.61 -65.73 13.59
N LYS A 455 -67.53 -66.61 13.19
CA LYS A 455 -67.81 -67.82 13.93
C LYS A 455 -68.23 -68.94 12.98
N LYS A 456 -67.62 -70.11 13.15
CA LYS A 456 -68.16 -71.35 12.60
C LYS A 456 -68.09 -72.42 13.68
N ASN A 457 -68.99 -73.41 13.58
CA ASN A 457 -69.29 -74.29 14.70
C ASN A 457 -69.64 -73.47 15.93
N GLY A 458 -68.66 -73.27 16.83
CA GLY A 458 -68.86 -72.47 18.01
C GLY A 458 -67.64 -71.62 18.30
N LYS A 459 -67.82 -70.68 19.23
CA LYS A 459 -66.76 -69.81 19.72
C LYS A 459 -66.16 -68.96 18.60
N ASN A 460 -65.16 -68.15 18.94
CA ASN A 460 -64.48 -67.29 17.99
C ASN A 460 -63.20 -67.94 17.52
N ILE A 461 -62.94 -67.85 16.21
CA ILE A 461 -61.66 -68.33 15.68
C ILE A 461 -60.50 -67.52 16.22
N LEU A 462 -60.63 -66.20 16.26
CA LEU A 462 -59.64 -65.32 16.87
C LEU A 462 -60.18 -64.96 18.25
N ASN A 463 -59.74 -65.69 19.27
CA ASN A 463 -60.24 -65.54 20.63
C ASN A 463 -59.66 -64.25 21.21
N TYR A 464 -60.34 -63.14 20.93
CA TYR A 464 -59.90 -61.83 21.37
C TYR A 464 -61.01 -61.12 22.12
N ILE A 465 -60.63 -60.27 23.06
CA ILE A 465 -61.56 -59.41 23.80
C ILE A 465 -61.55 -58.04 23.13
N PRO A 466 -62.69 -57.54 22.67
CA PRO A 466 -62.70 -56.24 21.98
C PRO A 466 -62.67 -55.07 22.93
N LEU A 467 -61.46 -54.67 23.36
CA LEU A 467 -61.33 -53.53 24.26
C LEU A 467 -61.81 -52.25 23.60
N LYS A 468 -61.46 -52.03 22.35
CA LYS A 468 -61.86 -50.82 21.62
C LYS A 468 -62.21 -51.19 20.18
N GLN A 469 -63.42 -50.84 19.77
CA GLN A 469 -63.81 -50.96 18.37
C GLN A 469 -64.30 -49.62 17.82
N MET B 1 0.61 79.35 11.61
CA MET B 1 1.43 80.42 12.16
C MET B 1 2.82 80.41 11.52
N LYS B 2 3.80 79.90 12.26
CA LYS B 2 5.19 79.85 11.83
C LYS B 2 5.79 78.48 12.09
N TYR B 3 5.07 77.44 11.68
CA TYR B 3 5.49 76.07 11.92
C TYR B 3 6.77 75.74 11.14
N ILE B 4 7.53 74.78 11.68
CA ILE B 4 8.74 74.27 11.06
C ILE B 4 8.64 72.75 11.00
N ALA B 5 8.89 72.18 9.83
CA ALA B 5 8.89 70.72 9.64
C ALA B 5 10.27 70.29 9.19
N ILE B 6 10.82 69.29 9.87
CA ILE B 6 12.19 68.83 9.63
C ILE B 6 12.17 67.35 9.25
N THR B 7 12.80 67.03 8.12
CA THR B 7 13.09 65.66 7.74
C THR B 7 14.59 65.52 7.53
N LEU B 8 15.13 64.35 7.88
CA LEU B 8 16.58 64.20 7.83
C LEU B 8 16.95 62.75 7.59
N GLY B 9 18.06 62.56 6.87
CA GLY B 9 18.73 61.29 6.79
C GLY B 9 18.35 60.42 5.62
N PRO B 10 19.37 59.88 4.93
CA PRO B 10 19.15 58.79 3.96
C PRO B 10 19.21 57.44 4.67
N ILE B 11 18.15 57.15 5.43
CA ILE B 11 18.16 56.00 6.33
C ILE B 11 18.30 54.70 5.55
N THR B 12 17.58 54.57 4.42
CA THR B 12 17.61 53.33 3.67
C THR B 12 19.01 53.01 3.16
N ARG B 13 19.73 54.02 2.64
CA ARG B 13 21.06 53.79 2.13
C ARG B 13 22.02 53.35 3.23
N THR B 14 22.00 54.04 4.37
CA THR B 14 22.91 53.71 5.46
C THR B 14 22.60 52.34 6.04
N ILE B 15 21.32 51.98 6.13
CA ILE B 15 20.95 50.63 6.55
C ILE B 15 21.42 49.61 5.52
N GLU B 16 21.37 49.98 4.24
CA GLU B 16 21.89 49.12 3.19
C GLU B 16 23.39 48.91 3.35
N MET B 17 24.08 49.89 3.93
CA MET B 17 25.54 49.82 4.09
C MET B 17 25.98 48.85 5.17
N ALA B 18 25.07 48.21 5.90
CA ALA B 18 25.41 47.32 6.99
C ALA B 18 25.24 45.86 6.56
N GLU B 19 26.25 45.04 6.84
CA GLU B 19 26.17 43.61 6.59
C GLU B 19 26.11 42.78 7.87
N SER B 20 26.13 43.41 9.03
CA SER B 20 26.08 42.70 10.30
C SER B 20 25.01 43.32 11.20
N THR B 21 24.61 42.56 12.22
CA THR B 21 23.58 43.04 13.14
C THR B 21 24.06 44.26 13.91
N LYS B 22 25.31 44.25 14.39
CA LYS B 22 25.82 45.40 15.12
C LYS B 22 26.01 46.60 14.21
N GLU B 23 26.41 46.37 12.95
CA GLU B 23 26.48 47.46 11.99
C GLU B 23 25.11 48.05 11.70
N LEU B 24 24.10 47.18 11.60
CA LEU B 24 22.73 47.65 11.40
C LEU B 24 22.27 48.49 12.59
N TRP B 25 22.56 48.04 13.81
CA TRP B 25 22.17 48.80 14.99
C TRP B 25 22.89 50.14 15.03
N ALA B 26 24.17 50.16 14.69
CA ALA B 26 24.92 51.42 14.67
C ALA B 26 24.34 52.38 13.64
N ALA B 27 24.02 51.88 12.44
CA ALA B 27 23.44 52.73 11.41
C ALA B 27 22.08 53.27 11.85
N SER B 28 21.26 52.41 12.46
CA SER B 28 19.94 52.85 12.91
C SER B 28 20.05 53.89 14.01
N TYR B 29 20.95 53.70 14.98
CA TYR B 29 21.07 54.64 16.07
C TYR B 29 21.82 55.91 15.67
N PHE B 30 22.56 55.89 14.56
CA PHE B 30 23.22 57.12 14.11
C PHE B 30 22.20 58.21 13.82
N PHE B 31 21.10 57.87 13.14
CA PHE B 31 20.10 58.86 12.80
C PHE B 31 19.28 59.28 14.01
N SER B 32 19.03 58.36 14.94
CA SER B 32 18.38 58.75 16.19
C SER B 32 19.26 59.71 16.98
N TYR B 33 20.57 59.45 17.03
CA TYR B 33 21.50 60.35 17.67
C TYR B 33 21.50 61.72 17.00
N LEU B 34 21.53 61.73 15.67
CA LEU B 34 21.51 62.98 14.93
C LEU B 34 20.24 63.78 15.21
N ALA B 35 19.09 63.11 15.19
CA ALA B 35 17.82 63.78 15.44
C ALA B 35 17.75 64.30 16.87
N LYS B 36 18.21 63.49 17.83
CA LYS B 36 18.26 63.93 19.23
C LYS B 36 19.08 65.21 19.37
N LYS B 37 20.29 65.22 18.80
CA LYS B 37 21.15 66.38 18.94
C LYS B 37 20.58 67.59 18.21
N ILE B 38 19.93 67.36 17.06
CA ILE B 38 19.33 68.46 16.31
C ILE B 38 18.19 69.09 17.11
N VAL B 39 17.33 68.27 17.71
CA VAL B 39 16.11 68.80 18.32
C VAL B 39 16.25 69.11 19.80
N GLU B 40 17.38 68.79 20.43
CA GLU B 40 17.46 69.09 21.86
C GLU B 40 17.50 70.58 22.19
N PRO B 41 18.03 71.49 21.35
CA PRO B 41 17.89 72.91 21.70
C PRO B 41 16.45 73.39 21.72
N PHE B 42 15.66 72.97 20.73
CA PHE B 42 14.27 73.43 20.66
C PHE B 42 13.44 72.87 21.80
N VAL B 43 13.70 71.62 22.20
CA VAL B 43 13.03 71.06 23.37
C VAL B 43 13.49 71.77 24.64
N LYS B 44 14.79 72.09 24.72
CA LYS B 44 15.29 72.86 25.85
C LYS B 44 14.66 74.25 25.89
N LYS B 45 14.43 74.85 24.73
CA LYS B 45 13.76 76.15 24.66
C LYS B 45 12.25 76.04 24.82
N ASN B 46 11.73 74.82 24.95
CA ASN B 46 10.34 74.56 25.36
C ASN B 46 9.35 75.18 24.37
N ARG B 47 9.38 74.66 23.16
CA ARG B 47 8.42 75.00 22.13
C ARG B 47 7.55 73.78 21.80
N THR B 48 6.30 74.04 21.43
CA THR B 48 5.32 72.98 21.23
C THR B 48 5.69 72.14 20.01
N PHE B 49 5.68 70.82 20.17
CA PHE B 49 5.98 69.88 19.10
C PHE B 49 4.70 69.20 18.65
N GLN B 50 4.38 69.36 17.37
CA GLN B 50 3.17 68.75 16.82
C GLN B 50 3.39 67.32 16.34
N LEU B 51 4.64 66.91 16.13
CA LEU B 51 4.96 65.55 15.69
C LEU B 51 6.16 65.13 16.54
N PRO B 52 6.35 63.82 16.80
CA PRO B 52 6.87 63.36 18.09
C PRO B 52 6.52 64.17 19.32
N LEU B 53 6.05 63.45 20.34
CA LEU B 53 5.86 64.00 21.67
C LEU B 53 7.16 63.80 22.45
N ILE B 54 7.96 64.85 22.55
CA ILE B 54 9.28 64.72 23.16
C ILE B 54 9.20 65.14 24.63
N ASN B 55 9.08 64.15 25.50
CA ASN B 55 9.09 64.37 26.94
C ASN B 55 10.46 63.99 27.50
N GLU B 56 10.56 64.00 28.83
CA GLU B 56 11.84 63.66 29.47
C GLU B 56 12.21 62.20 29.25
N GLU B 57 11.22 61.31 29.20
CA GLU B 57 11.50 59.87 29.18
C GLU B 57 12.19 59.47 27.88
N MET B 58 11.79 60.02 26.75
CA MET B 58 12.38 59.62 25.48
C MET B 58 13.84 60.04 25.38
N GLN B 59 14.21 61.13 26.05
CA GLN B 59 15.59 61.58 26.02
C GLN B 59 16.51 60.71 26.88
N LYS B 60 15.94 59.91 27.77
CA LYS B 60 16.75 58.99 28.57
C LYS B 60 17.20 57.80 27.73
N PRO B 61 18.34 57.20 28.07
CA PRO B 61 18.77 55.98 27.37
C PRO B 61 17.82 54.82 27.68
N HIS B 62 17.29 54.21 26.62
CA HIS B 62 16.35 53.10 26.76
C HIS B 62 16.94 51.88 26.07
N CYS B 63 17.79 51.16 26.80
CA CYS B 63 18.35 49.88 26.36
C CYS B 63 18.96 49.97 24.96
N GLY B 64 19.61 51.10 24.68
CA GLY B 64 20.29 51.26 23.42
C GLY B 64 19.41 51.24 22.19
N ALA B 65 18.21 51.79 22.27
CA ALA B 65 17.27 51.81 21.15
C ALA B 65 16.97 53.25 20.75
N GLY B 66 16.74 53.44 19.45
CA GLY B 66 16.45 54.77 18.93
C GLY B 66 14.97 55.07 18.89
N LEU B 67 14.50 55.91 19.80
CA LEU B 67 13.10 56.31 19.86
C LEU B 67 12.83 57.60 19.09
N PHE B 68 13.85 58.24 18.55
CA PHE B 68 13.68 59.54 17.91
C PHE B 68 13.45 59.37 16.41
N PRO B 69 12.31 59.80 15.87
CA PRO B 69 12.05 59.62 14.45
C PRO B 69 12.85 60.59 13.57
N ASP B 70 12.57 60.59 12.27
CA ASP B 70 13.25 61.48 11.34
C ASP B 70 12.40 62.67 10.93
N ARG B 71 11.10 62.66 11.20
CA ARG B 71 10.20 63.75 10.83
C ARG B 71 9.76 64.48 12.09
N TYR B 72 9.98 65.79 12.13
CA TYR B 72 9.59 66.62 13.25
C TYR B 72 8.82 67.84 12.73
N ILE B 73 7.59 68.00 13.20
CA ILE B 73 6.83 69.22 12.97
C ILE B 73 6.88 70.05 14.23
N PHE B 74 7.14 71.35 14.08
CA PHE B 74 7.62 72.17 15.18
C PHE B 74 7.12 73.59 15.02
N LYS B 75 6.54 74.14 16.09
CA LYS B 75 6.09 75.51 16.11
C LYS B 75 7.26 76.41 16.51
N SER B 76 7.55 77.42 15.70
CA SER B 76 8.74 78.23 15.85
C SER B 76 8.38 79.69 15.99
N GLU B 77 8.94 80.35 17.00
CA GLU B 77 8.93 81.80 17.08
C GLU B 77 10.00 82.37 16.14
N PRO B 78 9.90 83.64 15.78
CA PRO B 78 10.90 84.22 14.88
C PRO B 78 12.31 84.10 15.46
N GLY B 79 13.26 83.81 14.57
CA GLY B 79 14.64 83.59 14.96
C GLY B 79 15.06 82.14 15.06
N ASP B 80 14.20 81.20 14.69
CA ASP B 80 14.55 79.78 14.78
C ASP B 80 15.20 79.24 13.51
N LEU B 81 15.09 79.95 12.39
CA LEU B 81 15.61 79.43 11.12
C LEU B 81 17.13 79.41 11.13
N GLU B 82 17.76 80.57 11.33
CA GLU B 82 19.22 80.61 11.37
C GLU B 82 19.77 79.86 12.58
N LEU B 83 19.00 79.83 13.68
CA LEU B 83 19.41 79.02 14.82
C LEU B 83 19.48 77.55 14.45
N LEU B 84 18.47 77.04 13.73
CA LEU B 84 18.48 75.66 13.29
C LEU B 84 19.61 75.40 12.30
N LYS B 85 19.86 76.34 11.39
CA LYS B 85 20.95 76.16 10.43
C LYS B 85 22.30 76.07 11.14
N GLN B 86 22.56 77.01 12.05
CA GLN B 86 23.81 77.01 12.79
C GLN B 86 23.94 75.76 13.66
N HIS B 87 22.83 75.32 14.27
CA HIS B 87 22.89 74.13 15.09
C HIS B 87 23.16 72.89 14.24
N SER B 88 22.61 72.83 13.04
CA SER B 88 22.91 71.70 12.15
C SER B 88 24.39 71.69 11.77
N ASP B 89 24.93 72.87 11.44
CA ASP B 89 26.37 72.93 11.14
C ASP B 89 27.20 72.52 12.35
N GLN B 90 26.81 72.97 13.55
CA GLN B 90 27.56 72.64 14.75
C GLN B 90 27.46 71.17 15.09
N VAL B 91 26.31 70.55 14.83
CA VAL B 91 26.15 69.12 15.15
C VAL B 91 26.76 68.26 14.06
N LEU B 92 27.13 68.87 12.92
CA LEU B 92 28.02 68.15 12.01
C LEU B 92 29.47 68.27 12.45
N ILE B 93 29.89 69.47 12.87
CA ILE B 93 31.25 69.68 13.36
C ILE B 93 31.53 68.76 14.55
N GLU B 94 30.64 68.76 15.54
CA GLU B 94 30.56 67.65 16.46
C GLU B 94 30.02 66.44 15.71
N ILE B 95 30.37 65.25 16.19
CA ILE B 95 30.23 63.99 15.46
C ILE B 95 31.39 63.86 14.47
N ALA B 96 31.66 64.90 13.66
CA ALA B 96 32.90 64.87 12.90
C ALA B 96 34.10 64.83 13.84
N GLY B 97 34.06 65.63 14.90
CA GLY B 97 35.08 65.54 15.93
C GLY B 97 35.00 64.24 16.72
N HIS B 98 33.77 63.77 16.99
CA HIS B 98 33.61 62.55 17.77
C HIS B 98 34.17 61.32 17.04
N ILE B 99 34.26 61.39 15.71
CA ILE B 99 34.80 60.26 14.94
C ILE B 99 36.26 60.49 14.54
N ALA B 100 36.89 61.55 15.03
CA ALA B 100 38.24 61.88 14.58
C ALA B 100 39.26 60.87 15.09
N SER B 101 39.47 60.82 16.41
CA SER B 101 40.39 59.83 16.96
C SER B 101 40.16 59.55 18.44
N PRO B 102 38.98 59.06 18.84
CA PRO B 102 38.86 58.42 20.16
C PRO B 102 39.47 57.03 20.13
N SER B 103 39.22 56.24 21.17
CA SER B 103 39.74 54.88 21.17
C SER B 103 38.98 54.05 20.15
N LEU B 104 39.24 54.34 18.86
CA LEU B 104 38.60 53.70 17.72
C LEU B 104 39.68 53.13 16.81
N PRO B 105 39.54 51.88 16.35
CA PRO B 105 40.60 51.29 15.52
C PRO B 105 40.77 52.02 14.19
N GLY B 106 41.88 52.72 14.04
CA GLY B 106 42.14 53.48 12.83
C GLY B 106 43.54 54.04 12.86
N THR B 107 43.81 54.94 11.91
CA THR B 107 45.11 55.56 11.80
C THR B 107 45.07 57.06 12.09
N ALA B 108 44.27 57.81 11.33
CA ALA B 108 44.17 59.25 11.51
C ALA B 108 42.97 59.74 10.72
N LYS B 109 42.50 60.94 11.08
CA LYS B 109 41.31 61.49 10.44
C LYS B 109 41.43 63.01 10.36
N ASP B 110 40.89 63.56 9.28
CA ASP B 110 40.78 65.00 9.08
C ASP B 110 39.35 65.42 9.40
N VAL B 111 39.20 66.31 10.37
CA VAL B 111 37.87 66.72 10.81
C VAL B 111 37.13 67.42 9.68
N SER B 112 37.82 68.26 8.92
CA SER B 112 37.19 68.97 7.82
C SER B 112 36.70 68.01 6.75
N GLN B 113 37.49 66.99 6.42
CA GLN B 113 37.07 66.00 5.44
C GLN B 113 35.84 65.24 5.90
N ILE B 114 35.80 64.85 7.18
CA ILE B 114 34.64 64.14 7.70
C ILE B 114 33.41 65.05 7.69
N TYR B 115 33.59 66.33 8.04
CA TYR B 115 32.47 67.26 8.01
C TYR B 115 31.94 67.43 6.60
N HIS B 116 32.83 67.54 5.61
CA HIS B 116 32.39 67.66 4.23
C HIS B 116 31.64 66.41 3.78
N TYR B 117 32.15 65.23 4.12
CA TYR B 117 31.48 63.99 3.75
C TYR B 117 30.11 63.89 4.40
N LEU B 118 30.01 64.24 5.68
CA LEU B 118 28.72 64.16 6.37
C LEU B 118 27.73 65.16 5.81
N LYS B 119 28.18 66.37 5.49
CA LYS B 119 27.29 67.36 4.90
C LYS B 119 26.82 66.92 3.52
N SER B 120 27.69 66.30 2.74
CA SER B 120 27.30 65.80 1.43
C SER B 120 26.39 64.59 1.52
N TYR B 121 26.50 63.80 2.58
CA TYR B 121 25.75 62.56 2.72
C TYR B 121 24.48 62.73 3.56
N ILE B 122 24.58 63.32 4.75
CA ILE B 122 23.43 63.45 5.62
C ILE B 122 22.48 64.52 5.06
N LYS B 123 21.23 64.14 4.85
CA LYS B 123 20.21 65.07 4.37
C LYS B 123 19.64 65.83 5.55
N ILE B 124 19.67 67.15 5.48
CA ILE B 124 19.05 68.02 6.49
C ILE B 124 18.22 69.04 5.72
N TYR B 125 16.95 68.74 5.51
CA TYR B 125 16.01 69.68 4.89
C TYR B 125 14.90 69.98 5.88
N PHE B 126 14.60 71.27 6.06
CA PHE B 126 13.50 71.68 6.90
C PHE B 126 12.66 72.71 6.17
N ILE B 127 11.37 72.73 6.49
CA ILE B 127 10.40 73.60 5.84
C ILE B 127 9.75 74.47 6.90
N GLU B 128 9.68 75.77 6.63
CA GLU B 128 9.05 76.74 7.53
C GLU B 128 7.80 77.27 6.83
N ARG B 129 6.68 76.58 7.04
CA ARG B 129 5.42 76.99 6.45
C ARG B 129 4.76 78.08 7.28
N THR B 130 3.92 78.87 6.63
CA THR B 130 3.10 79.89 7.30
C THR B 130 1.65 79.46 7.14
N LEU B 131 1.14 78.77 8.16
CA LEU B 131 -0.23 78.27 8.16
C LEU B 131 -1.14 79.22 8.93
N GLU B 132 -2.44 79.12 8.64
CA GLU B 132 -3.42 80.00 9.27
C GLU B 132 -4.08 79.38 10.49
N SER B 133 -4.08 78.05 10.60
CA SER B 133 -4.74 77.36 11.69
C SER B 133 -3.73 76.71 12.62
N ASP B 134 -4.03 76.74 13.92
CA ASP B 134 -3.22 76.10 14.93
C ASP B 134 -3.67 74.68 15.23
N ASP B 135 -4.65 74.18 14.49
CA ASP B 135 -5.14 72.83 14.71
C ASP B 135 -4.10 71.82 14.24
N PRO B 136 -3.68 70.88 15.10
CA PRO B 136 -2.68 69.89 14.66
C PRO B 136 -3.15 69.04 13.48
N HIS B 137 -4.44 68.71 13.41
CA HIS B 137 -4.94 67.86 12.35
C HIS B 137 -4.77 68.49 10.98
N VAL B 138 -4.67 69.81 10.90
CA VAL B 138 -4.43 70.48 9.62
C VAL B 138 -2.95 70.65 9.34
N VAL B 139 -2.18 71.06 10.35
CA VAL B 139 -0.77 71.35 10.12
C VAL B 139 0.02 70.08 9.86
N ILE B 140 -0.35 68.95 10.47
CA ILE B 140 0.45 67.74 10.34
C ILE B 140 0.49 67.20 8.91
N PRO B 141 -0.64 66.94 8.24
CA PRO B 141 -0.55 66.40 6.87
C PRO B 141 -0.08 67.43 5.86
N ALA B 142 -0.41 68.70 6.06
CA ALA B 142 0.03 69.75 5.13
C ALA B 142 1.54 69.85 5.11
N CYS B 143 2.19 69.75 6.27
CA CYS B 143 3.64 69.73 6.31
C CYS B 143 4.19 68.37 5.89
N GLU B 144 3.45 67.28 6.16
CA GLU B 144 3.94 65.94 5.84
C GLU B 144 4.08 65.75 4.34
N LYS B 145 3.11 66.22 3.56
CA LYS B 145 3.19 66.05 2.11
C LYS B 145 4.38 66.82 1.53
N TYR B 146 4.62 68.03 2.05
CA TYR B 146 5.75 68.81 1.58
C TYR B 146 7.07 68.16 1.99
N LEU B 147 7.13 67.56 3.18
CA LEU B 147 8.32 66.80 3.54
C LEU B 147 8.52 65.63 2.58
N ASN B 148 7.44 64.94 2.23
CA ASN B 148 7.54 63.81 1.31
C ASN B 148 8.10 64.22 -0.04
N ILE B 149 7.61 65.35 -0.59
CA ILE B 149 8.18 65.81 -1.86
C ILE B 149 9.61 66.34 -1.66
N ILE B 150 9.91 66.86 -0.47
CA ILE B 150 11.25 67.38 -0.19
C ILE B 150 12.28 66.27 -0.16
N GLU B 151 11.87 65.06 0.21
CA GLU B 151 12.82 63.96 0.36
C GLU B 151 13.47 63.54 -0.96
N ASN B 152 12.95 63.99 -2.11
CA ASN B 152 13.42 63.53 -3.40
C ASN B 152 14.60 64.33 -3.94
N GLN B 153 15.13 65.28 -3.18
CA GLN B 153 16.33 65.99 -3.59
C GLN B 153 17.56 65.24 -3.11
N GLU B 154 18.47 64.95 -4.04
CA GLU B 154 19.60 64.07 -3.76
C GLU B 154 20.87 64.88 -3.58
N THR B 155 21.56 64.65 -2.47
CA THR B 155 22.88 65.20 -2.21
C THR B 155 23.84 64.05 -1.88
N PHE B 156 25.01 64.07 -2.51
CA PHE B 156 25.97 63.00 -2.33
C PHE B 156 27.37 63.57 -2.48
N PRO B 157 28.37 62.92 -1.91
CA PRO B 157 29.75 63.30 -2.21
C PRO B 157 30.12 62.91 -3.64
N GLU B 158 30.77 63.82 -4.34
CA GLU B 158 31.11 63.57 -5.74
C GLU B 158 32.28 62.58 -5.86
N GLN B 159 33.28 62.70 -5.00
CA GLN B 159 34.46 61.86 -5.04
C GLN B 159 34.57 61.07 -3.75
N GLU B 160 34.87 59.78 -3.87
CA GLU B 160 35.05 58.88 -2.73
C GLU B 160 36.38 58.16 -2.92
N GLU B 161 37.42 58.63 -2.26
CA GLU B 161 38.74 58.03 -2.35
C GLU B 161 38.89 57.09 -1.17
N THR B 162 38.99 55.78 -1.46
CA THR B 162 39.17 54.75 -0.43
C THR B 162 40.24 53.78 -0.94
N MET B 163 41.50 54.13 -0.67
CA MET B 163 42.65 53.31 -1.04
C MET B 163 43.88 54.01 -0.47
N ILE B 164 44.94 53.23 -0.24
CA ILE B 164 46.13 53.63 0.53
C ILE B 164 45.68 54.05 1.93
N SER B 165 44.63 53.42 2.44
CA SER B 165 44.20 53.52 3.83
C SER B 165 44.03 54.95 4.34
N HIS B 166 45.14 55.69 4.46
CA HIS B 166 45.18 56.90 5.28
C HIS B 166 44.68 58.15 4.56
N GLN B 167 43.93 58.00 3.48
CA GLN B 167 43.24 59.12 2.86
C GLN B 167 41.77 58.80 2.61
N LYS B 168 41.16 58.05 3.51
CA LYS B 168 39.78 57.60 3.35
C LYS B 168 38.80 58.76 3.16
N SER B 169 37.66 58.47 2.55
CA SER B 169 36.57 59.44 2.45
C SER B 169 35.22 58.85 2.84
N ASP B 170 35.12 57.55 3.09
CA ASP B 170 33.90 56.90 3.53
C ASP B 170 34.01 56.70 5.03
N PHE B 171 33.43 57.62 5.81
CA PHE B 171 33.57 57.63 7.25
C PHE B 171 32.36 57.08 7.99
N LEU B 172 31.17 57.12 7.37
CA LEU B 172 30.00 56.55 8.02
C LEU B 172 30.15 55.04 8.20
N LYS B 173 30.69 54.35 7.20
CA LYS B 173 30.89 52.92 7.36
C LYS B 173 32.06 52.63 8.30
N PHE B 174 33.03 53.55 8.40
CA PHE B 174 34.04 53.41 9.44
C PHE B 174 33.39 53.50 10.82
N LEU B 175 32.44 54.42 10.98
CA LEU B 175 31.77 54.57 12.27
C LEU B 175 30.94 53.35 12.62
N ILE B 176 30.16 52.84 11.66
CA ILE B 176 29.30 51.70 11.95
C ILE B 176 30.13 50.43 12.11
N THR B 177 31.18 50.26 11.31
CA THR B 177 32.04 49.10 11.43
C THR B 177 32.81 49.11 12.74
N ASN B 178 33.32 50.27 13.13
CA ASN B 178 34.02 50.45 14.39
C ASN B 178 33.13 51.30 15.29
N VAL B 179 32.18 50.64 15.96
CA VAL B 179 31.27 51.32 16.86
C VAL B 179 31.49 50.76 18.26
N ASN B 180 32.00 49.54 18.33
CA ASN B 180 32.41 48.96 19.60
C ASN B 180 33.82 49.36 19.98
N GLY B 181 34.50 50.14 19.15
CA GLY B 181 35.84 50.58 19.43
C GLY B 181 36.86 49.46 19.26
N LYS B 182 38.00 49.64 19.92
CA LYS B 182 39.09 48.69 19.87
C LYS B 182 39.11 47.92 21.19
N ILE B 183 39.03 46.60 21.10
CA ILE B 183 39.14 45.75 22.28
C ILE B 183 40.50 45.97 22.92
N TYR B 184 40.50 46.42 24.18
CA TYR B 184 41.72 46.88 24.82
C TYR B 184 42.10 45.94 25.96
N ARG B 185 43.40 45.70 26.08
CA ARG B 185 43.96 44.86 27.14
C ARG B 185 44.79 45.72 28.09
N LYS B 186 44.67 45.45 29.39
CA LYS B 186 45.41 46.21 30.39
C LYS B 186 45.96 45.31 31.50
N ASP B 187 45.70 44.01 31.43
CA ASP B 187 46.09 43.12 32.50
C ASP B 187 46.14 41.70 31.96
N LYS B 188 46.79 40.82 32.72
CA LYS B 188 46.82 39.39 32.40
C LYS B 188 45.69 38.61 33.07
N ASN B 189 45.14 39.12 34.16
CA ASN B 189 44.02 38.48 34.86
C ASN B 189 42.93 39.54 35.04
N SER B 190 42.09 39.69 34.04
CA SER B 190 40.99 40.65 34.05
C SER B 190 40.06 40.30 32.89
N ILE B 191 38.98 41.07 32.75
CA ILE B 191 37.99 40.88 31.71
C ILE B 191 38.28 41.92 30.61
N PRO B 192 38.60 41.50 29.38
CA PRO B 192 38.74 42.47 28.29
C PRO B 192 37.43 43.17 28.02
N ARG B 193 37.50 44.46 27.74
CA ARG B 193 36.31 45.27 27.55
C ARG B 193 36.40 46.07 26.24
N PHE B 194 35.22 46.43 25.73
CA PHE B 194 35.12 47.21 24.52
C PHE B 194 35.15 48.70 24.86
N THR B 195 35.99 49.45 24.14
CA THR B 195 36.05 50.90 24.28
C THR B 195 35.01 51.49 23.35
N GLY B 196 33.77 51.55 23.83
CA GLY B 196 32.67 51.94 22.97
C GLY B 196 32.78 53.38 22.49
N SER B 197 32.18 53.63 21.33
CA SER B 197 32.21 54.95 20.72
C SER B 197 31.18 55.84 21.40
N PHE B 198 30.96 57.04 20.85
CA PHE B 198 29.95 57.94 21.41
C PHE B 198 28.54 57.38 21.26
N LEU B 199 28.28 56.62 20.19
CA LEU B 199 26.97 56.05 19.99
C LEU B 199 26.61 55.06 21.09
N THR B 200 27.56 54.18 21.46
CA THR B 200 27.28 53.21 22.52
C THR B 200 27.12 53.89 23.87
N ARG B 201 27.96 54.89 24.17
CA ARG B 201 27.87 55.56 25.45
C ARG B 201 26.64 56.45 25.55
N ASP B 202 26.06 56.86 24.42
CA ASP B 202 24.79 57.58 24.46
C ASP B 202 23.59 56.65 24.47
N ALA B 203 23.69 55.47 23.86
CA ALA B 203 22.55 54.56 23.73
C ALA B 203 22.42 53.67 24.95
N PHE B 204 23.45 52.87 25.25
CA PHE B 204 23.40 51.89 26.32
C PHE B 204 23.68 52.50 27.69
N GLY B 205 23.82 53.82 27.77
CA GLY B 205 24.17 54.42 29.04
C GLY B 205 25.61 54.11 29.41
N ASP B 206 25.91 54.31 30.70
CA ASP B 206 27.25 54.03 31.20
C ASP B 206 27.21 53.41 32.60
N MET B 207 26.12 52.73 32.94
CA MET B 207 25.93 52.16 34.28
C MET B 207 25.90 50.63 34.19
N ASN B 208 27.09 50.03 34.21
CA ASN B 208 27.30 48.58 34.28
C ASN B 208 26.59 47.84 33.14
N GLY B 209 26.61 46.51 33.19
CA GLY B 209 25.98 45.72 32.15
C GLY B 209 26.45 46.08 30.76
N GLU B 210 27.76 46.34 30.61
CA GLU B 210 28.29 46.99 29.42
C GLU B 210 28.73 45.99 28.35
N ARG B 211 28.07 44.84 28.28
CA ARG B 211 28.36 43.88 27.23
C ARG B 211 27.78 44.38 25.91
N LEU B 212 28.52 45.25 25.23
CA LEU B 212 28.07 45.78 23.95
C LEU B 212 27.96 44.68 22.91
N PHE B 213 27.03 44.86 21.96
CA PHE B 213 26.77 43.84 20.97
C PHE B 213 27.98 43.58 20.09
N GLU B 214 28.21 42.30 19.78
CA GLU B 214 29.25 41.88 18.85
C GLU B 214 28.88 40.50 18.35
N SER B 215 28.51 40.40 17.07
CA SER B 215 28.06 39.16 16.43
C SER B 215 26.69 38.75 16.94
N ILE B 216 25.97 37.97 16.13
CA ILE B 216 24.55 37.72 16.36
C ILE B 216 24.29 36.56 17.32
N LEU B 217 25.31 35.74 17.60
CA LEU B 217 25.07 34.48 18.31
C LEU B 217 24.64 34.68 19.75
N GLU B 218 25.06 35.78 20.40
CA GLU B 218 24.73 35.94 21.81
C GLU B 218 23.24 36.10 22.04
N ILE B 219 22.54 36.85 21.19
CA ILE B 219 21.09 36.90 21.30
C ILE B 219 20.41 35.81 20.48
N SER B 220 21.10 35.23 19.50
CA SER B 220 20.56 34.04 18.85
C SER B 220 20.47 32.88 19.83
N ALA B 221 21.41 32.80 20.77
CA ALA B 221 21.41 31.79 21.83
C ALA B 221 21.67 32.49 23.16
N SER B 222 20.60 32.99 23.79
CA SER B 222 20.70 33.50 25.18
C SER B 222 19.58 32.84 25.99
N GLU B 223 19.81 31.60 26.39
CA GLU B 223 19.07 31.00 27.48
C GLU B 223 19.92 30.03 28.29
N LEU B 224 21.21 29.88 27.98
CA LEU B 224 22.06 28.87 28.58
C LEU B 224 22.86 29.40 29.76
N ASN B 225 22.75 30.71 30.06
CA ASN B 225 23.55 31.35 31.11
C ASN B 225 25.04 31.16 30.87
N ILE B 226 25.45 31.13 29.61
CA ILE B 226 26.84 30.96 29.23
C ILE B 226 27.34 32.29 28.67
N ASN B 227 28.36 32.85 29.32
CA ASN B 227 28.94 34.12 28.90
C ASN B 227 29.80 33.85 27.66
N ILE B 228 29.13 33.69 26.53
CA ILE B 228 29.81 33.34 25.29
C ILE B 228 30.74 34.45 24.84
N GLN B 229 30.37 35.72 25.08
CA GLN B 229 31.20 36.82 24.63
C GLN B 229 32.49 36.91 25.44
N GLN B 230 32.43 36.63 26.74
CA GLN B 230 33.63 36.66 27.56
C GLN B 230 34.64 35.61 27.10
N LYS B 231 34.17 34.39 26.87
CA LYS B 231 35.07 33.33 26.39
C LYS B 231 35.60 33.66 25.00
N ALA B 232 34.75 34.20 24.12
CA ALA B 232 35.21 34.56 22.79
C ALA B 232 36.27 35.64 22.84
N LEU B 233 36.07 36.66 23.68
CA LEU B 233 37.05 37.72 23.78
C LEU B 233 38.36 37.22 24.36
N GLU B 234 38.29 36.34 25.37
CA GLU B 234 39.51 35.79 25.94
C GLU B 234 40.25 34.93 24.92
N VAL B 235 39.52 34.18 24.10
CA VAL B 235 40.15 33.35 23.08
C VAL B 235 40.82 34.22 22.02
N ILE B 236 40.13 35.28 21.57
CA ILE B 236 40.70 36.15 20.56
C ILE B 236 41.93 36.87 21.08
N THR B 237 41.86 37.38 22.32
CA THR B 237 42.97 38.14 22.88
C THR B 237 44.12 37.23 23.32
N ALA B 238 43.87 35.92 23.48
CA ALA B 238 44.94 35.01 23.83
C ALA B 238 45.95 34.82 22.71
N ASN B 239 45.61 35.20 21.47
CA ASN B 239 46.52 35.08 20.34
C ASN B 239 46.47 36.38 19.54
N GLU B 240 47.63 37.01 19.38
CA GLU B 240 47.73 38.27 18.66
C GLU B 240 46.81 39.32 19.27
N LYS B 246 38.39 43.23 10.93
CA LYS B 246 39.48 43.25 11.90
C LYS B 246 39.27 42.18 12.97
N TYR B 247 38.29 42.42 13.85
CA TYR B 247 37.99 41.50 14.94
C TYR B 247 36.57 40.99 14.95
N SER B 248 35.66 41.59 14.16
CA SER B 248 34.28 41.12 14.12
C SER B 248 34.19 39.70 13.61
N ASP B 249 34.95 39.37 12.56
CA ASP B 249 34.92 38.02 12.01
C ASP B 249 35.55 37.02 12.99
N GLN B 250 36.64 37.40 13.65
CA GLN B 250 37.28 36.50 14.61
C GLN B 250 36.37 36.22 15.80
N ILE B 251 35.67 37.24 16.29
CA ILE B 251 34.74 37.04 17.40
C ILE B 251 33.59 36.14 16.98
N TRP B 252 33.09 36.34 15.76
CA TRP B 252 32.00 35.50 15.26
C TRP B 252 32.43 34.04 15.18
N ASP B 253 33.63 33.78 14.66
CA ASP B 253 34.11 32.41 14.54
C ASP B 253 34.35 31.78 15.90
N ALA B 254 34.95 32.54 16.83
CA ALA B 254 35.21 32.01 18.17
C ALA B 254 33.91 31.72 18.91
N GLU B 255 32.92 32.60 18.79
CA GLU B 255 31.65 32.38 19.45
C GLU B 255 30.97 31.12 18.92
N GLU B 256 31.06 30.89 17.61
CA GLU B 256 30.50 29.68 17.03
C GLU B 256 31.18 28.44 17.59
N ILE B 257 32.51 28.46 17.70
CA ILE B 257 33.22 27.32 18.25
C ILE B 257 32.79 27.07 19.69
N ILE B 258 32.74 28.13 20.51
CA ILE B 258 32.37 27.97 21.91
C ILE B 258 30.96 27.44 22.05
N LEU B 259 30.04 27.89 21.19
CA LEU B 259 28.71 27.31 21.17
C LEU B 259 28.75 25.84 20.74
N ASN B 260 29.76 25.47 19.93
CA ASN B 260 29.88 24.09 19.48
C ASN B 260 30.39 23.16 20.58
N ASP B 261 31.30 23.63 21.44
CA ASP B 261 31.68 22.77 22.56
C ASP B 261 30.60 22.68 23.64
N ASN B 262 29.49 23.39 23.50
CA ASN B 262 28.37 23.29 24.42
C ASN B 262 27.23 22.48 23.81
N LYS B 263 27.57 21.41 23.09
CA LYS B 263 26.56 20.58 22.44
C LYS B 263 25.59 19.96 23.42
N ALA B 264 25.98 19.83 24.69
CA ALA B 264 25.15 19.11 25.66
C ALA B 264 23.78 19.77 25.83
N GLN B 265 23.76 21.10 25.94
CA GLN B 265 22.52 21.85 26.11
C GLN B 265 22.29 22.79 24.94
N LEU B 266 22.68 22.36 23.74
CA LEU B 266 22.51 23.15 22.53
C LEU B 266 21.34 22.61 21.73
N ARG B 267 20.40 23.49 21.39
CA ARG B 267 19.25 23.18 20.57
C ARG B 267 19.39 23.85 19.20
N PRO B 268 18.80 23.28 18.15
CA PRO B 268 19.05 23.80 16.80
C PRO B 268 18.66 25.26 16.59
N TYR B 269 17.66 25.77 17.31
CA TYR B 269 17.27 27.15 17.11
C TYR B 269 18.28 28.15 17.67
N HIS B 270 19.30 27.69 18.40
CA HIS B 270 20.31 28.59 18.91
C HIS B 270 21.20 29.15 17.82
N LYS B 271 21.24 28.52 16.65
CA LYS B 271 21.97 29.03 15.51
C LYS B 271 21.10 29.79 14.53
N TYR B 272 19.82 29.98 14.85
CA TYR B 272 18.89 30.71 14.00
C TYR B 272 18.52 32.03 14.66
N ILE B 273 18.32 33.06 13.86
CA ILE B 273 18.02 34.40 14.34
C ILE B 273 16.74 34.90 13.67
N ALA B 274 15.93 35.62 14.43
CA ALA B 274 14.65 36.12 13.95
C ALA B 274 14.70 37.64 13.80
N ILE B 275 14.12 38.13 12.71
CA ILE B 275 14.03 39.56 12.43
C ILE B 275 12.56 39.96 12.49
N ILE B 276 12.27 40.98 13.29
CA ILE B 276 10.90 41.45 13.52
C ILE B 276 10.76 42.83 12.92
N LYS B 277 9.73 43.02 12.10
CA LYS B 277 9.41 44.31 11.52
C LYS B 277 7.91 44.55 11.65
N SER B 278 7.53 45.73 12.13
CA SER B 278 6.13 46.07 12.33
C SER B 278 5.90 47.53 11.97
N ASP B 279 4.74 47.80 11.39
CA ASP B 279 4.34 49.15 11.00
C ASP B 279 2.88 49.36 11.37
N GLY B 280 2.52 50.61 11.60
CA GLY B 280 1.15 50.97 11.93
C GLY B 280 0.21 50.81 10.75
N ASP B 281 -0.92 50.13 10.97
CA ASP B 281 -1.87 49.89 9.89
C ASP B 281 -2.72 51.13 9.67
N SER B 282 -2.39 51.90 8.63
CA SER B 282 -3.14 53.08 8.21
C SER B 282 -3.25 54.11 9.34
N MET B 283 -2.09 54.63 9.74
CA MET B 283 -2.08 55.70 10.74
C MET B 283 -2.59 57.01 10.18
N GLY B 284 -2.40 57.26 8.89
CA GLY B 284 -2.89 58.49 8.30
C GLY B 284 -4.42 58.56 8.28
N GLU B 285 -5.06 57.46 7.89
CA GLU B 285 -6.51 57.41 7.94
C GLU B 285 -7.01 57.48 9.37
N THR B 286 -6.27 56.91 10.32
CA THR B 286 -6.62 57.05 11.72
C THR B 286 -6.56 58.51 12.14
N ILE B 287 -5.55 59.25 11.70
CA ILE B 287 -5.45 60.67 12.01
C ILE B 287 -6.60 61.44 11.38
N LYS B 288 -7.02 61.04 10.18
CA LYS B 288 -8.18 61.67 9.56
C LYS B 288 -9.44 61.41 10.40
N SER B 289 -9.60 60.20 10.91
CA SER B 289 -10.75 59.87 11.75
C SER B 289 -10.73 60.69 13.04
N MET B 290 -9.56 60.80 13.68
CA MET B 290 -9.43 61.66 14.86
C MET B 290 -9.53 63.14 14.53
N GLY B 291 -9.45 63.50 13.25
CA GLY B 291 -9.78 64.85 12.84
C GLY B 291 -11.28 65.05 12.72
N ALA B 292 -11.98 64.02 12.21
CA ALA B 292 -13.43 64.09 12.11
C ALA B 292 -14.08 64.11 13.49
N TYR B 293 -13.92 63.03 14.24
CA TYR B 293 -14.29 63.05 15.65
C TYR B 293 -13.25 63.84 16.42
N ASN B 294 -13.70 64.77 17.26
CA ASN B 294 -12.78 65.73 17.86
C ASN B 294 -11.89 65.07 18.92
N ILE B 295 -10.76 64.51 18.50
CA ILE B 295 -9.77 63.95 19.40
C ILE B 295 -8.40 64.50 19.03
N PRO B 296 -7.66 65.08 19.96
CA PRO B 296 -6.33 65.62 19.63
C PRO B 296 -5.35 64.52 19.27
N ILE B 297 -4.42 64.88 18.37
CA ILE B 297 -3.38 63.94 17.95
C ILE B 297 -2.35 63.73 19.04
N THR B 298 -2.30 64.62 20.04
CA THR B 298 -1.39 64.43 21.16
C THR B 298 -1.67 63.11 21.88
N GLN B 299 -2.93 62.67 21.90
CA GLN B 299 -3.24 61.36 22.47
C GLN B 299 -2.61 60.24 21.65
N LEU B 300 -2.64 60.35 20.32
CA LEU B 300 -2.01 59.34 19.49
C LEU B 300 -0.49 59.34 19.69
N SER B 301 0.11 60.52 19.81
CA SER B 301 1.54 60.58 20.08
C SER B 301 1.88 59.96 21.44
N LYS B 302 1.05 60.22 22.45
CA LYS B 302 1.24 59.61 23.76
C LYS B 302 1.15 58.09 23.68
N ALA B 303 0.14 57.59 22.96
CA ALA B 303 -0.01 56.15 22.83
C ALA B 303 1.18 55.53 22.11
N LEU B 304 1.66 56.18 21.04
CA LEU B 304 2.79 55.65 20.30
C LEU B 304 4.05 55.64 21.16
N LEU B 305 4.29 56.70 21.93
CA LEU B 305 5.47 56.74 22.78
C LEU B 305 5.40 55.68 23.87
N SER B 306 4.23 55.53 24.50
CA SER B 306 4.09 54.51 25.54
C SER B 306 4.27 53.11 24.96
N PHE B 307 3.71 52.85 23.78
CA PHE B 307 3.91 51.57 23.13
C PHE B 307 5.37 51.33 22.79
N ASN B 308 6.07 52.38 22.34
CA ASN B 308 7.49 52.23 22.04
C ASN B 308 8.28 51.84 23.28
N ILE B 309 8.02 52.52 24.41
CA ILE B 309 8.75 52.23 25.64
C ILE B 309 8.44 50.81 26.12
N GLU B 310 7.15 50.44 26.10
CA GLU B 310 6.76 49.11 26.57
C GLU B 310 7.30 48.02 25.64
N SER B 311 7.36 48.30 24.34
CA SER B 311 7.90 47.33 23.40
C SER B 311 9.40 47.15 23.60
N ILE B 312 10.12 48.23 23.88
CA ILE B 312 11.54 48.11 24.21
C ILE B 312 11.72 47.25 25.46
N ASN B 313 10.92 47.51 26.49
CA ASN B 313 11.01 46.72 27.71
C ASN B 313 10.71 45.25 27.44
N GLU B 314 9.69 44.97 26.63
CA GLU B 314 9.32 43.59 26.35
C GLU B 314 10.38 42.87 25.53
N ILE B 315 10.97 43.57 24.55
CA ILE B 315 12.03 42.96 23.75
C ILE B 315 13.24 42.65 24.61
N VAL B 316 13.59 43.56 25.53
CA VAL B 316 14.73 43.31 26.41
C VAL B 316 14.42 42.16 27.36
N ALA B 317 13.19 42.10 27.89
CA ALA B 317 12.83 41.03 28.82
C ALA B 317 12.80 39.68 28.12
N TYR B 318 12.33 39.64 26.87
CA TYR B 318 12.32 38.38 26.13
C TYR B 318 13.73 37.89 25.86
N GLY B 319 14.65 38.79 25.52
CA GLY B 319 16.02 38.42 25.26
C GLY B 319 16.48 38.81 23.87
N GLY B 320 15.80 39.78 23.26
CA GLY B 320 16.16 40.23 21.94
C GLY B 320 16.90 41.56 21.97
N LYS B 321 17.08 42.18 20.80
CA LYS B 321 17.79 43.44 20.71
C LYS B 321 16.95 44.45 19.95
N PRO B 322 16.60 45.57 20.56
CA PRO B 322 15.89 46.63 19.83
C PRO B 322 16.80 47.39 18.88
N ILE B 323 16.49 47.36 17.59
CA ILE B 323 17.27 48.09 16.60
C ILE B 323 16.71 49.51 16.47
N PHE B 324 15.45 49.61 16.10
CA PHE B 324 14.77 50.90 15.98
C PHE B 324 13.29 50.73 16.32
N ILE B 325 12.82 51.52 17.28
CA ILE B 325 11.41 51.61 17.61
C ILE B 325 11.07 53.10 17.71
N GLY B 326 10.39 53.62 16.70
CA GLY B 326 10.04 55.01 16.67
C GLY B 326 8.80 55.27 15.83
N GLY B 327 7.85 56.01 16.39
CA GLY B 327 6.55 56.18 15.75
C GLY B 327 5.81 54.85 15.68
N ASP B 328 5.40 54.46 14.48
CA ASP B 328 4.72 53.20 14.25
C ASP B 328 5.64 52.09 13.77
N ASP B 329 6.94 52.35 13.71
CA ASP B 329 7.90 51.43 13.11
C ASP B 329 8.72 50.73 14.19
N LEU B 330 8.92 49.43 14.02
CA LEU B 330 9.66 48.62 14.97
C LEU B 330 10.57 47.66 14.21
N LEU B 331 11.80 47.51 14.69
CA LEU B 331 12.76 46.55 14.14
C LEU B 331 13.49 45.91 15.30
N CYS B 332 13.41 44.58 15.40
CA CYS B 332 13.98 43.86 16.53
C CYS B 332 14.69 42.59 16.04
N PHE B 333 15.80 42.27 16.69
CA PHE B 333 16.52 41.03 16.49
C PHE B 333 16.37 40.19 17.75
N ALA B 334 15.69 39.06 17.64
CA ALA B 334 15.31 38.23 18.77
C ALA B 334 15.67 36.78 18.53
N PRO B 335 15.92 36.01 19.59
CA PRO B 335 16.10 34.57 19.44
C PRO B 335 14.81 33.89 19.02
N VAL B 336 14.98 32.76 18.32
CA VAL B 336 13.82 31.98 17.89
C VAL B 336 13.04 31.48 19.10
N CYS B 337 13.75 30.99 20.11
CA CYS B 337 13.11 30.53 21.35
C CYS B 337 14.15 30.57 22.45
N CYS B 338 13.84 31.22 23.56
CA CYS B 338 14.75 31.25 24.70
C CYS B 338 13.95 31.38 25.99
N ASN B 339 14.36 30.63 27.01
CA ASN B 339 13.73 30.64 28.32
C ASN B 339 12.25 30.27 28.23
N GLY B 340 11.90 29.43 27.27
CA GLY B 340 10.56 28.92 27.13
C GLY B 340 9.64 29.72 26.23
N ASN B 341 9.97 30.97 25.93
CA ASN B 341 9.15 31.81 25.08
C ASN B 341 9.64 31.75 23.64
N ASN B 342 8.70 31.91 22.71
CA ASN B 342 8.99 31.86 21.29
C ASN B 342 8.96 33.26 20.70
N VAL B 343 9.30 33.36 19.42
CA VAL B 343 9.16 34.62 18.70
C VAL B 343 7.71 35.04 18.65
N PHE B 344 6.81 34.09 18.39
CA PHE B 344 5.39 34.43 18.27
C PHE B 344 4.81 34.84 19.60
N ASN B 345 5.35 34.34 20.71
CA ASN B 345 4.97 34.85 22.02
C ASN B 345 5.34 36.32 22.15
N LEU B 346 6.53 36.70 21.68
CA LEU B 346 6.93 38.09 21.69
C LEU B 346 6.03 38.94 20.80
N VAL B 347 5.66 38.40 19.63
CA VAL B 347 4.77 39.14 18.73
C VAL B 347 3.41 39.35 19.37
N GLU B 348 2.88 38.32 20.03
CA GLU B 348 1.62 38.46 20.75
C GLU B 348 1.72 39.49 21.86
N LYS B 349 2.83 39.47 22.60
CA LYS B 349 3.02 40.45 23.66
C LYS B 349 3.09 41.88 23.10
N LEU B 350 3.78 42.05 21.97
CA LEU B 350 3.86 43.37 21.35
C LEU B 350 2.49 43.84 20.86
N SER B 351 1.72 42.95 20.26
CA SER B 351 0.36 43.31 19.83
C SER B 351 -0.51 43.68 21.02
N THR B 352 -0.39 42.91 22.11
CA THR B 352 -1.15 43.23 23.32
C THR B 352 -0.74 44.58 23.89
N CYS B 353 0.57 44.88 23.88
CA CYS B 353 1.04 46.18 24.36
C CYS B 353 0.51 47.31 23.49
N PHE B 354 0.52 47.13 22.17
CA PHE B 354 -0.02 48.16 21.28
C PHE B 354 -1.50 48.39 21.55
N ASP B 355 -2.27 47.30 21.69
CA ASP B 355 -3.69 47.44 21.96
C ASP B 355 -3.94 48.12 23.31
N GLN B 356 -3.15 47.75 24.33
CA GLN B 356 -3.30 48.35 25.65
C GLN B 356 -3.00 49.84 25.61
N CYS B 357 -1.95 50.23 24.90
CA CYS B 357 -1.61 51.66 24.82
C CYS B 357 -2.67 52.42 24.03
N ILE B 358 -3.20 51.83 22.97
CA ILE B 358 -4.27 52.47 22.21
C ILE B 358 -5.49 52.67 23.10
N ASN B 359 -5.86 51.64 23.87
CA ASN B 359 -7.01 51.77 24.76
C ASN B 359 -6.76 52.82 25.85
N GLN B 360 -5.55 52.83 26.41
CA GLN B 360 -5.25 53.71 27.53
C GLN B 360 -5.21 55.17 27.10
N HIS B 361 -4.64 55.47 25.93
CA HIS B 361 -4.44 56.86 25.54
C HIS B 361 -5.43 57.34 24.48
N LEU B 362 -6.25 56.47 23.92
CA LEU B 362 -7.19 56.84 22.87
C LEU B 362 -8.57 56.29 23.15
N GLN B 363 -9.03 56.41 24.40
CA GLN B 363 -10.30 55.80 24.78
C GLN B 363 -11.49 56.51 24.14
N GLN B 364 -11.42 57.84 23.99
CA GLN B 364 -12.52 58.57 23.37
C GLN B 364 -12.71 58.11 21.92
N TYR B 365 -11.61 58.08 21.16
CA TYR B 365 -11.68 57.63 19.77
C TYR B 365 -12.05 56.16 19.67
N ILE B 366 -11.58 55.32 20.59
CA ILE B 366 -11.95 53.91 20.58
C ILE B 366 -13.45 53.75 20.78
N ASN B 367 -14.01 54.48 21.75
CA ASN B 367 -15.45 54.43 21.99
C ASN B 367 -16.22 54.94 20.78
N ALA B 368 -15.75 56.02 20.16
CA ALA B 368 -16.45 56.57 18.99
C ALA B 368 -16.44 55.58 17.84
N CYS B 369 -15.29 54.94 17.59
CA CYS B 369 -15.18 53.98 16.49
C CYS B 369 -15.83 52.64 16.81
N SER B 370 -16.14 52.37 18.08
CA SER B 370 -16.79 51.11 18.43
C SER B 370 -18.21 51.05 17.87
N GLU B 371 -19.05 52.01 18.23
CA GLU B 371 -20.43 52.02 17.75
C GLU B 371 -20.54 52.50 16.31
N ALA B 372 -19.52 53.19 15.80
CA ALA B 372 -19.53 53.63 14.40
C ALA B 372 -19.14 52.53 13.43
N GLN B 373 -18.67 51.38 13.95
CA GLN B 373 -18.30 50.22 13.12
C GLN B 373 -17.19 50.60 12.13
N ARG B 374 -16.05 51.00 12.68
CA ARG B 374 -14.90 51.38 11.89
C ARG B 374 -13.66 50.68 12.42
N PRO B 375 -12.73 50.31 11.55
CA PRO B 375 -11.52 49.60 12.02
C PRO B 375 -10.69 50.46 12.97
N LEU B 376 -10.03 49.78 13.89
CA LEU B 376 -9.18 50.37 14.91
C LEU B 376 -7.71 50.28 14.51
N PRO B 377 -6.84 51.10 15.10
CA PRO B 377 -5.41 50.99 14.79
C PRO B 377 -4.88 49.60 15.12
N SER B 378 -3.97 49.12 14.28
CA SER B 378 -3.48 47.75 14.40
C SER B 378 -2.03 47.68 13.94
N LEU B 379 -1.39 46.58 14.28
CA LEU B 379 0.02 46.34 13.96
C LEU B 379 0.14 45.18 12.99
N SER B 380 0.81 45.42 11.86
CA SER B 380 1.15 44.37 10.92
C SER B 380 2.58 43.90 11.18
N PHE B 381 2.78 42.59 11.24
CA PHE B 381 4.03 42.00 11.68
C PHE B 381 4.66 41.18 10.57
N GLY B 382 5.97 41.30 10.41
CA GLY B 382 6.74 40.48 9.49
C GLY B 382 7.92 39.83 10.17
N ILE B 383 7.94 38.49 10.21
CA ILE B 383 8.93 37.73 10.96
C ILE B 383 9.72 36.87 9.98
N SER B 384 11.05 36.97 10.04
CA SER B 384 11.94 36.15 9.23
C SER B 384 12.93 35.46 10.15
N ILE B 385 12.99 34.13 10.07
CA ILE B 385 13.94 33.34 10.83
C ILE B 385 14.91 32.69 9.85
N THR B 386 16.20 32.92 10.06
CA THR B 386 17.21 32.48 9.12
C THR B 386 18.42 31.95 9.89
N TYR B 387 19.25 31.17 9.19
CA TYR B 387 20.52 30.73 9.75
C TYR B 387 21.40 31.95 10.04
N HIS B 388 22.20 31.84 11.11
CA HIS B 388 23.03 32.97 11.51
C HIS B 388 24.04 33.35 10.45
N LYS B 389 24.48 32.39 9.64
CA LYS B 389 25.40 32.67 8.55
C LYS B 389 24.71 33.14 7.28
N TYR B 390 23.40 33.03 7.19
CA TYR B 390 22.68 33.53 6.03
C TYR B 390 22.86 35.05 5.97
N PRO B 391 23.06 35.61 4.78
CA PRO B 391 23.36 37.05 4.68
C PRO B 391 22.30 37.91 5.36
N MET B 392 22.76 38.87 6.15
CA MET B 392 21.85 39.74 6.88
C MET B 392 21.09 40.66 5.94
N PHE B 393 21.71 41.07 4.83
CA PHE B 393 21.00 41.89 3.85
C PHE B 393 19.83 41.13 3.24
N GLU B 394 20.05 39.87 2.88
CA GLU B 394 18.98 39.06 2.32
C GLU B 394 17.87 38.83 3.34
N ALA B 395 18.24 38.62 4.60
CA ALA B 395 17.24 38.44 5.65
C ALA B 395 16.42 39.71 5.84
N LEU B 396 17.07 40.88 5.83
CA LEU B 396 16.34 42.13 5.97
C LEU B 396 15.43 42.38 4.78
N HIS B 397 15.90 42.06 3.57
CA HIS B 397 15.04 42.19 2.40
C HIS B 397 13.84 41.26 2.48
N THR B 398 14.06 40.03 2.97
CA THR B 398 12.95 39.09 3.14
C THR B 398 11.95 39.61 4.17
N THR B 399 12.44 40.17 5.26
CA THR B 399 11.54 40.73 6.27
C THR B 399 10.74 41.90 5.71
N ASP B 400 11.40 42.79 4.97
CA ASP B 400 10.70 43.90 4.34
C ASP B 400 9.66 43.41 3.35
N TYR B 401 10.01 42.42 2.53
CA TYR B 401 9.07 41.86 1.58
C TYR B 401 7.86 41.28 2.30
N LEU B 402 8.11 40.44 3.31
CA LEU B 402 7.02 39.90 4.11
C LEU B 402 6.11 41.02 4.60
N LEU B 403 6.65 41.92 5.44
CA LEU B 403 5.82 42.96 6.05
C LEU B 403 5.06 43.75 5.00
N GLU B 404 5.77 44.48 4.15
CA GLU B 404 5.11 45.36 3.18
C GLU B 404 4.21 44.59 2.24
N MET B 405 4.79 43.65 1.47
CA MET B 405 4.07 43.07 0.35
C MET B 405 2.95 42.15 0.81
N VAL B 406 3.20 41.30 1.81
CA VAL B 406 2.19 40.35 2.25
C VAL B 406 1.39 40.88 3.43
N ALA B 407 2.07 41.31 4.49
CA ALA B 407 1.37 41.69 5.72
C ALA B 407 0.54 42.94 5.53
N LYS B 408 1.07 43.90 4.77
CA LYS B 408 0.32 45.12 4.45
C LYS B 408 -0.46 44.99 3.15
N ASP B 409 -0.46 43.80 2.54
CA ASP B 409 -1.19 43.55 1.30
C ASP B 409 -0.78 44.51 0.19
N ASN B 410 0.49 44.90 0.18
CA ASN B 410 0.97 45.81 -0.84
C ASN B 410 1.21 45.13 -2.18
N LEU B 411 1.15 43.80 -2.25
CA LEU B 411 1.20 43.12 -3.53
C LEU B 411 -0.06 43.43 -4.35
N PHE B 412 -1.23 43.27 -3.71
CA PHE B 412 -2.48 43.61 -4.35
C PHE B 412 -2.51 45.07 -4.80
N LYS B 413 -2.18 45.98 -3.87
CA LYS B 413 -2.22 47.41 -4.18
C LYS B 413 -1.20 47.78 -5.24
N TYR B 414 0.02 47.23 -5.16
CA TYR B 414 1.06 47.57 -6.12
C TYR B 414 0.70 47.07 -7.52
N THR B 415 0.23 45.84 -7.62
CA THR B 415 -0.17 45.32 -8.92
C THR B 415 -1.32 46.11 -9.51
N LEU B 416 -2.30 46.49 -8.67
CA LEU B 416 -3.41 47.29 -9.17
C LEU B 416 -2.95 48.67 -9.61
N SER B 417 -2.06 49.31 -8.84
CA SER B 417 -1.64 50.67 -9.14
C SER B 417 -0.70 50.75 -10.33
N ASN B 418 0.14 49.74 -10.54
CA ASN B 418 0.99 49.73 -11.72
C ASN B 418 0.17 49.66 -13.00
N LYS B 419 -0.99 49.04 -12.94
CA LYS B 419 -1.91 48.98 -14.08
C LYS B 419 -3.02 50.01 -14.01
N ASN B 420 -3.01 50.87 -12.98
CA ASN B 420 -3.94 51.99 -12.86
C ASN B 420 -5.39 51.52 -12.81
N ILE B 421 -5.65 50.51 -11.98
CA ILE B 421 -7.01 50.01 -11.80
C ILE B 421 -7.34 49.96 -10.31
N LEU B 422 -6.74 50.87 -9.53
CA LEU B 422 -6.95 50.86 -8.08
C LEU B 422 -8.40 51.16 -7.73
N ASN B 423 -8.99 52.17 -8.35
CA ASN B 423 -10.39 52.54 -8.17
C ASN B 423 -10.69 52.74 -6.68
N GLU B 424 -11.93 52.52 -6.28
CA GLU B 424 -12.34 52.60 -4.88
C GLU B 424 -12.98 51.31 -4.37
N ASN B 425 -13.79 50.64 -5.22
CA ASN B 425 -14.33 49.35 -4.83
C ASN B 425 -13.21 48.33 -4.64
N MET B 426 -12.18 48.38 -5.49
CA MET B 426 -11.01 47.54 -5.27
C MET B 426 -10.24 47.96 -4.02
N LYS B 427 -10.20 49.26 -3.74
CA LYS B 427 -9.57 49.74 -2.52
C LYS B 427 -10.32 49.27 -1.27
N ARG B 428 -11.60 48.92 -1.42
CA ARG B 428 -12.35 48.34 -0.31
C ARG B 428 -11.82 46.96 0.10
N PHE B 429 -10.96 46.34 -0.70
CA PHE B 429 -10.48 45.00 -0.45
C PHE B 429 -9.04 44.98 0.07
N ILE B 430 -8.56 46.09 0.62
CA ILE B 430 -7.22 46.13 1.19
C ILE B 430 -7.27 45.54 2.59
N LEU B 431 -6.46 44.52 2.84
CA LEU B 431 -6.49 43.78 4.10
C LEU B 431 -5.29 44.15 4.95
N LYS B 432 -5.56 44.51 6.20
CA LYS B 432 -4.55 44.87 7.18
C LYS B 432 -4.59 43.87 8.34
N ASN B 433 -3.81 44.15 9.38
CA ASN B 433 -3.75 43.33 10.58
C ASN B 433 -3.34 41.89 10.25
N LYS B 434 -2.15 41.77 9.64
CA LYS B 434 -1.65 40.50 9.17
C LYS B 434 -0.28 40.22 9.76
N LEU B 435 0.04 38.93 9.88
CA LEU B 435 1.33 38.47 10.38
C LEU B 435 1.98 37.63 9.29
N ALA B 436 3.11 38.10 8.76
CA ALA B 436 3.86 37.39 7.75
C ALA B 436 5.08 36.75 8.39
N PHE B 437 5.24 35.45 8.19
CA PHE B 437 6.29 34.69 8.86
C PHE B 437 6.94 33.74 7.87
N SER B 438 8.26 33.68 7.91
CA SER B 438 9.04 32.81 7.03
C SER B 438 10.23 32.27 7.79
N LEU B 439 10.45 30.96 7.67
CA LEU B 439 11.58 30.29 8.30
C LEU B 439 12.33 29.53 7.22
N GLN B 440 13.56 29.96 6.94
CA GLN B 440 14.41 29.31 5.94
C GLN B 440 15.49 28.52 6.67
N LYS B 441 15.54 27.22 6.41
CA LYS B 441 16.47 26.34 7.10
C LYS B 441 17.86 26.52 6.51
N HIS B 442 18.82 25.72 6.98
CA HIS B 442 20.16 25.74 6.41
C HIS B 442 20.20 25.11 5.03
N SER B 443 19.21 24.28 4.69
CA SER B 443 19.12 23.66 3.37
C SER B 443 18.16 24.40 2.44
N GLY B 444 17.67 25.56 2.85
CA GLY B 444 16.73 26.31 2.03
C GLY B 444 15.38 25.65 1.84
N GLN B 445 14.80 25.11 2.91
CA GLN B 445 13.48 24.50 2.80
C GLN B 445 12.37 25.54 2.86
N ILE B 446 12.63 26.68 3.50
CA ILE B 446 11.75 27.84 3.66
C ILE B 446 10.27 27.48 3.86
N TYR B 447 9.80 27.61 5.10
CA TYR B 447 8.38 27.54 5.41
C TYR B 447 7.86 28.96 5.60
N HIS B 448 6.83 29.32 4.86
CA HIS B 448 6.26 30.66 4.93
C HIS B 448 4.74 30.57 5.03
N THR B 449 4.16 31.51 5.77
CA THR B 449 2.71 31.60 5.89
C THR B 449 2.34 33.01 6.31
N ALA B 450 1.05 33.32 6.16
CA ALA B 450 0.48 34.59 6.58
C ALA B 450 -0.80 34.33 7.36
N MET B 451 -1.06 35.16 8.37
CA MET B 451 -2.22 35.01 9.21
C MET B 451 -2.80 36.38 9.54
N SER B 452 -4.09 36.40 9.87
CA SER B 452 -4.78 37.61 10.27
C SER B 452 -4.89 37.63 11.79
N LYS B 453 -4.45 38.73 12.40
CA LYS B 453 -4.50 38.89 13.84
C LYS B 453 -5.84 39.43 14.32
N LYS B 454 -6.81 39.56 13.43
CA LYS B 454 -8.11 40.13 13.80
C LYS B 454 -8.93 39.16 14.64
N GLY B 455 -8.97 37.88 14.24
CA GLY B 455 -9.87 36.92 14.82
C GLY B 455 -9.20 35.97 15.80
N LYS B 456 -9.98 34.96 16.19
CA LYS B 456 -9.53 33.96 17.16
C LYS B 456 -8.56 32.96 16.56
N SER B 457 -8.34 32.99 15.24
CA SER B 457 -7.34 32.10 14.64
C SER B 457 -5.95 32.40 15.17
N TYR B 458 -5.61 33.68 15.33
CA TYR B 458 -4.32 34.04 15.90
C TYR B 458 -4.17 33.52 17.33
N VAL B 459 -5.23 33.67 18.13
CA VAL B 459 -5.20 33.19 19.51
C VAL B 459 -5.00 31.68 19.54
N LYS B 460 -5.73 30.95 18.70
CA LYS B 460 -5.60 29.49 18.68
C LYS B 460 -4.22 29.07 18.18
N PHE B 461 -3.66 29.80 17.21
CA PHE B 461 -2.32 29.52 16.73
C PHE B 461 -1.29 29.69 17.85
N ASN B 462 -1.40 30.80 18.60
CA ASN B 462 -0.48 31.02 19.71
C ASN B 462 -0.65 29.95 20.78
N MET B 463 -1.89 29.55 21.08
CA MET B 463 -2.12 28.53 22.09
C MET B 463 -1.56 27.18 21.64
N LEU B 464 -1.70 26.85 20.36
CA LEU B 464 -1.14 25.61 19.84
C LEU B 464 0.39 25.62 19.96
N LEU B 465 1.02 26.74 19.60
CA LEU B 465 2.46 26.84 19.74
C LEU B 465 2.89 26.69 21.20
N GLN B 466 2.16 27.33 22.11
CA GLN B 466 2.51 27.22 23.53
C GLN B 466 2.31 25.80 24.04
N LYS B 467 1.25 25.12 23.58
CA LYS B 467 0.93 23.80 24.10
C LYS B 467 1.93 22.75 23.63
N TYR B 468 2.24 22.75 22.34
CA TYR B 468 2.96 21.62 21.75
C TYR B 468 4.44 21.90 21.50
N ILE B 469 4.99 22.95 22.10
CA ILE B 469 6.41 23.22 22.04
C ILE B 469 7.05 22.82 23.35
N LEU B 470 8.08 21.99 23.29
CA LEU B 470 8.71 21.44 24.48
C LEU B 470 9.41 22.54 25.27
N LYS B 471 9.24 22.51 26.59
CA LYS B 471 10.02 23.33 27.49
C LYS B 471 11.25 22.57 27.95
N ASN B 472 12.23 23.31 28.46
CA ASN B 472 13.48 22.72 28.90
C ASN B 472 13.25 21.80 30.09
N LYS B 473 14.20 20.90 30.32
CA LYS B 473 14.07 19.90 31.38
C LYS B 473 13.94 20.58 32.73
N ASP B 474 12.98 20.11 33.53
CA ASP B 474 12.73 20.68 34.85
C ASP B 474 13.63 20.06 35.90
N GLN B 479 4.91 18.95 34.67
CA GLN B 479 6.19 18.29 34.47
C GLN B 479 6.22 17.52 33.16
N GLU B 480 5.07 17.47 32.49
CA GLU B 480 4.94 16.74 31.23
C GLU B 480 4.25 17.63 30.20
N SER B 481 4.58 17.37 28.93
CA SER B 481 4.04 18.13 27.82
C SER B 481 2.90 17.34 27.16
N GLU B 482 2.43 17.83 26.01
CA GLU B 482 1.25 17.27 25.36
C GLU B 482 1.60 16.34 24.20
N LYS B 483 2.86 15.96 24.05
CA LYS B 483 3.28 14.87 23.15
C LYS B 483 2.87 15.16 21.70
N PHE B 484 3.53 16.16 21.13
CA PHE B 484 3.35 16.47 19.72
C PHE B 484 3.67 15.27 18.84
N LEU B 485 2.85 15.06 17.81
CA LEU B 485 3.01 13.97 16.86
C LEU B 485 3.44 14.52 15.51
N SER B 486 4.52 13.98 14.97
CA SER B 486 5.09 14.50 13.73
C SER B 486 4.47 13.89 12.47
N SER B 487 3.71 12.79 12.60
CA SER B 487 3.11 12.18 11.42
C SER B 487 2.00 13.03 10.83
N VAL B 488 1.37 13.90 11.63
CA VAL B 488 0.31 14.75 11.12
C VAL B 488 0.85 15.80 10.15
N ILE B 489 2.13 16.14 10.24
CA ILE B 489 2.72 17.13 9.34
C ILE B 489 2.67 16.65 7.90
N GLN B 490 3.08 15.40 7.67
CA GLN B 490 3.09 14.85 6.33
C GLN B 490 1.70 14.46 5.86
N MET B 491 0.81 14.11 6.79
CA MET B 491 -0.57 13.79 6.43
C MET B 491 -1.28 15.00 5.84
N ILE B 492 -1.10 16.17 6.46
CA ILE B 492 -1.77 17.38 5.97
C ILE B 492 -1.25 17.76 4.59
N ARG B 493 0.07 17.65 4.39
CA ARG B 493 0.64 17.95 3.08
C ARG B 493 0.12 17.00 2.00
N ALA B 494 0.09 15.71 2.31
CA ALA B 494 -0.31 14.72 1.31
C ALA B 494 -1.81 14.77 1.04
N HIS B 495 -2.61 15.03 2.08
CA HIS B 495 -4.06 15.04 1.96
C HIS B 495 -4.62 16.45 1.82
N ALA B 496 -3.83 17.38 1.29
CA ALA B 496 -4.23 18.78 1.25
C ALA B 496 -5.46 18.98 0.37
N GLU B 497 -5.53 18.31 -0.78
CA GLU B 497 -6.68 18.49 -1.67
C GLU B 497 -7.95 17.90 -1.06
N ILE B 498 -7.82 16.76 -0.36
CA ILE B 498 -8.97 16.19 0.33
C ILE B 498 -9.44 17.10 1.44
N LEU B 499 -8.50 17.73 2.16
CA LEU B 499 -8.86 18.69 3.19
C LEU B 499 -9.54 19.90 2.58
N GLN B 500 -9.12 20.32 1.39
CA GLN B 500 -9.81 21.40 0.69
C GLN B 500 -11.25 21.01 0.35
N ILE B 501 -11.44 19.78 -0.13
CA ILE B 501 -12.79 19.29 -0.42
C ILE B 501 -13.64 19.30 0.84
N ILE B 502 -13.07 18.85 1.96
CA ILE B 502 -13.80 18.84 3.22
C ILE B 502 -14.16 20.25 3.66
N LEU B 503 -13.21 21.18 3.54
CA LEU B 503 -13.44 22.55 3.97
C LEU B 503 -14.49 23.24 3.11
N GLN B 504 -14.56 22.91 1.82
CA GLN B 504 -15.55 23.53 0.95
C GLN B 504 -16.97 23.05 1.23
N ASN B 505 -17.14 21.99 2.00
CA ASN B 505 -18.48 21.50 2.38
C ASN B 505 -18.97 22.32 3.57
N GLU B 506 -19.93 23.20 3.33
CA GLU B 506 -20.30 24.17 4.35
C GLU B 506 -21.09 23.54 5.49
N ASP B 507 -22.03 22.65 5.19
CA ASP B 507 -22.93 22.16 6.22
C ASP B 507 -22.23 21.18 7.16
N LYS B 508 -21.41 20.29 6.62
CA LYS B 508 -20.80 19.22 7.40
C LYS B 508 -19.28 19.36 7.53
N ARG B 509 -18.79 20.60 7.58
CA ARG B 509 -17.34 20.82 7.56
C ARG B 509 -16.66 20.23 8.79
N THR B 510 -17.14 20.58 9.99
CA THR B 510 -16.47 20.13 11.21
C THR B 510 -16.61 18.63 11.39
N GLU B 511 -17.80 18.09 11.12
CA GLU B 511 -18.00 16.65 11.23
C GLU B 511 -17.12 15.90 10.25
N MET B 512 -17.04 16.37 9.01
CA MET B 512 -16.21 15.71 8.01
C MET B 512 -14.73 15.77 8.39
N LEU B 513 -14.28 16.91 8.90
CA LEU B 513 -12.88 17.02 9.32
C LEU B 513 -12.57 16.07 10.47
N LYS B 514 -13.45 16.02 11.47
CA LYS B 514 -13.23 15.12 12.60
C LYS B 514 -13.25 13.67 12.15
N ASN B 515 -14.19 13.31 11.28
CA ASN B 515 -14.26 11.94 10.78
C ASN B 515 -13.01 11.58 10.00
N TYR B 516 -12.53 12.49 9.15
CA TYR B 516 -11.34 12.22 8.36
C TYR B 516 -10.12 12.00 9.26
N PHE B 517 -9.95 12.86 10.26
CA PHE B 517 -8.80 12.71 11.15
C PHE B 517 -8.90 11.44 11.99
N ASP B 518 -10.13 11.08 12.41
CA ASP B 518 -10.31 9.85 13.17
C ASP B 518 -10.04 8.62 12.31
N ASN B 519 -10.49 8.64 11.06
CA ASN B 519 -10.36 7.48 10.18
C ASN B 519 -8.94 7.30 9.68
N ASN B 520 -8.19 8.39 9.50
CA ASN B 520 -6.80 8.26 9.08
C ASN B 520 -5.91 7.86 10.25
N PHE B 521 -6.07 8.51 11.39
CA PHE B 521 -5.29 8.19 12.59
C PHE B 521 -6.11 7.29 13.52
N ASN B 522 -6.28 6.04 13.11
CA ASN B 522 -7.17 5.10 13.78
C ASN B 522 -6.41 3.98 14.48
N GLU B 523 -5.21 4.27 14.99
CA GLU B 523 -4.40 3.27 15.66
C GLU B 523 -4.38 3.51 17.16
N SER B 524 -3.80 2.55 17.88
CA SER B 524 -3.78 2.60 19.34
C SER B 524 -2.96 3.78 19.85
N CYS B 525 -1.86 4.09 19.18
CA CYS B 525 -0.99 5.18 19.64
C CYS B 525 -1.69 6.52 19.58
N HIS B 526 -2.63 6.69 18.64
CA HIS B 526 -3.26 7.98 18.39
C HIS B 526 -4.24 8.40 19.48
N LEU B 527 -4.51 7.54 20.46
CA LEU B 527 -5.39 7.93 21.55
C LEU B 527 -4.82 9.06 22.38
N GLY B 528 -3.49 9.20 22.40
CA GLY B 528 -2.85 10.28 23.12
C GLY B 528 -2.74 11.58 22.36
N TYR B 529 -3.15 11.61 21.09
CA TYR B 529 -3.02 12.79 20.24
C TYR B 529 -4.37 13.37 19.86
N THR B 530 -5.43 12.99 20.58
CA THR B 530 -6.76 13.53 20.29
C THR B 530 -6.81 15.03 20.52
N GLY B 531 -6.11 15.52 21.54
CA GLY B 531 -6.04 16.95 21.77
C GLY B 531 -5.39 17.69 20.62
N LEU B 532 -4.27 17.16 20.12
CA LEU B 532 -3.61 17.77 18.96
C LEU B 532 -4.52 17.77 17.75
N PHE B 533 -5.20 16.66 17.48
CA PHE B 533 -6.10 16.58 16.34
C PHE B 533 -7.23 17.61 16.46
N GLU B 534 -7.83 17.70 17.65
CA GLU B 534 -8.92 18.66 17.85
C GLU B 534 -8.45 20.09 17.70
N ASP B 535 -7.26 20.39 18.26
CA ASP B 535 -6.74 21.76 18.17
C ASP B 535 -6.47 22.14 16.72
N ILE B 536 -5.85 21.25 15.95
CA ILE B 536 -5.55 21.59 14.56
C ILE B 536 -6.84 21.67 13.74
N GLN B 537 -7.85 20.85 14.06
CA GLN B 537 -9.13 20.96 13.38
C GLN B 537 -9.78 22.33 13.63
N THR B 538 -9.79 22.76 14.89
CA THR B 538 -10.36 24.05 15.22
C THR B 538 -9.61 25.18 14.52
N LEU B 539 -8.28 25.12 14.53
CA LEU B 539 -7.50 26.17 13.88
C LEU B 539 -7.75 26.19 12.38
N LEU B 540 -7.83 25.01 11.75
CA LEU B 540 -8.11 24.94 10.33
C LEU B 540 -9.47 25.54 9.99
N CYS B 541 -10.49 25.20 10.77
CA CYS B 541 -11.82 25.73 10.49
C CYS B 541 -11.87 27.25 10.67
N LEU B 542 -11.26 27.75 11.75
CA LEU B 542 -11.24 29.19 11.98
C LEU B 542 -10.50 29.92 10.87
N ARG B 543 -9.34 29.38 10.46
CA ARG B 543 -8.57 30.01 9.39
C ARG B 543 -9.34 30.00 8.08
N TYR B 544 -10.03 28.90 7.76
CA TYR B 544 -10.80 28.87 6.52
C TYR B 544 -11.94 29.87 6.55
N GLN B 545 -12.63 29.99 7.67
CA GLN B 545 -13.72 30.96 7.76
C GLN B 545 -13.20 32.39 7.62
N GLU B 546 -12.10 32.70 8.31
CA GLU B 546 -11.52 34.04 8.16
C GLU B 546 -11.06 34.29 6.73
N ASN B 547 -10.46 33.27 6.10
CA ASN B 547 -9.96 33.42 4.75
C ASN B 547 -11.09 33.66 3.75
N ILE B 548 -12.20 32.92 3.86
CA ILE B 548 -13.30 33.15 2.94
C ILE B 548 -13.88 34.54 3.16
N GLN B 549 -14.11 34.92 4.44
CA GLN B 549 -14.63 36.24 4.74
C GLN B 549 -13.76 37.34 4.14
N ASP B 550 -12.43 37.18 4.23
CA ASP B 550 -11.52 38.22 3.76
C ASP B 550 -11.38 38.23 2.24
N TYR B 551 -11.40 37.07 1.60
CA TYR B 551 -10.88 36.94 0.25
C TYR B 551 -11.89 36.52 -0.82
N GLN B 552 -13.12 36.12 -0.46
CA GLN B 552 -14.01 35.56 -1.48
C GLN B 552 -14.36 36.59 -2.54
N ASN B 553 -15.01 37.68 -2.13
CA ASN B 553 -15.41 38.71 -3.08
C ASN B 553 -14.20 39.32 -3.79
N ARG B 554 -13.07 39.40 -3.09
CA ARG B 554 -11.84 39.89 -3.72
C ARG B 554 -11.44 38.99 -4.88
N ASN B 555 -11.50 37.67 -4.67
CA ASN B 555 -11.17 36.74 -5.75
C ASN B 555 -12.14 36.86 -6.91
N GLU B 556 -13.45 36.96 -6.61
CA GLU B 556 -14.42 37.08 -7.70
C GLU B 556 -14.18 38.34 -8.52
N ILE B 557 -13.97 39.47 -7.85
CA ILE B 557 -13.77 40.72 -8.57
C ILE B 557 -12.45 40.72 -9.34
N ILE B 558 -11.40 40.11 -8.77
CA ILE B 558 -10.13 40.01 -9.48
C ILE B 558 -10.29 39.19 -10.75
N GLN B 559 -10.99 38.06 -10.66
CA GLN B 559 -11.21 37.24 -11.84
C GLN B 559 -12.07 37.96 -12.87
N GLN B 560 -13.08 38.70 -12.42
CA GLN B 560 -13.94 39.43 -13.33
C GLN B 560 -13.25 40.62 -13.98
N ASN B 561 -12.10 41.04 -13.46
CA ASN B 561 -11.37 42.15 -14.07
C ASN B 561 -10.79 41.72 -15.42
N THR B 562 -10.83 42.64 -16.39
CA THR B 562 -10.36 42.34 -17.74
C THR B 562 -8.98 42.87 -18.03
N ILE B 563 -8.51 43.90 -17.31
CA ILE B 563 -7.20 44.47 -17.59
C ILE B 563 -6.09 43.51 -17.18
N LEU B 564 -6.23 42.88 -16.01
CA LEU B 564 -5.15 42.10 -15.44
C LEU B 564 -4.86 40.86 -16.28
N THR B 565 -3.58 40.54 -16.41
CA THR B 565 -3.16 39.33 -17.10
C THR B 565 -3.44 38.10 -16.23
N SER B 566 -3.43 36.93 -16.89
CA SER B 566 -3.71 35.68 -16.19
C SER B 566 -2.67 35.39 -15.12
N ASP B 567 -1.39 35.63 -15.42
CA ASP B 567 -0.33 35.37 -14.43
C ASP B 567 -0.48 36.29 -13.22
N GLU B 568 -0.73 37.59 -13.47
CA GLU B 568 -0.94 38.50 -12.36
C GLU B 568 -2.22 38.18 -11.61
N LYS B 569 -3.26 37.72 -12.31
CA LYS B 569 -4.48 37.28 -11.64
C LYS B 569 -4.20 36.12 -10.70
N GLU B 570 -3.42 35.14 -11.15
CA GLU B 570 -3.13 33.98 -10.32
C GLU B 570 -2.18 34.34 -9.17
N ILE B 571 -1.33 35.35 -9.36
CA ILE B 571 -0.51 35.83 -8.26
C ILE B 571 -1.37 36.55 -7.22
N LEU B 572 -2.35 37.34 -7.68
CA LEU B 572 -3.21 38.08 -6.78
C LEU B 572 -4.26 37.20 -6.10
N ILE B 573 -4.74 36.18 -6.81
CA ILE B 573 -5.79 35.32 -6.27
C ILE B 573 -5.17 34.34 -5.28
N VAL B 574 -5.78 34.22 -4.11
CA VAL B 574 -5.35 33.28 -3.08
C VAL B 574 -6.53 32.37 -2.75
N SER B 575 -6.26 31.07 -2.66
CA SER B 575 -7.30 30.11 -2.33
C SER B 575 -7.48 30.05 -0.82
N PRO B 576 -8.69 30.29 -0.30
CA PRO B 576 -8.86 30.30 1.17
C PRO B 576 -8.51 28.99 1.84
N ALA B 577 -9.05 27.88 1.32
CA ALA B 577 -8.83 26.58 1.95
C ALA B 577 -7.35 26.19 1.93
N MET B 578 -6.72 26.35 0.77
CA MET B 578 -5.31 25.98 0.67
C MET B 578 -4.43 26.90 1.50
N ASP B 579 -4.78 28.18 1.59
CA ASP B 579 -4.03 29.09 2.46
C ASP B 579 -4.12 28.67 3.92
N ALA B 580 -5.33 28.29 4.36
CA ALA B 580 -5.49 27.82 5.74
C ALA B 580 -4.71 26.55 5.98
N ILE B 581 -4.76 25.62 5.03
CA ILE B 581 -4.01 24.36 5.15
C ILE B 581 -2.51 24.65 5.24
N HIS B 582 -2.02 25.58 4.42
CA HIS B 582 -0.60 25.94 4.46
C HIS B 582 -0.24 26.58 5.79
N THR B 583 -1.15 27.38 6.36
CA THR B 583 -0.89 27.98 7.67
C THR B 583 -0.77 26.90 8.74
N ILE B 584 -1.66 25.91 8.72
CA ILE B 584 -1.58 24.81 9.68
C ILE B 584 -0.27 24.03 9.48
N PHE B 585 0.07 23.76 8.23
CA PHE B 585 1.29 23.04 7.91
C PHE B 585 2.52 23.77 8.43
N THR B 586 2.57 25.09 8.22
CA THR B 586 3.72 25.88 8.65
C THR B 586 3.80 25.94 10.17
N ALA B 587 2.65 26.05 10.85
CA ALA B 587 2.65 26.04 12.31
C ALA B 587 3.19 24.73 12.84
N LEU B 588 2.73 23.60 12.29
CA LEU B 588 3.22 22.30 12.74
C LEU B 588 4.70 22.13 12.43
N GLN B 589 5.15 22.62 11.27
CA GLN B 589 6.57 22.54 10.95
C GLN B 589 7.42 23.35 11.91
N PHE B 590 6.93 24.54 12.30
CA PHE B 590 7.65 25.33 13.29
C PHE B 590 7.71 24.62 14.64
N ILE B 591 6.60 24.00 15.04
CA ILE B 591 6.59 23.25 16.29
C ILE B 591 7.62 22.14 16.26
N HIS B 592 7.63 21.36 15.17
CA HIS B 592 8.58 20.26 15.05
C HIS B 592 10.02 20.76 15.00
N PHE B 593 10.25 21.87 14.30
CA PHE B 593 11.59 22.43 14.21
C PHE B 593 12.11 22.86 15.57
N ILE B 594 11.25 23.46 16.39
CA ILE B 594 11.66 23.84 17.73
C ILE B 594 11.88 22.60 18.59
N ASN B 595 11.04 21.58 18.43
CA ASN B 595 11.04 20.44 19.33
C ASN B 595 12.20 19.47 19.07
N TYR B 596 12.58 19.28 17.82
CA TYR B 596 13.50 18.21 17.46
C TYR B 596 14.95 18.63 17.64
N ASN B 597 15.76 17.71 18.15
CA ASN B 597 17.20 17.90 18.29
C ASN B 597 17.92 16.64 17.80
N LYS B 598 18.96 16.83 17.00
CA LYS B 598 19.78 15.71 16.53
C LYS B 598 20.74 15.32 17.65
N ASP B 599 20.34 14.31 18.41
CA ASP B 599 21.14 13.84 19.54
C ASP B 599 22.40 13.15 19.06
N MET C 45 36.84 61.54 -43.91
CA MET C 45 37.78 62.18 -42.99
C MET C 45 37.35 61.95 -41.54
N ASN C 46 36.04 61.93 -41.31
CA ASN C 46 35.46 61.66 -40.00
C ASN C 46 34.19 60.85 -40.24
N ARG C 47 34.32 59.53 -40.24
CA ARG C 47 33.20 58.65 -40.54
C ARG C 47 32.49 58.24 -39.25
N HIS C 48 31.17 58.27 -39.30
CA HIS C 48 30.33 57.96 -38.15
C HIS C 48 29.61 56.65 -38.37
N TYR C 49 29.65 55.77 -37.38
CA TYR C 49 29.02 54.46 -37.44
C TYR C 49 27.97 54.35 -36.35
N LEU C 50 27.00 53.46 -36.58
CA LEU C 50 26.06 53.05 -35.55
C LEU C 50 26.32 51.58 -35.23
N ILE C 51 26.57 51.29 -33.96
CA ILE C 51 26.94 49.96 -33.51
C ILE C 51 25.80 49.41 -32.66
N THR C 52 25.23 48.28 -33.08
CA THR C 52 24.19 47.61 -32.32
C THR C 52 24.77 46.35 -31.70
N LEU C 53 24.51 46.15 -30.42
CA LEU C 53 25.00 45.00 -29.67
C LEU C 53 23.82 44.08 -29.36
N THR C 54 23.92 42.84 -29.80
CA THR C 54 22.89 41.84 -29.55
C THR C 54 23.39 40.84 -28.52
N PRO C 55 22.75 40.71 -27.37
CA PRO C 55 23.21 39.75 -26.35
C PRO C 55 22.96 38.32 -26.81
N MET C 56 24.05 37.58 -27.03
CA MET C 56 23.93 36.19 -27.45
C MET C 56 23.74 35.24 -26.27
N ASP C 57 23.96 35.71 -25.05
CA ASP C 57 23.77 34.89 -23.85
C ASP C 57 23.40 35.82 -22.70
N TRP C 58 23.45 35.28 -21.48
CA TRP C 58 23.26 36.12 -20.30
C TRP C 58 24.49 36.97 -20.09
N PHE C 59 24.28 38.27 -19.85
CA PHE C 59 25.39 39.19 -19.66
C PHE C 59 25.42 39.70 -18.22
N PHE C 60 26.60 40.17 -17.82
CA PHE C 60 26.82 40.66 -16.45
C PHE C 60 27.70 41.89 -16.54
N PHE C 61 27.20 43.01 -16.02
CA PHE C 61 27.96 44.24 -15.93
C PHE C 61 28.30 44.50 -14.46
N GLY C 62 29.58 44.69 -14.18
CA GLY C 62 30.06 44.75 -12.82
C GLY C 62 29.59 45.97 -12.05
N GLY C 63 29.49 45.81 -10.73
CA GLY C 63 29.12 46.89 -9.83
C GLY C 63 30.31 47.34 -9.01
N GLU C 64 30.01 47.96 -7.87
CA GLU C 64 31.05 48.49 -7.00
C GLU C 64 31.92 47.38 -6.41
N ARG C 65 31.43 46.13 -6.50
CA ARG C 65 32.11 44.92 -6.04
C ARG C 65 32.12 44.84 -4.51
N THR C 66 31.76 45.95 -3.86
CA THR C 66 31.76 46.03 -2.41
C THR C 66 31.12 47.32 -1.92
N LEU C 67 30.51 47.26 -0.75
CA LEU C 67 30.08 48.45 -0.02
C LEU C 67 31.18 49.00 0.87
N ASP C 68 32.37 48.39 0.81
CA ASP C 68 33.55 48.82 1.54
C ASP C 68 34.80 48.51 0.74
N ASP C 69 35.97 48.49 1.38
CA ASP C 69 37.18 48.07 0.67
C ASP C 69 38.08 47.22 1.55
N GLY C 70 39.29 46.96 1.09
CA GLY C 70 40.21 46.08 1.79
C GLY C 70 40.48 44.82 0.99
N LYS C 71 40.02 43.68 1.51
CA LYS C 71 40.11 42.42 0.78
C LYS C 71 38.75 41.78 0.53
N SER C 72 37.68 42.32 1.11
CA SER C 72 36.37 41.68 1.01
C SER C 72 35.84 41.73 -0.41
N ALA C 73 35.24 40.61 -0.84
CA ALA C 73 34.49 40.54 -2.07
C ALA C 73 32.99 40.62 -1.73
N ASP C 74 32.08 40.48 -2.68
CA ASP C 74 30.66 40.49 -2.35
C ASP C 74 30.08 39.12 -2.66
N TYR C 75 29.46 38.52 -1.63
CA TYR C 75 28.87 37.19 -1.81
C TYR C 75 27.76 37.23 -2.85
N ILE C 76 26.92 38.26 -2.81
CA ILE C 76 25.94 38.51 -3.86
C ILE C 76 26.51 39.56 -4.80
N SER C 77 26.81 39.17 -6.03
CA SER C 77 27.26 40.10 -7.05
C SER C 77 26.09 40.46 -7.96
N HIS C 78 25.76 41.75 -8.00
CA HIS C 78 24.62 42.24 -8.75
C HIS C 78 25.08 42.82 -10.08
N SER C 79 24.21 42.72 -11.08
CA SER C 79 24.53 43.12 -12.44
C SER C 79 23.89 44.46 -12.75
N ASN C 80 24.71 45.41 -13.19
CA ASN C 80 24.17 46.67 -13.69
C ASN C 80 23.45 46.45 -15.00
N LYS C 81 22.35 47.17 -15.20
CA LYS C 81 21.58 47.02 -16.43
C LYS C 81 22.34 47.55 -17.64
N PHE C 82 23.25 48.50 -17.42
CA PHE C 82 24.01 49.11 -18.49
C PHE C 82 25.49 49.02 -18.17
N PRO C 83 26.35 48.93 -19.19
CA PRO C 83 27.79 49.06 -18.96
C PRO C 83 28.21 50.52 -18.88
N GLN C 84 29.37 50.74 -18.29
CA GLN C 84 29.93 52.07 -18.26
C GLN C 84 30.45 52.45 -19.65
N GLN C 85 30.47 53.75 -19.92
CA GLN C 85 31.01 54.22 -21.19
C GLN C 85 32.48 53.83 -21.34
N SER C 86 33.17 53.65 -20.22
CA SER C 86 34.53 53.13 -20.26
C SER C 86 34.57 51.74 -20.87
N ALA C 87 33.57 50.91 -20.55
CA ALA C 87 33.50 49.58 -21.14
C ALA C 87 33.31 49.66 -22.65
N LEU C 88 32.45 50.57 -23.11
CA LEU C 88 32.24 50.74 -24.55
C LEU C 88 33.52 51.20 -25.23
N LEU C 89 34.20 52.18 -24.64
CA LEU C 89 35.44 52.67 -25.23
C LEU C 89 36.51 51.58 -25.27
N GLY C 90 36.64 50.83 -24.19
CA GLY C 90 37.60 49.74 -24.16
C GLY C 90 37.27 48.65 -25.16
N MET C 91 35.98 48.36 -25.35
CA MET C 91 35.58 47.40 -26.37
C MET C 91 35.98 47.89 -27.77
N ILE C 92 35.78 49.18 -28.04
CA ILE C 92 36.17 49.73 -29.33
C ILE C 92 37.68 49.63 -29.51
N ARG C 93 38.45 49.99 -28.48
CA ARG C 93 39.91 49.91 -28.58
C ARG C 93 40.37 48.47 -28.80
N TYR C 94 39.79 47.52 -28.07
CA TYR C 94 40.17 46.12 -28.19
C TYR C 94 39.84 45.59 -29.59
N GLN C 95 38.67 45.95 -30.12
CA GLN C 95 38.31 45.48 -31.46
C GLN C 95 39.20 46.12 -32.52
N LEU C 96 39.57 47.39 -32.34
CA LEU C 96 40.50 48.02 -33.27
C LEU C 96 41.86 47.34 -33.23
N LEU C 97 42.33 46.98 -32.03
CA LEU C 97 43.58 46.25 -31.91
C LEU C 97 43.46 44.81 -32.40
N LYS C 98 42.24 44.29 -32.51
CA LYS C 98 42.07 42.97 -33.10
C LYS C 98 42.07 43.04 -34.62
N GLN C 99 41.49 44.11 -35.20
CA GLN C 99 41.48 44.26 -36.65
C GLN C 99 42.89 44.48 -37.17
N HIS C 100 43.62 45.42 -36.60
CA HIS C 100 45.05 45.58 -36.85
C HIS C 100 45.78 44.74 -35.82
N ASN C 101 46.34 43.62 -36.24
CA ASN C 101 46.71 42.54 -35.32
C ASN C 101 47.90 42.99 -34.47
N LEU C 102 47.57 43.76 -33.43
CA LEU C 102 48.53 44.25 -32.44
C LEU C 102 47.91 43.99 -31.07
N LEU C 103 48.17 42.81 -30.52
CA LEU C 103 47.55 42.38 -29.27
C LEU C 103 48.62 41.98 -28.29
N SER C 104 48.31 42.15 -27.00
CA SER C 104 49.22 41.77 -25.92
C SER C 104 48.97 40.32 -25.58
N GLN C 105 49.85 39.43 -26.05
CA GLN C 105 49.73 38.00 -25.83
C GLN C 105 50.87 37.53 -24.95
N PHE C 106 50.59 36.57 -24.06
CA PHE C 106 51.45 35.70 -23.25
C PHE C 106 52.57 36.43 -22.51
N PRO C 107 52.93 35.97 -21.28
CA PRO C 107 53.48 36.88 -20.25
C PRO C 107 53.61 38.35 -20.62
N TYR C 108 54.84 38.85 -20.80
CA TYR C 108 55.01 40.30 -20.89
C TYR C 108 56.07 40.62 -21.93
N THR C 109 55.86 41.73 -22.63
CA THR C 109 56.81 42.22 -23.63
C THR C 109 56.85 43.74 -23.65
N GLU C 110 57.54 44.32 -24.62
CA GLU C 110 57.69 45.78 -24.69
C GLU C 110 57.03 46.33 -25.95
N ASN C 111 56.70 45.44 -26.89
CA ASN C 111 55.87 45.76 -28.04
C ASN C 111 56.53 46.68 -29.07
N LYS C 112 57.84 46.54 -29.27
CA LYS C 112 58.50 47.05 -30.48
C LYS C 112 58.20 48.51 -30.75
N PRO C 113 58.87 49.45 -30.04
CA PRO C 113 58.39 50.85 -29.94
C PRO C 113 57.79 51.48 -31.19
N THR C 114 58.16 51.03 -32.39
CA THR C 114 57.41 51.46 -33.58
C THR C 114 55.96 50.98 -33.52
N GLU C 115 55.76 49.73 -33.09
CA GLU C 115 54.41 49.25 -32.83
C GLU C 115 53.76 50.02 -31.68
N LYS C 116 54.55 50.45 -30.70
CA LYS C 116 54.02 51.30 -29.64
C LYS C 116 53.47 52.61 -30.22
N GLU C 117 54.21 53.21 -31.15
CA GLU C 117 53.76 54.44 -31.78
C GLU C 117 52.51 54.22 -32.62
N ILE C 118 52.45 53.14 -33.39
CA ILE C 118 51.28 52.90 -34.23
C ILE C 118 50.06 52.61 -33.35
N MET C 119 50.27 51.90 -32.23
CA MET C 119 49.16 51.64 -31.32
C MET C 119 48.71 52.91 -30.61
N LYS C 120 49.66 53.80 -30.31
CA LYS C 120 49.30 55.09 -29.75
C LYS C 120 48.44 55.91 -30.72
N THR C 121 48.84 55.96 -31.99
CA THR C 121 48.05 56.75 -32.93
C THR C 121 46.77 56.04 -33.35
N LEU C 122 46.65 54.74 -33.07
CA LEU C 122 45.41 54.03 -33.35
C LEU C 122 44.38 54.19 -32.21
N ILE C 123 44.76 53.81 -30.99
CA ILE C 123 43.83 53.72 -29.88
C ILE C 123 44.11 54.75 -28.79
N GLY C 124 45.09 55.62 -29.00
CA GLY C 124 45.54 56.48 -27.93
C GLY C 124 46.59 55.79 -27.09
N GLU C 125 47.10 56.53 -26.10
CA GLU C 125 48.16 56.04 -25.23
C GLU C 125 47.71 55.81 -23.80
N GLN C 126 46.40 55.76 -23.57
CA GLN C 126 45.89 55.85 -22.21
C GLN C 126 44.42 55.46 -22.21
N SER C 127 43.96 54.91 -21.09
CA SER C 127 42.56 54.50 -20.97
C SER C 127 41.71 55.67 -20.51
N PHE C 128 40.41 55.42 -20.35
CA PHE C 128 39.50 56.45 -19.86
C PHE C 128 39.75 56.68 -18.37
N ARG C 129 40.09 57.91 -18.02
CA ARG C 129 40.21 58.35 -16.65
C ARG C 129 39.44 59.65 -16.48
N MET C 130 38.92 59.87 -15.28
CA MET C 130 38.20 61.10 -14.98
C MET C 130 39.12 62.23 -14.52
N THR C 131 40.43 61.98 -14.44
CA THR C 131 41.36 63.06 -14.16
C THR C 131 41.33 64.11 -15.27
N GLU C 132 41.30 63.67 -16.52
CA GLU C 132 41.18 64.58 -17.65
C GLU C 132 39.72 64.76 -18.06
N ARG C 133 38.86 65.11 -17.10
CA ARG C 133 37.44 65.25 -17.38
C ARG C 133 37.10 66.60 -18.00
N LYS C 134 38.00 67.57 -17.93
CA LYS C 134 37.80 68.87 -18.54
C LYS C 134 38.60 69.06 -19.82
N ALA C 135 39.30 68.02 -20.27
CA ALA C 135 40.08 68.11 -21.50
C ALA C 135 39.17 68.34 -22.70
N LYS C 136 39.63 69.18 -23.62
CA LYS C 136 38.83 69.52 -24.79
C LYS C 136 38.86 68.44 -25.86
N SER C 137 39.69 67.41 -25.69
CA SER C 137 39.77 66.32 -26.64
C SER C 137 39.72 64.99 -25.89
N LEU C 138 39.25 63.95 -26.57
CA LEU C 138 39.12 62.64 -25.95
C LEU C 138 40.48 62.05 -25.59
N GLY C 139 41.56 62.52 -26.22
CA GLY C 139 42.88 62.02 -25.91
C GLY C 139 43.17 60.63 -26.43
N LEU C 140 42.22 59.99 -27.09
CA LEU C 140 42.41 58.67 -27.65
C LEU C 140 42.96 58.79 -29.07
N GLY C 141 42.99 57.68 -29.80
CA GLY C 141 43.49 57.70 -31.15
C GLY C 141 42.42 58.07 -32.15
N VAL C 142 42.08 57.15 -33.04
CA VAL C 142 41.07 57.41 -34.07
C VAL C 142 39.67 57.55 -33.50
N ILE C 143 39.45 57.17 -32.24
CA ILE C 143 38.15 57.32 -31.61
C ILE C 143 37.97 58.78 -31.18
N LYS C 144 36.86 59.39 -31.59
CA LYS C 144 36.63 60.81 -31.35
C LYS C 144 35.41 61.06 -30.47
N GLN C 145 34.29 60.40 -30.76
CA GLN C 145 33.03 60.74 -30.10
C GLN C 145 32.16 59.50 -30.00
N ILE C 146 31.66 59.21 -28.80
CA ILE C 146 30.80 58.07 -28.55
C ILE C 146 29.51 58.54 -27.92
N SER C 147 28.38 58.13 -28.49
CA SER C 147 27.07 58.48 -27.98
C SER C 147 26.73 57.63 -26.75
N PRO C 148 25.87 58.13 -25.87
CA PRO C 148 25.39 57.31 -24.76
C PRO C 148 24.72 56.04 -25.27
N LEU C 149 24.93 54.94 -24.54
CA LEU C 149 24.37 53.67 -24.96
C LEU C 149 22.85 53.72 -24.93
N MET C 150 22.23 53.25 -26.00
CA MET C 150 20.80 53.34 -26.19
C MET C 150 20.16 51.96 -26.12
N LEU C 151 18.92 51.92 -25.65
CA LEU C 151 18.10 50.71 -25.67
C LEU C 151 17.18 50.81 -26.88
N ILE C 152 17.42 49.98 -27.89
CA ILE C 152 16.70 50.04 -29.14
C ILE C 152 15.82 48.79 -29.26
N GLU C 153 14.55 49.01 -29.59
CA GLU C 153 13.61 47.92 -29.84
C GLU C 153 13.49 47.71 -31.35
N CYS C 154 13.61 46.45 -31.76
CA CYS C 154 13.53 46.07 -33.17
C CYS C 154 12.27 45.23 -33.36
N LYS C 155 11.34 45.73 -34.16
CA LYS C 155 10.07 45.06 -34.37
C LYS C 155 10.18 44.04 -35.49
N ASP C 156 9.10 43.27 -35.67
CA ASP C 156 9.05 42.31 -36.77
C ASP C 156 9.17 43.01 -38.11
N ASP C 157 8.44 44.11 -38.28
CA ASP C 157 8.61 44.95 -39.45
C ASP C 157 9.89 45.79 -39.41
N THR C 158 11.01 45.12 -39.69
CA THR C 158 12.33 45.68 -39.43
C THR C 158 12.64 46.82 -40.40
N SER C 159 11.95 47.94 -40.23
CA SER C 159 12.19 49.13 -41.02
C SER C 159 12.38 50.34 -40.09
N SER C 160 11.85 50.24 -38.87
CA SER C 160 11.96 51.30 -37.89
C SER C 160 12.39 50.73 -36.56
N ARG C 161 13.15 51.52 -35.81
CA ARG C 161 13.62 51.15 -34.48
C ARG C 161 13.08 52.12 -33.45
N SER C 162 12.65 51.59 -32.32
CA SER C 162 12.13 52.39 -31.22
C SER C 162 13.22 52.54 -30.16
N ILE C 163 13.53 53.78 -29.82
CA ILE C 163 14.55 54.08 -28.83
C ILE C 163 13.88 54.31 -27.48
N TYR C 164 14.35 53.59 -26.46
CA TYR C 164 13.75 53.63 -25.14
C TYR C 164 14.65 54.39 -24.17
N PHE C 165 14.05 55.32 -23.44
CA PHE C 165 14.74 56.14 -22.46
C PHE C 165 14.11 55.94 -21.09
N PRO C 166 14.86 56.14 -20.01
CA PRO C 166 14.26 56.07 -18.67
C PRO C 166 13.20 57.16 -18.50
N LEU C 167 12.14 56.81 -17.78
CA LEU C 167 11.06 57.75 -17.54
C LEU C 167 11.55 58.91 -16.70
N PRO C 168 11.29 60.16 -17.09
CA PRO C 168 11.67 61.29 -16.25
C PRO C 168 10.98 61.21 -14.89
N LEU C 169 11.71 61.58 -13.85
CA LEU C 169 11.20 61.46 -12.49
C LEU C 169 10.01 62.37 -12.23
N ASP C 170 9.80 63.38 -13.07
CA ASP C 170 8.68 64.30 -12.91
C ASP C 170 7.52 63.99 -13.84
N ASP C 171 7.57 62.88 -14.58
CA ASP C 171 6.54 62.59 -15.55
C ASP C 171 5.20 62.34 -14.87
N GLY C 172 4.14 62.88 -15.46
CA GLY C 172 2.81 62.76 -14.92
C GLY C 172 2.51 63.70 -13.76
N TYR C 173 3.45 64.56 -13.38
CA TYR C 173 3.25 65.48 -12.27
C TYR C 173 3.60 66.89 -12.72
N LYS C 174 2.95 67.87 -12.09
CA LYS C 174 3.19 69.28 -12.36
C LYS C 174 3.86 69.92 -11.16
N VAL C 175 4.98 70.61 -11.39
CA VAL C 175 5.71 71.31 -10.36
C VAL C 175 5.66 72.80 -10.67
N SER C 176 5.27 73.61 -9.69
CA SER C 176 4.93 75.01 -9.92
C SER C 176 5.96 75.99 -9.38
N PHE C 177 6.41 75.81 -8.14
CA PHE C 177 7.31 76.76 -7.47
C PHE C 177 6.68 78.15 -7.40
N ASN C 178 5.60 78.23 -6.63
CA ASN C 178 4.90 79.50 -6.45
C ASN C 178 5.87 80.52 -5.89
N GLU C 179 5.84 81.73 -6.45
CA GLU C 179 6.79 82.79 -6.14
C GLU C 179 6.11 83.99 -5.49
N THR C 180 5.06 83.75 -4.70
CA THR C 180 4.46 84.86 -3.95
C THR C 180 5.38 85.37 -2.84
N SER C 181 6.44 84.63 -2.53
CA SER C 181 7.51 85.04 -1.61
C SER C 181 7.04 85.10 -0.16
N ASN C 182 7.98 84.87 0.77
CA ASN C 182 7.75 84.90 2.21
C ASN C 182 6.72 83.88 2.67
N GLU C 183 6.31 82.96 1.80
CA GLU C 183 5.33 81.95 2.18
C GLU C 183 6.00 80.77 2.88
N ASP C 184 6.95 80.13 2.19
CA ASP C 184 7.62 78.94 2.69
C ASP C 184 8.86 78.71 1.83
N LYS C 185 9.97 78.41 2.50
CA LYS C 185 11.25 78.21 1.81
C LYS C 185 11.88 76.93 2.31
N VAL C 186 12.25 76.06 1.37
CA VAL C 186 13.01 74.87 1.71
C VAL C 186 14.47 75.23 1.92
N PHE C 187 15.12 74.53 2.85
CA PHE C 187 16.55 74.69 3.12
C PHE C 187 17.22 73.35 2.87
N TYR C 188 17.68 73.14 1.63
CA TYR C 188 18.39 71.91 1.30
C TYR C 188 19.81 71.96 1.83
N ASN C 189 20.00 71.47 3.06
CA ASN C 189 21.29 71.52 3.74
C ASN C 189 21.77 72.95 3.95
N GLY C 190 20.85 73.88 4.14
CA GLY C 190 21.18 75.24 4.46
C GLY C 190 21.16 76.25 3.33
N ILE C 191 20.69 75.86 2.14
CA ILE C 191 20.62 76.76 0.99
C ILE C 191 19.15 77.06 0.71
N GLU C 192 18.86 78.33 0.41
CA GLU C 192 17.50 78.75 0.14
C GLU C 192 16.98 78.13 -1.15
N CYS C 193 15.70 77.75 -1.14
CA CYS C 193 15.05 77.21 -2.33
C CYS C 193 13.55 77.40 -2.22
N PRO C 194 12.86 77.77 -3.29
CA PRO C 194 11.40 77.87 -3.24
C PRO C 194 10.76 76.52 -2.99
N ILE C 195 9.54 76.57 -2.44
CA ILE C 195 8.84 75.34 -2.07
C ILE C 195 8.36 74.64 -3.33
N PRO C 196 8.61 73.34 -3.48
CA PRO C 196 8.14 72.61 -4.68
C PRO C 196 6.71 72.11 -4.58
N ASN C 197 5.73 72.95 -4.87
CA ASN C 197 4.34 72.49 -4.94
C ASN C 197 4.18 71.56 -6.13
N VAL C 198 3.66 70.36 -5.88
CA VAL C 198 3.57 69.31 -6.89
C VAL C 198 2.16 68.75 -6.92
N TYR C 199 1.64 68.55 -8.12
CA TYR C 199 0.32 67.95 -8.32
C TYR C 199 0.40 66.95 -9.46
N PRO C 200 -0.39 65.87 -9.38
CA PRO C 200 -0.54 65.00 -10.56
C PRO C 200 -1.20 65.74 -11.71
N ALA C 201 -0.76 65.42 -12.92
CA ALA C 201 -1.31 66.06 -14.12
C ALA C 201 -2.55 65.34 -14.62
N SER C 202 -3.53 65.19 -13.72
CA SER C 202 -4.77 64.50 -14.06
C SER C 202 -5.97 65.17 -13.39
N ARG C 212 -6.91 69.59 -6.35
CA ARG C 212 -6.32 68.29 -6.63
C ARG C 212 -5.59 67.74 -5.40
N LYS C 213 -4.87 66.64 -5.59
CA LYS C 213 -4.11 66.03 -4.52
C LYS C 213 -2.63 66.42 -4.66
N PHE C 214 -1.83 65.96 -3.71
CA PHE C 214 -0.40 66.25 -3.67
C PHE C 214 0.39 64.98 -3.97
N PHE C 215 1.71 65.12 -3.91
CA PHE C 215 2.61 64.00 -4.17
C PHE C 215 2.42 62.90 -3.14
N ASP C 216 1.86 61.77 -3.57
CA ASP C 216 1.75 60.58 -2.73
C ASP C 216 2.92 59.67 -3.08
N HIS C 217 3.94 59.68 -2.23
CA HIS C 217 5.10 58.84 -2.46
C HIS C 217 4.79 57.35 -2.34
N LYS C 218 3.62 57.00 -1.81
CA LYS C 218 3.19 55.61 -1.78
C LYS C 218 2.75 55.13 -3.16
N THR C 219 2.41 56.04 -4.07
CA THR C 219 2.03 55.69 -5.43
C THR C 219 3.07 56.11 -6.47
N TYR C 220 4.18 56.72 -6.05
CA TYR C 220 5.20 57.15 -6.99
C TYR C 220 5.98 55.95 -7.51
N ASN C 221 5.95 55.75 -8.84
CA ASN C 221 6.61 54.60 -9.43
C ASN C 221 7.31 54.93 -10.75
N ASN C 222 7.68 56.19 -10.96
CA ASN C 222 8.34 56.56 -12.21
C ASN C 222 9.71 55.90 -12.36
N TYR C 223 10.36 55.56 -11.25
CA TYR C 223 11.67 54.93 -11.30
C TYR C 223 11.64 53.50 -11.81
N LEU C 224 10.46 52.88 -11.89
CA LEU C 224 10.34 51.52 -12.41
C LEU C 224 10.02 51.47 -13.89
N PHE C 225 9.85 52.61 -14.55
CA PHE C 225 9.35 52.65 -15.91
C PHE C 225 10.40 53.19 -16.87
N TRP C 226 10.42 52.62 -18.07
CA TRP C 226 11.16 53.17 -19.20
C TRP C 226 10.15 53.64 -20.25
N CYS C 227 10.56 54.61 -21.06
CA CYS C 227 9.65 55.28 -21.96
C CYS C 227 10.22 55.36 -23.37
N THR C 228 9.31 55.49 -24.34
CA THR C 228 9.69 55.64 -25.74
C THR C 228 8.64 56.50 -26.43
N GLN C 229 9.01 57.03 -27.60
CA GLN C 229 8.12 57.91 -28.34
C GLN C 229 7.06 57.11 -29.09
N GLY C 230 5.81 57.52 -28.95
CA GLY C 230 4.73 57.00 -29.75
C GLY C 230 4.08 58.10 -30.55
N ASN C 231 3.32 57.75 -31.59
CA ASN C 231 2.63 58.78 -32.36
C ASN C 231 1.35 59.20 -31.66
N ASN C 232 1.46 59.51 -30.36
CA ASN C 232 0.34 59.88 -29.52
C ASN C 232 0.85 60.35 -28.17
N GLN C 233 0.77 59.48 -27.16
CA GLN C 233 1.32 59.74 -25.84
C GLN C 233 2.63 58.97 -25.68
N ILE C 234 3.16 58.97 -24.47
CA ILE C 234 4.42 58.31 -24.16
C ILE C 234 4.13 56.88 -23.70
N LYS C 235 4.76 55.91 -24.35
CA LYS C 235 4.60 54.51 -23.98
C LYS C 235 5.48 54.19 -22.79
N LYS C 236 4.89 53.62 -21.74
CA LYS C 236 5.61 53.26 -20.52
C LYS C 236 5.81 51.75 -20.48
N LEU C 237 7.06 51.33 -20.42
CA LEU C 237 7.43 49.92 -20.28
C LEU C 237 8.09 49.71 -18.92
N LEU C 238 7.64 48.68 -18.21
CA LEU C 238 8.26 48.34 -16.94
C LEU C 238 9.65 47.76 -17.16
N SER C 239 10.54 48.03 -16.21
CA SER C 239 11.88 47.45 -16.29
C SER C 239 11.84 45.94 -16.19
N ASP C 240 10.81 45.39 -15.56
CA ASP C 240 10.65 43.94 -15.50
C ASP C 240 10.44 43.37 -16.90
N GLU C 241 9.61 44.04 -17.70
CA GLU C 241 9.29 43.55 -19.04
C GLU C 241 10.46 43.67 -20.01
N ILE C 242 11.52 44.37 -19.66
CA ILE C 242 12.67 44.55 -20.53
C ILE C 242 13.82 43.63 -20.13
N TRP C 243 14.14 43.59 -18.84
CA TRP C 243 15.29 42.83 -18.34
C TRP C 243 14.81 41.61 -17.56
N ILE C 244 15.37 40.44 -17.89
CA ILE C 244 15.14 39.22 -17.14
C ILE C 244 16.38 38.94 -16.30
N SER C 245 16.18 38.68 -15.02
CA SER C 245 17.28 38.52 -14.08
C SER C 245 17.23 37.15 -13.44
N LYS C 246 18.40 36.51 -13.34
CA LYS C 246 18.53 35.24 -12.66
C LYS C 246 19.79 35.26 -11.79
N MET C 247 19.70 34.60 -10.64
CA MET C 247 20.81 34.52 -9.70
C MET C 247 21.43 33.13 -9.77
N GLN C 248 22.74 33.08 -9.98
CA GLN C 248 23.46 31.84 -10.16
C GLN C 248 24.36 31.58 -8.96
N ILE C 249 24.33 30.35 -8.46
CA ILE C 249 25.17 29.92 -7.36
C ILE C 249 26.45 29.32 -7.93
N GLY C 250 27.59 29.71 -7.37
CA GLY C 250 28.86 29.19 -7.85
C GLY C 250 29.81 28.79 -6.75
N ILE C 251 30.50 27.67 -6.94
CA ILE C 251 31.53 27.20 -6.01
C ILE C 251 32.72 26.70 -6.82
N THR C 252 33.85 26.56 -6.14
CA THR C 252 35.01 25.88 -6.70
C THR C 252 35.09 24.49 -6.07
N LYS C 253 35.13 23.47 -6.92
CA LYS C 253 35.16 22.10 -6.42
C LYS C 253 36.45 21.86 -5.63
N HIS C 254 36.31 21.31 -4.43
CA HIS C 254 37.43 21.14 -3.52
C HIS C 254 38.33 20.02 -4.01
N VAL C 255 39.47 20.38 -4.59
CA VAL C 255 40.51 19.43 -4.94
C VAL C 255 41.38 19.26 -3.71
N GLU C 256 41.38 18.06 -3.13
CA GLU C 256 42.05 17.83 -1.86
C GLU C 256 43.57 17.75 -2.07
N GLU C 257 44.28 17.40 -1.00
CA GLU C 257 45.74 17.44 -0.96
C GLU C 257 46.28 18.84 -1.27
N GLY C 258 45.51 19.86 -0.92
CA GLY C 258 45.89 21.24 -1.19
C GLY C 258 44.76 22.21 -0.93
N GLU C 259 45.10 23.49 -0.84
CA GLU C 259 44.14 24.60 -0.77
C GLU C 259 43.51 24.73 0.62
N ASP C 260 43.37 25.96 1.09
CA ASP C 260 42.44 26.29 2.16
C ASP C 260 41.13 26.80 1.60
N ASN C 261 40.78 26.41 0.37
CA ASN C 261 39.70 27.04 -0.37
C ASN C 261 38.36 26.32 -0.23
N ASP C 262 37.88 26.19 1.00
CA ASP C 262 36.45 25.98 1.18
C ASP C 262 35.69 27.28 0.97
N LYS C 263 36.39 28.41 1.02
CA LYS C 263 35.78 29.74 1.02
C LYS C 263 35.32 30.18 -0.36
N SER C 264 35.32 29.31 -1.35
CA SER C 264 34.89 29.66 -2.71
C SER C 264 33.40 29.37 -2.81
N PHE C 265 32.59 30.40 -2.62
CA PHE C 265 31.13 30.26 -2.60
C PHE C 265 30.53 31.62 -2.84
N TYR C 266 29.76 31.76 -3.92
CA TYR C 266 29.28 33.08 -4.31
C TYR C 266 27.99 32.97 -5.09
N LYS C 267 27.26 34.09 -5.15
CA LYS C 267 26.08 34.25 -5.97
C LYS C 267 26.29 35.41 -6.92
N GLN C 268 25.87 35.22 -8.17
CA GLN C 268 25.99 36.26 -9.19
C GLN C 268 24.65 36.49 -9.85
N GLU C 269 24.44 37.72 -10.33
CA GLU C 269 23.22 38.10 -11.03
C GLU C 269 23.53 38.24 -12.51
N PHE C 270 22.72 37.59 -13.34
CA PHE C 270 22.87 37.64 -14.79
C PHE C 270 21.61 38.23 -15.39
N LEU C 271 21.78 39.13 -16.35
CA LEU C 271 20.67 39.83 -16.99
C LEU C 271 20.53 39.36 -18.43
N GLN C 272 19.29 39.20 -18.87
CA GLN C 272 18.98 38.86 -20.26
C GLN C 272 18.02 39.89 -20.81
N LEU C 273 18.28 40.33 -22.03
CA LEU C 273 17.41 41.29 -22.69
C LEU C 273 16.25 40.56 -23.36
N LYS C 274 15.11 41.24 -23.42
CA LYS C 274 13.97 40.69 -24.13
C LYS C 274 14.29 40.54 -25.61
N LYS C 275 13.58 39.63 -26.26
CA LYS C 275 13.99 39.15 -27.58
C LYS C 275 14.06 40.27 -28.62
N SER C 276 13.28 41.33 -28.44
CA SER C 276 13.23 42.42 -29.40
C SER C 276 14.12 43.60 -29.03
N PHE C 277 14.89 43.50 -27.95
CA PHE C 277 15.67 44.62 -27.44
C PHE C 277 17.16 44.40 -27.66
N ILE C 278 17.85 45.44 -28.14
CA ILE C 278 19.29 45.43 -28.35
C ILE C 278 19.89 46.71 -27.81
N TYR C 279 21.20 46.69 -27.61
CA TYR C 279 21.97 47.86 -27.20
C TYR C 279 22.58 48.52 -28.42
N ALA C 280 22.71 49.84 -28.37
CA ALA C 280 23.27 50.57 -29.49
C ALA C 280 23.90 51.88 -29.03
N PHE C 281 24.84 52.37 -29.82
CA PHE C 281 25.44 53.69 -29.61
C PHE C 281 26.09 54.13 -30.92
N TYR C 282 26.43 55.41 -30.97
CA TYR C 282 27.05 56.02 -32.14
C TYR C 282 28.52 56.28 -31.88
N ILE C 283 29.35 56.13 -32.91
CA ILE C 283 30.79 56.34 -32.79
C ILE C 283 31.27 57.16 -33.99
N THR C 284 32.24 58.02 -33.75
CA THR C 284 32.92 58.78 -34.80
C THR C 284 34.37 58.30 -34.89
N LEU C 285 34.77 57.85 -36.07
CA LEU C 285 36.12 57.38 -36.32
C LEU C 285 36.79 58.31 -37.32
N SER C 286 38.04 58.68 -37.05
CA SER C 286 38.73 59.71 -37.81
C SER C 286 39.60 59.10 -38.90
N GLY C 287 39.48 59.64 -40.10
CA GLY C 287 40.37 59.25 -41.19
C GLY C 287 40.22 57.78 -41.56
N GLU C 288 41.36 57.10 -41.65
CA GLU C 288 41.39 55.69 -42.07
C GLU C 288 41.24 54.83 -40.82
N SER C 289 40.03 54.33 -40.60
CA SER C 289 39.75 53.44 -39.47
C SER C 289 38.51 52.63 -39.82
N GLU C 290 38.69 51.33 -40.04
CA GLU C 290 37.60 50.44 -40.36
C GLU C 290 37.18 49.66 -39.12
N LEU C 291 35.88 49.59 -38.87
CA LEU C 291 35.32 48.83 -37.77
C LEU C 291 34.42 47.74 -38.35
N SER C 292 34.88 46.50 -38.26
CA SER C 292 34.15 45.38 -38.85
C SER C 292 33.23 44.73 -37.82
N SER C 293 32.10 44.22 -38.30
CA SER C 293 31.20 43.48 -37.44
C SER C 293 31.86 42.18 -36.99
N ASP C 294 31.71 41.86 -35.72
CA ASP C 294 32.36 40.69 -35.13
C ASP C 294 31.64 40.32 -33.84
N ILE C 295 32.25 39.42 -33.08
CA ILE C 295 31.73 38.97 -31.79
C ILE C 295 32.63 39.55 -30.71
N ILE C 296 32.04 40.29 -29.78
CA ILE C 296 32.80 41.11 -28.85
C ILE C 296 32.51 40.70 -27.41
N GLN C 297 33.35 41.19 -26.51
CA GLN C 297 33.18 41.00 -25.08
C GLN C 297 32.85 42.35 -24.44
N LEU C 298 31.74 42.40 -23.70
CA LEU C 298 31.30 43.63 -23.05
C LEU C 298 30.71 43.27 -21.69
N GLY C 299 31.43 43.59 -20.62
CA GLY C 299 30.98 43.30 -19.28
C GLY C 299 31.72 42.12 -18.68
N GLY C 300 31.40 41.86 -17.40
CA GLY C 300 32.06 40.81 -16.67
C GLY C 300 31.59 39.43 -17.07
N GLN C 301 32.32 38.43 -16.59
CA GLN C 301 32.02 37.02 -16.83
C GLN C 301 31.94 36.70 -18.31
N ARG C 302 32.80 37.35 -19.09
CA ARG C 302 32.94 37.07 -20.53
C ARG C 302 31.61 37.17 -21.25
N SER C 303 30.83 38.21 -20.92
CA SER C 303 29.57 38.45 -21.60
C SER C 303 29.84 38.73 -23.07
N VAL C 304 29.07 38.07 -23.94
CA VAL C 304 29.36 38.03 -25.37
C VAL C 304 28.25 38.76 -26.12
N PHE C 305 28.64 39.53 -27.12
CA PHE C 305 27.70 40.33 -27.92
C PHE C 305 28.10 40.26 -29.39
N ARG C 306 27.16 40.66 -30.24
CA ARG C 306 27.37 40.69 -31.68
C ARG C 306 27.25 42.13 -32.16
N MET C 307 28.27 42.62 -32.86
CA MET C 307 28.22 43.95 -33.45
C MET C 307 27.56 43.89 -34.83
N GLU C 308 26.76 44.91 -35.12
CA GLU C 308 26.38 45.25 -36.48
C GLU C 308 26.82 46.68 -36.72
N VAL C 309 27.79 46.86 -37.61
CA VAL C 309 28.35 48.17 -37.91
C VAL C 309 27.62 48.72 -39.13
N GLU C 310 26.88 49.81 -38.93
CA GLU C 310 26.12 50.44 -39.99
C GLU C 310 26.59 51.89 -40.12
N SER C 311 27.03 52.25 -41.32
CA SER C 311 27.55 53.58 -41.58
C SER C 311 26.41 54.47 -42.05
N ILE C 312 25.96 55.38 -41.19
CA ILE C 312 24.93 56.33 -41.55
C ILE C 312 25.49 57.37 -42.50
N GLU C 313 24.63 58.19 -43.09
CA GLU C 313 25.06 59.16 -44.09
C GLU C 313 26.05 60.15 -43.48
N GLU C 314 26.89 60.72 -44.34
CA GLU C 314 27.95 61.60 -43.92
C GLU C 314 27.36 62.93 -43.44
N ASN C 315 28.26 63.86 -43.06
CA ASN C 315 27.91 65.20 -42.57
C ASN C 315 26.83 65.17 -41.50
N SER C 316 26.81 64.10 -40.71
CA SER C 316 25.85 63.95 -39.62
C SER C 316 26.55 64.15 -38.28
N ASP C 317 25.78 64.64 -37.31
CA ASP C 317 26.26 64.84 -35.94
C ASP C 317 25.55 63.85 -35.03
N ILE C 318 26.33 62.99 -34.38
CA ILE C 318 25.73 61.95 -33.55
C ILE C 318 25.05 62.55 -32.33
N GLN C 319 25.60 63.63 -31.78
CA GLN C 319 24.94 64.32 -30.67
C GLN C 319 23.56 64.83 -31.09
N GLU C 320 23.47 65.40 -32.30
CA GLU C 320 22.18 65.87 -32.79
C GLU C 320 21.21 64.71 -33.00
N LYS C 321 21.71 63.56 -33.45
CA LYS C 321 20.86 62.39 -33.60
C LYS C 321 20.30 61.94 -32.25
N TYR C 322 21.15 61.88 -31.23
CA TYR C 322 20.69 61.47 -29.90
C TYR C 322 19.68 62.47 -29.35
N GLN C 323 19.93 63.77 -29.53
CA GLN C 323 19.00 64.77 -29.02
C GLN C 323 17.68 64.76 -29.81
N THR C 324 17.73 64.45 -31.11
CA THR C 324 16.49 64.26 -31.86
C THR C 324 15.70 63.08 -31.32
N ALA C 325 16.40 62.00 -30.96
CA ALA C 325 15.72 60.87 -30.34
C ALA C 325 15.08 61.26 -29.01
N ALA C 326 15.79 62.08 -28.23
CA ALA C 326 15.31 62.49 -26.90
C ALA C 326 14.33 63.66 -26.94
N GLN C 327 14.08 64.22 -28.13
CA GLN C 327 13.21 65.40 -28.25
C GLN C 327 11.85 65.19 -27.59
N PHE C 328 11.30 63.98 -27.65
CA PHE C 328 9.93 63.77 -27.18
C PHE C 328 9.78 63.88 -25.67
N LEU C 329 10.89 63.95 -24.92
CA LEU C 329 10.85 64.07 -23.47
C LEU C 329 11.15 65.48 -22.98
N THR C 330 11.17 66.47 -23.88
CA THR C 330 11.60 67.81 -23.52
C THR C 330 10.50 68.58 -22.80
N GLN C 331 10.86 69.23 -21.70
CA GLN C 331 9.99 70.18 -21.01
C GLN C 331 10.78 71.45 -20.76
N SER C 332 10.21 72.60 -21.12
CA SER C 332 10.96 73.85 -21.13
C SER C 332 11.27 74.37 -19.74
N ASP C 333 10.59 73.88 -18.71
CA ASP C 333 10.79 74.37 -17.35
C ASP C 333 11.83 73.58 -16.58
N ARG C 334 12.49 72.61 -17.21
CA ARG C 334 13.38 71.71 -16.49
C ARG C 334 14.40 71.15 -17.46
N LEU C 335 15.45 70.55 -16.89
CA LEU C 335 16.48 69.87 -17.66
C LEU C 335 16.43 68.38 -17.35
N LEU C 336 16.34 67.56 -18.39
CA LEU C 336 16.26 66.11 -18.25
C LEU C 336 17.65 65.52 -18.47
N ILE C 337 18.14 64.77 -17.50
CA ILE C 337 19.44 64.12 -17.61
C ILE C 337 19.24 62.79 -18.32
N LEU C 338 19.87 62.66 -19.50
CA LEU C 338 19.70 61.47 -20.32
C LEU C 338 20.78 60.43 -20.09
N SER C 339 22.01 60.86 -19.81
CA SER C 339 23.12 60.00 -19.53
C SER C 339 23.78 60.43 -18.23
N PRO C 340 24.46 59.50 -17.52
CA PRO C 340 25.08 59.84 -16.24
C PRO C 340 25.88 61.13 -16.27
N THR C 341 25.46 62.11 -15.50
CA THR C 341 26.04 63.45 -15.48
C THR C 341 26.89 63.63 -14.24
N TYR C 342 28.09 64.18 -14.42
CA TYR C 342 29.01 64.43 -13.32
C TYR C 342 29.23 65.94 -13.18
N VAL C 343 29.14 66.42 -11.95
CA VAL C 343 29.51 67.79 -11.59
C VAL C 343 30.51 67.70 -10.44
N ASP C 344 31.58 68.49 -10.53
CA ASP C 344 32.61 68.42 -9.51
C ASP C 344 32.08 68.81 -8.14
N ASN C 345 31.18 69.78 -8.09
CA ASN C 345 30.57 70.22 -6.85
C ASN C 345 29.07 70.35 -7.04
N LEU C 346 28.31 69.55 -6.29
CA LEU C 346 26.85 69.61 -6.35
C LEU C 346 26.29 70.87 -5.70
N LYS C 347 27.10 71.59 -4.92
CA LYS C 347 26.59 72.77 -4.23
C LYS C 347 26.20 73.87 -5.21
N GLU C 348 27.06 74.15 -6.19
CA GLU C 348 26.72 75.16 -7.20
C GLU C 348 25.49 74.77 -8.00
N LEU C 349 25.42 73.49 -8.39
CA LEU C 349 24.25 73.03 -9.14
C LEU C 349 22.98 73.21 -8.31
N SER C 350 23.01 72.80 -7.04
CA SER C 350 21.84 72.95 -6.18
C SER C 350 21.48 74.42 -6.00
N ALA C 351 22.49 75.29 -5.91
CA ALA C 351 22.22 76.72 -5.83
C ALA C 351 21.59 77.24 -7.11
N LEU C 352 21.85 76.61 -8.25
CA LEU C 352 21.34 77.09 -9.52
C LEU C 352 19.90 76.66 -9.81
N CYS C 353 19.34 75.69 -9.05
CA CYS C 353 17.99 75.22 -9.32
C CYS C 353 17.18 75.14 -8.04
N ASN C 354 15.86 75.25 -8.19
CA ASN C 354 14.96 75.17 -7.05
C ASN C 354 14.82 73.74 -6.54
N PHE C 355 14.73 72.78 -7.45
CA PHE C 355 14.53 71.39 -7.08
C PHE C 355 15.43 70.50 -7.91
N MET C 356 15.98 69.45 -7.28
CA MET C 356 16.79 68.44 -7.96
C MET C 356 16.15 67.09 -7.68
N TRP C 357 15.14 66.75 -8.50
CA TRP C 357 14.49 65.44 -8.42
C TRP C 357 15.41 64.45 -9.13
N SER C 358 16.44 64.02 -8.39
CA SER C 358 17.54 63.28 -8.98
C SER C 358 17.86 62.04 -8.16
N ASP C 359 18.69 61.18 -8.74
CA ASP C 359 19.25 60.01 -8.07
C ASP C 359 20.72 59.94 -8.41
N SER C 360 21.42 58.99 -7.79
CA SER C 360 22.87 58.88 -7.93
C SER C 360 23.27 57.47 -8.33
N ILE C 361 24.26 57.39 -9.21
CA ILE C 361 24.87 56.12 -9.59
C ILE C 361 26.36 56.19 -9.27
N VAL C 362 26.97 55.01 -9.19
CA VAL C 362 28.37 54.87 -8.81
C VAL C 362 29.20 54.63 -10.05
N PHE C 363 30.41 55.19 -10.07
CA PHE C 363 31.35 55.01 -11.17
C PHE C 363 32.72 54.69 -10.63
N ARG C 364 33.36 53.67 -11.21
CA ARG C 364 34.77 53.39 -10.96
C ARG C 364 35.32 52.70 -12.20
N ASN C 365 36.37 53.28 -12.76
CA ASN C 365 36.95 52.81 -14.01
C ASN C 365 38.14 51.89 -13.73
N ILE C 366 38.33 50.93 -14.64
CA ILE C 366 39.55 50.13 -14.65
C ILE C 366 40.58 50.90 -15.45
N GLN C 367 41.65 51.33 -14.79
CA GLN C 367 42.65 52.20 -15.38
C GLN C 367 43.83 51.37 -15.86
N THR C 368 44.05 51.36 -17.18
CA THR C 368 45.15 50.63 -17.78
C THR C 368 45.94 51.56 -18.69
N THR C 369 47.26 51.48 -18.59
CA THR C 369 48.11 52.27 -19.48
C THR C 369 48.14 51.61 -20.86
N ASN C 370 48.67 52.36 -21.83
CA ASN C 370 48.79 51.82 -23.18
C ASN C 370 49.64 50.55 -23.20
N ALA C 371 50.62 50.46 -22.30
CA ALA C 371 51.43 49.27 -22.11
C ALA C 371 51.31 48.86 -20.65
N SER C 372 50.28 48.08 -20.33
CA SER C 372 50.01 47.62 -18.98
C SER C 372 50.23 46.11 -18.90
N ASN C 373 50.04 45.56 -17.71
CA ASN C 373 50.24 44.13 -17.51
C ASN C 373 49.21 43.31 -18.28
N PHE C 374 47.93 43.65 -18.10
CA PHE C 374 46.78 43.00 -18.73
C PHE C 374 46.58 41.57 -18.25
N TYR C 375 47.48 41.04 -17.43
CA TYR C 375 47.37 39.70 -16.85
C TYR C 375 47.64 39.85 -15.36
N GLY C 376 46.60 40.12 -14.60
CA GLY C 376 46.72 40.39 -13.18
C GLY C 376 45.57 41.26 -12.73
N LYS C 377 45.64 41.64 -11.46
CA LYS C 377 44.61 42.51 -10.90
C LYS C 377 44.72 43.88 -11.56
N PRO C 378 43.68 44.36 -12.25
CA PRO C 378 43.77 45.67 -12.88
C PRO C 378 43.72 46.79 -11.85
N ILE C 379 44.34 47.91 -12.21
CA ILE C 379 44.29 49.09 -11.36
C ILE C 379 42.99 49.84 -11.63
N LYS C 380 42.20 50.04 -10.58
CA LYS C 380 40.95 50.76 -10.69
C LYS C 380 41.13 52.19 -10.17
N SER C 381 40.26 53.08 -10.62
CA SER C 381 40.31 54.47 -10.18
C SER C 381 40.26 54.54 -8.66
N SER C 382 41.29 55.18 -8.07
CA SER C 382 41.39 55.23 -6.62
C SER C 382 40.22 55.95 -5.98
N SER C 383 39.52 56.80 -6.74
CA SER C 383 38.37 57.54 -6.23
C SER C 383 37.09 56.95 -6.82
N LYS C 384 36.12 56.71 -5.96
CA LYS C 384 34.79 56.29 -6.41
C LYS C 384 33.95 57.53 -6.66
N TYR C 385 33.39 57.63 -7.87
CA TYR C 385 32.71 58.84 -8.31
C TYR C 385 31.22 58.61 -8.41
N HIS C 386 30.45 59.64 -8.07
CA HIS C 386 29.00 59.59 -8.10
C HIS C 386 28.48 60.45 -9.25
N PHE C 387 27.65 59.88 -10.09
CA PHE C 387 27.03 60.56 -11.22
C PHE C 387 25.54 60.75 -10.97
N LEU C 388 24.94 61.63 -11.76
CA LEU C 388 23.49 61.83 -11.71
C LEU C 388 22.81 60.78 -12.57
N LYS C 389 21.84 60.09 -11.99
CA LYS C 389 21.18 59.00 -12.70
C LYS C 389 20.39 59.53 -13.89
N PRO C 390 20.39 58.82 -15.02
CA PRO C 390 19.54 59.23 -16.14
C PRO C 390 18.07 59.20 -15.75
N GLY C 391 17.32 60.14 -16.32
CA GLY C 391 15.94 60.36 -15.93
C GLY C 391 15.77 61.39 -14.83
N SER C 392 16.85 61.88 -14.25
CA SER C 392 16.78 62.94 -13.26
C SER C 392 16.44 64.26 -13.93
N VAL C 393 15.77 65.14 -13.17
CA VAL C 393 15.30 66.41 -13.69
C VAL C 393 15.77 67.53 -12.76
N LEU C 394 16.27 68.60 -13.36
CA LEU C 394 16.74 69.78 -12.63
C LEU C 394 15.82 70.95 -12.94
N TYR C 395 15.13 71.43 -11.92
CA TYR C 395 14.16 72.51 -12.06
C TYR C 395 14.87 73.82 -11.69
N PHE C 396 15.44 74.47 -12.71
CA PHE C 396 16.22 75.67 -12.47
C PHE C 396 15.33 76.84 -12.11
N LYS C 397 15.95 77.90 -11.59
CA LYS C 397 15.25 79.12 -11.24
C LYS C 397 14.85 79.87 -12.50
N GLN C 398 14.24 81.04 -12.33
CA GLN C 398 13.91 81.88 -13.47
C GLN C 398 15.17 82.31 -14.19
N GLY C 399 15.21 82.08 -15.49
CA GLY C 399 16.45 82.28 -16.19
C GLY C 399 17.49 81.27 -15.74
N LYS C 400 18.76 81.64 -15.93
CA LYS C 400 19.91 80.86 -15.45
C LYS C 400 19.93 79.44 -16.00
N ARG C 401 19.13 79.14 -17.03
CA ARG C 401 19.26 77.87 -17.72
C ARG C 401 20.63 77.75 -18.39
N LYS C 402 21.10 78.84 -19.00
CA LYS C 402 22.41 78.84 -19.63
C LYS C 402 23.52 78.63 -18.62
N GLU C 403 23.33 79.08 -17.38
CA GLU C 403 24.36 78.85 -16.36
C GLU C 403 24.49 77.37 -16.04
N VAL C 404 23.36 76.69 -15.85
CA VAL C 404 23.39 75.25 -15.59
C VAL C 404 23.96 74.51 -16.78
N GLU C 405 23.59 74.93 -18.00
CA GLU C 405 24.12 74.28 -19.20
C GLU C 405 25.63 74.48 -19.31
N LYS C 406 26.11 75.68 -18.97
CA LYS C 406 27.55 75.94 -19.01
C LYS C 406 28.28 75.10 -17.98
N LEU C 407 27.69 74.94 -16.79
CA LEU C 407 28.28 74.07 -15.78
C LEU C 407 28.34 72.63 -16.26
N LEU C 408 27.28 72.16 -16.93
CA LEU C 408 27.23 70.78 -17.37
C LEU C 408 28.19 70.51 -18.51
N MET C 409 28.29 71.42 -19.48
CA MET C 409 29.15 71.23 -20.63
C MET C 409 30.59 71.68 -20.39
N ASP C 410 30.91 72.16 -19.18
CA ASP C 410 32.29 72.48 -18.85
C ASP C 410 33.20 71.26 -18.92
N TYR C 411 32.63 70.06 -18.82
CA TYR C 411 33.39 68.82 -18.92
C TYR C 411 33.15 68.24 -20.31
N THR C 412 33.91 68.75 -21.29
CA THR C 412 33.73 68.31 -22.67
C THR C 412 34.26 66.90 -22.88
N TYR C 413 35.26 66.48 -22.09
CA TYR C 413 35.78 65.13 -22.21
C TYR C 413 34.70 64.10 -21.89
N LEU C 414 33.94 64.33 -20.81
CA LEU C 414 32.83 63.43 -20.49
C LEU C 414 31.73 63.51 -21.53
N ARG C 415 31.50 64.70 -22.09
CA ARG C 415 30.46 64.85 -23.12
C ARG C 415 30.81 64.04 -24.36
N LEU C 416 32.08 64.05 -24.77
CA LEU C 416 32.50 63.27 -25.93
C LEU C 416 32.33 61.78 -25.68
N SER C 417 32.65 61.33 -24.47
CA SER C 417 32.55 59.90 -24.16
C SER C 417 31.10 59.43 -24.15
N GLY C 418 30.17 60.26 -23.72
CA GLY C 418 28.78 59.87 -23.67
C GLY C 418 28.13 60.19 -22.34
N TYR C 419 28.85 60.93 -21.50
CA TYR C 419 28.33 61.38 -20.21
C TYR C 419 27.94 62.86 -20.29
N ASN C 420 27.08 63.26 -19.36
CA ASN C 420 26.62 64.66 -19.25
C ASN C 420 25.88 65.10 -20.50
N ILE C 421 24.93 64.27 -20.94
CA ILE C 421 24.05 64.57 -22.06
C ILE C 421 22.66 64.85 -21.51
N TYR C 422 22.06 65.96 -21.91
CA TYR C 422 20.74 66.34 -21.44
C TYR C 422 19.87 66.78 -22.62
N ILE C 423 18.57 66.85 -22.37
CA ILE C 423 17.64 67.39 -23.36
C ILE C 423 16.79 68.48 -22.70
N MET D 1 36.95 26.47 -36.49
CA MET D 1 37.51 27.66 -35.88
C MET D 1 36.41 28.69 -35.60
N THR D 2 35.20 28.19 -35.34
CA THR D 2 34.04 29.04 -35.15
C THR D 2 33.12 28.39 -34.12
N THR D 3 31.88 28.85 -34.04
CA THR D 3 30.91 28.28 -33.13
C THR D 3 30.57 26.85 -33.57
N ARG D 4 30.54 25.93 -32.62
CA ARG D 4 30.27 24.53 -32.90
C ARG D 4 29.21 23.99 -31.95
N MET D 5 28.37 23.09 -32.47
CA MET D 5 27.33 22.45 -31.70
C MET D 5 27.83 21.12 -31.14
N TYR D 6 27.54 20.88 -29.87
CA TYR D 6 27.92 19.63 -29.22
C TYR D 6 26.71 19.01 -28.56
N VAL D 7 26.64 17.68 -28.60
CA VAL D 7 25.55 16.91 -28.02
C VAL D 7 26.10 16.10 -26.86
N ILE D 8 25.34 16.03 -25.76
CA ILE D 8 25.85 15.54 -24.49
C ILE D 8 25.59 14.05 -24.31
N ASN D 9 24.34 13.60 -24.48
CA ASN D 9 24.00 12.18 -24.50
C ASN D 9 24.44 11.49 -23.19
N THR D 10 23.78 11.88 -22.11
CA THR D 10 24.10 11.33 -20.79
C THR D 10 23.86 9.83 -20.76
N LEU D 11 24.85 9.09 -20.25
CA LEU D 11 24.77 7.64 -20.15
C LEU D 11 24.23 7.16 -18.81
N SER D 12 23.89 8.08 -17.90
CA SER D 12 23.36 7.71 -16.59
C SER D 12 22.43 8.82 -16.12
N ASN D 13 21.94 8.69 -14.90
CA ASN D 13 21.15 9.76 -14.29
C ASN D 13 22.02 10.99 -14.08
N MET D 14 21.45 12.17 -14.28
CA MET D 14 22.19 13.41 -14.17
C MET D 14 21.48 14.35 -13.20
N HIS D 15 22.23 14.90 -12.26
CA HIS D 15 21.70 15.86 -11.29
C HIS D 15 22.66 17.05 -11.21
N VAL D 16 22.34 18.13 -11.91
CA VAL D 16 23.07 19.38 -11.79
C VAL D 16 22.25 20.29 -10.88
N GLY D 17 22.79 20.62 -9.72
CA GLY D 17 21.99 21.27 -8.69
C GLY D 17 21.82 22.75 -8.93
N SER D 18 20.58 23.22 -8.74
CA SER D 18 20.29 24.65 -8.86
C SER D 18 20.78 25.42 -7.64
N GLY D 19 20.70 24.79 -6.46
CA GLY D 19 20.90 25.52 -5.22
C GLY D 19 19.72 26.36 -4.82
N GLU D 20 18.58 26.23 -5.50
CA GLU D 20 17.41 27.03 -5.23
C GLU D 20 16.74 26.60 -3.93
N VAL D 21 15.97 27.51 -3.35
CA VAL D 21 15.20 27.21 -2.15
C VAL D 21 13.96 26.44 -2.55
N ASN D 22 13.83 25.21 -2.08
CA ASN D 22 12.71 24.36 -2.45
C ASN D 22 11.50 24.67 -1.59
N TYR D 23 10.32 24.58 -2.19
CA TYR D 23 9.07 24.78 -1.48
C TYR D 23 8.28 23.48 -1.32
N GLY D 24 8.79 22.38 -1.86
CA GLY D 24 8.07 21.12 -1.80
C GLY D 24 8.85 19.99 -1.14
N VAL D 25 8.60 18.75 -1.60
CA VAL D 25 9.22 17.59 -0.99
C VAL D 25 10.64 17.37 -1.50
N ILE D 26 10.93 17.80 -2.72
CA ILE D 26 12.23 17.55 -3.34
C ILE D 26 13.22 18.59 -2.84
N ALA D 27 14.20 18.16 -2.06
CA ALA D 27 15.21 19.08 -1.55
C ALA D 27 16.21 19.49 -2.61
N ASN D 28 16.63 18.55 -3.45
CA ASN D 28 17.65 18.79 -4.48
C ASN D 28 16.98 18.77 -5.85
N LEU D 29 16.83 19.94 -6.44
CA LEU D 29 16.24 20.08 -7.77
C LEU D 29 17.34 20.31 -8.80
N ILE D 30 17.01 20.04 -10.06
CA ILE D 30 17.97 20.16 -11.14
C ILE D 30 17.81 21.52 -11.79
N GLN D 31 18.86 21.95 -12.49
CA GLN D 31 18.86 23.27 -13.12
C GLN D 31 17.86 23.31 -14.26
N ARG D 32 17.08 24.38 -14.32
CA ARG D 32 16.09 24.58 -15.37
C ARG D 32 16.24 25.98 -15.94
N ASP D 33 15.87 26.12 -17.21
CA ASP D 33 15.93 27.41 -17.87
C ASP D 33 14.91 28.36 -17.24
N SER D 34 15.29 29.64 -17.12
CA SER D 34 14.40 30.61 -16.49
C SER D 34 13.15 30.84 -17.34
N VAL D 35 13.29 30.89 -18.65
CA VAL D 35 12.18 31.28 -19.52
C VAL D 35 11.30 30.08 -19.90
N THR D 36 11.90 28.99 -20.35
CA THR D 36 11.12 27.86 -20.86
C THR D 36 10.97 26.74 -19.85
N ASN D 37 11.62 26.83 -18.69
CA ASN D 37 11.56 25.84 -17.60
C ASN D 37 12.05 24.46 -18.01
N LEU D 38 12.68 24.34 -19.17
CA LEU D 38 13.26 23.06 -19.54
C LEU D 38 14.56 22.82 -18.76
N PRO D 39 14.90 21.56 -18.51
CA PRO D 39 16.18 21.27 -17.83
C PRO D 39 17.36 21.79 -18.63
N ASN D 40 18.35 22.33 -17.94
CA ASN D 40 19.52 22.89 -18.59
C ASN D 40 20.73 22.70 -17.69
N ILE D 41 21.91 22.96 -18.27
CA ILE D 41 23.16 22.97 -17.53
C ILE D 41 23.77 24.35 -17.69
N ASN D 42 24.15 24.96 -16.57
CA ASN D 42 24.83 26.25 -16.61
C ASN D 42 26.20 26.10 -17.27
N SER D 43 26.60 27.14 -18.01
CA SER D 43 27.88 27.09 -18.70
C SER D 43 29.05 26.92 -17.74
N SER D 44 28.91 27.43 -16.51
CA SER D 44 29.94 27.23 -15.50
C SER D 44 30.12 25.75 -15.19
N GLY D 45 29.03 25.01 -15.06
CA GLY D 45 29.13 23.58 -14.81
C GLY D 45 29.76 22.82 -15.96
N LEU D 46 29.39 23.17 -17.19
CA LEU D 46 29.99 22.53 -18.36
C LEU D 46 31.49 22.78 -18.39
N LYS D 47 31.89 24.05 -18.18
CA LYS D 47 33.31 24.37 -18.19
C LYS D 47 34.03 23.64 -17.06
N GLY D 48 33.43 23.57 -15.89
CA GLY D 48 34.05 22.86 -14.78
C GLY D 48 34.25 21.39 -15.08
N ALA D 49 33.23 20.73 -15.64
CA ALA D 49 33.34 19.31 -15.94
C ALA D 49 34.41 19.06 -17.01
N ILE D 50 34.40 19.85 -18.08
CA ILE D 50 35.36 19.63 -19.15
C ILE D 50 36.78 19.95 -18.69
N ARG D 51 36.94 20.97 -17.84
CA ARG D 51 38.26 21.28 -17.29
C ARG D 51 38.72 20.18 -16.34
N GLU D 52 37.79 19.59 -15.59
CA GLU D 52 38.14 18.47 -14.72
C GLU D 52 38.64 17.28 -15.53
N TYR D 53 37.99 17.00 -16.66
CA TYR D 53 38.45 15.89 -17.49
C TYR D 53 39.85 16.15 -18.04
N PHE D 54 40.10 17.37 -18.51
CA PHE D 54 41.37 17.71 -19.15
C PHE D 54 42.41 18.22 -18.16
N LYS D 55 42.10 18.22 -16.86
CA LYS D 55 42.98 18.86 -15.87
C LYS D 55 44.40 18.31 -15.92
N GLU D 56 44.57 17.03 -16.28
CA GLU D 56 45.91 16.48 -16.38
C GLU D 56 46.73 17.17 -17.46
N ASN D 57 46.10 17.49 -18.59
CA ASN D 57 46.77 18.19 -19.69
C ASN D 57 46.83 19.66 -19.34
N GLU D 58 47.91 20.07 -18.66
CA GLU D 58 48.00 21.41 -18.12
C GLU D 58 48.03 22.47 -19.22
N ASP D 59 48.80 22.23 -20.28
CA ASP D 59 48.92 23.22 -21.35
C ASP D 59 47.59 23.43 -22.05
N LEU D 60 46.85 22.35 -22.31
CA LEU D 60 45.55 22.47 -22.97
C LEU D 60 44.57 23.25 -22.10
N VAL D 61 44.56 22.98 -20.79
CA VAL D 61 43.68 23.69 -19.88
C VAL D 61 44.02 25.16 -19.83
N ARG D 62 45.32 25.48 -19.75
CA ARG D 62 45.73 26.88 -19.70
C ARG D 62 45.37 27.61 -20.99
N GLU D 63 45.56 26.96 -22.14
CA GLU D 63 45.29 27.61 -23.41
C GLU D 63 43.79 27.81 -23.62
N LEU D 64 42.99 26.77 -23.39
CA LEU D 64 41.56 26.83 -23.70
C LEU D 64 40.73 27.39 -22.56
N PHE D 65 40.84 26.81 -21.37
CA PHE D 65 39.98 27.18 -20.25
C PHE D 65 40.55 28.31 -19.40
N GLY D 66 41.86 28.53 -19.42
CA GLY D 66 42.45 29.63 -18.71
C GLY D 66 43.28 29.22 -17.51
N SER D 67 43.44 30.13 -16.56
CA SER D 67 44.28 29.89 -15.39
C SER D 67 43.48 29.22 -14.28
N ALA D 68 44.21 28.59 -13.36
CA ALA D 68 43.61 28.00 -12.19
C ALA D 68 43.17 29.09 -11.22
N PRO D 69 42.22 28.79 -10.32
CA PRO D 69 41.79 29.82 -9.35
C PRO D 69 42.91 30.34 -8.47
N ARG D 70 43.88 29.50 -8.10
CA ARG D 70 45.02 29.92 -7.29
C ARG D 70 46.22 30.41 -8.09
N ASP D 71 46.13 30.46 -9.42
CA ASP D 71 47.28 30.85 -10.22
C ASP D 71 47.73 32.27 -9.87
N GLU D 72 49.05 32.44 -9.73
CA GLU D 72 49.62 33.74 -9.39
C GLU D 72 49.40 34.78 -10.47
N LYS D 73 49.14 34.33 -11.71
CA LYS D 73 48.89 35.23 -12.83
C LYS D 73 47.69 34.70 -13.60
N THR D 74 46.85 35.61 -14.08
CA THR D 74 45.56 35.24 -14.66
C THR D 74 45.60 35.37 -16.17
N LEU D 75 45.16 34.32 -16.86
CA LEU D 75 45.01 34.31 -18.31
C LEU D 75 43.56 34.04 -18.65
N PRO D 76 42.89 34.92 -19.39
CA PRO D 76 41.52 34.62 -19.82
C PRO D 76 41.48 33.39 -20.72
N GLY D 77 40.45 32.58 -20.55
CA GLY D 77 40.28 31.42 -21.41
C GLY D 77 39.80 31.83 -22.80
N LYS D 78 40.36 31.17 -23.82
CA LYS D 78 39.97 31.48 -25.19
C LYS D 78 38.65 30.83 -25.59
N VAL D 79 38.19 29.82 -24.87
CA VAL D 79 36.99 29.09 -25.22
C VAL D 79 35.83 29.58 -24.38
N ARG D 80 34.72 29.91 -25.02
CA ARG D 80 33.51 30.37 -24.36
C ARG D 80 32.47 29.26 -24.39
N PHE D 81 31.99 28.87 -23.22
CA PHE D 81 30.99 27.82 -23.09
C PHE D 81 29.61 28.44 -22.91
N PHE D 82 28.62 27.83 -23.53
CA PHE D 82 27.25 28.31 -23.48
C PHE D 82 26.37 27.29 -22.73
N GLU D 83 25.10 27.65 -22.58
CA GLU D 83 24.17 26.80 -21.86
C GLU D 83 23.89 25.53 -22.63
N ALA D 84 23.59 24.46 -21.90
CA ALA D 84 23.24 23.17 -22.47
C ALA D 84 21.73 22.98 -22.33
N ASN D 85 21.01 23.13 -23.43
CA ASN D 85 19.56 23.00 -23.43
C ASN D 85 19.16 21.55 -23.73
N LEU D 86 17.99 21.17 -23.21
CA LEU D 86 17.52 19.80 -23.40
C LEU D 86 17.08 19.59 -24.85
N LEU D 87 17.65 18.58 -25.49
CA LEU D 87 17.29 18.24 -26.87
C LEU D 87 16.21 17.17 -26.90
N SER D 88 16.51 16.00 -26.33
CA SER D 88 15.56 14.89 -26.30
C SER D 88 15.58 14.26 -24.91
N MET D 89 14.48 13.63 -24.56
CA MET D 89 14.36 12.93 -23.29
C MET D 89 13.69 11.58 -23.52
N PRO D 90 14.08 10.56 -22.75
CA PRO D 90 13.43 9.25 -22.88
C PRO D 90 12.11 9.22 -22.09
N VAL D 91 11.05 8.76 -22.76
CA VAL D 91 9.74 8.62 -22.12
C VAL D 91 9.34 7.15 -22.15
N ARG D 92 8.55 6.76 -21.16
CA ARG D 92 8.13 5.37 -21.03
C ARG D 92 7.17 5.00 -22.16
N SER D 93 7.39 3.82 -22.73
CA SER D 93 6.57 3.29 -23.81
C SER D 93 6.16 1.86 -23.50
N ASP D 94 5.31 1.30 -24.35
CA ASP D 94 4.80 -0.05 -24.19
C ASP D 94 5.37 -1.05 -25.17
N LYS D 95 5.45 -0.70 -26.46
CA LYS D 95 6.06 -1.60 -27.43
C LYS D 95 7.57 -1.67 -27.26
N VAL D 96 8.17 -0.58 -26.78
CA VAL D 96 9.61 -0.51 -26.54
C VAL D 96 9.82 -0.02 -25.13
N PRO D 97 11.00 -0.28 -24.54
CA PRO D 97 11.25 0.22 -23.17
C PRO D 97 11.09 1.72 -23.05
N PHE D 98 11.53 2.47 -24.06
CA PHE D 98 11.43 3.92 -24.01
C PHE D 98 11.51 4.47 -25.43
N LEU D 99 11.10 5.73 -25.57
CA LEU D 99 11.25 6.48 -26.81
C LEU D 99 11.89 7.82 -26.49
N MET D 100 12.66 8.33 -27.46
CA MET D 100 13.33 9.62 -27.30
C MET D 100 12.37 10.72 -27.74
N ALA D 101 11.90 11.50 -26.78
CA ALA D 101 10.84 12.47 -27.02
C ALA D 101 11.42 13.84 -27.36
N ILE D 102 10.98 14.40 -28.48
CA ILE D 102 11.31 15.75 -28.88
C ILE D 102 10.02 16.47 -29.21
N SER D 103 10.04 17.79 -29.06
CA SER D 103 8.86 18.62 -29.31
C SER D 103 9.14 19.56 -30.47
N ASP D 104 8.05 20.09 -31.04
CA ASP D 104 8.17 21.04 -32.13
C ASP D 104 8.83 22.34 -31.66
N GLU D 105 8.49 22.79 -30.46
CA GLU D 105 9.04 24.06 -29.97
C GLU D 105 10.54 23.97 -29.75
N VAL D 106 11.03 22.85 -29.22
CA VAL D 106 12.48 22.73 -29.02
C VAL D 106 13.19 22.61 -30.37
N LEU D 107 12.55 21.99 -31.36
CA LEU D 107 13.12 21.96 -32.70
C LEU D 107 13.23 23.36 -33.29
N GLN D 108 12.16 24.17 -33.13
CA GLN D 108 12.20 25.54 -33.63
C GLN D 108 13.24 26.37 -32.89
N GLU D 109 13.35 26.18 -31.58
CA GLU D 109 14.37 26.89 -30.80
C GLU D 109 15.76 26.48 -31.24
N LEU D 110 15.97 25.20 -31.55
CA LEU D 110 17.25 24.74 -32.05
C LEU D 110 17.57 25.37 -33.41
N ILE D 111 16.57 25.45 -34.29
CA ILE D 111 16.79 26.08 -35.59
C ILE D 111 17.16 27.54 -35.40
N THR D 112 16.44 28.24 -34.52
CA THR D 112 16.74 29.65 -34.26
C THR D 112 18.13 29.82 -33.67
N LYS D 113 18.54 28.90 -32.79
CA LYS D 113 19.87 28.98 -32.18
C LYS D 113 20.96 28.76 -33.21
N MET D 114 20.80 27.77 -34.09
CA MET D 114 21.80 27.53 -35.13
C MET D 114 21.87 28.71 -36.10
N LYS D 115 20.72 29.30 -36.45
CA LYS D 115 20.75 30.48 -37.30
C LYS D 115 21.44 31.64 -36.60
N PHE D 116 21.19 31.81 -35.30
CA PHE D 116 21.76 32.92 -34.55
C PHE D 116 23.25 32.72 -34.30
N PHE D 117 23.66 31.47 -34.05
CA PHE D 117 25.05 31.19 -33.73
C PHE D 117 25.90 30.88 -34.96
N ASN D 118 25.28 30.43 -36.05
CA ASN D 118 25.99 30.07 -37.28
C ASN D 118 27.02 28.97 -37.00
N CYS D 119 26.49 27.80 -36.63
CA CYS D 119 27.32 26.64 -36.37
C CYS D 119 28.05 26.19 -37.64
N GLU D 120 28.98 25.26 -37.46
CA GLU D 120 29.84 24.82 -38.56
C GLU D 120 29.01 24.20 -39.68
N GLU D 121 28.17 23.22 -39.34
CA GLU D 121 27.32 22.54 -40.31
C GLU D 121 25.87 23.01 -40.21
N ALA D 122 25.68 24.30 -39.97
CA ALA D 122 24.35 24.81 -39.63
C ALA D 122 23.38 24.74 -40.81
N THR D 123 23.86 25.01 -42.02
CA THR D 123 22.95 25.28 -43.14
C THR D 123 22.12 24.06 -43.52
N GLN D 124 22.79 22.91 -43.71
CA GLN D 124 22.07 21.71 -44.14
C GLN D 124 21.10 21.24 -43.07
N TYR D 125 21.53 21.29 -41.80
CA TYR D 125 20.64 20.92 -40.71
C TYR D 125 19.44 21.85 -40.63
N ILE D 126 19.66 23.16 -40.82
CA ILE D 126 18.56 24.11 -40.79
C ILE D 126 17.57 23.80 -41.90
N SER D 127 18.07 23.56 -43.11
CA SER D 127 17.17 23.28 -44.23
C SER D 127 16.35 22.01 -44.00
N HIS D 128 17.02 20.92 -43.60
CA HIS D 128 16.31 19.66 -43.45
C HIS D 128 15.37 19.68 -42.24
N LEU D 129 15.79 20.30 -41.13
CA LEU D 129 14.92 20.41 -39.97
C LEU D 129 13.73 21.31 -40.26
N SER D 130 13.92 22.38 -41.05
CA SER D 130 12.81 23.24 -41.42
C SER D 130 11.82 22.49 -42.30
N THR D 131 12.31 21.70 -43.26
CA THR D 131 11.40 20.90 -44.08
C THR D 131 10.64 19.89 -43.23
N LEU D 132 11.34 19.23 -42.29
CA LEU D 132 10.67 18.27 -41.41
C LEU D 132 9.62 18.95 -40.55
N LEU D 133 9.93 20.13 -39.99
CA LEU D 133 8.99 20.85 -39.16
C LEU D 133 7.78 21.31 -39.96
N ASP D 134 8.00 21.77 -41.20
CA ASP D 134 6.88 22.19 -42.04
C ASP D 134 5.99 21.00 -42.40
N ASN D 135 6.59 19.84 -42.68
CA ASN D 135 5.79 18.65 -42.93
C ASN D 135 5.00 18.24 -41.69
N ILE D 136 5.62 18.35 -40.52
CA ILE D 136 4.94 18.04 -39.27
C ILE D 136 3.74 18.95 -39.06
N LYS D 137 3.92 20.26 -39.31
CA LYS D 137 2.83 21.20 -39.15
C LYS D 137 1.73 20.97 -40.19
N THR D 138 2.12 20.59 -41.41
CA THR D 138 1.13 20.29 -42.44
C THR D 138 0.30 19.06 -42.07
N GLN D 139 0.94 18.03 -41.51
CA GLN D 139 0.21 16.83 -41.12
C GLN D 139 -0.62 17.05 -39.86
N ALA D 140 -0.12 17.83 -38.90
CA ALA D 140 -0.85 18.03 -37.65
C ALA D 140 -2.11 18.86 -37.87
N GLN D 141 -1.99 19.98 -38.59
CA GLN D 141 -3.10 20.90 -38.84
C GLN D 141 -3.74 21.36 -37.52
N GLY D 142 -2.92 21.88 -36.63
CA GLY D 142 -3.40 22.48 -35.40
C GLY D 142 -3.87 21.52 -34.34
N THR D 143 -3.63 20.22 -34.51
CA THR D 143 -4.03 19.22 -33.53
C THR D 143 -2.82 18.69 -32.78
N ASP D 144 -3.08 18.13 -31.60
CA ASP D 144 -2.01 17.51 -30.81
C ASP D 144 -1.53 16.26 -31.51
N PHE D 145 -0.22 16.12 -31.66
CA PHE D 145 0.37 15.09 -32.49
C PHE D 145 1.42 14.32 -31.71
N ALA D 146 1.70 13.10 -32.20
CA ALA D 146 2.80 12.28 -31.68
C ALA D 146 3.20 11.34 -32.82
N TYR D 147 4.28 11.68 -33.51
CA TYR D 147 4.65 11.03 -34.75
C TYR D 147 5.90 10.17 -34.56
N VAL D 148 5.78 8.89 -34.90
CA VAL D 148 6.92 7.99 -34.97
C VAL D 148 7.28 7.80 -36.43
N PHE D 149 8.56 7.52 -36.68
CA PHE D 149 9.06 7.36 -38.03
C PHE D 149 9.48 5.94 -38.36
N ASP D 150 9.71 5.10 -37.36
CA ASP D 150 9.87 3.67 -37.60
C ASP D 150 8.50 3.04 -37.77
N PRO D 151 8.24 2.33 -38.88
CA PRO D 151 6.90 1.75 -39.07
C PRO D 151 6.50 0.77 -37.97
N LEU D 152 7.48 0.08 -37.37
CA LEU D 152 7.17 -0.84 -36.28
C LEU D 152 6.68 -0.12 -35.03
N LEU D 153 7.00 1.16 -34.88
CA LEU D 153 6.67 1.92 -33.70
C LEU D 153 5.28 2.55 -33.74
N GLN D 154 4.53 2.34 -34.82
CA GLN D 154 3.18 2.88 -34.91
C GLN D 154 2.30 2.25 -33.85
N GLY D 155 1.46 3.07 -33.22
CA GLY D 155 0.62 2.60 -32.14
C GLY D 155 1.29 2.54 -30.79
N ALA D 156 2.52 3.04 -30.68
CA ALA D 156 3.20 3.07 -29.39
C ALA D 156 2.48 4.02 -28.43
N ILE D 157 2.58 3.71 -27.14
CA ILE D 157 1.85 4.42 -26.09
C ILE D 157 2.87 5.14 -25.21
N ILE D 158 2.76 6.46 -25.14
CA ILE D 158 3.50 7.23 -24.14
C ILE D 158 2.73 7.13 -22.84
N GLU D 159 3.36 6.57 -21.81
CA GLU D 159 2.62 6.14 -20.63
C GLU D 159 2.17 7.33 -19.79
N GLU D 160 3.06 8.29 -19.52
CA GLU D 160 2.74 9.35 -18.57
C GLU D 160 1.60 10.23 -19.08
N VAL D 161 1.70 10.68 -20.32
CA VAL D 161 0.60 11.36 -21.00
C VAL D 161 0.00 10.37 -21.97
N SER D 162 -1.22 9.92 -21.70
CA SER D 162 -1.81 8.78 -22.40
C SER D 162 -2.18 9.19 -23.82
N ILE D 163 -1.16 9.19 -24.69
CA ILE D 163 -1.34 9.49 -26.11
C ILE D 163 -0.68 8.38 -26.91
N ARG D 164 -1.14 8.23 -28.15
CA ARG D 164 -0.70 7.16 -29.04
C ARG D 164 0.13 7.74 -30.17
N ALA D 165 1.13 6.97 -30.60
CA ALA D 165 2.06 7.42 -31.64
C ALA D 165 1.51 7.08 -33.01
N THR D 166 1.42 8.09 -33.87
CA THR D 166 1.00 7.94 -35.25
C THR D 166 2.21 7.92 -36.17
N CYS D 167 2.04 7.32 -37.34
CA CYS D 167 3.13 7.20 -38.32
C CYS D 167 2.76 7.90 -39.61
N PRO D 168 3.28 9.11 -39.86
CA PRO D 168 3.08 9.76 -41.16
C PRO D 168 4.09 9.22 -42.17
N SER D 169 3.59 8.52 -43.18
CA SER D 169 4.47 7.83 -44.12
C SER D 169 5.15 8.77 -45.10
N HIS D 170 4.67 10.00 -45.23
CA HIS D 170 5.21 10.95 -46.20
C HIS D 170 6.20 11.93 -45.58
N ILE D 171 6.62 11.71 -44.34
CA ILE D 171 7.59 12.57 -43.68
C ILE D 171 8.89 11.79 -43.49
N PRO D 172 9.89 11.99 -44.34
CA PRO D 172 11.13 11.21 -44.22
C PRO D 172 12.05 11.78 -43.16
N LEU D 173 12.57 10.90 -42.30
CA LEU D 173 13.55 11.27 -41.29
C LEU D 173 14.93 10.88 -41.82
N GLN D 174 15.74 11.89 -42.15
CA GLN D 174 17.05 11.63 -42.71
C GLN D 174 17.96 10.96 -41.69
N PRO D 175 18.91 10.14 -42.13
CA PRO D 175 19.80 9.46 -41.18
C PRO D 175 20.56 10.39 -40.26
N SER D 176 21.01 11.55 -40.75
CA SER D 176 21.72 12.48 -39.90
C SER D 176 20.80 13.05 -38.82
N LEU D 177 19.53 13.31 -39.16
CA LEU D 177 18.58 13.75 -38.15
C LEU D 177 18.36 12.69 -37.09
N LYS D 178 18.35 11.42 -37.49
CA LYS D 178 18.29 10.34 -36.52
C LYS D 178 19.52 10.32 -35.63
N LYS D 179 20.70 10.51 -36.21
CA LYS D 179 21.93 10.54 -35.42
C LYS D 179 21.93 11.70 -34.44
N LEU D 180 21.30 12.82 -34.79
CA LEU D 180 21.27 13.96 -33.89
C LEU D 180 20.23 13.80 -32.80
N LEU D 181 19.00 13.41 -33.16
CA LEU D 181 17.90 13.40 -32.21
C LEU D 181 17.75 12.08 -31.48
N GLY D 182 18.26 10.98 -32.02
CA GLY D 182 18.25 9.70 -31.35
C GLY D 182 17.38 8.69 -32.08
N ASP D 183 17.55 7.43 -31.65
CA ASP D 183 16.79 6.31 -32.22
C ASP D 183 15.45 6.17 -31.51
N ARG D 184 14.48 5.64 -32.24
CA ARG D 184 13.10 5.54 -31.77
C ARG D 184 12.59 6.92 -31.35
N LEU D 185 12.69 7.86 -32.28
CA LEU D 185 12.36 9.26 -32.00
C LEU D 185 10.85 9.48 -32.09
N VAL D 186 10.34 10.26 -31.14
CA VAL D 186 8.93 10.66 -31.12
C VAL D 186 8.89 12.18 -31.11
N ILE D 187 8.17 12.76 -32.05
CA ILE D 187 7.96 14.20 -32.12
C ILE D 187 6.51 14.47 -31.73
N LEU D 188 6.33 15.24 -30.65
CA LEU D 188 5.02 15.51 -30.10
C LEU D 188 4.88 17.00 -29.80
N SER D 189 3.69 17.39 -29.39
CA SER D 189 3.43 18.78 -29.04
C SER D 189 4.22 19.17 -27.80
N HIS D 190 4.57 20.45 -27.71
CA HIS D 190 5.37 20.91 -26.58
C HIS D 190 4.63 20.83 -25.26
N LYS D 191 3.30 20.80 -25.28
CA LYS D 191 2.57 20.61 -24.02
C LYS D 191 2.86 19.23 -23.43
N TYR D 192 2.87 18.20 -24.27
CA TYR D 192 3.19 16.86 -23.80
C TYR D 192 4.62 16.79 -23.28
N PHE D 193 5.57 17.42 -23.99
CA PHE D 193 6.96 17.41 -23.54
C PHE D 193 7.12 18.16 -22.22
N SER D 194 6.44 19.30 -22.08
CA SER D 194 6.49 20.06 -20.83
C SER D 194 5.93 19.26 -19.67
N ILE D 195 4.81 18.55 -19.90
CA ILE D 195 4.27 17.71 -18.84
C ILE D 195 5.24 16.58 -18.50
N LEU D 196 5.86 15.98 -19.52
CA LEU D 196 6.78 14.87 -19.30
C LEU D 196 8.05 15.32 -18.57
N SER D 197 8.49 16.56 -18.81
CA SER D 197 9.74 17.06 -18.25
C SER D 197 9.54 17.94 -17.03
N ASP D 198 8.33 17.99 -16.47
CA ASP D 198 8.06 18.84 -15.32
C ASP D 198 8.53 18.16 -14.04
N ASP D 199 8.35 18.84 -12.92
CA ASP D 199 8.85 18.34 -11.64
C ASP D 199 8.10 17.08 -11.20
N ASN D 200 6.80 16.99 -11.50
CA ASN D 200 6.01 15.85 -11.08
C ASN D 200 6.30 14.58 -11.88
N HIS D 201 6.96 14.70 -13.04
CA HIS D 201 7.24 13.55 -13.87
C HIS D 201 8.71 13.19 -13.99
N LEU D 202 9.61 14.10 -13.63
CA LEU D 202 11.02 13.76 -13.60
C LEU D 202 11.28 12.77 -12.45
N PRO D 203 12.20 11.83 -12.63
CA PRO D 203 12.43 10.82 -11.59
C PRO D 203 12.83 11.45 -10.26
N VAL D 204 12.18 11.00 -9.19
CA VAL D 204 12.47 11.45 -7.83
C VAL D 204 12.88 10.24 -7.02
N LEU D 205 14.02 10.34 -6.34
CA LEU D 205 14.59 9.23 -5.60
C LEU D 205 14.69 9.59 -4.13
N SER D 206 14.31 8.65 -3.26
CA SER D 206 14.44 8.81 -1.83
C SER D 206 15.82 8.35 -1.38
N ARG D 207 16.41 9.09 -0.46
CA ARG D 207 17.76 8.80 0.00
C ARG D 207 17.81 8.85 1.53
N ASN D 208 18.76 8.12 2.10
CA ASN D 208 18.81 7.87 3.53
C ASN D 208 20.22 8.10 4.06
N ASN D 209 20.30 8.35 5.36
CA ASN D 209 21.57 8.42 6.10
C ASN D 209 21.39 7.57 7.35
N LEU D 210 22.14 6.47 7.44
CA LEU D 210 21.98 5.50 8.50
C LEU D 210 23.19 5.52 9.43
N GLU D 211 22.92 5.63 10.73
CA GLU D 211 23.95 5.57 11.76
C GLU D 211 23.65 4.39 12.67
N ASN D 212 24.46 3.33 12.56
CA ASN D 212 24.28 2.12 13.36
C ASN D 212 22.86 1.56 13.23
N GLY D 213 22.33 1.61 12.02
CA GLY D 213 20.99 1.15 11.76
C GLY D 213 19.89 2.16 12.06
N GLN D 214 20.23 3.33 12.57
CA GLN D 214 19.26 4.39 12.83
C GLN D 214 19.35 5.43 11.73
N SER D 215 18.18 5.84 11.23
CA SER D 215 18.12 6.82 10.15
C SER D 215 18.40 8.21 10.72
N ALA D 216 19.45 8.86 10.22
CA ALA D 216 19.80 10.19 10.67
C ALA D 216 19.06 11.27 9.90
N ASN D 217 19.07 11.20 8.57
CA ASN D 217 18.44 12.20 7.73
C ASN D 217 17.70 11.52 6.59
N LEU D 218 16.73 12.25 6.03
CA LEU D 218 15.97 11.80 4.87
C LEU D 218 15.76 12.98 3.94
N TRP D 219 15.93 12.74 2.63
CA TRP D 219 15.69 13.77 1.64
C TRP D 219 15.42 13.10 0.30
N TYR D 220 14.86 13.87 -0.63
CA TYR D 220 14.51 13.38 -1.95
C TYR D 220 15.28 14.15 -3.00
N GLU D 221 15.63 13.46 -4.10
CA GLU D 221 16.50 14.02 -5.12
C GLU D 221 15.83 13.94 -6.48
N GLN D 222 16.05 14.97 -7.29
CA GLN D 222 15.57 15.02 -8.66
C GLN D 222 16.74 14.78 -9.61
N VAL D 223 16.52 13.97 -10.64
CA VAL D 223 17.56 13.63 -11.60
C VAL D 223 17.00 13.72 -13.01
N LEU D 224 17.88 13.96 -13.97
CA LEU D 224 17.55 13.89 -15.38
C LEU D 224 17.70 12.45 -15.87
N PRO D 225 16.72 11.90 -16.58
CA PRO D 225 16.77 10.48 -16.94
C PRO D 225 17.95 10.15 -17.83
N ARG D 226 18.43 8.91 -17.70
CA ARG D 226 19.53 8.42 -18.51
C ARG D 226 19.12 8.36 -19.98
N TYR D 227 20.10 8.60 -20.87
CA TYR D 227 19.97 8.64 -22.33
C TYR D 227 19.33 9.94 -22.81
N SER D 228 19.10 10.90 -21.92
CA SER D 228 18.64 12.22 -22.36
C SER D 228 19.75 12.93 -23.11
N ARG D 229 19.34 13.75 -24.08
CA ARG D 229 20.28 14.44 -24.95
C ARG D 229 20.17 15.95 -24.74
N LEU D 230 21.32 16.60 -24.60
CA LEU D 230 21.40 18.04 -24.45
C LEU D 230 22.42 18.59 -25.44
N TYR D 231 22.19 19.83 -25.87
CA TYR D 231 23.07 20.50 -26.82
C TYR D 231 23.53 21.84 -26.27
N PHE D 232 24.79 22.17 -26.53
CA PHE D 232 25.34 23.47 -26.16
C PHE D 232 26.21 23.97 -27.30
N MET D 233 26.62 25.23 -27.19
CA MET D 233 27.46 25.87 -28.19
C MET D 233 28.83 26.17 -27.58
N LEU D 234 29.88 25.83 -28.30
CA LEU D 234 31.24 26.10 -27.88
C LEU D 234 31.88 27.10 -28.85
N MET D 235 32.36 28.21 -28.32
CA MET D 235 33.05 29.22 -29.11
C MET D 235 34.51 29.23 -28.69
N ASP D 236 35.39 28.96 -29.64
CA ASP D 236 36.81 28.84 -29.38
C ASP D 236 37.56 30.15 -29.46
N GLY D 237 36.92 31.21 -29.94
CA GLY D 237 37.65 32.43 -30.27
C GLY D 237 38.61 32.13 -31.40
N ASN D 238 39.91 32.13 -31.09
CA ASN D 238 40.92 31.60 -32.01
C ASN D 238 42.04 31.02 -31.15
N ALA D 239 41.95 29.72 -30.89
CA ALA D 239 42.93 29.02 -30.09
C ALA D 239 43.97 28.36 -30.98
N GLN D 240 45.03 27.85 -30.35
CA GLN D 240 46.03 27.11 -31.09
C GLN D 240 45.39 25.91 -31.77
N SER D 241 45.71 25.72 -33.05
CA SER D 241 45.11 24.64 -33.82
C SER D 241 45.43 23.29 -33.20
N GLU D 242 46.64 23.12 -32.65
CA GLU D 242 47.02 21.84 -32.06
C GLU D 242 46.21 21.55 -30.80
N TYR D 243 46.09 22.54 -29.92
CA TYR D 243 45.32 22.35 -28.68
C TYR D 243 43.84 22.17 -28.99
N LEU D 244 43.31 22.94 -29.92
CA LEU D 244 41.90 22.79 -30.30
C LEU D 244 41.63 21.42 -30.91
N LYS D 245 42.52 20.97 -31.80
CA LYS D 245 42.35 19.66 -32.41
C LYS D 245 42.45 18.55 -31.36
N LYS D 246 43.38 18.68 -30.41
CA LYS D 246 43.47 17.72 -29.32
C LYS D 246 42.18 17.68 -28.52
N PHE D 247 41.64 18.86 -28.21
CA PHE D 247 40.40 18.95 -27.45
C PHE D 247 39.25 18.28 -28.19
N ARG D 248 39.09 18.57 -29.48
CA ARG D 248 38.01 17.99 -30.25
C ARG D 248 38.15 16.47 -30.38
N ASP D 249 39.37 16.00 -30.65
CA ASP D 249 39.59 14.57 -30.82
C ASP D 249 39.37 13.82 -29.51
N THR D 250 39.82 14.38 -28.39
CA THR D 250 39.58 13.75 -27.10
C THR D 250 38.09 13.75 -26.76
N LEU D 251 37.39 14.85 -27.06
CA LEU D 251 35.95 14.91 -26.80
C LEU D 251 35.19 13.90 -27.64
N CYS D 252 35.54 13.79 -28.92
CA CYS D 252 34.81 12.91 -29.83
C CYS D 252 35.25 11.45 -29.73
N THR D 253 36.27 11.14 -28.94
CA THR D 253 36.71 9.77 -28.80
C THR D 253 35.61 8.93 -28.15
N PRO D 254 35.27 7.77 -28.72
CA PRO D 254 34.20 6.95 -28.12
C PRO D 254 34.49 6.48 -26.70
N SER D 255 35.75 6.41 -26.30
CA SER D 255 36.12 5.94 -24.98
C SER D 255 36.16 7.05 -23.94
N THR D 256 35.76 8.25 -24.29
CA THR D 256 35.84 9.41 -23.40
C THR D 256 34.48 9.66 -22.76
N ILE D 257 34.45 9.66 -21.43
CA ILE D 257 33.24 9.89 -20.65
C ILE D 257 33.47 11.08 -19.74
N ILE D 258 32.53 12.02 -19.74
CA ILE D 258 32.62 13.25 -18.95
C ILE D 258 31.56 13.19 -17.86
N GLN D 259 31.95 13.58 -16.64
CA GLN D 259 31.04 13.62 -15.50
C GLN D 259 30.54 15.05 -15.32
N ILE D 260 29.25 15.26 -15.60
CA ILE D 260 28.58 16.53 -15.34
C ILE D 260 27.45 16.26 -14.37
N GLY D 261 27.46 16.95 -13.24
CA GLY D 261 26.43 16.79 -12.24
C GLY D 261 27.04 16.67 -10.86
N ALA D 262 26.19 16.39 -9.88
CA ALA D 262 26.64 16.37 -8.48
C ALA D 262 27.29 15.05 -8.10
N ASN D 263 26.51 13.97 -8.11
CA ASN D 263 26.87 12.74 -7.40
C ASN D 263 27.82 11.90 -8.26
N ALA D 264 29.09 12.27 -8.23
CA ALA D 264 30.09 11.59 -9.05
C ALA D 264 30.36 10.17 -8.56
N SER D 265 30.42 9.97 -7.24
CA SER D 265 30.82 8.68 -6.70
C SER D 265 29.76 7.61 -6.91
N ILE D 266 28.50 8.00 -7.03
CA ILE D 266 27.43 7.05 -7.27
C ILE D 266 26.97 7.18 -8.72
N GLY D 267 27.88 7.61 -9.59
CA GLY D 267 27.67 7.53 -11.02
C GLY D 267 26.55 8.38 -11.58
N TYR D 268 26.46 9.64 -11.16
CA TYR D 268 25.43 10.55 -11.67
C TYR D 268 26.06 11.48 -12.71
N GLY D 269 25.50 11.47 -13.91
CA GLY D 269 25.86 12.46 -14.91
C GLY D 269 27.08 12.15 -15.74
N TYR D 270 27.27 10.90 -16.12
CA TYR D 270 28.33 10.53 -17.04
C TYR D 270 27.81 10.57 -18.47
N CYS D 271 28.50 11.31 -19.34
CA CYS D 271 28.01 11.64 -20.65
C CYS D 271 29.09 11.38 -21.70
N GLN D 272 28.68 11.48 -22.97
CA GLN D 272 29.58 11.32 -24.11
C GLN D 272 29.34 12.47 -25.08
N ILE D 273 30.26 13.42 -25.11
CA ILE D 273 30.08 14.62 -25.91
C ILE D 273 30.31 14.29 -27.38
N SER D 274 29.35 14.67 -28.22
CA SER D 274 29.43 14.48 -29.65
C SER D 274 29.52 15.82 -30.36
N GLU D 275 29.96 15.78 -31.62
CA GLU D 275 30.08 16.97 -32.45
C GLU D 275 29.08 16.87 -33.60
N LEU D 276 28.66 18.05 -34.09
CA LEU D 276 27.70 18.10 -35.19
C LEU D 276 28.35 17.54 -36.45
N SER D 277 27.99 16.32 -36.81
CA SER D 277 28.56 15.69 -38.00
C SER D 277 28.03 16.37 -39.26
N PRO D 278 28.84 16.40 -40.32
CA PRO D 278 28.35 16.96 -41.59
C PRO D 278 27.15 16.19 -42.11
N PHE D 279 26.21 16.93 -42.70
CA PHE D 279 24.99 16.33 -43.22
C PHE D 279 25.22 15.81 -44.63
N MET E 1 42.18 -2.01 -16.28
CA MET E 1 41.93 -2.20 -14.86
C MET E 1 40.91 -1.18 -14.36
N THR E 2 40.01 -0.76 -15.24
CA THR E 2 39.03 0.26 -14.91
C THR E 2 37.68 -0.13 -15.50
N THR E 3 36.63 0.45 -14.92
CA THR E 3 35.24 0.28 -15.34
C THR E 3 34.92 -1.16 -15.73
N ARG E 4 35.07 -2.06 -14.76
CA ARG E 4 34.70 -3.45 -14.94
C ARG E 4 33.26 -3.68 -14.47
N MET E 5 32.67 -4.76 -14.96
CA MET E 5 31.28 -5.08 -14.72
C MET E 5 31.16 -6.17 -13.66
N TYR E 6 30.29 -5.95 -12.68
CA TYR E 6 30.02 -6.90 -11.62
C TYR E 6 28.59 -7.38 -11.71
N VAL E 7 28.38 -8.66 -11.43
CA VAL E 7 27.06 -9.29 -11.47
C VAL E 7 26.62 -9.60 -10.04
N ILE E 8 25.36 -9.30 -9.76
CA ILE E 8 24.78 -9.52 -8.43
C ILE E 8 23.83 -10.72 -8.52
N ASN E 9 24.10 -11.74 -7.73
CA ASN E 9 23.25 -12.92 -7.64
C ASN E 9 22.59 -12.94 -6.26
N THR E 10 21.27 -12.78 -6.24
CA THR E 10 20.54 -12.68 -4.97
C THR E 10 20.33 -14.05 -4.37
N LEU E 11 20.65 -14.19 -3.08
CA LEU E 11 20.41 -15.43 -2.37
C LEU E 11 19.05 -15.47 -1.68
N SER E 12 18.31 -14.37 -1.70
CA SER E 12 16.99 -14.31 -1.06
C SER E 12 16.20 -13.21 -1.74
N ASN E 13 14.96 -13.01 -1.27
CA ASN E 13 14.11 -11.96 -1.79
C ASN E 13 14.71 -10.60 -1.45
N MET E 14 14.71 -9.69 -2.41
CA MET E 14 15.29 -8.36 -2.24
C MET E 14 14.19 -7.30 -2.29
N HIS E 15 14.21 -6.41 -1.30
CA HIS E 15 13.33 -5.25 -1.26
C HIS E 15 14.17 -4.00 -1.07
N VAL E 16 14.26 -3.19 -2.11
CA VAL E 16 14.90 -1.88 -2.04
C VAL E 16 13.80 -0.86 -2.26
N GLY E 17 13.42 -0.16 -1.18
CA GLY E 17 12.23 0.67 -1.23
C GLY E 17 12.42 1.90 -2.10
N SER E 18 11.36 2.25 -2.82
CA SER E 18 11.36 3.45 -3.65
C SER E 18 11.00 4.71 -2.87
N GLY E 19 10.38 4.58 -1.71
CA GLY E 19 10.05 5.73 -0.89
C GLY E 19 8.95 6.60 -1.44
N GLU E 20 8.12 6.07 -2.33
CA GLU E 20 6.99 6.82 -2.89
C GLU E 20 5.71 6.35 -2.23
N VAL E 21 4.82 7.29 -1.93
CA VAL E 21 3.59 7.01 -1.22
C VAL E 21 2.59 6.44 -2.22
N ASN E 22 2.37 5.13 -2.15
CA ASN E 22 1.36 4.47 -2.96
C ASN E 22 0.12 4.24 -2.10
N TYR E 23 -1.02 4.75 -2.55
CA TYR E 23 -2.26 4.64 -1.80
C TYR E 23 -3.08 3.43 -2.21
N GLY E 24 -2.55 2.57 -3.07
CA GLY E 24 -3.21 1.36 -3.48
C GLY E 24 -2.93 0.20 -2.54
N VAL E 25 -2.97 -1.01 -3.10
CA VAL E 25 -2.82 -2.22 -2.29
C VAL E 25 -1.40 -2.36 -1.78
N ILE E 26 -0.40 -2.17 -2.65
CA ILE E 26 0.99 -2.36 -2.28
C ILE E 26 1.52 -1.03 -1.78
N ALA E 27 1.58 -0.88 -0.45
CA ALA E 27 2.15 0.34 0.13
C ALA E 27 3.65 0.40 -0.09
N ASN E 28 4.33 -0.74 0.00
CA ASN E 28 5.78 -0.81 -0.10
C ASN E 28 6.15 -1.35 -1.48
N LEU E 29 6.48 -0.45 -2.40
CA LEU E 29 6.88 -0.81 -3.76
C LEU E 29 8.40 -0.80 -3.87
N ILE E 30 8.92 -1.70 -4.71
CA ILE E 30 10.36 -1.81 -4.88
C ILE E 30 10.86 -0.74 -5.84
N GLN E 31 12.17 -0.60 -5.90
CA GLN E 31 12.82 0.44 -6.70
C GLN E 31 12.91 0.00 -8.16
N ARG E 32 12.50 0.88 -9.07
CA ARG E 32 12.45 0.57 -10.49
C ARG E 32 13.23 1.60 -11.28
N ASP E 33 13.78 1.15 -12.41
CA ASP E 33 14.62 1.99 -13.24
C ASP E 33 13.83 3.11 -13.88
N SER E 34 14.47 4.27 -14.04
CA SER E 34 13.78 5.47 -14.50
C SER E 34 13.28 5.32 -15.93
N VAL E 35 14.09 4.76 -16.83
CA VAL E 35 13.79 4.74 -18.25
C VAL E 35 13.11 3.44 -18.67
N THR E 36 13.63 2.29 -18.22
CA THR E 36 13.10 1.00 -18.65
C THR E 36 12.05 0.43 -17.71
N ASN E 37 11.80 1.09 -16.57
CA ASN E 37 10.82 0.66 -15.57
C ASN E 37 11.12 -0.73 -15.01
N LEU E 38 12.33 -1.24 -15.24
CA LEU E 38 12.70 -2.52 -14.68
C LEU E 38 13.19 -2.34 -13.24
N PRO E 39 13.02 -3.36 -12.39
CA PRO E 39 13.55 -3.26 -11.03
C PRO E 39 15.06 -3.03 -11.05
N ASN E 40 15.53 -2.21 -10.10
CA ASN E 40 16.93 -1.83 -10.07
C ASN E 40 17.33 -1.48 -8.65
N ILE E 41 18.63 -1.21 -8.48
CA ILE E 41 19.19 -0.71 -7.24
C ILE E 41 19.95 0.57 -7.56
N ASN E 42 19.63 1.65 -6.86
CA ASN E 42 20.38 2.88 -7.04
C ASN E 42 21.80 2.72 -6.54
N SER E 43 22.72 3.47 -7.15
CA SER E 43 24.12 3.39 -6.75
C SER E 43 24.32 3.90 -5.33
N SER E 44 23.40 4.73 -4.83
CA SER E 44 23.48 5.17 -3.44
C SER E 44 23.32 4.00 -2.48
N GLY E 45 22.29 3.18 -2.69
CA GLY E 45 22.10 2.02 -1.83
C GLY E 45 23.19 0.99 -1.98
N LEU E 46 23.69 0.80 -3.21
CA LEU E 46 24.78 -0.12 -3.44
C LEU E 46 26.03 0.34 -2.70
N LYS E 47 26.36 1.62 -2.79
CA LYS E 47 27.51 2.16 -2.08
C LYS E 47 27.33 2.04 -0.57
N GLY E 48 26.12 2.31 -0.08
CA GLY E 48 25.87 2.18 1.35
C GLY E 48 26.06 0.76 1.85
N ALA E 49 25.53 -0.22 1.10
CA ALA E 49 25.66 -1.61 1.50
C ALA E 49 27.12 -2.07 1.47
N ILE E 50 27.84 -1.71 0.41
CA ILE E 50 29.23 -2.14 0.31
C ILE E 50 30.10 -1.44 1.36
N ARG E 51 29.79 -0.18 1.68
CA ARG E 51 30.48 0.51 2.77
C ARG E 51 30.18 -0.15 4.11
N GLU E 52 28.94 -0.58 4.31
CA GLU E 52 28.57 -1.24 5.56
C GLU E 52 29.31 -2.58 5.71
N TYR E 53 29.49 -3.31 4.61
CA TYR E 53 30.26 -4.55 4.69
C TYR E 53 31.72 -4.27 5.04
N PHE E 54 32.30 -3.22 4.46
CA PHE E 54 33.72 -2.93 4.61
C PHE E 54 34.02 -1.98 5.76
N LYS E 55 33.03 -1.61 6.57
CA LYS E 55 33.22 -0.57 7.58
C LYS E 55 34.26 -0.96 8.62
N GLU E 56 34.59 -2.24 8.76
CA GLU E 56 35.63 -2.65 9.71
C GLU E 56 36.99 -2.12 9.29
N ASN E 57 37.29 -2.14 8.00
CA ASN E 57 38.57 -1.64 7.48
C ASN E 57 38.43 -0.15 7.24
N GLU E 58 38.83 0.63 8.25
CA GLU E 58 38.62 2.08 8.21
C GLU E 58 39.42 2.72 7.07
N ASP E 59 40.68 2.32 6.90
CA ASP E 59 41.52 2.94 5.88
C ASP E 59 41.01 2.64 4.48
N LEU E 60 40.57 1.41 4.23
CA LEU E 60 40.04 1.05 2.92
C LEU E 60 38.78 1.85 2.60
N VAL E 61 37.89 1.99 3.59
CA VAL E 61 36.67 2.76 3.39
C VAL E 61 36.99 4.22 3.13
N ARG E 62 37.93 4.78 3.90
CA ARG E 62 38.29 6.19 3.72
C ARG E 62 38.92 6.43 2.35
N GLU E 63 39.78 5.51 1.89
CA GLU E 63 40.43 5.69 0.61
C GLU E 63 39.45 5.52 -0.54
N LEU E 64 38.64 4.46 -0.52
CA LEU E 64 37.81 4.12 -1.66
C LEU E 64 36.43 4.77 -1.63
N PHE E 65 35.80 4.82 -0.47
CA PHE E 65 34.42 5.29 -0.37
C PHE E 65 34.31 6.77 -0.04
N GLY E 66 35.28 7.32 0.67
CA GLY E 66 35.25 8.74 0.99
C GLY E 66 35.50 9.05 2.44
N SER E 67 34.57 9.77 3.07
CA SER E 67 34.69 10.14 4.48
C SER E 67 33.36 9.91 5.18
N ALA E 68 33.43 9.75 6.49
CA ALA E 68 32.22 9.58 7.28
C ALA E 68 31.37 10.85 7.22
N PRO E 69 30.05 10.73 7.29
CA PRO E 69 29.19 11.92 7.18
C PRO E 69 29.44 12.97 8.26
N ARG E 70 29.89 12.56 9.44
CA ARG E 70 30.17 13.50 10.53
C ARG E 70 31.65 13.64 10.81
N ASP E 71 32.50 13.28 9.85
CA ASP E 71 33.93 13.55 9.98
C ASP E 71 34.18 15.04 9.82
N GLU E 72 35.16 15.55 10.57
CA GLU E 72 35.46 16.98 10.51
C GLU E 72 35.97 17.37 9.13
N LYS E 73 36.85 16.57 8.54
CA LYS E 73 37.35 16.80 7.20
C LYS E 73 36.58 15.92 6.21
N THR E 74 36.32 16.47 5.04
CA THR E 74 35.62 15.73 3.98
C THR E 74 36.62 15.20 2.97
N LEU E 75 36.35 14.00 2.46
CA LEU E 75 37.20 13.36 1.47
C LEU E 75 36.30 12.80 0.38
N PRO E 76 36.47 13.21 -0.88
CA PRO E 76 35.64 12.64 -1.96
C PRO E 76 35.94 11.17 -2.16
N GLY E 77 34.91 10.44 -2.59
CA GLY E 77 35.10 9.04 -2.91
C GLY E 77 35.85 8.88 -4.22
N LYS E 78 36.75 7.90 -4.25
CA LYS E 78 37.58 7.68 -5.43
C LYS E 78 36.98 6.65 -6.37
N VAL E 79 36.18 5.72 -5.86
CA VAL E 79 35.55 4.69 -6.68
C VAL E 79 34.17 5.17 -7.10
N ARG E 80 33.84 4.97 -8.37
CA ARG E 80 32.55 5.38 -8.92
C ARG E 80 31.64 4.16 -9.01
N PHE E 81 30.52 4.20 -8.29
CA PHE E 81 29.52 3.14 -8.31
C PHE E 81 28.42 3.51 -9.30
N PHE E 82 27.81 2.49 -9.91
CA PHE E 82 26.73 2.71 -10.85
C PHE E 82 25.52 1.86 -10.44
N GLU E 83 24.35 2.31 -10.89
CA GLU E 83 23.11 1.64 -10.53
C GLU E 83 23.09 0.21 -11.08
N ALA E 84 22.49 -0.69 -10.32
CA ALA E 84 22.41 -2.10 -10.67
C ALA E 84 21.12 -2.34 -11.43
N ASN E 85 21.22 -2.67 -12.71
CA ASN E 85 20.07 -2.93 -13.55
C ASN E 85 19.81 -4.43 -13.63
N LEU E 86 18.52 -4.78 -13.71
CA LEU E 86 18.12 -6.17 -13.72
C LEU E 86 18.61 -6.86 -14.98
N LEU E 87 19.16 -8.06 -14.82
CA LEU E 87 19.66 -8.86 -15.93
C LEU E 87 18.79 -10.08 -16.18
N SER E 88 18.60 -10.93 -15.18
CA SER E 88 17.78 -12.12 -15.29
C SER E 88 16.84 -12.22 -14.11
N MET E 89 15.63 -12.72 -14.36
CA MET E 89 14.65 -12.93 -13.31
C MET E 89 14.13 -14.35 -13.37
N PRO E 90 13.87 -14.98 -12.23
CA PRO E 90 13.29 -16.32 -12.25
C PRO E 90 11.80 -16.27 -12.56
N VAL E 91 11.36 -17.21 -13.39
CA VAL E 91 9.96 -17.36 -13.75
C VAL E 91 9.55 -18.81 -13.53
N ARG E 92 8.33 -19.00 -13.04
CA ARG E 92 7.85 -20.34 -12.72
C ARG E 92 7.69 -21.17 -13.98
N SER E 93 7.93 -22.48 -13.84
CA SER E 93 7.83 -23.41 -14.95
C SER E 93 7.30 -24.74 -14.44
N ASP E 94 6.85 -25.57 -15.37
CA ASP E 94 6.30 -26.89 -15.04
C ASP E 94 7.32 -28.01 -15.18
N LYS E 95 8.15 -27.97 -16.22
CA LYS E 95 9.17 -29.00 -16.38
C LYS E 95 10.34 -28.81 -15.41
N VAL E 96 10.65 -27.57 -15.08
CA VAL E 96 11.72 -27.26 -14.12
C VAL E 96 11.13 -26.33 -13.07
N PRO E 97 11.76 -26.28 -11.88
CA PRO E 97 11.22 -25.38 -10.84
C PRO E 97 11.11 -23.93 -11.26
N PHE E 98 12.09 -23.43 -12.02
CA PHE E 98 12.03 -22.07 -12.53
C PHE E 98 12.96 -21.94 -13.73
N LEU E 99 12.74 -20.88 -14.50
CA LEU E 99 13.57 -20.54 -15.64
C LEU E 99 14.15 -19.14 -15.44
N MET E 100 15.29 -18.90 -16.09
CA MET E 100 15.96 -17.60 -16.03
C MET E 100 15.45 -16.75 -17.21
N ALA E 101 14.75 -15.67 -16.90
CA ALA E 101 14.07 -14.87 -17.91
C ALA E 101 14.87 -13.62 -18.24
N ILE E 102 15.14 -13.43 -19.53
CA ILE E 102 15.76 -12.21 -20.04
C ILE E 102 15.06 -11.88 -21.35
N SER E 103 14.98 -10.59 -21.65
CA SER E 103 14.32 -10.11 -22.86
C SER E 103 15.35 -9.64 -23.87
N ASP E 104 14.90 -9.56 -25.13
CA ASP E 104 15.79 -9.05 -26.19
C ASP E 104 16.16 -7.60 -25.93
N GLU E 105 15.24 -6.82 -25.39
CA GLU E 105 15.55 -5.42 -25.07
C GLU E 105 16.55 -5.33 -23.93
N VAL E 106 16.45 -6.24 -22.94
CA VAL E 106 17.45 -6.27 -21.87
C VAL E 106 18.83 -6.59 -22.43
N LEU E 107 18.91 -7.53 -23.38
CA LEU E 107 20.18 -7.85 -24.01
C LEU E 107 20.70 -6.67 -24.82
N GLN E 108 19.83 -5.98 -25.55
CA GLN E 108 20.24 -4.80 -26.30
C GLN E 108 20.78 -3.72 -25.38
N GLU E 109 20.08 -3.48 -24.26
CA GLU E 109 20.53 -2.49 -23.29
C GLU E 109 21.87 -2.87 -22.69
N LEU E 110 22.06 -4.16 -22.39
CA LEU E 110 23.34 -4.61 -21.84
C LEU E 110 24.46 -4.42 -22.84
N ILE E 111 24.22 -4.76 -24.11
CA ILE E 111 25.24 -4.59 -25.14
C ILE E 111 25.59 -3.12 -25.31
N THR E 112 24.57 -2.25 -25.35
CA THR E 112 24.83 -0.82 -25.49
C THR E 112 25.58 -0.27 -24.30
N LYS E 113 25.22 -0.68 -23.08
CA LYS E 113 25.91 -0.21 -21.89
C LYS E 113 27.36 -0.67 -21.87
N MET E 114 27.61 -1.92 -22.27
CA MET E 114 28.99 -2.42 -22.34
C MET E 114 29.78 -1.66 -23.39
N LYS E 115 29.17 -1.37 -24.54
CA LYS E 115 29.86 -0.62 -25.58
C LYS E 115 30.21 0.79 -25.10
N PHE E 116 29.27 1.46 -24.42
CA PHE E 116 29.53 2.81 -23.95
C PHE E 116 30.60 2.84 -22.87
N PHE E 117 30.56 1.87 -21.95
CA PHE E 117 31.46 1.88 -20.81
C PHE E 117 32.75 1.11 -21.04
N ASN E 118 32.78 0.22 -22.02
CA ASN E 118 33.97 -0.56 -22.38
C ASN E 118 34.53 -1.30 -21.16
N CYS E 119 33.74 -2.27 -20.71
CA CYS E 119 34.13 -3.10 -19.59
C CYS E 119 35.44 -3.84 -19.90
N GLU E 120 36.00 -4.45 -18.85
CA GLU E 120 37.33 -5.05 -18.98
C GLU E 120 37.34 -6.20 -19.99
N GLU E 121 36.29 -7.02 -19.99
CA GLU E 121 36.17 -8.15 -20.91
C GLU E 121 35.01 -7.93 -21.86
N ALA E 122 34.85 -6.69 -22.33
CA ALA E 122 33.63 -6.32 -23.04
C ALA E 122 33.59 -6.81 -24.48
N THR E 123 34.74 -6.92 -25.16
CA THR E 123 34.73 -7.11 -26.61
C THR E 123 34.11 -8.46 -27.00
N GLN E 124 34.59 -9.55 -26.40
CA GLN E 124 34.08 -10.87 -26.76
C GLN E 124 32.61 -11.01 -26.37
N TYR E 125 32.25 -10.51 -25.19
CA TYR E 125 30.86 -10.59 -24.76
C TYR E 125 29.94 -9.80 -25.69
N ILE E 126 30.38 -8.61 -26.11
CA ILE E 126 29.57 -7.81 -27.03
C ILE E 126 29.39 -8.54 -28.34
N SER E 127 30.47 -9.10 -28.88
CA SER E 127 30.39 -9.80 -30.16
C SER E 127 29.44 -11.00 -30.07
N HIS E 128 29.59 -11.82 -29.03
CA HIS E 128 28.79 -13.02 -28.91
C HIS E 128 27.33 -12.69 -28.60
N LEU E 129 27.08 -11.67 -27.77
CA LEU E 129 25.71 -11.27 -27.48
C LEU E 129 25.04 -10.67 -28.71
N SER E 130 25.79 -9.92 -29.52
CA SER E 130 25.23 -9.41 -30.76
C SER E 130 24.89 -10.55 -31.71
N THR E 131 25.76 -11.56 -31.79
CA THR E 131 25.45 -12.72 -32.62
C THR E 131 24.18 -13.44 -32.14
N LEU E 132 24.07 -13.63 -30.82
CA LEU E 132 22.90 -14.29 -30.26
C LEU E 132 21.62 -13.49 -30.53
N LEU E 133 21.68 -12.17 -30.34
CA LEU E 133 20.52 -11.33 -30.58
C LEU E 133 20.13 -11.31 -32.06
N ASP E 134 21.12 -11.29 -32.95
CA ASP E 134 20.83 -11.34 -34.37
C ASP E 134 20.17 -12.66 -34.75
N ASN E 135 20.67 -13.77 -34.22
CA ASN E 135 20.05 -15.06 -34.48
C ASN E 135 18.62 -15.10 -33.94
N ILE E 136 18.41 -14.55 -32.76
CA ILE E 136 17.07 -14.54 -32.15
C ILE E 136 16.11 -13.71 -33.01
N LYS E 137 16.56 -12.54 -33.48
CA LYS E 137 15.70 -11.70 -34.30
C LYS E 137 15.43 -12.36 -35.66
N THR E 138 16.42 -13.06 -36.21
CA THR E 138 16.21 -13.78 -37.45
C THR E 138 15.17 -14.88 -37.28
N GLN E 139 15.23 -15.62 -36.17
CA GLN E 139 14.29 -16.71 -35.96
C GLN E 139 12.89 -16.21 -35.62
N ALA E 140 12.81 -15.11 -34.85
CA ALA E 140 11.52 -14.62 -34.39
C ALA E 140 10.70 -14.03 -35.53
N GLN E 141 11.35 -13.32 -36.45
CA GLN E 141 10.68 -12.71 -37.60
C GLN E 141 9.61 -11.71 -37.16
N GLY E 142 9.89 -10.99 -36.08
CA GLY E 142 8.99 -9.96 -35.59
C GLY E 142 7.82 -10.46 -34.78
N THR E 143 7.73 -11.76 -34.51
CA THR E 143 6.65 -12.30 -33.71
C THR E 143 7.09 -12.47 -32.26
N ASP E 144 6.10 -12.63 -31.38
CA ASP E 144 6.38 -12.91 -29.98
C ASP E 144 7.00 -14.29 -29.83
N PHE E 145 8.04 -14.38 -29.02
CA PHE E 145 8.82 -15.60 -28.93
C PHE E 145 9.18 -15.89 -27.48
N ALA E 146 9.46 -17.16 -27.21
CA ALA E 146 10.02 -17.60 -25.95
C ALA E 146 10.95 -18.76 -26.27
N TYR E 147 12.26 -18.50 -26.25
CA TYR E 147 13.24 -19.45 -26.75
C TYR E 147 14.07 -19.99 -25.59
N VAL E 148 14.10 -21.31 -25.47
CA VAL E 148 15.01 -22.01 -24.57
C VAL E 148 16.05 -22.72 -25.41
N PHE E 149 17.20 -23.00 -24.80
CA PHE E 149 18.33 -23.55 -25.53
C PHE E 149 18.72 -24.95 -25.11
N ASP E 150 18.35 -25.38 -23.91
CA ASP E 150 18.47 -26.79 -23.58
C ASP E 150 17.34 -27.55 -24.27
N PRO E 151 17.64 -28.59 -25.05
CA PRO E 151 16.57 -29.32 -25.74
C PRO E 151 15.59 -29.99 -24.81
N LEU E 152 15.97 -30.22 -23.55
CA LEU E 152 15.06 -30.82 -22.58
C LEU E 152 14.01 -29.84 -22.06
N LEU E 153 14.21 -28.54 -22.25
CA LEU E 153 13.30 -27.52 -21.75
C LEU E 153 12.26 -27.11 -22.77
N GLN E 154 12.19 -27.78 -23.92
CA GLN E 154 11.17 -27.47 -24.91
C GLN E 154 9.78 -27.72 -24.34
N GLY E 155 8.88 -26.77 -24.58
CA GLY E 155 7.52 -26.88 -24.06
C GLY E 155 7.38 -26.50 -22.61
N ALA E 156 8.38 -25.88 -22.01
CA ALA E 156 8.28 -25.39 -20.65
C ALA E 156 7.37 -24.17 -20.62
N ILE E 157 6.41 -24.16 -19.71
CA ILE E 157 5.41 -23.11 -19.64
C ILE E 157 5.85 -22.05 -18.64
N ILE E 158 5.78 -20.79 -19.03
CA ILE E 158 5.87 -19.69 -18.09
C ILE E 158 4.49 -19.51 -17.47
N GLU E 159 4.42 -19.59 -16.14
CA GLU E 159 3.12 -19.69 -15.49
C GLU E 159 2.35 -18.37 -15.54
N GLU E 160 3.04 -17.25 -15.29
CA GLU E 160 2.36 -15.96 -15.27
C GLU E 160 1.93 -15.55 -16.67
N VAL E 161 2.84 -15.65 -17.63
CA VAL E 161 2.52 -15.43 -19.04
C VAL E 161 2.40 -16.82 -19.66
N SER E 162 1.16 -17.30 -19.81
CA SER E 162 0.92 -18.70 -20.11
C SER E 162 1.36 -19.02 -21.53
N ILE E 163 2.67 -19.02 -21.76
CA ILE E 163 3.27 -19.27 -23.06
C ILE E 163 4.31 -20.37 -22.90
N ARG E 164 4.25 -21.37 -23.77
CA ARG E 164 5.20 -22.47 -23.75
C ARG E 164 6.42 -22.13 -24.60
N ALA E 165 7.60 -22.46 -24.09
CA ALA E 165 8.84 -22.10 -24.75
C ALA E 165 9.16 -23.07 -25.89
N THR E 166 9.72 -22.53 -26.96
CA THR E 166 10.18 -23.31 -28.09
C THR E 166 11.70 -23.33 -28.12
N CYS E 167 12.26 -24.36 -28.74
CA CYS E 167 13.70 -24.53 -28.80
C CYS E 167 14.20 -24.27 -30.21
N PRO E 168 14.83 -23.12 -30.48
CA PRO E 168 15.48 -22.89 -31.77
C PRO E 168 16.81 -23.62 -31.82
N SER E 169 16.88 -24.70 -32.62
CA SER E 169 18.03 -25.59 -32.57
C SER E 169 19.28 -24.93 -33.11
N HIS E 170 19.16 -24.07 -34.13
CA HIS E 170 20.31 -23.52 -34.81
C HIS E 170 20.91 -22.31 -34.11
N ILE E 171 20.33 -21.85 -33.01
CA ILE E 171 20.85 -20.72 -32.25
C ILE E 171 21.70 -21.28 -31.11
N PRO E 172 23.01 -21.08 -31.12
CA PRO E 172 23.86 -21.61 -30.05
C PRO E 172 24.03 -20.64 -28.88
N LEU E 173 23.98 -21.19 -27.67
CA LEU E 173 24.22 -20.43 -26.45
C LEU E 173 25.55 -20.88 -25.86
N GLN E 174 26.51 -19.97 -25.80
CA GLN E 174 27.86 -20.32 -25.37
C GLN E 174 27.92 -20.50 -23.85
N PRO E 175 28.86 -21.31 -23.36
CA PRO E 175 28.95 -21.55 -21.91
C PRO E 175 29.21 -20.31 -21.09
N SER E 176 29.97 -19.34 -21.61
CA SER E 176 30.19 -18.09 -20.88
C SER E 176 28.90 -17.29 -20.77
N LEU E 177 28.09 -17.28 -21.84
CA LEU E 177 26.79 -16.65 -21.77
C LEU E 177 25.87 -17.38 -20.79
N LYS E 178 25.99 -18.71 -20.70
CA LYS E 178 25.26 -19.45 -19.70
C LYS E 178 25.67 -19.02 -18.29
N LYS E 179 26.98 -18.86 -18.07
CA LYS E 179 27.45 -18.45 -16.75
C LYS E 179 26.97 -17.05 -16.41
N LEU E 180 26.95 -16.15 -17.39
CA LEU E 180 26.53 -14.77 -17.13
C LEU E 180 25.03 -14.69 -16.91
N LEU E 181 24.24 -15.09 -17.90
CA LEU E 181 22.79 -14.92 -17.84
C LEU E 181 22.11 -15.95 -16.94
N GLY E 182 22.76 -17.06 -16.64
CA GLY E 182 22.21 -18.05 -15.74
C GLY E 182 21.80 -19.32 -16.47
N ASP E 183 21.66 -20.39 -15.68
CA ASP E 183 21.25 -21.68 -16.22
C ASP E 183 19.74 -21.73 -16.40
N ARG E 184 19.30 -22.58 -17.33
CA ARG E 184 17.89 -22.70 -17.70
C ARG E 184 17.33 -21.35 -18.14
N LEU E 185 17.94 -20.81 -19.19
CA LEU E 185 17.66 -19.45 -19.62
C LEU E 185 16.59 -19.44 -20.72
N VAL E 186 15.60 -18.59 -20.56
CA VAL E 186 14.56 -18.38 -21.56
C VAL E 186 14.62 -16.92 -21.99
N ILE E 187 14.66 -16.69 -23.30
CA ILE E 187 14.70 -15.36 -23.88
C ILE E 187 13.34 -15.08 -24.49
N LEU E 188 12.66 -14.05 -23.99
CA LEU E 188 11.30 -13.73 -24.37
C LEU E 188 11.26 -12.42 -25.14
N SER E 189 10.06 -12.10 -25.65
CA SER E 189 9.83 -10.80 -26.24
C SER E 189 9.77 -9.73 -25.14
N HIS E 190 9.80 -8.47 -25.57
CA HIS E 190 9.77 -7.38 -24.60
C HIS E 190 8.45 -7.35 -23.84
N LYS E 191 7.34 -7.64 -24.52
CA LYS E 191 6.04 -7.60 -23.86
C LYS E 191 5.93 -8.70 -22.80
N TYR E 192 6.42 -9.89 -23.09
CA TYR E 192 6.36 -10.98 -22.11
C TYR E 192 7.16 -10.63 -20.86
N PHE E 193 8.37 -10.08 -21.03
CA PHE E 193 9.18 -9.72 -19.88
C PHE E 193 8.60 -8.53 -19.13
N SER E 194 7.98 -7.59 -19.84
CA SER E 194 7.32 -6.46 -19.18
C SER E 194 6.14 -6.95 -18.34
N ILE E 195 5.36 -7.89 -18.86
CA ILE E 195 4.26 -8.45 -18.09
C ILE E 195 4.78 -9.24 -16.90
N LEU E 196 5.88 -9.98 -17.09
CA LEU E 196 6.43 -10.78 -15.99
C LEU E 196 6.98 -9.90 -14.88
N SER E 197 7.57 -8.76 -15.22
CA SER E 197 8.25 -7.91 -14.26
C SER E 197 7.39 -6.76 -13.75
N ASP E 198 6.12 -6.70 -14.14
CA ASP E 198 5.28 -5.59 -13.73
C ASP E 198 4.84 -5.77 -12.27
N ASP E 199 4.13 -4.76 -11.75
CA ASP E 199 3.74 -4.79 -10.34
C ASP E 199 2.72 -5.89 -10.06
N ASN E 200 1.89 -6.25 -11.04
CA ASN E 200 0.87 -7.26 -10.82
C ASN E 200 1.42 -8.67 -10.81
N HIS E 201 2.60 -8.91 -11.40
CA HIS E 201 3.15 -10.25 -11.50
C HIS E 201 4.41 -10.45 -10.69
N LEU E 202 4.96 -9.41 -10.10
CA LEU E 202 6.06 -9.60 -9.17
C LEU E 202 5.53 -10.12 -7.84
N PRO E 203 6.32 -10.92 -7.12
CA PRO E 203 5.84 -11.51 -5.86
C PRO E 203 5.46 -10.44 -4.85
N VAL E 204 4.21 -10.49 -4.40
CA VAL E 204 3.70 -9.58 -3.37
C VAL E 204 3.41 -10.41 -2.13
N LEU E 205 3.88 -9.92 -0.98
CA LEU E 205 3.75 -10.63 0.28
C LEU E 205 2.90 -9.82 1.24
N SER E 206 2.03 -10.51 1.97
CA SER E 206 1.18 -9.88 2.97
C SER E 206 1.81 -10.02 4.34
N ARG E 207 1.81 -8.93 5.10
CA ARG E 207 2.43 -8.89 6.41
C ARG E 207 1.50 -8.16 7.38
N ASN E 208 1.66 -8.47 8.66
CA ASN E 208 0.87 -7.81 9.69
C ASN E 208 1.69 -7.65 10.96
N ASN E 209 1.22 -6.78 11.83
CA ASN E 209 1.78 -6.58 13.16
C ASN E 209 0.75 -7.03 14.19
N LEU E 210 1.15 -7.89 15.11
CA LEU E 210 0.24 -8.47 16.10
C LEU E 210 0.55 -7.90 17.47
N GLU E 211 -0.49 -7.48 18.18
CA GLU E 211 -0.40 -7.02 19.56
C GLU E 211 -1.24 -7.94 20.42
N ASN E 212 -0.57 -8.84 21.15
CA ASN E 212 -1.21 -9.81 22.03
C ASN E 212 -2.21 -10.68 21.25
N GLY E 213 -1.84 -11.06 20.03
CA GLY E 213 -2.58 -12.00 19.23
C GLY E 213 -3.51 -11.38 18.20
N GLN E 214 -3.93 -10.13 18.41
CA GLN E 214 -4.84 -9.48 17.48
C GLN E 214 -4.06 -8.54 16.57
N SER E 215 -4.50 -8.46 15.32
CA SER E 215 -3.76 -7.75 14.28
C SER E 215 -3.87 -6.25 14.48
N ALA E 216 -2.73 -5.59 14.64
CA ALA E 216 -2.70 -4.13 14.79
C ALA E 216 -2.59 -3.42 13.44
N ASN E 217 -1.78 -3.94 12.54
CA ASN E 217 -1.57 -3.35 11.23
C ASN E 217 -1.57 -4.44 10.16
N LEU E 218 -1.64 -3.99 8.91
CA LEU E 218 -1.59 -4.90 7.76
C LEU E 218 -1.14 -4.11 6.55
N TRP E 219 -0.17 -4.66 5.80
CA TRP E 219 0.32 -4.01 4.61
C TRP E 219 0.85 -5.06 3.65
N TYR E 220 0.98 -4.68 2.38
CA TYR E 220 1.44 -5.57 1.33
C TYR E 220 2.79 -5.11 0.83
N GLU E 221 3.75 -6.03 0.78
CA GLU E 221 5.09 -5.77 0.30
C GLU E 221 5.35 -6.56 -0.98
N GLN E 222 6.00 -5.90 -1.94
CA GLN E 222 6.47 -6.58 -3.14
C GLN E 222 7.99 -6.71 -3.07
N VAL E 223 8.50 -7.80 -3.62
CA VAL E 223 9.92 -8.13 -3.52
C VAL E 223 10.44 -8.59 -4.87
N LEU E 224 11.76 -8.54 -5.01
CA LEU E 224 12.43 -9.14 -6.15
C LEU E 224 12.66 -10.62 -5.88
N PRO E 225 12.29 -11.51 -6.81
CA PRO E 225 12.41 -12.94 -6.54
C PRO E 225 13.84 -13.37 -6.26
N ARG E 226 13.98 -14.37 -5.40
CA ARG E 226 15.28 -14.94 -5.08
C ARG E 226 15.91 -15.52 -6.33
N TYR E 227 17.23 -15.41 -6.42
CA TYR E 227 18.09 -15.84 -7.54
C TYR E 227 18.04 -14.85 -8.71
N SER E 228 17.47 -13.66 -8.51
CA SER E 228 17.49 -12.65 -9.55
C SER E 228 18.91 -12.15 -9.77
N ARG E 229 19.23 -11.86 -11.03
CA ARG E 229 20.57 -11.43 -11.40
C ARG E 229 20.55 -9.97 -11.84
N LEU E 230 21.40 -9.16 -11.21
CA LEU E 230 21.55 -7.75 -11.56
C LEU E 230 23.02 -7.46 -11.81
N TYR E 231 23.27 -6.47 -12.67
CA TYR E 231 24.63 -6.08 -13.02
C TYR E 231 24.82 -4.59 -12.81
N PHE E 232 26.02 -4.23 -12.34
CA PHE E 232 26.38 -2.82 -12.19
C PHE E 232 27.82 -2.64 -12.64
N MET E 233 28.17 -1.39 -12.93
CA MET E 233 29.51 -1.03 -13.38
C MET E 233 30.25 -0.30 -12.27
N LEU E 234 31.52 -0.63 -12.10
CA LEU E 234 32.35 -0.05 -11.05
C LEU E 234 33.59 0.57 -11.69
N MET E 235 33.71 1.89 -11.56
CA MET E 235 34.86 2.62 -12.09
C MET E 235 35.73 3.07 -10.93
N ASP E 236 37.02 2.75 -11.02
CA ASP E 236 37.99 3.21 -10.03
C ASP E 236 38.75 4.40 -10.59
N GLY E 237 38.74 5.50 -9.84
CA GLY E 237 39.44 6.70 -10.26
C GLY E 237 40.91 6.64 -9.90
N ASN E 238 41.42 7.70 -9.27
CA ASN E 238 42.81 7.73 -8.82
C ASN E 238 42.94 7.02 -7.47
N ALA E 239 42.46 5.79 -7.43
CA ALA E 239 42.48 4.97 -6.23
C ALA E 239 43.74 4.11 -6.19
N GLN E 240 44.24 3.89 -4.98
CA GLN E 240 45.46 3.12 -4.81
C GLN E 240 45.22 1.66 -5.16
N SER E 241 46.21 1.05 -5.84
CA SER E 241 46.04 -0.29 -6.36
C SER E 241 45.92 -1.34 -5.25
N GLU E 242 46.61 -1.15 -4.14
CA GLU E 242 46.55 -2.14 -3.05
C GLU E 242 45.16 -2.20 -2.44
N TYR E 243 44.58 -1.03 -2.13
CA TYR E 243 43.23 -1.01 -1.57
C TYR E 243 42.21 -1.52 -2.59
N LEU E 244 42.41 -1.19 -3.87
CA LEU E 244 41.52 -1.70 -4.90
C LEU E 244 41.58 -3.22 -4.99
N LYS E 245 42.79 -3.79 -4.91
CA LYS E 245 42.93 -5.24 -4.96
C LYS E 245 42.28 -5.89 -3.75
N LYS E 246 42.48 -5.31 -2.56
CA LYS E 246 41.81 -5.83 -1.37
C LYS E 246 40.30 -5.78 -1.53
N PHE E 247 39.77 -4.67 -2.05
CA PHE E 247 38.34 -4.51 -2.26
C PHE E 247 37.81 -5.55 -3.23
N ARG E 248 38.51 -5.75 -4.35
CA ARG E 248 38.03 -6.69 -5.36
C ARG E 248 38.12 -8.12 -4.88
N ASP E 249 39.17 -8.45 -4.12
CA ASP E 249 39.30 -9.80 -3.58
C ASP E 249 38.19 -10.09 -2.57
N THR E 250 37.97 -9.16 -1.64
CA THR E 250 36.92 -9.37 -0.64
C THR E 250 35.54 -9.41 -1.28
N LEU E 251 35.29 -8.53 -2.25
CA LEU E 251 33.97 -8.43 -2.85
C LEU E 251 33.64 -9.68 -3.66
N CYS E 252 34.62 -10.25 -4.36
CA CYS E 252 34.41 -11.40 -5.21
C CYS E 252 34.76 -12.72 -4.53
N THR E 253 35.06 -12.69 -3.24
CA THR E 253 35.30 -13.92 -2.51
C THR E 253 33.99 -14.70 -2.35
N PRO E 254 34.00 -16.01 -2.60
CA PRO E 254 32.75 -16.78 -2.50
C PRO E 254 32.13 -16.78 -1.11
N SER E 255 32.90 -16.51 -0.06
CA SER E 255 32.37 -16.49 1.29
C SER E 255 31.81 -15.13 1.69
N THR E 256 31.81 -14.16 0.78
CA THR E 256 31.35 -12.80 1.08
C THR E 256 29.89 -12.66 0.66
N ILE E 257 29.03 -12.31 1.62
CA ILE E 257 27.62 -12.08 1.37
C ILE E 257 27.30 -10.64 1.76
N ILE E 258 26.71 -9.91 0.82
CA ILE E 258 26.38 -8.49 1.02
C ILE E 258 24.87 -8.36 1.16
N GLN E 259 24.44 -7.54 2.10
CA GLN E 259 23.03 -7.26 2.31
C GLN E 259 22.69 -5.92 1.66
N ILE E 260 21.75 -5.94 0.71
CA ILE E 260 21.32 -4.74 -0.01
C ILE E 260 19.82 -4.58 0.19
N GLY E 261 19.41 -3.38 0.57
CA GLY E 261 18.00 -3.08 0.70
C GLY E 261 17.47 -3.12 2.11
N ALA E 262 16.18 -3.38 2.25
CA ALA E 262 15.49 -3.34 3.54
C ALA E 262 15.35 -4.74 4.12
N ASN E 263 14.81 -4.79 5.34
CA ASN E 263 14.44 -6.05 6.00
C ASN E 263 15.64 -6.98 6.13
N ALA E 264 16.75 -6.44 6.64
CA ALA E 264 17.96 -7.25 6.83
C ALA E 264 17.76 -8.32 7.88
N SER E 265 16.99 -8.04 8.94
CA SER E 265 16.82 -8.98 10.02
C SER E 265 15.94 -10.16 9.63
N ILE E 266 15.17 -10.06 8.56
CA ILE E 266 14.37 -11.18 8.08
C ILE E 266 14.93 -11.67 6.76
N GLY E 267 16.24 -11.53 6.57
CA GLY E 267 16.94 -12.15 5.47
C GLY E 267 16.54 -11.68 4.09
N TYR E 268 16.44 -10.37 3.90
CA TYR E 268 16.08 -9.80 2.62
C TYR E 268 17.29 -9.11 1.99
N GLY E 269 17.48 -9.32 0.69
CA GLY E 269 18.51 -8.62 -0.04
C GLY E 269 19.92 -9.14 0.17
N TYR E 270 20.08 -10.42 0.47
CA TYR E 270 21.41 -11.02 0.60
C TYR E 270 21.86 -11.55 -0.76
N CYS E 271 23.05 -11.14 -1.19
CA CYS E 271 23.49 -11.40 -2.54
C CYS E 271 24.99 -11.63 -2.57
N GLN E 272 25.47 -12.14 -3.70
CA GLN E 272 26.88 -12.35 -3.96
C GLN E 272 27.29 -11.55 -5.19
N ILE E 273 28.44 -10.89 -5.11
CA ILE E 273 28.94 -10.06 -6.20
C ILE E 273 30.01 -10.85 -6.94
N SER E 274 29.81 -11.03 -8.24
CA SER E 274 30.75 -11.73 -9.10
C SER E 274 31.24 -10.78 -10.18
N GLU E 275 32.50 -10.96 -10.57
CA GLU E 275 33.09 -10.15 -11.62
C GLU E 275 32.82 -10.78 -12.98
N LEU E 276 32.93 -9.96 -14.03
CA LEU E 276 32.77 -10.45 -15.38
C LEU E 276 33.92 -11.38 -15.73
N SER E 277 33.61 -12.66 -15.92
CA SER E 277 34.64 -13.64 -16.21
C SER E 277 35.14 -13.46 -17.64
N PRO E 278 36.44 -13.65 -17.87
CA PRO E 278 36.94 -13.61 -19.25
C PRO E 278 36.27 -14.67 -20.11
N PHE E 279 35.97 -14.30 -21.35
CA PHE E 279 35.29 -15.20 -22.27
C PHE E 279 36.24 -16.30 -22.75
N MET F 1 30.04 -20.42 12.48
CA MET F 1 29.73 -19.69 13.71
C MET F 1 28.60 -18.71 13.40
N THR F 2 28.79 -17.92 12.34
CA THR F 2 27.79 -16.92 12.00
C THR F 2 26.51 -17.56 11.49
N THR F 3 26.62 -18.51 10.57
CA THR F 3 25.46 -19.09 9.90
C THR F 3 25.26 -20.53 10.37
N ARG F 4 24.02 -20.83 10.78
CA ARG F 4 23.63 -22.18 11.17
C ARG F 4 22.34 -22.54 10.45
N MET F 5 22.18 -23.82 10.15
CA MET F 5 20.98 -24.33 9.49
C MET F 5 20.14 -25.07 10.52
N TYR F 6 18.88 -24.65 10.66
CA TYR F 6 17.95 -25.24 11.59
C TYR F 6 16.83 -25.95 10.83
N VAL F 7 16.46 -27.14 11.30
CA VAL F 7 15.43 -27.94 10.69
C VAL F 7 14.17 -27.84 11.55
N ILE F 8 13.03 -27.62 10.90
CA ILE F 8 11.74 -27.50 11.59
C ILE F 8 10.97 -28.79 11.38
N ASN F 9 10.65 -29.46 12.49
CA ASN F 9 9.83 -30.67 12.46
C ASN F 9 8.47 -30.33 13.05
N THR F 10 7.43 -30.41 12.22
CA THR F 10 6.09 -30.04 12.63
C THR F 10 5.42 -31.22 13.33
N LEU F 11 4.71 -30.92 14.42
CA LEU F 11 4.02 -31.94 15.19
C LEU F 11 2.52 -32.00 14.91
N SER F 12 1.99 -31.01 14.19
CA SER F 12 0.56 -30.98 13.84
C SER F 12 0.42 -30.39 12.44
N ASN F 13 -0.82 -30.32 11.97
CA ASN F 13 -1.09 -29.79 10.63
C ASN F 13 -0.92 -28.28 10.65
N MET F 14 0.05 -27.78 9.90
CA MET F 14 0.50 -26.40 10.00
C MET F 14 -0.04 -25.56 8.86
N HIS F 15 -0.49 -24.35 9.19
CA HIS F 15 -1.09 -23.43 8.22
C HIS F 15 -0.50 -22.05 8.40
N VAL F 16 0.33 -21.63 7.45
CA VAL F 16 0.81 -20.26 7.35
C VAL F 16 0.10 -19.64 6.16
N GLY F 17 -0.94 -18.86 6.42
CA GLY F 17 -1.79 -18.38 5.36
C GLY F 17 -1.07 -17.37 4.46
N SER F 18 -1.27 -17.52 3.15
CA SER F 18 -0.78 -16.52 2.21
C SER F 18 -1.64 -15.26 2.23
N GLY F 19 -2.89 -15.37 2.68
CA GLY F 19 -3.77 -14.23 2.79
C GLY F 19 -4.42 -13.80 1.49
N GLU F 20 -4.15 -14.48 0.38
CA GLU F 20 -4.72 -14.12 -0.90
C GLU F 20 -6.09 -14.75 -1.07
N VAL F 21 -6.88 -14.17 -1.97
CA VAL F 21 -8.23 -14.64 -2.23
C VAL F 21 -8.19 -15.72 -3.30
N ASN F 22 -8.73 -16.89 -2.97
CA ASN F 22 -8.90 -17.97 -3.93
C ASN F 22 -10.38 -18.22 -4.10
N TYR F 23 -10.85 -18.16 -5.35
CA TYR F 23 -12.26 -18.33 -5.66
C TYR F 23 -12.59 -19.75 -6.11
N GLY F 24 -11.75 -20.70 -5.76
CA GLY F 24 -11.98 -22.11 -6.02
C GLY F 24 -12.49 -22.84 -4.80
N VAL F 25 -12.11 -24.11 -4.69
CA VAL F 25 -12.58 -24.94 -3.59
C VAL F 25 -11.94 -24.49 -2.27
N ILE F 26 -10.64 -24.26 -2.28
CA ILE F 26 -9.90 -23.94 -1.06
C ILE F 26 -9.92 -22.43 -0.88
N ALA F 27 -10.57 -21.97 0.20
CA ALA F 27 -10.66 -20.55 0.47
C ALA F 27 -9.38 -20.00 1.07
N ASN F 28 -8.67 -20.78 1.87
CA ASN F 28 -7.45 -20.34 2.55
C ASN F 28 -6.30 -21.24 2.12
N LEU F 29 -5.35 -20.67 1.38
CA LEU F 29 -4.16 -21.38 0.93
C LEU F 29 -2.97 -21.02 1.82
N ILE F 30 -1.90 -21.79 1.68
CA ILE F 30 -0.72 -21.62 2.49
C ILE F 30 0.34 -20.85 1.71
N GLN F 31 1.36 -20.37 2.42
CA GLN F 31 2.45 -19.65 1.78
C GLN F 31 3.28 -20.56 0.91
N ARG F 32 3.66 -20.06 -0.26
CA ARG F 32 4.49 -20.79 -1.19
C ARG F 32 5.69 -19.93 -1.58
N ASP F 33 6.79 -20.60 -1.91
CA ASP F 33 8.00 -19.89 -2.31
C ASP F 33 7.76 -19.12 -3.61
N SER F 34 8.35 -17.93 -3.69
CA SER F 34 8.15 -17.09 -4.87
C SER F 34 8.78 -17.69 -6.11
N VAL F 35 9.80 -18.53 -5.95
CA VAL F 35 10.54 -19.07 -7.09
C VAL F 35 10.11 -20.51 -7.36
N THR F 36 10.29 -21.38 -6.37
CA THR F 36 10.08 -22.81 -6.56
C THR F 36 8.63 -23.26 -6.38
N ASN F 37 7.75 -22.36 -5.93
CA ASN F 37 6.34 -22.69 -5.69
C ASN F 37 6.16 -23.82 -4.69
N LEU F 38 7.09 -23.95 -3.78
CA LEU F 38 6.93 -24.96 -2.75
C LEU F 38 6.47 -24.32 -1.44
N PRO F 39 5.76 -25.05 -0.60
CA PRO F 39 5.33 -24.49 0.69
C PRO F 39 6.52 -24.01 1.51
N ASN F 40 6.35 -22.87 2.17
CA ASN F 40 7.43 -22.26 2.91
C ASN F 40 6.86 -21.41 4.04
N ILE F 41 7.76 -20.91 4.88
CA ILE F 41 7.43 -19.93 5.91
C ILE F 41 8.18 -18.65 5.57
N ASN F 42 7.46 -17.53 5.55
CA ASN F 42 8.12 -16.25 5.41
C ASN F 42 9.02 -16.00 6.61
N SER F 43 10.17 -15.38 6.37
CA SER F 43 11.09 -15.10 7.47
C SER F 43 10.48 -14.17 8.50
N SER F 44 9.56 -13.31 8.07
CA SER F 44 8.85 -12.44 9.01
C SER F 44 8.01 -13.27 9.98
N GLY F 45 7.30 -14.29 9.46
CA GLY F 45 6.50 -15.13 10.33
C GLY F 45 7.35 -15.95 11.29
N LEU F 46 8.46 -16.50 10.79
CA LEU F 46 9.37 -17.24 11.65
C LEU F 46 9.91 -16.36 12.77
N LYS F 47 10.37 -15.16 12.41
CA LYS F 47 10.91 -14.25 13.40
C LYS F 47 9.85 -13.84 14.41
N GLY F 48 8.63 -13.57 13.95
CA GLY F 48 7.56 -13.21 14.87
C GLY F 48 7.21 -14.33 15.84
N ALA F 49 7.13 -15.57 15.33
CA ALA F 49 6.82 -16.69 16.21
C ALA F 49 7.93 -16.91 17.23
N ILE F 50 9.18 -16.87 16.80
CA ILE F 50 10.29 -17.09 17.74
C ILE F 50 10.38 -15.96 18.76
N ARG F 51 10.12 -14.73 18.32
CA ARG F 51 10.09 -13.60 19.25
C ARG F 51 8.96 -13.76 20.26
N GLU F 52 7.81 -14.24 19.81
CA GLU F 52 6.70 -14.51 20.73
C GLU F 52 7.10 -15.56 21.75
N TYR F 53 7.83 -16.58 21.33
CA TYR F 53 8.26 -17.62 22.28
C TYR F 53 9.17 -17.05 23.36
N PHE F 54 10.09 -16.16 22.98
CA PHE F 54 11.09 -15.64 23.89
C PHE F 54 10.67 -14.32 24.55
N LYS F 55 9.40 -13.94 24.43
CA LYS F 55 8.97 -12.60 24.83
C LYS F 55 9.26 -12.33 26.31
N GLU F 56 9.29 -13.37 27.14
CA GLU F 56 9.52 -13.16 28.57
C GLU F 56 10.90 -12.57 28.84
N ASN F 57 11.93 -13.08 28.16
CA ASN F 57 13.29 -12.58 28.34
C ASN F 57 13.41 -11.28 27.56
N GLU F 58 13.10 -10.17 28.24
CA GLU F 58 13.08 -8.87 27.57
C GLU F 58 14.47 -8.47 27.08
N ASP F 59 15.51 -8.70 27.89
CA ASP F 59 16.86 -8.36 27.48
C ASP F 59 17.29 -9.17 26.27
N LEU F 60 17.00 -10.47 26.28
CA LEU F 60 17.38 -11.34 25.16
C LEU F 60 16.66 -10.93 23.88
N VAL F 61 15.37 -10.63 23.98
CA VAL F 61 14.61 -10.20 22.80
C VAL F 61 15.13 -8.87 22.29
N ARG F 62 15.41 -7.93 23.19
CA ARG F 62 15.90 -6.62 22.78
C ARG F 62 17.25 -6.74 22.09
N GLU F 63 18.14 -7.60 22.59
CA GLU F 63 19.45 -7.74 21.99
C GLU F 63 19.39 -8.51 20.67
N LEU F 64 18.59 -9.57 20.62
CA LEU F 64 18.58 -10.47 19.48
C LEU F 64 17.60 -10.04 18.39
N PHE F 65 16.35 -9.79 18.76
CA PHE F 65 15.30 -9.51 17.79
C PHE F 65 15.15 -8.03 17.49
N GLY F 66 15.48 -7.17 18.43
CA GLY F 66 15.35 -5.74 18.26
C GLY F 66 14.37 -5.15 19.24
N SER F 67 13.99 -3.90 18.97
CA SER F 67 13.06 -3.18 19.83
C SER F 67 11.62 -3.53 19.46
N ALA F 68 10.75 -3.44 20.46
CA ALA F 68 9.33 -3.66 20.23
C ALA F 68 8.77 -2.55 19.34
N PRO F 69 7.70 -2.83 18.59
CA PRO F 69 7.14 -1.81 17.72
C PRO F 69 6.70 -0.57 18.51
N ARG F 70 6.95 0.59 17.93
CA ARG F 70 6.56 1.90 18.49
C ARG F 70 7.23 2.18 19.83
N ASP F 71 8.36 1.53 20.12
CA ASP F 71 9.17 1.94 21.24
C ASP F 71 9.89 3.25 20.92
N GLU F 72 10.20 4.01 21.97
CA GLU F 72 10.88 5.29 21.76
C GLU F 72 12.28 5.10 21.18
N LYS F 73 12.97 4.02 21.56
CA LYS F 73 14.31 3.72 21.08
C LYS F 73 14.20 2.57 20.09
N THR F 74 14.31 2.90 18.80
CA THR F 74 14.30 1.88 17.75
C THR F 74 15.72 1.39 17.52
N LEU F 75 16.04 0.19 18.01
CA LEU F 75 17.34 -0.40 17.75
C LEU F 75 17.17 -1.66 16.91
N PRO F 76 18.01 -1.83 15.89
CA PRO F 76 17.86 -2.98 14.99
C PRO F 76 18.18 -4.29 15.67
N GLY F 77 17.57 -5.36 15.14
CA GLY F 77 17.89 -6.69 15.61
C GLY F 77 19.20 -7.19 15.04
N LYS F 78 19.89 -8.00 15.83
CA LYS F 78 21.21 -8.50 15.44
C LYS F 78 21.14 -9.82 14.69
N VAL F 79 20.30 -10.74 15.14
CA VAL F 79 20.18 -12.04 14.49
C VAL F 79 19.29 -11.90 13.26
N ARG F 80 19.73 -12.49 12.15
CA ARG F 80 19.01 -12.44 10.89
C ARG F 80 18.34 -13.77 10.62
N PHE F 81 17.03 -13.73 10.37
CA PHE F 81 16.22 -14.92 10.17
C PHE F 81 15.94 -15.09 8.68
N PHE F 82 16.26 -16.26 8.14
CA PHE F 82 15.99 -16.56 6.74
C PHE F 82 14.75 -17.45 6.62
N GLU F 83 14.08 -17.35 5.49
CA GLU F 83 12.83 -18.06 5.29
C GLU F 83 13.06 -19.56 5.29
N ALA F 84 12.06 -20.29 5.80
CA ALA F 84 12.15 -21.74 5.89
C ALA F 84 11.59 -22.36 4.62
N ASN F 85 12.39 -23.22 3.99
CA ASN F 85 12.02 -23.87 2.73
C ASN F 85 11.73 -25.33 3.00
N LEU F 86 10.77 -25.88 2.25
CA LEU F 86 10.32 -27.25 2.48
C LEU F 86 11.45 -28.23 2.17
N LEU F 87 11.75 -29.10 3.13
CA LEU F 87 12.77 -30.13 2.95
C LEU F 87 12.14 -31.49 2.66
N SER F 88 11.27 -31.97 3.55
CA SER F 88 10.62 -33.26 3.38
C SER F 88 9.12 -33.11 3.65
N MET F 89 8.32 -33.83 2.89
CA MET F 89 6.87 -33.83 3.06
C MET F 89 6.38 -35.26 3.14
N PRO F 90 5.53 -35.60 4.11
CA PRO F 90 5.00 -36.97 4.19
C PRO F 90 4.01 -37.25 3.07
N VAL F 91 4.15 -38.43 2.47
CA VAL F 91 3.27 -38.87 1.39
C VAL F 91 2.65 -40.20 1.79
N ARG F 92 1.35 -40.34 1.54
CA ARG F 92 0.62 -41.54 1.91
C ARG F 92 0.95 -42.68 0.96
N SER F 93 0.98 -43.89 1.50
CA SER F 93 1.37 -45.08 0.74
C SER F 93 0.50 -46.25 1.15
N ASP F 94 0.71 -47.38 0.48
CA ASP F 94 0.01 -48.63 0.79
C ASP F 94 0.85 -49.60 1.59
N LYS F 95 2.17 -49.50 1.53
CA LYS F 95 3.05 -50.39 2.29
C LYS F 95 3.33 -49.85 3.68
N VAL F 96 3.42 -48.53 3.83
CA VAL F 96 3.60 -47.88 5.12
C VAL F 96 2.58 -46.76 5.23
N PRO F 97 2.26 -46.31 6.44
CA PRO F 97 1.34 -45.17 6.58
C PRO F 97 1.78 -43.94 5.80
N PHE F 98 3.00 -43.46 6.00
CA PHE F 98 3.52 -42.34 5.25
C PHE F 98 4.99 -42.53 4.96
N LEU F 99 5.46 -41.86 3.92
CA LEU F 99 6.87 -41.85 3.53
C LEU F 99 7.38 -40.41 3.49
N MET F 100 8.67 -40.25 3.72
CA MET F 100 9.32 -38.95 3.61
C MET F 100 9.70 -38.70 2.16
N ALA F 101 9.11 -37.67 1.56
CA ALA F 101 9.27 -37.39 0.14
C ALA F 101 10.10 -36.13 -0.06
N ILE F 102 11.15 -36.23 -0.87
CA ILE F 102 11.97 -35.10 -1.25
C ILE F 102 12.31 -35.26 -2.73
N SER F 103 12.38 -34.14 -3.44
CA SER F 103 12.70 -34.17 -4.86
C SER F 103 14.19 -33.94 -5.07
N ASP F 104 14.66 -34.28 -6.28
CA ASP F 104 16.03 -34.00 -6.63
C ASP F 104 16.31 -32.50 -6.68
N GLU F 105 15.32 -31.71 -7.12
CA GLU F 105 15.49 -30.27 -7.14
C GLU F 105 15.57 -29.68 -5.73
N VAL F 106 14.83 -30.25 -4.79
CA VAL F 106 14.93 -29.80 -3.40
C VAL F 106 16.32 -30.10 -2.86
N LEU F 107 16.86 -31.28 -3.17
CA LEU F 107 18.21 -31.62 -2.75
C LEU F 107 19.24 -30.68 -3.36
N GLN F 108 19.09 -30.37 -4.65
CA GLN F 108 20.02 -29.45 -5.32
C GLN F 108 19.92 -28.06 -4.72
N GLU F 109 18.71 -27.60 -4.41
CA GLU F 109 18.53 -26.31 -3.78
C GLU F 109 19.19 -26.28 -2.41
N LEU F 110 19.04 -27.36 -1.64
CA LEU F 110 19.69 -27.43 -0.33
C LEU F 110 21.21 -27.39 -0.47
N ILE F 111 21.76 -28.12 -1.43
CA ILE F 111 23.21 -28.13 -1.64
C ILE F 111 23.69 -26.72 -2.02
N THR F 112 22.97 -26.07 -2.93
CA THR F 112 23.34 -24.72 -3.36
C THR F 112 23.26 -23.74 -2.20
N LYS F 113 22.22 -23.85 -1.36
CA LYS F 113 22.10 -22.95 -0.22
C LYS F 113 23.22 -23.15 0.78
N MET F 114 23.58 -24.41 1.06
CA MET F 114 24.69 -24.66 1.96
C MET F 114 26.00 -24.15 1.38
N LYS F 115 26.18 -24.28 0.07
CA LYS F 115 27.38 -23.74 -0.58
C LYS F 115 27.43 -22.22 -0.44
N PHE F 116 26.29 -21.56 -0.67
CA PHE F 116 26.28 -20.10 -0.67
C PHE F 116 26.39 -19.53 0.74
N PHE F 117 25.69 -20.13 1.70
CA PHE F 117 25.63 -19.57 3.05
C PHE F 117 26.74 -20.06 3.95
N ASN F 118 27.40 -21.18 3.61
CA ASN F 118 28.52 -21.71 4.38
C ASN F 118 28.11 -22.01 5.82
N CYS F 119 27.22 -23.00 5.94
CA CYS F 119 26.75 -23.44 7.25
C CYS F 119 27.92 -23.97 8.10
N GLU F 120 27.63 -24.20 9.38
CA GLU F 120 28.64 -24.64 10.31
C GLU F 120 29.24 -25.99 9.91
N GLU F 121 28.38 -26.97 9.66
CA GLU F 121 28.81 -28.34 9.36
C GLU F 121 28.44 -28.70 7.92
N ALA F 122 28.62 -27.75 7.01
CA ALA F 122 28.12 -27.90 5.65
C ALA F 122 29.00 -28.76 4.75
N THR F 123 30.29 -28.90 5.06
CA THR F 123 31.20 -29.53 4.09
C THR F 123 30.83 -31.00 3.86
N GLN F 124 30.71 -31.78 4.94
CA GLN F 124 30.39 -33.20 4.80
C GLN F 124 29.01 -33.39 4.21
N TYR F 125 28.04 -32.57 4.62
CA TYR F 125 26.69 -32.68 4.10
C TYR F 125 26.66 -32.39 2.60
N ILE F 126 27.37 -31.36 2.15
CA ILE F 126 27.43 -31.04 0.73
C ILE F 126 28.06 -32.19 -0.04
N SER F 127 29.18 -32.71 0.47
CA SER F 127 29.86 -33.82 -0.21
C SER F 127 28.93 -35.02 -0.37
N HIS F 128 28.31 -35.46 0.74
CA HIS F 128 27.49 -36.67 0.69
C HIS F 128 26.21 -36.45 -0.11
N LEU F 129 25.60 -35.27 0.00
CA LEU F 129 24.39 -34.99 -0.76
C LEU F 129 24.68 -34.89 -2.25
N SER F 130 25.83 -34.31 -2.62
CA SER F 130 26.21 -34.28 -4.02
C SER F 130 26.46 -35.68 -4.55
N THR F 131 27.11 -36.53 -3.75
CA THR F 131 27.31 -37.91 -4.17
C THR F 131 25.98 -38.63 -4.37
N LEU F 132 25.05 -38.44 -3.43
CA LEU F 132 23.74 -39.08 -3.55
C LEU F 132 22.98 -38.58 -4.78
N LEU F 133 23.02 -37.27 -5.03
CA LEU F 133 22.33 -36.71 -6.18
C LEU F 133 22.95 -37.20 -7.48
N ASP F 134 24.29 -37.30 -7.53
CA ASP F 134 24.94 -37.81 -8.72
C ASP F 134 24.57 -39.27 -8.97
N ASN F 135 24.52 -40.08 -7.92
CA ASN F 135 24.11 -41.48 -8.08
C ASN F 135 22.66 -41.56 -8.56
N ILE F 136 21.79 -40.71 -8.01
CA ILE F 136 20.39 -40.71 -8.41
C ILE F 136 20.24 -40.33 -9.88
N LYS F 137 20.98 -39.29 -10.31
CA LYS F 137 20.92 -38.88 -11.70
C LYS F 137 21.48 -39.94 -12.64
N THR F 138 22.54 -40.63 -12.21
CA THR F 138 23.10 -41.72 -13.02
C THR F 138 22.10 -42.85 -13.16
N GLN F 139 21.42 -43.21 -12.07
CA GLN F 139 20.45 -44.30 -12.14
C GLN F 139 19.22 -43.93 -12.95
N ALA F 140 18.73 -42.70 -12.81
CA ALA F 140 17.50 -42.30 -13.46
C ALA F 140 17.66 -42.21 -14.97
N GLN F 141 18.75 -41.60 -15.43
CA GLN F 141 19.02 -41.41 -16.85
C GLN F 141 17.90 -40.62 -17.54
N GLY F 142 17.47 -39.55 -16.88
CA GLY F 142 16.54 -38.60 -17.49
C GLY F 142 15.08 -38.95 -17.39
N THR F 143 14.72 -40.05 -16.73
CA THR F 143 13.33 -40.46 -16.61
C THR F 143 12.80 -40.13 -15.23
N ASP F 144 11.48 -40.29 -15.08
CA ASP F 144 10.84 -40.10 -13.79
C ASP F 144 11.17 -41.27 -12.88
N PHE F 145 11.41 -40.97 -11.60
CA PHE F 145 11.86 -41.99 -10.67
C PHE F 145 11.23 -41.77 -9.30
N ALA F 146 11.13 -42.85 -8.54
CA ALA F 146 10.72 -42.81 -7.14
C ALA F 146 11.59 -43.85 -6.43
N TYR F 147 12.69 -43.40 -5.84
CA TYR F 147 13.71 -44.29 -5.31
C TYR F 147 13.60 -44.35 -3.79
N VAL F 148 13.41 -45.56 -3.27
CA VAL F 148 13.45 -45.81 -1.85
C VAL F 148 14.76 -46.51 -1.54
N PHE F 149 15.22 -46.38 -0.30
CA PHE F 149 16.46 -47.00 0.14
C PHE F 149 16.24 -48.13 1.12
N ASP F 150 14.99 -48.53 1.34
CA ASP F 150 14.66 -49.70 2.13
C ASP F 150 14.12 -50.78 1.20
N PRO F 151 14.72 -51.97 1.19
CA PRO F 151 14.23 -53.01 0.27
C PRO F 151 12.80 -53.43 0.51
N LEU F 152 12.27 -53.22 1.72
CA LEU F 152 10.90 -53.60 2.03
C LEU F 152 9.86 -52.66 1.43
N LEU F 153 10.27 -51.48 0.98
CA LEU F 153 9.35 -50.50 0.39
C LEU F 153 9.36 -50.55 -1.13
N GLN F 154 9.58 -51.73 -1.71
CA GLN F 154 9.56 -51.88 -3.15
C GLN F 154 8.13 -52.04 -3.64
N GLY F 155 7.78 -51.31 -4.70
CA GLY F 155 6.44 -51.35 -5.23
C GLY F 155 5.42 -50.56 -4.45
N ALA F 156 5.86 -49.69 -3.55
CA ALA F 156 4.94 -48.87 -2.78
C ALA F 156 4.32 -47.80 -3.67
N ILE F 157 3.04 -47.53 -3.45
CA ILE F 157 2.30 -46.53 -4.21
C ILE F 157 2.41 -45.21 -3.46
N ILE F 158 3.12 -44.24 -4.05
CA ILE F 158 3.37 -42.95 -3.38
C ILE F 158 2.23 -42.04 -3.78
N GLU F 159 1.09 -42.21 -3.08
CA GLU F 159 -0.04 -41.29 -3.10
C GLU F 159 -0.77 -41.30 -4.45
N GLU F 160 -0.21 -41.97 -5.44
CA GLU F 160 -0.78 -41.99 -6.78
C GLU F 160 -0.42 -43.31 -7.45
N VAL F 161 -1.39 -43.88 -8.16
CA VAL F 161 -1.18 -45.18 -8.80
C VAL F 161 -0.03 -45.10 -9.81
N SER F 162 0.18 -43.93 -10.41
CA SER F 162 1.27 -43.77 -11.37
C SER F 162 2.64 -43.91 -10.70
N ILE F 163 2.79 -43.35 -9.50
CA ILE F 163 4.08 -43.30 -8.83
C ILE F 163 4.27 -44.59 -8.04
N ARG F 164 5.25 -45.39 -8.45
CA ARG F 164 5.62 -46.61 -7.77
C ARG F 164 7.09 -46.56 -7.41
N ALA F 165 7.43 -47.10 -6.24
CA ALA F 165 8.77 -47.00 -5.69
C ALA F 165 9.64 -48.17 -6.13
N THR F 166 10.84 -47.86 -6.63
CA THR F 166 11.84 -48.84 -6.95
C THR F 166 13.04 -48.65 -6.02
N CYS F 167 13.69 -49.75 -5.67
CA CYS F 167 14.82 -49.69 -4.76
C CYS F 167 16.12 -49.90 -5.51
N PRO F 168 16.91 -48.86 -5.73
CA PRO F 168 18.24 -49.04 -6.33
C PRO F 168 19.24 -49.51 -5.29
N SER F 169 19.71 -50.75 -5.44
CA SER F 169 20.62 -51.33 -4.46
C SER F 169 21.99 -50.66 -4.46
N HIS F 170 22.36 -49.98 -5.54
CA HIS F 170 23.69 -49.40 -5.63
C HIS F 170 23.84 -48.13 -4.80
N ILE F 171 22.77 -47.34 -4.68
CA ILE F 171 22.85 -46.02 -4.06
C ILE F 171 22.76 -46.19 -2.55
N PRO F 172 23.76 -45.80 -1.78
CA PRO F 172 23.68 -45.86 -0.32
C PRO F 172 23.12 -44.58 0.28
N LEU F 173 22.46 -44.74 1.42
CA LEU F 173 21.93 -43.62 2.20
C LEU F 173 22.66 -43.56 3.53
N GLN F 174 23.44 -42.50 3.72
CA GLN F 174 24.20 -42.36 4.96
C GLN F 174 23.25 -42.12 6.13
N PRO F 175 23.59 -42.63 7.32
CA PRO F 175 22.69 -42.46 8.48
C PRO F 175 22.42 -41.02 8.84
N SER F 176 23.41 -40.13 8.68
CA SER F 176 23.20 -38.72 9.01
C SER F 176 22.23 -38.07 8.03
N LEU F 177 22.31 -38.44 6.75
CA LEU F 177 21.34 -37.95 5.78
C LEU F 177 19.95 -38.48 6.07
N LYS F 178 19.85 -39.73 6.54
CA LYS F 178 18.56 -40.27 6.95
C LYS F 178 18.00 -39.49 8.14
N LYS F 179 18.87 -39.15 9.10
CA LYS F 179 18.43 -38.36 10.26
C LYS F 179 17.97 -36.97 9.83
N LEU F 180 18.68 -36.36 8.88
CA LEU F 180 18.32 -35.00 8.44
C LEU F 180 17.02 -35.00 7.66
N LEU F 181 16.89 -35.91 6.69
CA LEU F 181 15.75 -35.90 5.77
C LEU F 181 14.55 -36.68 6.30
N GLY F 182 14.77 -37.76 7.03
CA GLY F 182 13.68 -38.50 7.62
C GLY F 182 13.69 -39.98 7.29
N ASP F 183 13.11 -40.78 8.18
CA ASP F 183 13.02 -42.22 7.95
C ASP F 183 11.98 -42.52 6.88
N ARG F 184 12.17 -43.66 6.21
CA ARG F 184 11.36 -44.04 5.06
C ARG F 184 11.38 -42.95 4.00
N LEU F 185 12.60 -42.66 3.53
CA LEU F 185 12.83 -41.59 2.57
C LEU F 185 12.64 -42.09 1.15
N VAL F 186 11.92 -41.32 0.34
CA VAL F 186 11.76 -41.59 -1.08
C VAL F 186 12.22 -40.36 -1.85
N ILE F 187 13.06 -40.56 -2.86
CA ILE F 187 13.54 -39.49 -3.71
C ILE F 187 12.69 -39.48 -4.96
N LEU F 188 11.95 -38.39 -5.17
CA LEU F 188 11.02 -38.28 -6.28
C LEU F 188 11.59 -37.36 -7.35
N SER F 189 11.10 -37.54 -8.57
CA SER F 189 11.40 -36.62 -9.65
C SER F 189 10.71 -35.28 -9.39
N HIS F 190 11.16 -34.25 -10.09
CA HIS F 190 10.55 -32.93 -9.92
C HIS F 190 9.08 -32.94 -10.32
N LYS F 191 8.76 -33.65 -11.41
CA LYS F 191 7.37 -33.73 -11.85
C LYS F 191 6.51 -34.42 -10.79
N TYR F 192 6.98 -35.55 -10.26
CA TYR F 192 6.21 -36.28 -9.26
C TYR F 192 6.01 -35.45 -7.99
N PHE F 193 7.08 -34.81 -7.53
CA PHE F 193 6.99 -34.02 -6.30
C PHE F 193 6.10 -32.80 -6.50
N SER F 194 6.17 -32.17 -7.68
CA SER F 194 5.31 -31.03 -7.97
C SER F 194 3.85 -31.44 -8.02
N ILE F 195 3.57 -32.62 -8.60
CA ILE F 195 2.20 -33.13 -8.60
C ILE F 195 1.74 -33.41 -7.18
N LEU F 196 2.60 -34.02 -6.36
CA LEU F 196 2.22 -34.37 -5.00
C LEU F 196 2.13 -33.18 -4.06
N SER F 197 2.67 -32.02 -4.45
CA SER F 197 2.67 -30.85 -3.60
C SER F 197 1.85 -29.69 -4.13
N ASP F 198 1.15 -29.87 -5.25
CA ASP F 198 0.37 -28.79 -5.83
C ASP F 198 -0.93 -28.60 -5.04
N ASP F 199 -1.73 -27.63 -5.47
CA ASP F 199 -2.94 -27.27 -4.74
C ASP F 199 -4.02 -28.34 -4.82
N ASN F 200 -3.99 -29.18 -5.86
CA ASN F 200 -4.98 -30.25 -5.98
C ASN F 200 -4.64 -31.48 -5.16
N HIS F 201 -3.42 -31.56 -4.61
CA HIS F 201 -2.99 -32.73 -3.87
C HIS F 201 -2.63 -32.47 -2.41
N LEU F 202 -2.40 -31.22 -2.03
CA LEU F 202 -2.09 -30.92 -0.63
C LEU F 202 -3.31 -31.17 0.24
N PRO F 203 -3.10 -31.63 1.48
CA PRO F 203 -4.25 -31.90 2.37
C PRO F 203 -5.09 -30.66 2.60
N VAL F 204 -6.40 -30.85 2.64
CA VAL F 204 -7.35 -29.78 2.93
C VAL F 204 -8.24 -30.22 4.08
N LEU F 205 -8.52 -29.30 4.99
CA LEU F 205 -9.38 -29.54 6.14
C LEU F 205 -10.65 -28.73 5.98
N SER F 206 -11.79 -29.40 6.16
CA SER F 206 -13.09 -28.77 5.99
C SER F 206 -13.57 -28.24 7.34
N ARG F 207 -14.01 -26.98 7.34
CA ARG F 207 -14.53 -26.34 8.54
C ARG F 207 -15.87 -25.69 8.23
N ASN F 208 -16.76 -25.70 9.21
CA ASN F 208 -18.05 -25.02 9.09
C ASN F 208 -18.34 -24.24 10.37
N ASN F 209 -19.12 -23.19 10.25
CA ASN F 209 -19.53 -22.37 11.38
C ASN F 209 -20.99 -22.69 11.71
N LEU F 210 -21.25 -23.06 12.95
CA LEU F 210 -22.57 -23.49 13.39
C LEU F 210 -23.19 -22.40 14.25
N GLU F 211 -24.44 -22.06 13.94
CA GLU F 211 -25.25 -21.15 14.76
C GLU F 211 -26.42 -21.94 15.33
N ASN F 212 -26.41 -22.17 16.64
CA ASN F 212 -27.41 -23.00 17.31
C ASN F 212 -27.48 -24.38 16.67
N GLY F 213 -26.32 -24.95 16.37
CA GLY F 213 -26.25 -26.26 15.78
C GLY F 213 -26.59 -26.33 14.30
N GLN F 214 -26.76 -25.19 13.64
CA GLN F 214 -27.06 -25.15 12.21
C GLN F 214 -25.92 -24.47 11.48
N SER F 215 -25.53 -25.04 10.34
CA SER F 215 -24.36 -24.56 9.62
C SER F 215 -24.64 -23.22 8.98
N ALA F 216 -23.77 -22.24 9.27
CA ALA F 216 -23.87 -20.90 8.72
C ALA F 216 -22.83 -20.65 7.63
N ASN F 217 -21.58 -21.03 7.88
CA ASN F 217 -20.51 -20.87 6.91
C ASN F 217 -19.86 -22.23 6.64
N LEU F 218 -19.08 -22.28 5.56
CA LEU F 218 -18.38 -23.50 5.17
C LEU F 218 -17.21 -23.13 4.30
N TRP F 219 -16.02 -23.67 4.62
CA TRP F 219 -14.84 -23.38 3.83
C TRP F 219 -13.82 -24.48 4.04
N TYR F 220 -12.85 -24.52 3.13
CA TYR F 220 -11.76 -25.49 3.16
C TYR F 220 -10.44 -24.78 3.39
N GLU F 221 -9.57 -25.38 4.20
CA GLU F 221 -8.29 -24.79 4.56
C GLU F 221 -7.17 -25.73 4.16
N GLN F 222 -6.23 -25.23 3.37
CA GLN F 222 -5.05 -26.00 3.01
C GLN F 222 -4.08 -26.04 4.19
N VAL F 223 -3.50 -27.20 4.42
CA VAL F 223 -2.55 -27.39 5.52
C VAL F 223 -1.31 -28.11 5.00
N LEU F 224 -0.20 -27.88 5.69
CA LEU F 224 1.01 -28.64 5.45
C LEU F 224 1.00 -29.88 6.34
N PRO F 225 1.15 -31.08 5.77
CA PRO F 225 0.92 -32.30 6.56
C PRO F 225 1.84 -32.39 7.76
N ARG F 226 1.35 -33.09 8.78
CA ARG F 226 2.09 -33.28 10.02
C ARG F 226 3.39 -34.04 9.77
N TYR F 227 4.41 -33.72 10.58
CA TYR F 227 5.74 -34.32 10.48
C TYR F 227 6.47 -33.91 9.21
N SER F 228 6.15 -32.72 8.69
CA SER F 228 6.89 -32.16 7.58
C SER F 228 8.14 -31.45 8.08
N ARG F 229 9.17 -31.45 7.25
CA ARG F 229 10.47 -30.89 7.61
C ARG F 229 10.79 -29.69 6.73
N LEU F 230 11.15 -28.58 7.37
CA LEU F 230 11.56 -27.37 6.69
C LEU F 230 12.87 -26.90 7.27
N TYR F 231 13.74 -26.33 6.42
CA TYR F 231 15.04 -25.83 6.85
C TYR F 231 15.10 -24.32 6.63
N PHE F 232 15.67 -23.62 7.62
CA PHE F 232 15.88 -22.19 7.51
C PHE F 232 17.27 -21.86 8.04
N MET F 233 17.78 -20.71 7.62
CA MET F 233 19.14 -20.29 7.94
C MET F 233 19.10 -19.21 9.01
N LEU F 234 19.89 -19.38 10.06
CA LEU F 234 20.04 -18.39 11.11
C LEU F 234 21.43 -17.80 11.03
N MET F 235 21.50 -16.47 10.89
CA MET F 235 22.76 -15.76 10.79
C MET F 235 23.02 -15.01 12.09
N ASP F 236 24.21 -15.22 12.67
CA ASP F 236 24.61 -14.57 13.91
C ASP F 236 25.23 -13.24 13.54
N GLY F 237 24.43 -12.18 13.60
CA GLY F 237 24.91 -10.85 13.29
C GLY F 237 25.56 -10.17 14.47
N ASN F 238 26.78 -10.59 14.81
CA ASN F 238 27.60 -10.00 15.87
C ASN F 238 26.84 -9.85 17.19
N ALA F 239 25.88 -10.71 17.45
CA ALA F 239 25.11 -10.64 18.69
C ALA F 239 25.95 -11.10 19.87
N GLN F 240 25.50 -10.74 21.07
CA GLN F 240 26.23 -11.08 22.29
C GLN F 240 26.25 -12.58 22.50
N SER F 241 27.37 -13.07 23.02
CA SER F 241 27.61 -14.53 23.06
C SER F 241 26.68 -15.23 24.03
N GLU F 242 26.48 -14.67 25.23
CA GLU F 242 25.67 -15.37 26.23
C GLU F 242 24.20 -15.40 25.84
N TYR F 243 23.67 -14.30 25.30
CA TYR F 243 22.30 -14.30 24.81
C TYR F 243 22.13 -15.27 23.66
N LEU F 244 23.14 -15.34 22.77
CA LEU F 244 23.11 -16.30 21.68
C LEU F 244 23.08 -17.73 22.20
N LYS F 245 23.91 -18.02 23.21
CA LYS F 245 23.94 -19.36 23.78
C LYS F 245 22.60 -19.72 24.39
N LYS F 246 21.99 -18.79 25.13
CA LYS F 246 20.67 -19.04 25.69
C LYS F 246 19.65 -19.28 24.59
N PHE F 247 19.72 -18.49 23.51
CA PHE F 247 18.79 -18.64 22.40
C PHE F 247 18.89 -20.02 21.76
N ARG F 248 20.11 -20.46 21.44
CA ARG F 248 20.28 -21.76 20.82
C ARG F 248 19.96 -22.90 21.78
N ASP F 249 20.25 -22.72 23.06
CA ASP F 249 19.93 -23.76 24.04
C ASP F 249 18.43 -23.96 24.18
N THR F 250 17.68 -22.85 24.35
CA THR F 250 16.24 -22.94 24.45
C THR F 250 15.61 -23.44 23.15
N LEU F 251 16.13 -22.95 22.01
CA LEU F 251 15.56 -23.32 20.71
C LEU F 251 15.72 -24.82 20.44
N CYS F 252 16.89 -25.38 20.76
CA CYS F 252 17.20 -26.76 20.44
C CYS F 252 16.88 -27.72 21.57
N THR F 253 16.34 -27.24 22.68
CA THR F 253 15.95 -28.13 23.77
C THR F 253 14.80 -29.03 23.33
N PRO F 254 14.88 -30.34 23.60
CA PRO F 254 13.81 -31.24 23.14
C PRO F 254 12.44 -30.92 23.70
N SER F 255 12.37 -30.31 24.88
CA SER F 255 11.11 -29.94 25.48
C SER F 255 10.48 -28.71 24.85
N THR F 256 11.20 -28.00 23.98
CA THR F 256 10.72 -26.75 23.42
C THR F 256 9.84 -27.02 22.20
N ILE F 257 8.62 -26.47 22.23
CA ILE F 257 7.70 -26.54 21.10
C ILE F 257 7.28 -25.12 20.76
N ILE F 258 7.38 -24.76 19.48
CA ILE F 258 7.11 -23.41 19.01
C ILE F 258 5.92 -23.45 18.06
N GLN F 259 5.05 -22.46 18.17
CA GLN F 259 3.87 -22.33 17.31
C GLN F 259 4.18 -21.36 16.18
N ILE F 260 4.04 -21.83 14.94
CA ILE F 260 4.25 -21.02 13.75
C ILE F 260 3.02 -21.15 12.85
N GLY F 261 2.48 -20.02 12.43
CA GLY F 261 1.38 -20.00 11.49
C GLY F 261 0.08 -19.55 12.14
N ALA F 262 -1.02 -19.98 11.53
CA ALA F 262 -2.36 -19.60 11.95
C ALA F 262 -3.01 -20.72 12.75
N ASN F 263 -4.17 -20.40 13.32
CA ASN F 263 -5.01 -21.36 14.04
C ASN F 263 -4.26 -21.97 15.23
N ALA F 264 -3.67 -21.09 16.04
CA ALA F 264 -2.91 -21.54 17.21
C ALA F 264 -3.82 -22.20 18.24
N SER F 265 -5.02 -21.65 18.44
CA SER F 265 -5.91 -22.15 19.49
C SER F 265 -6.39 -23.57 19.21
N ILE F 266 -6.50 -23.96 17.94
CA ILE F 266 -6.94 -25.29 17.59
C ILE F 266 -5.76 -26.21 17.27
N GLY F 267 -4.56 -25.85 17.71
CA GLY F 267 -3.40 -26.73 17.64
C GLY F 267 -2.88 -27.04 16.26
N TYR F 268 -2.62 -26.01 15.46
CA TYR F 268 -2.20 -26.23 14.08
C TYR F 268 -0.68 -26.25 13.90
N GLY F 269 -0.03 -25.12 14.16
CA GLY F 269 1.36 -24.96 13.77
C GLY F 269 2.43 -25.21 14.81
N TYR F 270 2.38 -26.35 15.49
CA TYR F 270 3.31 -26.65 16.57
C TYR F 270 4.49 -27.47 16.03
N CYS F 271 5.70 -26.94 16.22
CA CYS F 271 6.88 -27.47 15.57
C CYS F 271 8.02 -27.63 16.58
N GLN F 272 8.99 -28.45 16.21
CA GLN F 272 10.24 -28.61 16.95
C GLN F 272 11.38 -28.18 16.05
N ILE F 273 12.27 -27.35 16.58
CA ILE F 273 13.37 -26.78 15.82
C ILE F 273 14.65 -27.48 16.26
N SER F 274 15.36 -28.07 15.30
CA SER F 274 16.59 -28.80 15.54
C SER F 274 17.75 -28.17 14.77
N GLU F 275 18.93 -28.27 15.35
CA GLU F 275 20.15 -27.78 14.72
C GLU F 275 20.73 -28.85 13.80
N LEU F 276 21.55 -28.42 12.86
CA LEU F 276 22.22 -29.34 11.96
C LEU F 276 23.27 -30.13 12.73
N SER F 277 23.01 -31.41 12.94
CA SER F 277 23.93 -32.25 13.69
C SER F 277 25.24 -32.44 12.91
N PRO F 278 26.37 -32.51 13.60
CA PRO F 278 27.63 -32.82 12.91
C PRO F 278 27.57 -34.19 12.25
N PHE F 279 28.19 -34.31 11.09
CA PHE F 279 28.16 -35.55 10.34
C PHE F 279 29.08 -36.59 10.97
N MET G 1 1.87 6.80 -6.53
CA MET G 1 0.94 7.74 -7.15
C MET G 1 0.71 8.95 -6.26
N LYS G 2 -0.21 9.80 -6.67
CA LYS G 2 -0.70 10.91 -5.85
C LYS G 2 -2.22 10.95 -5.94
N ILE G 3 -2.83 11.51 -4.89
CA ILE G 3 -4.28 11.50 -4.78
C ILE G 3 -4.89 12.43 -5.81
N SER G 4 -5.88 11.93 -6.55
CA SER G 4 -6.56 12.70 -7.58
C SER G 4 -7.83 13.31 -6.97
N LYS G 5 -7.86 14.64 -6.88
CA LYS G 5 -9.00 15.31 -6.24
C LYS G 5 -10.28 15.11 -7.02
N LYS G 6 -10.21 15.17 -8.35
CA LYS G 6 -11.42 14.99 -9.16
C LYS G 6 -12.00 13.60 -8.97
N GLN G 7 -11.15 12.58 -8.90
CA GLN G 7 -11.64 11.23 -8.65
C GLN G 7 -12.24 11.10 -7.26
N ILE G 8 -11.70 11.82 -6.28
CA ILE G 8 -12.30 11.83 -4.95
C ILE G 8 -13.69 12.45 -4.99
N GLU G 9 -13.85 13.54 -5.75
CA GLU G 9 -15.18 14.15 -5.89
C GLU G 9 -16.15 13.18 -6.57
N TYR G 10 -15.70 12.50 -7.63
CA TYR G 10 -16.54 11.50 -8.28
C TYR G 10 -16.92 10.39 -7.31
N ALA G 11 -15.97 9.96 -6.48
CA ALA G 11 -16.25 8.91 -5.50
C ALA G 11 -17.28 9.38 -4.48
N ILE G 12 -17.19 10.63 -4.03
CA ILE G 12 -18.16 11.17 -3.09
C ILE G 12 -19.55 11.15 -3.71
N GLU G 13 -19.67 11.64 -4.94
CA GLU G 13 -20.96 11.70 -5.59
C GLU G 13 -21.53 10.30 -5.83
N ALA G 14 -20.67 9.35 -6.20
CA ALA G 14 -21.15 8.00 -6.46
C ALA G 14 -21.53 7.28 -5.17
N LEU G 15 -20.78 7.51 -4.09
CA LEU G 15 -21.15 6.93 -2.80
C LEU G 15 -22.50 7.47 -2.33
N ARG G 16 -22.74 8.77 -2.52
CA ARG G 16 -24.05 9.31 -2.18
C ARG G 16 -25.13 8.76 -3.10
N ALA G 17 -24.84 8.60 -4.39
CA ALA G 17 -25.86 8.22 -5.35
C ALA G 17 -26.23 6.74 -5.25
N ASN G 18 -25.28 5.89 -4.85
CA ASN G 18 -25.52 4.46 -4.75
C ASN G 18 -25.99 4.03 -3.37
N ASN G 19 -26.47 4.98 -2.56
CA ASN G 19 -27.08 4.69 -1.26
C ASN G 19 -26.13 3.93 -0.34
N ILE G 20 -24.88 4.36 -0.32
CA ILE G 20 -23.92 3.88 0.66
C ILE G 20 -23.97 4.70 1.94
N ILE G 21 -23.87 6.02 1.80
CA ILE G 21 -23.94 6.95 2.92
C ILE G 21 -25.38 7.38 3.09
N THR G 22 -25.86 7.35 4.33
CA THR G 22 -27.23 7.72 4.62
C THR G 22 -27.38 9.23 4.54
N ASN G 23 -28.56 9.74 4.91
CA ASN G 23 -28.77 11.19 4.93
C ASN G 23 -27.79 11.87 5.87
N ASP G 24 -27.61 11.31 7.06
CA ASP G 24 -26.47 11.66 7.88
C ASP G 24 -25.21 11.03 7.30
N ASN G 25 -24.08 11.71 7.46
CA ASN G 25 -22.83 11.27 6.84
C ASN G 25 -22.33 10.03 7.59
N GLN G 26 -23.02 8.91 7.36
CA GLN G 26 -22.75 7.67 8.06
C GLN G 26 -22.99 6.51 7.12
N TYR G 27 -22.19 5.46 7.26
CA TYR G 27 -22.29 4.28 6.40
C TYR G 27 -22.17 3.01 7.23
N PRO G 28 -22.75 1.92 6.77
CA PRO G 28 -22.56 0.63 7.46
C PRO G 28 -21.10 0.22 7.50
N LYS G 29 -20.71 -0.39 8.62
CA LYS G 29 -19.30 -0.58 8.94
C LYS G 29 -18.57 -1.45 7.92
N VAL G 30 -19.24 -2.49 7.43
CA VAL G 30 -18.58 -3.50 6.59
C VAL G 30 -18.13 -2.97 5.24
N PHE G 31 -18.62 -1.81 4.82
CA PHE G 31 -18.23 -1.28 3.52
C PHE G 31 -16.77 -0.87 3.50
N LYS G 32 -16.21 -0.46 4.63
CA LYS G 32 -14.78 -0.19 4.69
C LYS G 32 -13.98 -1.43 4.31
N GLY G 33 -14.32 -2.58 4.91
CA GLY G 33 -13.67 -3.82 4.55
C GLY G 33 -13.92 -4.20 3.10
N TYR G 34 -15.13 -3.95 2.60
CA TYR G 34 -15.43 -4.23 1.20
C TYR G 34 -14.49 -3.47 0.27
N ILE G 35 -14.38 -2.15 0.47
CA ILE G 35 -13.55 -1.32 -0.39
C ILE G 35 -12.09 -1.73 -0.29
N SER G 36 -11.62 -1.97 0.94
CA SER G 36 -10.23 -2.35 1.12
C SER G 36 -9.92 -3.69 0.47
N SER G 37 -10.84 -4.66 0.61
CA SER G 37 -10.60 -5.99 0.07
C SER G 37 -10.72 -6.02 -1.45
N PHE G 38 -11.44 -5.07 -2.06
CA PHE G 38 -11.63 -5.12 -3.50
C PHE G 38 -10.30 -5.01 -4.25
N GLY G 39 -9.44 -4.08 -3.85
CA GLY G 39 -8.17 -3.93 -4.55
C GLY G 39 -7.27 -5.13 -4.40
N ALA G 40 -7.19 -5.67 -3.18
CA ALA G 40 -6.39 -6.87 -2.96
C ALA G 40 -6.91 -8.05 -3.76
N ALA G 41 -8.24 -8.19 -3.85
CA ALA G 41 -8.83 -9.24 -4.66
C ALA G 41 -8.49 -9.05 -6.14
N VAL G 42 -8.55 -7.80 -6.61
CA VAL G 42 -8.24 -7.51 -8.01
C VAL G 42 -6.80 -7.90 -8.32
N ILE G 43 -5.88 -7.58 -7.42
CA ILE G 43 -4.47 -7.90 -7.67
C ILE G 43 -4.22 -9.40 -7.57
N GLN G 44 -4.71 -10.04 -6.51
CA GLN G 44 -4.37 -11.44 -6.27
C GLN G 44 -5.07 -12.36 -7.26
N SER G 45 -6.37 -12.18 -7.47
CA SER G 45 -7.10 -12.89 -8.49
C SER G 45 -7.07 -12.06 -9.77
N GLY G 46 -7.90 -12.41 -10.74
CA GLY G 46 -8.08 -11.56 -11.88
C GLY G 46 -9.08 -10.45 -11.60
N LEU G 47 -9.10 -9.47 -12.50
CA LEU G 47 -10.11 -8.42 -12.40
C LEU G 47 -11.52 -8.99 -12.58
N ILE G 48 -11.68 -9.88 -13.56
CA ILE G 48 -13.01 -10.47 -13.81
C ILE G 48 -13.50 -11.28 -12.62
N PRO G 49 -12.73 -12.20 -12.02
CA PRO G 49 -13.24 -12.92 -10.84
C PRO G 49 -13.58 -12.00 -9.67
N ALA G 50 -12.77 -10.96 -9.43
CA ALA G 50 -13.07 -10.05 -8.33
C ALA G 50 -14.36 -9.28 -8.59
N ILE G 51 -14.56 -8.81 -9.82
CA ILE G 51 -15.77 -8.09 -10.17
C ILE G 51 -16.97 -9.01 -10.07
N ILE G 52 -16.81 -10.29 -10.43
CA ILE G 52 -17.89 -11.26 -10.29
C ILE G 52 -18.23 -11.46 -8.83
N PHE G 53 -17.22 -11.62 -7.98
CA PHE G 53 -17.44 -11.86 -6.56
C PHE G 53 -18.14 -10.68 -5.90
N PHE G 54 -17.71 -9.46 -6.20
CA PHE G 54 -18.28 -8.29 -5.52
C PHE G 54 -19.60 -7.86 -6.13
N GLU G 55 -19.79 -8.06 -7.44
CA GLU G 55 -21.04 -7.70 -8.10
C GLU G 55 -22.14 -8.71 -7.81
N ASN G 56 -21.79 -9.89 -7.32
CA ASN G 56 -22.76 -10.95 -7.07
C ASN G 56 -23.82 -10.49 -6.07
N GLU G 57 -25.06 -10.44 -6.51
CA GLU G 57 -26.17 -10.23 -5.60
C GLU G 57 -26.57 -11.56 -4.96
N ASP G 58 -27.62 -11.53 -4.15
CA ASP G 58 -28.16 -12.69 -3.45
C ASP G 58 -27.09 -13.47 -2.68
N ASN G 59 -25.97 -12.82 -2.40
CA ASN G 59 -24.91 -13.45 -1.61
C ASN G 59 -25.29 -13.45 -0.13
N ASP G 60 -24.46 -14.12 0.67
CA ASP G 60 -24.62 -14.14 2.11
C ASP G 60 -23.56 -13.16 2.64
N ALA G 61 -23.96 -11.91 2.82
CA ALA G 61 -23.07 -10.88 3.33
C ALA G 61 -23.86 -9.97 4.26
N ASN G 62 -23.11 -9.24 5.10
CA ASN G 62 -23.74 -8.38 6.10
C ASN G 62 -24.40 -7.15 5.51
N ALA G 63 -24.15 -6.83 4.24
CA ALA G 63 -24.74 -5.66 3.59
C ALA G 63 -24.75 -5.89 2.09
N ASP G 64 -25.04 -4.82 1.34
CA ASP G 64 -25.18 -4.89 -0.12
C ASP G 64 -23.81 -4.66 -0.74
N ARG G 65 -23.12 -5.74 -1.07
CA ARG G 65 -21.76 -5.64 -1.58
C ARG G 65 -21.70 -5.13 -3.02
N HIS G 66 -22.77 -5.39 -3.80
CA HIS G 66 -22.81 -4.93 -5.18
C HIS G 66 -22.88 -3.41 -5.30
N LYS G 67 -23.20 -2.73 -4.21
CA LYS G 67 -23.25 -1.27 -4.24
C LYS G 67 -21.87 -0.68 -4.52
N ILE G 68 -20.81 -1.36 -4.08
CA ILE G 68 -19.47 -0.86 -4.38
C ILE G 68 -19.16 -0.99 -5.87
N ILE G 69 -19.67 -2.03 -6.53
CA ILE G 69 -19.51 -2.15 -7.97
C ILE G 69 -20.31 -1.06 -8.68
N GLY G 70 -21.50 -0.75 -8.17
CA GLY G 70 -22.24 0.38 -8.70
C GLY G 70 -21.48 1.69 -8.57
N VAL G 71 -20.88 1.93 -7.41
CA VAL G 71 -20.07 3.13 -7.20
C VAL G 71 -18.90 3.16 -8.18
N LEU G 72 -18.24 2.01 -8.36
CA LEU G 72 -17.11 1.94 -9.29
C LEU G 72 -17.55 2.27 -10.70
N LYS G 73 -18.70 1.74 -11.13
CA LYS G 73 -19.21 2.05 -12.46
C LYS G 73 -19.51 3.53 -12.61
N ASP G 74 -20.12 4.14 -11.59
CA ASP G 74 -20.43 5.57 -11.66
C ASP G 74 -19.15 6.40 -11.76
N ILE G 75 -18.12 6.04 -10.99
CA ILE G 75 -16.86 6.77 -11.04
C ILE G 75 -16.20 6.62 -12.40
N ILE G 76 -16.22 5.41 -12.96
CA ILE G 76 -15.63 5.18 -14.28
C ILE G 76 -16.39 5.97 -15.33
N ASN G 77 -17.71 6.04 -15.21
CA ASN G 77 -18.51 6.83 -16.15
C ASN G 77 -18.16 8.31 -16.05
N ALA G 78 -17.99 8.83 -14.83
CA ALA G 78 -17.59 10.22 -14.68
C ALA G 78 -16.22 10.49 -15.28
N MET G 79 -15.28 9.57 -15.07
CA MET G 79 -13.94 9.71 -15.64
C MET G 79 -14.01 9.73 -17.16
N ARG G 80 -14.79 8.82 -17.75
CA ARG G 80 -14.91 8.78 -19.20
C ARG G 80 -15.65 10.00 -19.74
N GLN G 81 -16.55 10.58 -18.94
CA GLN G 81 -17.17 11.85 -19.31
C GLN G 81 -16.14 12.95 -19.35
N GLN G 82 -15.22 12.98 -18.39
CA GLN G 82 -14.21 14.04 -18.34
C GLN G 82 -13.04 13.80 -19.28
N TYR G 83 -12.92 12.59 -19.85
CA TYR G 83 -11.83 12.30 -20.77
C TYR G 83 -11.82 13.26 -21.95
N THR G 84 -10.61 13.66 -22.35
CA THR G 84 -10.44 14.55 -23.49
C THR G 84 -10.55 13.76 -24.79
N VAL G 85 -11.43 14.22 -25.69
CA VAL G 85 -11.66 13.56 -26.97
C VAL G 85 -10.68 14.19 -27.96
N THR G 86 -9.56 13.51 -28.18
CA THR G 86 -8.56 13.95 -29.14
C THR G 86 -8.04 12.74 -29.89
N ASP G 87 -7.62 12.97 -31.14
CA ASP G 87 -6.99 11.90 -31.90
C ASP G 87 -5.65 11.53 -31.28
N ALA G 88 -5.19 10.33 -31.61
CA ALA G 88 -3.96 9.76 -31.06
C ALA G 88 -4.02 9.57 -29.55
N THR G 89 -5.22 9.46 -29.00
CA THR G 89 -5.41 9.13 -27.59
C THR G 89 -5.83 7.68 -27.46
N ILE G 90 -5.54 7.09 -26.31
CA ILE G 90 -5.80 5.67 -26.10
C ILE G 90 -7.16 5.42 -25.48
N LEU G 91 -7.57 6.29 -24.56
CA LEU G 91 -8.76 6.04 -23.76
C LEU G 91 -10.03 6.10 -24.61
N VAL G 92 -10.93 5.15 -24.37
CA VAL G 92 -12.25 5.15 -25.01
C VAL G 92 -13.24 5.76 -24.02
N SER G 93 -14.00 6.75 -24.50
CA SER G 93 -14.83 7.57 -23.64
C SER G 93 -16.28 7.13 -23.56
N SER G 94 -16.65 6.03 -24.22
CA SER G 94 -18.04 5.58 -24.19
C SER G 94 -18.42 5.13 -22.78
N GLN G 95 -19.58 5.59 -22.32
CA GLN G 95 -20.03 5.28 -20.97
C GLN G 95 -20.53 3.84 -20.87
N ILE G 96 -20.48 3.32 -19.66
CA ILE G 96 -20.98 1.97 -19.37
C ILE G 96 -22.48 2.05 -19.17
N PRO G 97 -23.27 1.31 -19.95
CA PRO G 97 -24.73 1.42 -19.84
C PRO G 97 -25.23 1.02 -18.46
N ALA G 98 -26.29 1.69 -18.01
CA ALA G 98 -26.87 1.41 -16.70
C ALA G 98 -27.58 0.07 -16.65
N ASN G 99 -27.94 -0.50 -17.80
CA ASN G 99 -28.53 -1.82 -17.87
C ASN G 99 -27.48 -2.93 -17.95
N TYR G 100 -26.21 -2.56 -17.89
CA TYR G 100 -25.11 -3.50 -18.07
C TYR G 100 -24.46 -3.80 -16.73
N SER G 101 -24.31 -5.09 -16.42
CA SER G 101 -23.43 -5.48 -15.34
C SER G 101 -21.98 -5.22 -15.75
N MET G 102 -21.16 -4.84 -14.77
CA MET G 102 -19.76 -4.55 -15.06
C MET G 102 -19.05 -5.79 -15.59
N ALA G 103 -19.41 -6.96 -15.07
CA ALA G 103 -18.78 -8.20 -15.54
C ALA G 103 -19.03 -8.40 -17.03
N GLN G 104 -20.26 -8.20 -17.48
CA GLN G 104 -20.57 -8.38 -18.90
C GLN G 104 -19.82 -7.37 -19.75
N TYR G 105 -19.74 -6.12 -19.30
CA TYR G 105 -19.02 -5.10 -20.04
C TYR G 105 -17.55 -5.46 -20.21
N ILE G 106 -16.91 -5.89 -19.12
CA ILE G 106 -15.51 -6.28 -19.21
C ILE G 106 -15.35 -7.54 -20.03
N ILE G 107 -16.38 -8.40 -20.04
CA ILE G 107 -16.30 -9.65 -20.79
C ILE G 107 -16.29 -9.38 -22.29
N GLU G 108 -17.19 -8.53 -22.77
CA GLU G 108 -17.26 -8.29 -24.20
C GLU G 108 -16.50 -7.04 -24.65
N HIS G 109 -15.76 -6.41 -23.74
CA HIS G 109 -14.97 -5.23 -24.12
C HIS G 109 -13.51 -5.41 -23.74
N GLY G 110 -12.92 -6.54 -24.13
CA GLY G 110 -11.58 -6.93 -23.71
C GLY G 110 -10.46 -6.01 -24.13
N ASN G 111 -9.22 -6.49 -24.04
CA ASN G 111 -8.01 -5.67 -24.10
C ASN G 111 -8.01 -4.65 -22.96
N THR G 112 -8.62 -5.08 -21.86
CA THR G 112 -8.98 -4.22 -20.73
C THR G 112 -7.77 -3.81 -19.90
N ASP G 113 -6.83 -3.08 -20.52
CA ASP G 113 -5.78 -2.42 -19.75
C ASP G 113 -6.27 -1.09 -19.19
N GLN G 114 -6.96 -0.31 -20.05
CA GLN G 114 -7.56 0.93 -19.60
C GLN G 114 -8.59 0.68 -18.51
N LEU G 115 -9.41 -0.36 -18.69
CA LEU G 115 -10.43 -0.67 -17.68
C LEU G 115 -9.79 -1.07 -16.37
N LEU G 116 -8.70 -1.84 -16.43
CA LEU G 116 -7.99 -2.22 -15.20
C LEU G 116 -7.44 -0.99 -14.49
N LYS G 117 -6.81 -0.09 -15.23
CA LYS G 117 -6.26 1.13 -14.62
C LYS G 117 -7.38 1.98 -14.01
N GLU G 118 -8.48 2.14 -14.73
CA GLU G 118 -9.61 2.91 -14.21
C GLU G 118 -10.19 2.28 -12.96
N ILE G 119 -10.30 0.95 -12.94
CA ILE G 119 -10.87 0.27 -11.78
C ILE G 119 -9.97 0.42 -10.57
N THR G 120 -8.65 0.28 -10.76
CA THR G 120 -7.73 0.47 -9.63
C THR G 120 -7.79 1.91 -9.11
N GLU G 121 -7.79 2.89 -10.01
CA GLU G 121 -7.86 4.29 -9.57
C GLU G 121 -9.17 4.58 -8.84
N ALA G 122 -10.27 4.02 -9.36
CA ALA G 122 -11.57 4.23 -8.72
C ALA G 122 -11.62 3.56 -7.35
N ALA G 123 -10.98 2.40 -7.20
CA ALA G 123 -10.93 1.75 -5.90
C ALA G 123 -10.14 2.59 -4.91
N VAL G 124 -9.01 3.15 -5.34
CA VAL G 124 -8.22 4.01 -4.45
C VAL G 124 -9.02 5.26 -4.06
N ALA G 125 -9.72 5.86 -5.03
CA ALA G 125 -10.53 7.03 -4.75
C ALA G 125 -11.66 6.70 -3.77
N MET G 126 -12.30 5.55 -3.96
CA MET G 126 -13.35 5.10 -3.06
C MET G 126 -12.81 4.92 -1.64
N LYS G 127 -11.66 4.28 -1.52
CA LYS G 127 -11.06 4.06 -0.20
C LYS G 127 -10.76 5.38 0.49
N LEU G 128 -10.18 6.34 -0.26
CA LEU G 128 -9.80 7.60 0.36
C LEU G 128 -11.01 8.49 0.64
N ALA G 129 -12.06 8.40 -0.18
CA ALA G 129 -13.24 9.22 0.03
C ALA G 129 -14.12 8.68 1.16
N LEU G 130 -14.10 7.37 1.41
CA LEU G 130 -14.91 6.81 2.48
C LEU G 130 -14.45 7.26 3.86
N ARG G 131 -13.25 7.80 3.97
CA ARG G 131 -12.73 8.23 5.27
C ARG G 131 -13.33 9.55 5.75
N MET G 132 -14.02 10.28 4.88
CA MET G 132 -14.69 11.50 5.31
C MET G 132 -15.92 11.22 6.16
N TYR G 133 -16.42 9.99 6.17
CA TYR G 133 -17.66 9.65 6.83
C TYR G 133 -17.40 8.72 8.01
N LYS G 134 -18.46 8.47 8.77
CA LYS G 134 -18.39 7.69 10.00
C LYS G 134 -19.11 6.36 9.81
N SER G 135 -18.58 5.32 10.45
CA SER G 135 -19.16 3.99 10.40
C SER G 135 -20.07 3.77 11.60
N GLU G 136 -21.28 3.30 11.35
CA GLU G 136 -22.24 3.05 12.42
C GLU G 136 -21.77 1.90 13.32
N MET H 1 -3.86 -20.41 -9.25
CA MET H 1 -4.53 -20.51 -10.54
C MET H 1 -5.42 -19.30 -10.80
N LYS H 2 -5.19 -18.64 -11.93
CA LYS H 2 -5.96 -17.48 -12.33
C LYS H 2 -6.88 -17.87 -13.48
N ILE H 3 -8.17 -17.56 -13.34
CA ILE H 3 -9.16 -17.89 -14.35
C ILE H 3 -9.18 -16.77 -15.39
N SER H 4 -8.99 -17.14 -16.64
CA SER H 4 -9.00 -16.17 -17.72
C SER H 4 -10.42 -15.77 -18.07
N LYS H 5 -10.56 -14.62 -18.74
CA LYS H 5 -11.87 -14.16 -19.16
C LYS H 5 -12.41 -15.01 -20.30
N LYS H 6 -11.54 -15.60 -21.12
CA LYS H 6 -11.99 -16.49 -22.17
C LYS H 6 -12.57 -17.77 -21.59
N GLN H 7 -12.01 -18.26 -20.47
CA GLN H 7 -12.60 -19.44 -19.82
C GLN H 7 -13.99 -19.13 -19.29
N ILE H 8 -14.19 -17.93 -18.75
CA ILE H 8 -15.52 -17.56 -18.26
C ILE H 8 -16.48 -17.39 -19.42
N GLU H 9 -16.01 -16.87 -20.55
CA GLU H 9 -16.85 -16.82 -21.75
C GLU H 9 -17.26 -18.22 -22.18
N TYR H 10 -16.30 -19.14 -22.21
CA TYR H 10 -16.61 -20.52 -22.57
C TYR H 10 -17.63 -21.12 -21.61
N ALA H 11 -17.48 -20.83 -20.32
CA ALA H 11 -18.43 -21.32 -19.34
C ALA H 11 -19.83 -20.76 -19.58
N ILE H 12 -19.92 -19.48 -19.94
CA ILE H 12 -21.23 -18.87 -20.19
C ILE H 12 -21.90 -19.53 -21.38
N GLU H 13 -21.16 -19.68 -22.49
CA GLU H 13 -21.76 -20.33 -23.66
C GLU H 13 -22.09 -21.79 -23.40
N ALA H 14 -21.30 -22.47 -22.57
CA ALA H 14 -21.59 -23.88 -22.28
C ALA H 14 -22.80 -24.02 -21.37
N LEU H 15 -22.98 -23.10 -20.43
CA LEU H 15 -24.15 -23.14 -19.56
C LEU H 15 -25.42 -22.77 -20.32
N ARG H 16 -25.30 -21.90 -21.33
CA ARG H 16 -26.45 -21.62 -22.18
C ARG H 16 -26.74 -22.78 -23.14
N ALA H 17 -25.68 -23.42 -23.66
CA ALA H 17 -25.86 -24.42 -24.70
C ALA H 17 -26.48 -25.70 -24.15
N ASN H 18 -26.12 -26.09 -22.93
CA ASN H 18 -26.70 -27.30 -22.35
C ASN H 18 -28.15 -27.05 -21.93
N ASN H 19 -28.36 -26.10 -21.01
CA ASN H 19 -29.61 -25.44 -20.65
C ASN H 19 -29.64 -25.08 -19.17
N ILE H 20 -28.48 -24.72 -18.62
CA ILE H 20 -28.45 -24.24 -17.24
C ILE H 20 -29.07 -22.85 -17.15
N ILE H 21 -28.72 -21.96 -18.08
CA ILE H 21 -29.18 -20.58 -18.07
C ILE H 21 -30.36 -20.47 -19.02
N THR H 22 -31.50 -20.02 -18.48
CA THR H 22 -32.69 -19.84 -19.31
C THR H 22 -32.53 -18.60 -20.18
N ASN H 23 -33.48 -18.41 -21.09
CA ASN H 23 -33.43 -17.29 -22.02
C ASN H 23 -33.55 -15.94 -21.30
N ASP H 24 -34.08 -15.93 -20.08
CA ASP H 24 -34.18 -14.73 -19.28
C ASP H 24 -33.03 -14.57 -18.29
N ASN H 25 -31.89 -15.21 -18.56
CA ASN H 25 -30.69 -15.09 -17.73
C ASN H 25 -30.94 -15.54 -16.29
N GLN H 26 -31.62 -16.67 -16.14
CA GLN H 26 -31.88 -17.26 -14.83
C GLN H 26 -31.56 -18.75 -14.87
N TYR H 27 -31.20 -19.29 -13.71
CA TYR H 27 -30.87 -20.69 -13.58
C TYR H 27 -31.49 -21.26 -12.31
N PRO H 28 -31.79 -22.56 -12.28
CA PRO H 28 -32.27 -23.17 -11.04
C PRO H 28 -31.24 -23.05 -9.93
N LYS H 29 -31.72 -22.79 -8.71
CA LYS H 29 -30.84 -22.46 -7.59
C LYS H 29 -30.01 -23.62 -7.10
N VAL H 30 -30.30 -24.85 -7.54
CA VAL H 30 -29.60 -26.02 -7.03
C VAL H 30 -28.29 -26.28 -7.79
N PHE H 31 -28.13 -25.71 -8.99
CA PHE H 31 -26.90 -25.93 -9.74
C PHE H 31 -25.70 -25.27 -9.07
N LYS H 32 -25.92 -24.19 -8.30
CA LYS H 32 -24.86 -23.61 -7.51
C LYS H 32 -24.25 -24.64 -6.56
N GLY H 33 -25.11 -25.31 -5.79
CA GLY H 33 -24.65 -26.37 -4.92
C GLY H 33 -24.07 -27.54 -5.68
N TYR H 34 -24.64 -27.85 -6.85
CA TYR H 34 -24.09 -28.91 -7.68
C TYR H 34 -22.63 -28.63 -8.04
N ILE H 35 -22.33 -27.42 -8.51
CA ILE H 35 -20.97 -27.11 -8.93
C ILE H 35 -20.03 -27.03 -7.74
N SER H 36 -20.48 -26.43 -6.63
CA SER H 36 -19.65 -26.38 -5.43
C SER H 36 -19.33 -27.78 -4.92
N SER H 37 -20.33 -28.66 -4.90
CA SER H 37 -20.12 -30.04 -4.45
C SER H 37 -19.22 -30.78 -5.41
N PHE H 38 -19.31 -30.51 -6.71
CA PHE H 38 -18.40 -31.16 -7.66
C PHE H 38 -16.97 -30.74 -7.41
N GLY H 39 -16.74 -29.45 -7.16
CA GLY H 39 -15.39 -29.01 -6.82
C GLY H 39 -14.87 -29.67 -5.56
N ALA H 40 -15.71 -29.74 -4.53
CA ALA H 40 -15.30 -30.38 -3.28
C ALA H 40 -15.00 -31.86 -3.49
N ALA H 41 -15.84 -32.55 -4.28
CA ALA H 41 -15.63 -33.97 -4.55
C ALA H 41 -14.35 -34.20 -5.32
N VAL H 42 -14.06 -33.34 -6.30
CA VAL H 42 -12.81 -33.47 -7.05
C VAL H 42 -11.62 -33.28 -6.12
N ILE H 43 -11.68 -32.28 -5.23
CA ILE H 43 -10.54 -32.04 -4.35
C ILE H 43 -10.38 -33.16 -3.32
N GLN H 44 -11.47 -33.79 -2.89
CA GLN H 44 -11.39 -34.76 -1.79
C GLN H 44 -11.27 -36.20 -2.28
N SER H 45 -12.28 -36.69 -3.00
CA SER H 45 -12.31 -38.11 -3.38
C SER H 45 -11.44 -38.39 -4.59
N GLY H 46 -11.40 -37.48 -5.55
CA GLY H 46 -10.65 -37.66 -6.77
C GLY H 46 -11.46 -37.30 -8.00
N LEU H 47 -10.75 -37.20 -9.11
CA LEU H 47 -11.37 -36.82 -10.38
C LEU H 47 -12.38 -37.86 -10.84
N ILE H 48 -11.96 -39.12 -10.91
CA ILE H 48 -12.83 -40.18 -11.41
C ILE H 48 -14.08 -40.37 -10.55
N PRO H 49 -13.99 -40.47 -9.22
CA PRO H 49 -15.21 -40.63 -8.43
C PRO H 49 -16.19 -39.49 -8.58
N ALA H 50 -15.71 -38.24 -8.61
CA ALA H 50 -16.59 -37.09 -8.76
C ALA H 50 -17.24 -37.08 -10.13
N ILE H 51 -16.47 -37.38 -11.18
CA ILE H 51 -17.02 -37.40 -12.52
C ILE H 51 -18.07 -38.49 -12.65
N ILE H 52 -17.82 -39.65 -12.05
CA ILE H 52 -18.79 -40.74 -12.10
C ILE H 52 -20.06 -40.36 -11.34
N PHE H 53 -19.91 -39.75 -10.17
CA PHE H 53 -21.09 -39.38 -9.38
C PHE H 53 -21.95 -38.35 -10.09
N PHE H 54 -21.33 -37.30 -10.61
CA PHE H 54 -22.13 -36.23 -11.22
C PHE H 54 -22.52 -36.53 -12.67
N GLU H 55 -21.89 -37.53 -13.30
CA GLU H 55 -22.27 -37.95 -14.64
C GLU H 55 -23.51 -38.83 -14.64
N ASN H 56 -23.83 -39.47 -13.52
CA ASN H 56 -24.95 -40.38 -13.45
C ASN H 56 -26.25 -39.68 -13.84
N GLU H 57 -27.04 -40.34 -14.67
CA GLU H 57 -28.33 -39.79 -15.10
C GLU H 57 -29.51 -40.37 -14.34
N ASP H 58 -29.39 -41.56 -13.79
CA ASP H 58 -30.46 -42.17 -13.00
C ASP H 58 -30.36 -41.71 -11.55
N ASN H 59 -30.60 -40.42 -11.36
CA ASN H 59 -30.47 -39.79 -10.06
C ASN H 59 -31.83 -39.67 -9.37
N ASP H 60 -31.78 -39.33 -8.08
CA ASP H 60 -32.94 -38.87 -7.34
C ASP H 60 -32.88 -37.37 -7.09
N ALA H 61 -31.98 -36.68 -7.80
CA ALA H 61 -31.78 -35.25 -7.60
C ALA H 61 -32.94 -34.45 -8.18
N ASN H 62 -33.09 -33.22 -7.69
CA ASN H 62 -34.18 -32.36 -8.13
C ASN H 62 -34.06 -32.02 -9.61
N ALA H 63 -32.85 -31.70 -10.06
CA ALA H 63 -32.61 -31.24 -11.42
C ALA H 63 -31.65 -32.21 -12.14
N ASP H 64 -31.23 -31.82 -13.33
CA ASP H 64 -30.34 -32.63 -14.17
C ASP H 64 -28.90 -32.30 -13.80
N ARG H 65 -28.30 -33.15 -12.96
CA ARG H 65 -26.92 -32.93 -12.54
C ARG H 65 -25.94 -33.17 -13.68
N HIS H 66 -26.24 -34.13 -14.56
CA HIS H 66 -25.30 -34.48 -15.63
C HIS H 66 -25.06 -33.32 -16.59
N LYS H 67 -25.94 -32.32 -16.60
CA LYS H 67 -25.70 -31.16 -17.45
C LYS H 67 -24.48 -30.37 -17.01
N ILE H 68 -24.09 -30.45 -15.73
CA ILE H 68 -22.85 -29.79 -15.32
C ILE H 68 -21.64 -30.53 -15.91
N ILE H 69 -21.71 -31.86 -16.02
CA ILE H 69 -20.63 -32.59 -16.69
C ILE H 69 -20.61 -32.27 -18.17
N GLY H 70 -21.79 -32.09 -18.77
CA GLY H 70 -21.84 -31.64 -20.16
C GLY H 70 -21.21 -30.28 -20.34
N VAL H 71 -21.48 -29.34 -19.43
CA VAL H 71 -20.86 -28.02 -19.47
C VAL H 71 -19.35 -28.15 -19.31
N LEU H 72 -18.91 -29.03 -18.42
CA LEU H 72 -17.49 -29.32 -18.27
C LEU H 72 -16.87 -29.75 -19.60
N LYS H 73 -17.52 -30.71 -20.27
CA LYS H 73 -16.99 -31.20 -21.54
C LYS H 73 -16.92 -30.10 -22.58
N ASP H 74 -17.96 -29.26 -22.64
CA ASP H 74 -17.96 -28.16 -23.62
C ASP H 74 -16.86 -27.15 -23.33
N ILE H 75 -16.66 -26.81 -22.04
CA ILE H 75 -15.61 -25.87 -21.68
C ILE H 75 -14.24 -26.44 -22.01
N ILE H 76 -14.03 -27.72 -21.73
CA ILE H 76 -12.74 -28.34 -22.03
C ILE H 76 -12.51 -28.38 -23.53
N ASN H 77 -13.55 -28.66 -24.31
CA ASN H 77 -13.41 -28.64 -25.77
C ASN H 77 -13.06 -27.25 -26.28
N ALA H 78 -13.72 -26.22 -25.75
CA ALA H 78 -13.40 -24.86 -26.16
C ALA H 78 -11.98 -24.48 -25.76
N MET H 79 -11.53 -24.91 -24.58
CA MET H 79 -10.17 -24.64 -24.15
C MET H 79 -9.16 -25.32 -25.07
N ARG H 80 -9.43 -26.57 -25.44
CA ARG H 80 -8.52 -27.30 -26.31
C ARG H 80 -8.53 -26.78 -27.74
N GLN H 81 -9.61 -26.14 -28.16
CA GLN H 81 -9.66 -25.58 -29.51
C GLN H 81 -8.63 -24.47 -29.71
N GLN H 82 -8.24 -23.79 -28.63
CA GLN H 82 -7.29 -22.69 -28.71
C GLN H 82 -5.89 -23.09 -28.28
N TYR H 83 -5.62 -24.39 -28.18
CA TYR H 83 -4.27 -24.85 -27.85
C TYR H 83 -3.32 -24.56 -29.00
N THR H 84 -2.14 -24.06 -28.66
CA THR H 84 -1.15 -23.67 -29.65
C THR H 84 -0.39 -24.91 -30.14
N VAL H 85 0.24 -24.80 -31.31
CA VAL H 85 0.93 -25.93 -31.91
C VAL H 85 1.98 -26.50 -30.96
N THR H 86 2.77 -25.64 -30.31
CA THR H 86 3.74 -26.12 -29.35
C THR H 86 3.06 -26.68 -28.10
N ASP H 87 1.83 -26.25 -27.80
CA ASP H 87 1.09 -26.86 -26.70
C ASP H 87 0.62 -28.26 -27.04
N ALA H 88 0.22 -28.48 -28.30
CA ALA H 88 -0.28 -29.77 -28.72
C ALA H 88 0.79 -30.85 -28.69
N THR H 89 2.08 -30.47 -28.76
CA THR H 89 3.14 -31.47 -28.67
C THR H 89 3.30 -31.98 -27.24
N ILE H 90 3.01 -31.14 -26.25
CA ILE H 90 3.06 -31.56 -24.85
C ILE H 90 1.69 -31.97 -24.35
N LEU H 91 0.65 -31.21 -24.68
CA LEU H 91 -0.69 -31.46 -24.19
C LEU H 91 -1.55 -32.10 -25.28
N VAL H 92 -2.54 -32.87 -24.85
CA VAL H 92 -3.47 -33.52 -25.77
C VAL H 92 -4.50 -32.49 -26.22
N SER H 93 -4.51 -32.19 -27.52
CA SER H 93 -5.40 -31.19 -28.08
C SER H 93 -6.61 -31.81 -28.78
N SER H 94 -6.75 -33.13 -28.73
CA SER H 94 -7.88 -33.78 -29.37
C SER H 94 -9.19 -33.40 -28.68
N GLN H 95 -10.25 -33.29 -29.49
CA GLN H 95 -11.56 -32.91 -28.99
C GLN H 95 -12.25 -34.12 -28.38
N ILE H 96 -12.86 -33.92 -27.23
CA ILE H 96 -13.62 -35.02 -26.60
C ILE H 96 -14.91 -35.26 -27.39
N PRO H 97 -15.18 -36.49 -27.80
CA PRO H 97 -16.42 -36.75 -28.55
C PRO H 97 -17.65 -36.36 -27.75
N ALA H 98 -18.66 -35.84 -28.45
CA ALA H 98 -19.84 -35.30 -27.78
C ALA H 98 -20.60 -36.39 -27.03
N ASN H 99 -20.80 -37.55 -27.66
CA ASN H 99 -21.55 -38.63 -27.05
C ASN H 99 -20.71 -39.48 -26.11
N TYR H 100 -19.42 -39.22 -26.01
CA TYR H 100 -18.54 -40.05 -25.20
C TYR H 100 -18.77 -39.79 -23.71
N SER H 101 -18.73 -40.86 -22.93
CA SER H 101 -18.81 -40.71 -21.48
C SER H 101 -17.50 -40.09 -20.97
N MET H 102 -17.63 -39.02 -20.17
CA MET H 102 -16.45 -38.31 -19.73
C MET H 102 -15.59 -39.16 -18.80
N ALA H 103 -16.21 -39.92 -17.91
CA ALA H 103 -15.44 -40.77 -17.00
C ALA H 103 -14.64 -41.81 -17.75
N GLN H 104 -15.24 -42.46 -18.75
CA GLN H 104 -14.50 -43.46 -19.50
C GLN H 104 -13.44 -42.82 -20.39
N TYR H 105 -13.68 -41.59 -20.86
CA TYR H 105 -12.65 -40.86 -21.59
C TYR H 105 -11.44 -40.62 -20.69
N ILE H 106 -11.68 -40.15 -19.46
CA ILE H 106 -10.58 -39.92 -18.54
C ILE H 106 -9.85 -41.21 -18.25
N ILE H 107 -10.60 -42.30 -18.00
CA ILE H 107 -9.99 -43.58 -17.66
C ILE H 107 -9.12 -44.08 -18.81
N GLU H 108 -9.65 -44.03 -20.04
CA GLU H 108 -8.89 -44.51 -21.19
C GLU H 108 -7.67 -43.64 -21.46
N HIS H 109 -7.75 -42.34 -21.18
CA HIS H 109 -6.60 -41.47 -21.29
C HIS H 109 -5.76 -41.43 -20.03
N GLY H 110 -6.12 -42.21 -19.02
CA GLY H 110 -5.31 -42.35 -17.82
C GLY H 110 -5.87 -41.61 -16.62
N ASN H 111 -5.00 -40.88 -15.93
CA ASN H 111 -5.44 -39.92 -14.92
C ASN H 111 -4.53 -38.69 -14.96
N THR H 112 -4.08 -38.32 -16.15
CA THR H 112 -3.01 -37.35 -16.31
C THR H 112 -3.35 -36.03 -15.65
N ASP H 113 -2.29 -35.32 -15.24
CA ASP H 113 -2.48 -34.04 -14.57
C ASP H 113 -3.16 -33.02 -15.47
N GLN H 114 -3.02 -33.17 -16.78
CA GLN H 114 -3.66 -32.23 -17.71
C GLN H 114 -5.17 -32.25 -17.55
N LEU H 115 -5.76 -33.46 -17.54
CA LEU H 115 -7.20 -33.57 -17.43
C LEU H 115 -7.70 -33.05 -16.09
N LEU H 116 -7.02 -33.38 -14.99
CA LEU H 116 -7.44 -32.91 -13.68
C LEU H 116 -7.34 -31.39 -13.59
N LYS H 117 -6.25 -30.81 -14.10
CA LYS H 117 -6.10 -29.37 -14.09
C LYS H 117 -7.18 -28.69 -14.91
N GLU H 118 -7.47 -29.23 -16.11
CA GLU H 118 -8.52 -28.67 -16.94
C GLU H 118 -9.87 -28.74 -16.24
N ILE H 119 -10.16 -29.86 -15.59
CA ILE H 119 -11.44 -30.03 -14.91
C ILE H 119 -11.56 -29.03 -13.76
N THR H 120 -10.49 -28.84 -12.98
CA THR H 120 -10.55 -27.90 -11.87
C THR H 120 -10.74 -26.47 -12.36
N GLU H 121 -9.99 -26.08 -13.40
CA GLU H 121 -10.13 -24.73 -13.94
C GLU H 121 -11.53 -24.51 -14.50
N ALA H 122 -12.07 -25.51 -15.20
CA ALA H 122 -13.40 -25.38 -15.78
C ALA H 122 -14.48 -25.34 -14.70
N ALA H 123 -14.30 -26.09 -13.60
CA ALA H 123 -15.25 -26.03 -12.49
C ALA H 123 -15.24 -24.65 -11.84
N VAL H 124 -14.06 -24.07 -11.63
CA VAL H 124 -13.99 -22.73 -11.08
C VAL H 124 -14.63 -21.72 -12.04
N ALA H 125 -14.40 -21.90 -13.34
CA ALA H 125 -15.02 -21.03 -14.34
C ALA H 125 -16.54 -21.15 -14.30
N MET H 126 -17.06 -22.37 -14.15
CA MET H 126 -18.50 -22.56 -14.05
C MET H 126 -19.06 -21.86 -12.83
N LYS H 127 -18.37 -21.96 -11.69
CA LYS H 127 -18.84 -21.29 -10.48
C LYS H 127 -18.87 -19.78 -10.69
N LEU H 128 -17.82 -19.23 -11.28
CA LEU H 128 -17.77 -17.79 -11.54
C LEU H 128 -18.86 -17.36 -12.51
N ALA H 129 -19.14 -18.19 -13.52
CA ALA H 129 -20.17 -17.85 -14.49
C ALA H 129 -21.56 -17.87 -13.88
N LEU H 130 -21.84 -18.87 -13.02
CA LEU H 130 -23.11 -18.88 -12.31
C LEU H 130 -23.24 -17.70 -11.37
N ARG H 131 -22.13 -17.25 -10.78
CA ARG H 131 -22.21 -16.09 -9.89
C ARG H 131 -22.63 -14.82 -10.61
N MET H 132 -22.58 -14.79 -11.95
CA MET H 132 -22.96 -13.62 -12.73
C MET H 132 -24.47 -13.53 -12.98
N TYR H 133 -25.23 -14.59 -12.71
CA TYR H 133 -26.65 -14.62 -13.02
C TYR H 133 -27.47 -14.82 -11.75
N LYS H 134 -28.79 -14.74 -11.91
CA LYS H 134 -29.72 -14.77 -10.79
C LYS H 134 -30.22 -16.18 -10.54
N SER H 135 -30.29 -16.55 -9.26
CA SER H 135 -30.72 -17.89 -8.84
C SER H 135 -32.25 -17.94 -8.81
N GLU H 136 -32.83 -17.97 -10.01
CA GLU H 136 -34.28 -18.01 -10.19
C GLU H 136 -34.97 -16.86 -9.46
N MET I 1 0.36 -56.47 8.86
CA MET I 1 -0.27 -56.07 7.62
C MET I 1 -1.79 -55.92 7.79
N PRO I 2 -2.52 -57.03 8.11
CA PRO I 2 -3.98 -56.91 8.15
C PRO I 2 -4.50 -56.20 9.39
N LYS I 3 -3.86 -56.44 10.54
CA LYS I 3 -4.23 -55.84 11.81
C LYS I 3 -3.01 -55.16 12.40
N ASN I 4 -3.19 -54.52 13.56
CA ASN I 4 -2.08 -53.92 14.30
C ASN I 4 -1.35 -52.88 13.44
N TYR I 5 -2.04 -51.76 13.25
CA TYR I 5 -1.66 -50.70 12.31
C TYR I 5 -0.16 -50.42 12.28
N THR I 6 0.40 -49.92 13.39
CA THR I 6 1.83 -49.62 13.48
C THR I 6 2.31 -48.70 12.36
N LEU I 7 3.63 -48.54 12.24
CA LEU I 7 4.23 -47.67 11.23
C LEU I 7 5.03 -48.41 10.18
N GLN I 8 5.35 -49.68 10.39
CA GLN I 8 6.18 -50.42 9.45
C GLN I 8 5.35 -51.23 8.45
N ASN I 9 4.24 -51.80 8.89
CA ASN I 9 3.38 -52.63 8.04
C ASN I 9 1.94 -52.12 8.18
N ALA I 10 1.58 -51.16 7.32
CA ALA I 10 0.24 -50.61 7.33
C ALA I 10 -0.03 -49.92 6.00
N SER I 11 -1.31 -49.72 5.73
CA SER I 11 -1.75 -48.89 4.62
C SER I 11 -2.48 -47.68 5.19
N ASN I 12 -2.10 -46.50 4.74
CA ASN I 12 -2.71 -45.26 5.21
C ASN I 12 -4.23 -45.34 5.07
N LEU I 13 -4.91 -45.27 6.21
CA LEU I 13 -6.37 -45.48 6.21
C LEU I 13 -7.09 -44.40 5.41
N GLY I 14 -6.65 -43.14 5.55
CA GLY I 14 -7.22 -42.09 4.72
C GLY I 14 -6.94 -42.31 3.25
N TRP I 15 -5.73 -42.75 2.93
CA TRP I 15 -5.40 -43.09 1.55
C TRP I 15 -6.32 -44.18 1.02
N LEU I 16 -6.48 -45.27 1.78
CA LEU I 16 -7.36 -46.35 1.36
C LEU I 16 -8.79 -45.87 1.18
N PHE I 17 -9.26 -45.01 2.08
CA PHE I 17 -10.66 -44.60 2.06
C PHE I 17 -10.95 -43.62 0.94
N TYR I 18 -9.99 -42.77 0.57
CA TYR I 18 -10.25 -41.68 -0.36
C TYR I 18 -9.63 -41.89 -1.74
N LYS I 19 -8.34 -42.24 -1.82
CA LYS I 19 -7.69 -42.32 -3.11
C LYS I 19 -7.71 -43.73 -3.70
N ASP I 20 -7.39 -44.73 -2.88
CA ASP I 20 -7.36 -46.11 -3.34
C ASP I 20 -8.73 -46.76 -3.36
N TYR I 21 -9.76 -46.10 -2.82
CA TYR I 21 -11.09 -46.70 -2.75
C TYR I 21 -11.63 -47.00 -4.14
N TYR I 22 -11.58 -46.03 -5.04
CA TYR I 22 -12.20 -46.13 -6.36
C TYR I 22 -11.17 -46.44 -7.45
N ARG I 23 -10.17 -47.24 -7.12
CA ARG I 23 -9.17 -47.61 -8.12
C ARG I 23 -9.81 -48.45 -9.22
N GLN I 24 -9.34 -48.25 -10.45
CA GLN I 24 -9.88 -48.95 -11.60
C GLN I 24 -9.21 -50.30 -11.75
N GLU I 25 -9.98 -51.36 -11.63
CA GLU I 25 -9.53 -52.73 -11.73
C GLU I 25 -10.12 -53.40 -12.95
N PRO I 26 -9.44 -54.40 -13.52
CA PRO I 26 -10.04 -55.16 -14.63
C PRO I 26 -11.32 -55.85 -14.19
N ASN I 27 -12.29 -55.91 -15.10
CA ASN I 27 -13.59 -56.57 -14.95
C ASN I 27 -14.51 -55.86 -13.96
N VAL I 28 -14.06 -54.77 -13.33
CA VAL I 28 -14.88 -54.03 -12.37
C VAL I 28 -15.38 -52.77 -13.08
N ASP I 29 -16.70 -52.61 -13.10
CA ASP I 29 -17.34 -51.48 -13.78
C ASP I 29 -18.31 -50.80 -12.83
N PHE I 30 -18.16 -49.48 -12.66
CA PHE I 30 -19.18 -48.69 -11.98
C PHE I 30 -19.39 -47.35 -12.67
N ILE I 31 -19.14 -47.29 -13.97
CA ILE I 31 -19.49 -46.12 -14.77
C ILE I 31 -20.91 -46.22 -15.28
N SER I 32 -21.33 -47.40 -15.71
CA SER I 32 -22.66 -47.63 -16.24
C SER I 32 -23.65 -47.91 -15.11
N THR I 33 -24.94 -47.80 -15.45
CA THR I 33 -25.98 -48.10 -14.47
C THR I 33 -25.95 -49.58 -14.09
N GLN I 34 -25.73 -50.47 -15.07
CA GLN I 34 -25.63 -51.89 -14.77
C GLN I 34 -24.43 -52.18 -13.88
N GLY I 35 -23.30 -51.51 -14.15
CA GLY I 35 -22.11 -51.76 -13.36
C GLY I 35 -22.24 -51.33 -11.92
N LYS I 36 -22.93 -50.21 -11.68
CA LYS I 36 -23.07 -49.70 -10.32
C LYS I 36 -23.95 -50.59 -9.45
N GLU I 37 -24.85 -51.35 -10.04
CA GLU I 37 -25.73 -52.25 -9.31
C GLU I 37 -25.27 -53.70 -9.36
N SER I 38 -24.16 -53.98 -10.04
CA SER I 38 -23.73 -55.36 -10.23
C SER I 38 -23.17 -55.95 -8.94
N ASP I 39 -23.14 -57.28 -8.89
CA ASP I 39 -22.56 -57.96 -7.74
C ASP I 39 -21.04 -57.90 -7.73
N THR I 40 -20.40 -57.77 -8.90
CA THR I 40 -18.95 -57.64 -8.95
C THR I 40 -18.50 -56.34 -8.30
N THR I 41 -19.20 -55.24 -8.57
CA THR I 41 -18.89 -53.97 -7.91
C THR I 41 -19.11 -54.07 -6.41
N ALA I 42 -20.18 -54.75 -6.00
CA ALA I 42 -20.43 -54.95 -4.57
C ALA I 42 -19.31 -55.76 -3.92
N ASP I 43 -18.82 -56.79 -4.59
CA ASP I 43 -17.71 -57.58 -4.06
C ASP I 43 -16.44 -56.74 -3.96
N PHE I 44 -16.17 -55.93 -4.98
CA PHE I 44 -14.99 -55.06 -4.97
C PHE I 44 -15.03 -54.10 -3.79
N PHE I 45 -16.17 -53.43 -3.59
CA PHE I 45 -16.29 -52.50 -2.48
C PHE I 45 -16.30 -53.24 -1.14
N ARG I 46 -16.86 -54.44 -1.09
CA ARG I 46 -16.82 -55.23 0.13
C ARG I 46 -15.39 -55.57 0.53
N LYS I 47 -14.57 -55.96 -0.44
CA LYS I 47 -13.16 -56.25 -0.15
C LYS I 47 -12.43 -55.00 0.31
N THR I 48 -12.69 -53.86 -0.35
CA THR I 48 -12.05 -52.62 0.08
C THR I 48 -12.46 -52.24 1.51
N ASN I 49 -13.75 -52.38 1.82
CA ASN I 49 -14.23 -52.06 3.18
C ASN I 49 -13.65 -53.03 4.20
N GLN I 50 -13.51 -54.30 3.84
CA GLN I 50 -12.91 -55.26 4.76
C GLN I 50 -11.45 -54.93 5.02
N ARG I 51 -10.74 -54.47 3.99
CA ARG I 51 -9.37 -53.99 4.20
C ARG I 51 -9.36 -52.78 5.13
N ILE I 52 -10.32 -51.87 4.96
CA ILE I 52 -10.38 -50.69 5.82
C ILE I 52 -10.63 -51.08 7.27
N THR I 53 -11.55 -52.02 7.51
CA THR I 53 -12.05 -52.33 8.84
C THR I 53 -11.35 -53.52 9.48
N ALA I 54 -10.06 -53.70 9.21
CA ALA I 54 -9.29 -54.81 9.76
C ALA I 54 -8.16 -54.39 10.69
N TYR I 55 -7.97 -53.09 10.91
CA TYR I 55 -6.82 -52.59 11.64
C TYR I 55 -7.16 -52.36 13.11
N GLN I 56 -6.27 -52.80 14.00
CA GLN I 56 -6.35 -52.52 15.42
C GLN I 56 -5.26 -51.55 15.82
N LEU I 57 -5.39 -50.99 17.02
CA LEU I 57 -4.40 -50.10 17.60
C LEU I 57 -4.01 -50.58 18.98
N ASN I 58 -2.71 -50.78 19.20
CA ASN I 58 -2.22 -51.19 20.50
C ASN I 58 -2.09 -49.98 21.42
N SER I 59 -2.20 -50.24 22.72
CA SER I 59 -2.03 -49.17 23.70
C SER I 59 -0.62 -48.59 23.65
N GLU I 60 0.38 -49.45 23.55
CA GLU I 60 1.77 -49.01 23.44
C GLU I 60 2.16 -48.74 21.99
N SER I 61 1.35 -47.93 21.32
CA SER I 61 1.62 -47.58 19.93
C SER I 61 2.65 -46.44 19.88
N PRO I 62 3.73 -46.60 19.12
CA PRO I 62 4.69 -45.50 18.99
C PRO I 62 4.07 -44.22 18.46
N LEU I 63 3.05 -44.31 17.61
CA LEU I 63 2.33 -43.12 17.17
C LEU I 63 1.66 -42.42 18.34
N VAL I 64 0.88 -43.18 19.13
CA VAL I 64 0.18 -42.60 20.27
C VAL I 64 1.18 -42.13 21.33
N ALA I 65 2.27 -42.88 21.51
CA ALA I 65 3.30 -42.46 22.46
C ALA I 65 3.93 -41.14 22.04
N ALA I 66 4.20 -40.98 20.74
CA ALA I 66 4.72 -39.71 20.25
C ALA I 66 3.71 -38.58 20.46
N PHE I 67 2.42 -38.87 20.22
CA PHE I 67 1.40 -37.88 20.48
C PHE I 67 1.39 -37.46 21.95
N ASN I 68 1.52 -38.42 22.85
CA ASN I 68 1.55 -38.12 24.28
C ASN I 68 2.77 -37.28 24.63
N ASN I 69 3.92 -37.60 24.05
CA ASN I 69 5.12 -36.83 24.34
C ASN I 69 4.99 -35.40 23.82
N HIS I 70 4.42 -35.22 22.63
CA HIS I 70 4.33 -33.89 22.03
C HIS I 70 3.28 -33.03 22.72
N PHE I 71 2.11 -33.59 23.02
CA PHE I 71 0.97 -32.80 23.45
C PHE I 71 0.61 -32.99 24.92
N GLY I 72 1.43 -33.72 25.68
CA GLY I 72 1.20 -33.86 27.10
C GLY I 72 0.31 -35.02 27.46
N THR I 73 -0.11 -35.02 28.72
CA THR I 73 -0.95 -36.11 29.24
C THR I 73 -2.35 -36.02 28.64
N PRO I 74 -2.86 -37.09 28.06
CA PRO I 74 -4.16 -37.03 27.40
C PRO I 74 -5.32 -37.21 28.36
N LEU I 75 -6.51 -36.90 27.86
CA LEU I 75 -7.77 -37.19 28.54
C LEU I 75 -8.40 -38.38 27.83
N GLN I 76 -8.39 -39.54 28.47
CA GLN I 76 -8.84 -40.77 27.84
C GLN I 76 -10.32 -41.01 28.12
N LEU I 77 -11.12 -41.00 27.07
CA LEU I 77 -12.53 -41.35 27.14
C LEU I 77 -12.82 -42.45 26.13
N LYS I 78 -13.85 -43.23 26.43
CA LYS I 78 -14.15 -44.46 25.69
C LYS I 78 -15.46 -44.31 24.93
N THR I 79 -15.49 -44.82 23.71
CA THR I 79 -16.66 -44.70 22.86
C THR I 79 -17.72 -45.73 23.23
N ILE I 80 -18.98 -45.30 23.21
CA ILE I 80 -20.11 -46.19 23.45
C ILE I 80 -20.78 -46.47 22.10
N TYR I 81 -21.72 -47.42 22.12
CA TYR I 81 -22.20 -47.87 20.82
C TYR I 81 -23.51 -47.18 20.42
N PRO I 82 -23.44 -46.03 19.79
CA PRO I 82 -24.02 -45.90 18.45
C PRO I 82 -22.89 -46.03 17.43
N GLY I 83 -21.67 -45.84 17.93
CA GLY I 83 -20.49 -45.62 17.10
C GLY I 83 -19.93 -44.23 17.31
N LEU I 84 -19.05 -43.77 16.42
CA LEU I 84 -18.58 -42.39 16.42
C LEU I 84 -18.21 -42.00 15.00
N ILE I 85 -18.69 -40.84 14.56
CA ILE I 85 -18.48 -40.36 13.20
C ILE I 85 -17.83 -38.97 13.26
N THR I 86 -16.85 -38.76 12.40
CA THR I 86 -16.22 -37.45 12.24
C THR I 86 -16.04 -37.17 10.75
N GLY I 87 -16.20 -35.91 10.38
CA GLY I 87 -16.07 -35.53 8.98
C GLY I 87 -17.13 -36.13 8.08
N SER I 88 -18.39 -36.15 8.54
CA SER I 88 -19.46 -36.78 7.77
C SER I 88 -19.72 -36.04 6.46
N GLY I 89 -19.45 -34.74 6.42
CA GLY I 89 -19.73 -33.95 5.25
C GLY I 89 -18.71 -34.02 4.13
N LEU I 90 -17.63 -34.76 4.33
CA LEU I 90 -16.62 -34.89 3.29
C LEU I 90 -17.17 -35.71 2.13
N PRO I 91 -17.04 -35.24 0.88
CA PRO I 91 -17.64 -35.92 -0.26
C PRO I 91 -16.95 -37.24 -0.56
N HIS I 92 -17.68 -38.35 -0.41
CA HIS I 92 -17.18 -39.68 -0.76
C HIS I 92 -18.39 -40.49 -1.23
N GLN I 93 -18.64 -40.46 -2.53
CA GLN I 93 -19.85 -41.07 -3.08
C GLN I 93 -19.77 -41.08 -4.59
N THR I 94 -20.19 -42.19 -5.19
CA THR I 94 -20.24 -42.29 -6.64
C THR I 94 -21.62 -42.76 -7.11
N GLY I 95 -22.31 -43.53 -6.29
CA GLY I 95 -23.61 -44.04 -6.66
C GLY I 95 -23.65 -45.54 -6.82
N SER I 96 -22.62 -46.22 -6.32
CA SER I 96 -22.47 -47.66 -6.48
C SER I 96 -22.99 -48.41 -5.26
N LYS I 97 -23.01 -49.73 -5.37
CA LYS I 97 -23.55 -50.61 -4.35
C LYS I 97 -22.43 -51.11 -3.44
N GLY I 98 -22.64 -51.00 -2.13
CA GLY I 98 -21.68 -51.48 -1.17
C GLY I 98 -20.55 -50.52 -0.83
N GLU I 99 -20.64 -49.27 -1.26
CA GLU I 99 -19.62 -48.28 -1.00
C GLU I 99 -20.01 -47.39 0.18
N PHE I 100 -19.01 -46.79 0.80
CA PHE I 100 -19.22 -45.86 1.90
C PHE I 100 -19.70 -44.53 1.34
N LYS I 101 -20.91 -44.12 1.73
CA LYS I 101 -21.54 -42.94 1.15
C LYS I 101 -21.15 -41.65 1.85
N LEU I 102 -20.83 -41.69 3.14
CA LEU I 102 -20.44 -40.52 3.88
C LEU I 102 -18.91 -40.45 4.03
N GLY I 103 -18.43 -39.28 4.41
CA GLY I 103 -17.00 -39.07 4.58
C GLY I 103 -16.51 -39.43 5.97
N PHE I 104 -15.20 -39.48 6.10
CA PHE I 104 -14.55 -39.76 7.37
C PHE I 104 -13.35 -38.85 7.54
N GLN I 105 -13.03 -38.53 8.79
CA GLN I 105 -11.93 -37.63 9.11
C GLN I 105 -10.70 -38.45 9.46
N PHE I 106 -9.74 -38.49 8.53
CA PHE I 106 -8.48 -39.19 8.73
C PHE I 106 -7.34 -38.18 8.77
N ASP I 107 -6.35 -38.44 9.62
CA ASP I 107 -5.12 -37.66 9.59
C ASP I 107 -4.35 -37.99 8.31
N TYR I 108 -3.80 -36.95 7.68
CA TYR I 108 -3.10 -37.16 6.41
C TYR I 108 -1.83 -37.98 6.61
N THR I 109 -1.01 -37.61 7.60
CA THR I 109 0.27 -38.26 7.79
C THR I 109 0.11 -39.66 8.38
N THR I 110 -0.47 -39.74 9.59
CA THR I 110 -0.57 -41.02 10.27
C THR I 110 -1.65 -41.92 9.69
N GLY I 111 -2.74 -41.34 9.20
CA GLY I 111 -3.85 -42.12 8.72
C GLY I 111 -4.84 -42.55 9.78
N LEU I 112 -4.56 -42.26 11.05
CA LEU I 112 -5.45 -42.66 12.11
C LEU I 112 -6.72 -41.81 12.09
N PRO I 113 -7.86 -42.38 12.48
CA PRO I 113 -9.05 -41.56 12.71
C PRO I 113 -8.78 -40.56 13.82
N TYR I 114 -9.26 -39.33 13.62
CA TYR I 114 -9.05 -38.30 14.62
C TYR I 114 -10.16 -37.26 14.54
N ILE I 115 -10.26 -36.48 15.60
CA ILE I 115 -11.17 -35.34 15.68
C ILE I 115 -10.31 -34.07 15.68
N PRO I 116 -10.49 -33.18 14.71
CA PRO I 116 -9.68 -31.95 14.70
C PRO I 116 -9.93 -31.10 15.92
N GLY I 117 -8.91 -30.35 16.32
CA GLY I 117 -9.05 -29.47 17.47
C GLY I 117 -10.11 -28.42 17.30
N SER I 118 -10.39 -28.02 16.05
CA SER I 118 -11.48 -27.10 15.80
C SER I 118 -12.82 -27.72 16.18
N SER I 119 -13.01 -29.00 15.89
CA SER I 119 -14.26 -29.67 16.26
C SER I 119 -14.43 -29.71 17.77
N ILE I 120 -13.37 -30.04 18.51
CA ILE I 120 -13.46 -30.08 19.96
C ILE I 120 -13.72 -28.70 20.53
N LYS I 121 -13.00 -27.69 20.02
CA LYS I 121 -13.19 -26.33 20.51
C LYS I 121 -14.61 -25.84 20.26
N GLY I 122 -15.14 -26.09 19.06
CA GLY I 122 -16.50 -25.68 18.77
C GLY I 122 -17.53 -26.42 19.60
N THR I 123 -17.33 -27.73 19.79
CA THR I 123 -18.27 -28.50 20.60
C THR I 123 -18.28 -28.02 22.04
N LEU I 124 -17.11 -27.74 22.61
CA LEU I 124 -17.05 -27.24 23.98
C LEU I 124 -17.63 -25.83 24.08
N ARG I 125 -17.37 -24.98 23.08
CA ARG I 125 -17.89 -23.62 23.13
C ARG I 125 -19.40 -23.58 22.95
N SER I 126 -19.98 -24.55 22.22
CA SER I 126 -21.41 -24.55 21.98
C SER I 126 -22.22 -24.67 23.27
N MET I 127 -21.62 -25.18 24.33
CA MET I 127 -22.30 -25.28 25.62
C MET I 127 -22.03 -24.08 26.52
N PHE I 128 -21.41 -23.04 26.00
CA PHE I 128 -21.17 -21.79 26.70
C PHE I 128 -22.12 -20.71 26.20
N PRO I 129 -22.57 -19.80 27.07
CA PRO I 129 -23.65 -18.88 26.69
C PRO I 129 -23.34 -17.99 25.50
N PHE I 130 -22.09 -17.56 25.34
CA PHE I 130 -21.74 -16.57 24.32
C PHE I 130 -21.11 -17.19 23.08
N SER I 131 -21.50 -18.42 22.75
CA SER I 131 -21.04 -19.03 21.50
C SER I 131 -21.78 -18.47 20.29
N LEU I 132 -23.07 -18.17 20.44
CA LEU I 132 -23.87 -17.67 19.33
C LEU I 132 -23.53 -16.20 19.07
N LYS I 133 -23.35 -15.87 17.79
CA LYS I 133 -23.02 -14.50 17.40
C LYS I 133 -24.29 -13.65 17.37
N ASP I 134 -24.19 -12.44 17.92
CA ASP I 134 -25.31 -11.51 17.92
C ASP I 134 -25.51 -10.98 16.50
N LYS I 135 -26.49 -11.51 15.80
CA LYS I 135 -26.75 -11.16 14.41
C LYS I 135 -28.23 -10.93 14.21
N GLY I 136 -28.58 -10.41 13.03
CA GLY I 136 -29.99 -10.18 12.73
C GLY I 136 -30.81 -11.44 12.74
N SER I 137 -30.27 -12.51 12.14
CA SER I 137 -31.00 -13.78 12.09
C SER I 137 -31.06 -14.45 13.45
N THR I 138 -30.03 -14.30 14.27
CA THR I 138 -29.94 -15.01 15.55
C THR I 138 -30.55 -14.23 16.71
N LYS I 139 -30.99 -12.99 16.49
CA LYS I 139 -31.46 -12.16 17.59
C LYS I 139 -32.77 -12.66 18.20
N ARG I 140 -33.55 -13.45 17.46
CA ARG I 140 -34.78 -13.98 18.03
C ARG I 140 -34.49 -15.00 19.13
N ILE I 141 -33.57 -15.93 18.87
CA ILE I 141 -33.24 -16.97 19.84
C ILE I 141 -32.10 -16.57 20.76
N LEU I 142 -31.50 -15.40 20.56
CA LEU I 142 -30.32 -15.01 21.34
C LEU I 142 -30.57 -14.95 22.84
N PRO I 143 -31.63 -14.32 23.35
CA PRO I 143 -31.80 -14.26 24.81
C PRO I 143 -31.98 -15.62 25.45
N GLU I 144 -32.85 -16.46 24.88
CA GLU I 144 -33.07 -17.79 25.45
C GLU I 144 -31.81 -18.64 25.40
N TYR I 145 -31.05 -18.53 24.30
CA TYR I 145 -29.81 -19.29 24.16
C TYR I 145 -28.86 -19.02 25.33
N ARG I 146 -28.57 -17.75 25.57
CA ARG I 146 -27.65 -17.38 26.65
C ARG I 146 -28.25 -17.70 28.02
N LYS I 147 -29.55 -17.47 28.19
CA LYS I 147 -30.19 -17.74 29.47
C LYS I 147 -30.09 -19.22 29.83
N GLU I 148 -30.35 -20.10 28.86
CA GLU I 148 -30.27 -21.53 29.12
C GLU I 148 -28.84 -21.97 29.35
N ARG I 149 -27.89 -21.48 28.55
CA ARG I 149 -26.52 -21.98 28.67
C ARG I 149 -25.81 -21.44 29.91
N MET I 150 -26.19 -20.25 30.38
CA MET I 150 -25.52 -19.65 31.53
C MET I 150 -25.78 -20.45 32.80
N GLU I 151 -27.01 -20.94 32.98
CA GLU I 151 -27.32 -21.77 34.14
C GLU I 151 -26.49 -23.05 34.11
N TYR I 152 -26.40 -23.70 32.94
CA TYR I 152 -25.63 -24.92 32.81
C TYR I 152 -24.16 -24.68 33.14
N ILE I 153 -23.59 -23.60 32.60
CA ILE I 153 -22.20 -23.28 32.88
C ILE I 153 -22.01 -22.98 34.36
N ARG I 154 -22.99 -22.31 34.97
CA ARG I 154 -22.89 -21.98 36.39
C ARG I 154 -22.85 -23.23 37.25
N ASP I 155 -23.79 -24.16 37.05
CA ASP I 155 -23.77 -25.39 37.84
C ASP I 155 -22.49 -26.18 37.58
N LEU I 156 -22.04 -26.23 36.33
CA LEU I 156 -20.83 -27.00 36.02
C LEU I 156 -19.60 -26.41 36.69
N ILE I 157 -19.49 -25.07 36.69
CA ILE I 157 -18.36 -24.42 37.35
C ILE I 157 -18.42 -24.65 38.86
N ILE I 158 -19.60 -24.50 39.46
CA ILE I 158 -19.73 -24.72 40.89
C ILE I 158 -19.37 -26.17 41.24
N GLU I 159 -19.71 -27.11 40.35
CA GLU I 159 -19.35 -28.51 40.58
C GLU I 159 -17.85 -28.73 40.50
N VAL I 160 -17.21 -28.20 39.45
CA VAL I 160 -15.81 -28.56 39.20
C VAL I 160 -14.85 -27.78 40.09
N THR I 161 -15.19 -26.56 40.49
CA THR I 161 -14.29 -25.75 41.29
C THR I 161 -14.96 -25.34 42.59
N ASN I 162 -14.17 -24.71 43.46
CA ASN I 162 -14.63 -24.33 44.80
C ASN I 162 -15.38 -23.01 44.81
N ILE I 163 -15.56 -22.37 43.66
CA ILE I 163 -16.24 -21.07 43.61
C ILE I 163 -17.71 -21.27 43.96
N ASN I 164 -18.16 -20.59 45.02
CA ASN I 164 -19.54 -20.74 45.45
C ASN I 164 -20.50 -19.96 44.57
N GLU I 165 -20.12 -18.76 44.14
CA GLU I 165 -20.99 -17.90 43.37
C GLU I 165 -20.24 -17.32 42.18
N ILE I 166 -20.89 -17.34 41.02
CA ILE I 166 -20.33 -16.78 39.80
C ILE I 166 -21.40 -15.91 39.13
N SER I 167 -20.98 -14.78 38.59
CA SER I 167 -21.88 -13.82 37.96
C SER I 167 -21.88 -14.03 36.45
N ASP I 168 -22.89 -13.44 35.80
CA ASP I 168 -22.99 -13.55 34.35
C ASP I 168 -21.80 -12.90 33.65
N THR I 169 -21.38 -11.74 34.14
CA THR I 169 -20.21 -11.08 33.56
C THR I 169 -18.95 -11.91 33.79
N GLU I 170 -18.85 -12.57 34.95
CA GLU I 170 -17.71 -13.44 35.21
C GLU I 170 -17.70 -14.63 34.25
N ILE I 171 -18.87 -15.22 33.99
CA ILE I 171 -18.95 -16.33 33.05
C ILE I 171 -18.56 -15.86 31.64
N GLN I 172 -19.05 -14.68 31.25
CA GLN I 172 -18.70 -14.14 29.94
C GLN I 172 -17.20 -13.92 29.82
N ALA I 173 -16.59 -13.34 30.85
CA ALA I 173 -15.15 -13.09 30.82
C ALA I 173 -14.37 -14.39 30.76
N LEU I 174 -14.79 -15.40 31.53
CA LEU I 174 -14.11 -16.68 31.52
C LEU I 174 -14.21 -17.35 30.15
N GLU I 175 -15.39 -17.30 29.54
CA GLU I 175 -15.55 -17.90 28.22
C GLU I 175 -14.69 -17.20 27.17
N TYR I 176 -14.70 -15.86 27.19
CA TYR I 176 -13.91 -15.13 26.21
C TYR I 176 -12.42 -15.27 26.45
N ALA I 177 -12.01 -15.53 27.70
CA ALA I 177 -10.60 -15.78 27.97
C ALA I 177 -10.20 -17.17 27.51
N ILE I 178 -11.06 -18.17 27.71
CA ILE I 178 -10.72 -19.53 27.34
C ILE I 178 -10.68 -19.69 25.83
N PHE I 179 -11.70 -19.19 25.13
CA PHE I 179 -11.85 -19.45 23.71
C PHE I 179 -11.31 -18.34 22.83
N THR I 180 -11.55 -17.08 23.18
CA THR I 180 -11.07 -15.96 22.38
C THR I 180 -9.72 -15.44 22.86
N ASN I 181 -9.38 -15.70 24.13
CA ASN I 181 -8.15 -15.19 24.74
C ASN I 181 -8.12 -13.67 24.74
N SER I 182 -9.29 -13.07 25.00
CA SER I 182 -9.42 -11.62 25.02
C SER I 182 -10.50 -11.28 26.05
N THR I 183 -10.97 -10.04 26.02
CA THR I 183 -12.05 -9.57 26.86
C THR I 183 -13.36 -9.60 26.10
N PRO I 184 -14.49 -9.63 26.80
CA PRO I 184 -15.76 -9.51 26.08
C PRO I 184 -15.93 -8.09 25.56
N SER I 185 -15.65 -7.93 24.26
CA SER I 185 -15.45 -6.65 23.56
C SER I 185 -14.52 -6.91 22.39
N GLY I 186 -13.39 -6.21 22.36
CA GLY I 186 -12.34 -6.49 21.40
C GLY I 186 -10.97 -6.29 22.00
N LYS I 187 -10.91 -6.06 23.31
CA LYS I 187 -9.67 -5.72 23.98
C LYS I 187 -8.81 -6.95 24.20
N THR I 188 -7.49 -6.75 24.16
CA THR I 188 -6.53 -7.82 24.37
C THR I 188 -5.94 -7.75 25.77
N ILE I 189 -5.81 -8.91 26.40
CA ILE I 189 -5.18 -9.03 27.72
C ILE I 189 -3.74 -9.45 27.51
N GLU I 190 -2.82 -8.78 28.21
CA GLU I 190 -1.40 -9.10 28.08
C GLU I 190 -1.15 -10.43 28.76
N PHE I 191 -1.17 -11.51 27.98
CA PHE I 191 -1.03 -12.85 28.48
C PHE I 191 0.38 -13.38 28.19
N SER I 192 0.86 -14.24 29.08
CA SER I 192 2.16 -14.86 28.88
C SER I 192 2.04 -15.99 27.85
N LEU I 193 3.18 -16.61 27.53
CA LEU I 193 3.17 -17.69 26.55
C LEU I 193 2.36 -18.88 27.05
N GLU I 194 2.52 -19.22 28.33
CA GLU I 194 1.81 -20.37 28.90
C GLU I 194 0.35 -20.06 29.22
N GLU I 195 -0.04 -18.79 29.24
CA GLU I 195 -1.42 -18.41 29.56
C GLU I 195 -2.31 -18.41 28.32
N LYS I 196 -2.31 -19.53 27.60
CA LYS I 196 -3.14 -19.70 26.40
C LYS I 196 -3.81 -21.06 26.46
N ASP I 197 -5.05 -21.10 25.98
CA ASP I 197 -5.82 -22.33 25.93
C ASP I 197 -5.78 -22.89 24.51
N VAL I 198 -5.21 -24.08 24.35
CA VAL I 198 -4.99 -24.70 23.05
C VAL I 198 -5.74 -26.02 23.02
N PHE I 199 -6.49 -26.24 21.96
CA PHE I 199 -7.29 -27.46 21.77
C PHE I 199 -6.64 -28.28 20.67
N TYR I 200 -5.89 -29.30 21.07
CA TYR I 200 -5.21 -30.15 20.09
C TYR I 200 -6.21 -31.12 19.45
N ASP I 201 -5.70 -31.97 18.57
CA ASP I 201 -6.53 -32.94 17.87
C ASP I 201 -6.73 -34.19 18.73
N ALA I 202 -7.98 -34.63 18.83
CA ALA I 202 -8.28 -35.87 19.53
C ALA I 202 -7.98 -37.06 18.62
N PHE I 203 -7.19 -38.00 19.12
CA PHE I 203 -6.76 -39.14 18.33
C PHE I 203 -7.30 -40.43 18.94
N VAL I 204 -7.53 -41.43 18.08
CA VAL I 204 -7.85 -42.76 18.56
C VAL I 204 -6.63 -43.34 19.26
N ALA I 205 -6.81 -43.76 20.51
CA ALA I 205 -5.69 -44.16 21.35
C ALA I 205 -5.45 -45.66 21.35
N ASP I 206 -6.48 -46.46 21.60
CA ASP I 206 -6.29 -47.89 21.78
C ASP I 206 -7.61 -48.59 21.54
N SER I 207 -7.63 -49.50 20.56
CA SER I 207 -8.72 -50.47 20.41
C SER I 207 -8.24 -51.76 21.06
N LYS I 208 -8.79 -52.07 22.23
CA LYS I 208 -8.25 -53.10 23.11
C LYS I 208 -8.14 -54.45 22.42
N ASP I 209 -9.28 -55.04 22.06
CA ASP I 209 -9.31 -56.32 21.35
C ASP I 209 -10.34 -56.20 20.24
N GLY I 210 -9.90 -55.72 19.09
CA GLY I 210 -10.79 -55.50 17.98
C GLY I 210 -10.33 -54.32 17.14
N VAL I 211 -10.97 -54.17 16.00
CA VAL I 211 -10.64 -53.10 15.07
C VAL I 211 -11.20 -51.79 15.60
N MET I 212 -10.75 -50.67 15.03
CA MET I 212 -11.23 -49.36 15.44
C MET I 212 -12.27 -48.78 14.50
N LEU I 213 -12.43 -49.34 13.29
CA LEU I 213 -13.39 -48.85 12.32
C LEU I 213 -14.39 -49.95 11.99
N SER I 214 -15.67 -49.57 11.95
CA SER I 214 -16.75 -50.49 11.61
C SER I 214 -17.67 -49.81 10.61
N ASP I 215 -18.60 -50.59 10.06
CA ASP I 215 -19.56 -50.09 9.09
C ASP I 215 -20.95 -50.06 9.70
N ASP I 216 -21.72 -49.03 9.36
CA ASP I 216 -23.05 -48.83 9.92
C ASP I 216 -23.98 -48.35 8.82
N TYR I 217 -25.28 -48.49 9.07
CA TYR I 217 -26.31 -48.11 8.12
C TYR I 217 -27.22 -47.04 8.71
N ILE I 218 -27.55 -46.05 7.90
CA ILE I 218 -28.71 -45.20 8.11
C ILE I 218 -29.62 -45.39 6.91
N THR I 219 -30.87 -45.78 7.16
CA THR I 219 -31.80 -46.14 6.10
C THR I 219 -33.00 -45.19 6.17
N PRO I 220 -32.93 -44.03 5.54
CA PRO I 220 -34.08 -43.11 5.54
C PRO I 220 -35.27 -43.72 4.82
N HIS I 221 -36.45 -43.56 5.42
CA HIS I 221 -37.71 -43.88 4.78
C HIS I 221 -38.36 -42.56 4.40
N GLY I 222 -38.65 -42.37 3.12
CA GLY I 222 -39.09 -41.10 2.63
C GLY I 222 -40.45 -40.69 3.17
N GLU I 223 -40.93 -39.56 2.67
CA GLU I 223 -42.24 -39.06 3.05
C GLU I 223 -43.36 -39.95 2.54
N ASN I 224 -43.06 -40.83 1.59
CA ASN I 224 -44.04 -41.81 1.11
C ASN I 224 -43.69 -43.18 1.67
N PRO I 225 -44.46 -43.72 2.61
CA PRO I 225 -44.17 -45.05 3.14
C PRO I 225 -44.40 -46.17 2.14
N LEU I 226 -45.03 -45.87 1.01
CA LEU I 226 -45.28 -46.87 -0.03
C LEU I 226 -44.11 -47.04 -0.98
N LYS I 227 -43.07 -46.22 -0.85
CA LYS I 227 -41.89 -46.31 -1.69
C LYS I 227 -40.77 -47.02 -0.94
N ASP I 228 -39.76 -47.46 -1.70
CA ASP I 228 -38.68 -48.25 -1.14
C ASP I 228 -37.76 -47.38 -0.29
N PRO I 229 -37.11 -47.98 0.72
CA PRO I 229 -36.16 -47.21 1.54
C PRO I 229 -34.87 -46.92 0.80
N LYS I 230 -33.87 -46.37 1.50
CA LYS I 230 -32.63 -45.95 0.88
C LYS I 230 -31.47 -46.29 1.82
N PRO I 231 -30.86 -47.47 1.65
CA PRO I 231 -29.76 -47.87 2.55
C PRO I 231 -28.51 -47.03 2.28
N ILE I 232 -28.05 -46.34 3.32
CA ILE I 232 -26.84 -45.52 3.25
C ILE I 232 -25.81 -46.14 4.18
N LEU I 233 -24.69 -46.57 3.62
CA LEU I 233 -23.63 -47.22 4.36
C LEU I 233 -22.49 -46.23 4.60
N PHE I 234 -22.04 -46.13 5.85
CA PHE I 234 -20.98 -45.22 6.22
C PHE I 234 -20.02 -45.91 7.17
N LEU I 235 -18.90 -45.24 7.44
CA LEU I 235 -17.82 -45.75 8.29
C LEU I 235 -17.85 -45.05 9.63
N LYS I 236 -17.76 -45.82 10.71
CA LYS I 236 -17.84 -45.27 12.06
C LYS I 236 -16.69 -45.82 12.89
N ILE I 237 -16.36 -45.09 13.94
CA ILE I 237 -15.39 -45.56 14.94
C ILE I 237 -16.09 -46.52 15.88
N ARG I 238 -15.50 -47.69 16.07
CA ARG I 238 -16.15 -48.75 16.80
C ARG I 238 -16.32 -48.37 18.27
N PRO I 239 -17.34 -48.92 18.94
CA PRO I 239 -17.46 -48.73 20.39
C PRO I 239 -16.30 -49.39 21.13
N ASP I 240 -16.16 -49.01 22.40
CA ASP I 240 -15.09 -49.51 23.27
C ASP I 240 -13.71 -49.14 22.73
N VAL I 241 -13.61 -47.99 22.07
CA VAL I 241 -12.36 -47.49 21.53
C VAL I 241 -11.95 -46.24 22.31
N THR I 242 -10.68 -46.17 22.69
CA THR I 242 -10.17 -45.10 23.53
C THR I 242 -9.81 -43.89 22.67
N ILE I 243 -10.33 -42.73 23.05
CA ILE I 243 -10.06 -41.47 22.36
C ILE I 243 -9.23 -40.59 23.28
N ASN I 244 -8.11 -40.09 22.76
CA ASN I 244 -7.18 -39.28 23.54
C ASN I 244 -7.38 -37.81 23.20
N PHE I 245 -7.89 -37.04 24.16
CA PHE I 245 -8.07 -35.61 24.01
C PHE I 245 -6.88 -34.88 24.62
N TYR I 246 -6.24 -34.03 23.82
CA TYR I 246 -5.07 -33.28 24.25
C TYR I 246 -5.41 -31.80 24.34
N PHE I 247 -5.12 -31.19 25.49
CA PHE I 247 -5.33 -29.78 25.71
C PHE I 247 -4.07 -29.14 26.28
N LYS I 248 -3.96 -27.83 26.07
CA LYS I 248 -2.94 -27.01 26.73
C LYS I 248 -3.70 -25.89 27.43
N LEU I 249 -3.95 -26.07 28.72
CA LEU I 249 -4.78 -25.16 29.49
C LEU I 249 -3.95 -24.51 30.59
N CYS I 250 -4.37 -23.31 30.98
CA CYS I 250 -3.70 -22.51 32.00
C CYS I 250 -4.68 -22.21 33.13
N THR I 251 -4.23 -21.38 34.07
CA THR I 251 -5.04 -20.95 35.20
C THR I 251 -5.63 -19.59 34.89
N THR I 252 -6.94 -19.46 35.04
CA THR I 252 -7.64 -18.21 34.77
C THR I 252 -7.86 -17.45 36.07
N HIS I 253 -7.46 -16.18 36.09
CA HIS I 253 -7.58 -15.33 37.25
C HIS I 253 -8.65 -14.27 36.99
N LEU I 254 -9.69 -14.26 37.81
CA LEU I 254 -10.78 -13.30 37.71
C LEU I 254 -10.76 -12.43 38.96
N TYR I 255 -10.66 -11.11 38.76
CA TYR I 255 -10.71 -10.15 39.86
C TYR I 255 -11.68 -9.05 39.49
N LYS I 256 -12.71 -8.88 40.31
CA LYS I 256 -13.78 -7.89 40.07
C LYS I 256 -14.39 -8.09 38.69
N GLU I 257 -14.71 -9.35 38.37
CA GLU I 257 -15.40 -9.75 37.14
C GLU I 257 -14.60 -9.45 35.88
N LYS I 258 -13.28 -9.29 35.99
CA LYS I 258 -12.42 -9.10 34.84
C LYS I 258 -11.28 -10.11 34.87
N VAL I 259 -10.86 -10.53 33.69
CA VAL I 259 -9.79 -11.52 33.56
C VAL I 259 -8.45 -10.80 33.69
N CYS I 260 -7.60 -11.32 34.57
CA CYS I 260 -6.31 -10.72 34.87
C CYS I 260 -5.19 -11.68 34.50
N SER I 261 -4.05 -11.11 34.11
CA SER I 261 -2.85 -11.90 33.88
C SER I 261 -2.28 -12.39 35.21
N SER I 262 -1.37 -13.35 35.12
CA SER I 262 -0.76 -13.91 36.33
C SER I 262 0.04 -12.84 37.08
N LYS I 263 0.87 -12.08 36.37
CA LYS I 263 1.60 -10.99 37.02
C LYS I 263 0.65 -9.88 37.43
N GLN I 264 -0.39 -9.63 36.64
CA GLN I 264 -1.41 -8.67 37.03
C GLN I 264 -2.08 -9.08 38.33
N ILE I 265 -2.41 -10.37 38.47
CA ILE I 265 -3.07 -10.82 39.69
C ILE I 265 -2.10 -10.81 40.87
N GLU I 266 -0.81 -11.04 40.62
CA GLU I 266 0.17 -10.92 41.69
C GLU I 266 0.24 -9.48 42.20
N GLU I 267 0.28 -8.52 41.27
CA GLU I 267 0.31 -7.11 41.65
C GLU I 267 -0.97 -6.73 42.39
N ILE I 268 -2.11 -7.25 41.94
CA ILE I 268 -3.39 -6.97 42.60
C ILE I 268 -3.38 -7.53 44.02
N LYS I 269 -2.85 -8.75 44.19
CA LYS I 269 -2.75 -9.35 45.51
C LYS I 269 -1.86 -8.52 46.43
N LYS I 270 -0.78 -7.97 45.90
CA LYS I 270 0.14 -7.18 46.72
C LYS I 270 -0.47 -5.87 47.20
N GLN I 271 -1.53 -5.39 46.56
CA GLN I 271 -2.10 -4.09 46.92
C GLN I 271 -2.84 -4.18 48.26
N ASN I 272 -3.06 -3.01 48.86
CA ASN I 272 -3.70 -2.96 50.18
C ASN I 272 -5.20 -3.25 50.09
N ASP I 273 -5.87 -2.68 49.09
CA ASP I 273 -7.31 -2.86 48.95
C ASP I 273 -7.64 -4.10 48.11
N PHE I 274 -7.07 -5.23 48.50
CA PHE I 274 -7.31 -6.49 47.81
C PHE I 274 -8.47 -7.21 48.48
N SER I 275 -9.60 -7.30 47.78
CA SER I 275 -10.77 -8.00 48.29
C SER I 275 -10.71 -9.45 47.82
N SER I 276 -10.51 -10.37 48.76
CA SER I 276 -10.47 -11.78 48.43
C SER I 276 -11.82 -12.29 47.94
N SER I 277 -12.91 -11.60 48.28
CA SER I 277 -14.22 -12.00 47.80
C SER I 277 -14.36 -11.80 46.29
N ASP I 278 -13.64 -10.84 45.73
CA ASP I 278 -13.70 -10.54 44.30
C ASP I 278 -12.69 -11.31 43.48
N TYR I 279 -11.88 -12.17 44.11
CA TYR I 279 -10.86 -12.94 43.42
C TYR I 279 -11.36 -14.36 43.20
N LYS I 280 -11.29 -14.81 41.95
CA LYS I 280 -11.68 -16.17 41.58
C LYS I 280 -10.60 -16.78 40.71
N MET I 281 -10.39 -18.08 40.87
CA MET I 281 -9.32 -18.77 40.17
C MET I 281 -9.81 -20.15 39.75
N ILE I 282 -9.70 -20.45 38.45
CA ILE I 282 -9.98 -21.77 37.90
C ILE I 282 -8.69 -22.30 37.29
N THR I 283 -8.22 -23.43 37.79
CA THR I 283 -6.94 -23.98 37.38
C THR I 283 -7.10 -24.83 36.12
N ALA I 284 -5.96 -25.27 35.57
CA ALA I 284 -5.98 -26.09 34.38
C ALA I 284 -6.66 -27.42 34.63
N HIS I 285 -6.45 -28.01 35.80
CA HIS I 285 -7.10 -29.27 36.13
C HIS I 285 -8.62 -29.11 36.19
N GLN I 286 -9.09 -28.02 36.80
CA GLN I 286 -10.53 -27.77 36.86
C GLN I 286 -11.09 -27.47 35.48
N LYS I 287 -10.32 -26.78 34.62
CA LYS I 287 -10.74 -26.58 33.24
C LYS I 287 -10.88 -27.91 32.51
N ARG I 288 -9.93 -28.82 32.74
CA ARG I 288 -10.00 -30.14 32.12
C ARG I 288 -11.22 -30.91 32.61
N ASN I 289 -11.52 -30.81 33.91
CA ASN I 289 -12.72 -31.46 34.44
C ASN I 289 -13.99 -30.87 33.82
N LEU I 290 -14.01 -29.54 33.66
CA LEU I 290 -15.16 -28.89 33.02
C LEU I 290 -15.36 -29.39 31.60
N PHE I 291 -14.27 -29.46 30.83
CA PHE I 291 -14.34 -29.95 29.45
C PHE I 291 -14.76 -31.41 29.42
N GLU I 292 -14.25 -32.21 30.35
CA GLU I 292 -14.64 -33.62 30.43
C GLU I 292 -16.13 -33.76 30.71
N LYS I 293 -16.66 -32.94 31.62
CA LYS I 293 -18.10 -33.00 31.90
C LYS I 293 -18.92 -32.59 30.69
N ILE I 294 -18.48 -31.55 29.98
CA ILE I 294 -19.19 -31.15 28.76
C ILE I 294 -19.19 -32.27 27.73
N LEU I 295 -18.03 -32.91 27.54
CA LEU I 295 -17.93 -33.99 26.56
C LEU I 295 -18.79 -35.18 26.96
N LEU I 296 -18.79 -35.54 28.24
CA LEU I 296 -19.66 -36.62 28.71
C LEU I 296 -21.13 -36.26 28.62
N CYS I 297 -21.45 -34.96 28.59
CA CYS I 297 -22.84 -34.54 28.48
C CYS I 297 -23.33 -34.60 27.05
N ILE I 298 -22.62 -33.95 26.11
CA ILE I 298 -23.16 -33.81 24.77
C ILE I 298 -22.46 -34.73 23.77
N GLY I 299 -21.17 -34.99 23.98
CA GLY I 299 -20.41 -35.79 23.04
C GLY I 299 -19.84 -34.96 21.90
N ILE I 300 -19.20 -35.66 20.97
CA ILE I 300 -18.49 -35.02 19.88
C ILE I 300 -18.71 -35.81 18.58
N GLY I 301 -18.72 -35.10 17.47
CA GLY I 301 -18.82 -35.70 16.16
C GLY I 301 -20.11 -35.35 15.45
N ALA I 302 -20.47 -36.20 14.49
CA ALA I 302 -21.67 -36.03 13.69
C ALA I 302 -22.78 -36.93 14.20
N LYS I 303 -24.02 -36.52 13.93
CA LYS I 303 -25.21 -37.25 14.34
C LYS I 303 -25.23 -37.47 15.86
N THR I 304 -24.79 -36.45 16.59
CA THR I 304 -24.80 -36.53 18.05
C THR I 304 -26.21 -36.52 18.62
N ASN I 305 -27.18 -35.97 17.88
CA ASN I 305 -28.56 -35.97 18.36
C ASN I 305 -29.15 -37.37 18.39
N ILE I 306 -28.75 -38.22 17.45
CA ILE I 306 -29.26 -39.59 17.39
C ILE I 306 -28.30 -40.57 18.06
N GLY I 307 -27.42 -40.08 18.94
CA GLY I 307 -26.63 -40.91 19.81
C GLY I 307 -25.16 -41.01 19.46
N TYR I 308 -24.79 -40.81 18.20
CA TYR I 308 -23.42 -41.06 17.78
C TYR I 308 -22.46 -40.11 18.48
N GLY I 309 -21.30 -40.64 18.88
CA GLY I 309 -20.25 -39.82 19.45
C GLY I 309 -20.32 -39.59 20.94
N GLN I 310 -21.03 -40.42 21.69
CA GLN I 310 -21.10 -40.29 23.13
C GLN I 310 -19.96 -41.04 23.79
N LEU I 311 -19.44 -40.48 24.88
CA LEU I 311 -18.22 -40.98 25.51
C LEU I 311 -18.48 -41.37 26.96
N LYS I 312 -17.70 -42.33 27.44
CA LYS I 312 -17.69 -42.72 28.84
C LYS I 312 -16.27 -42.63 29.38
N LYS I 313 -16.17 -42.54 30.70
CA LYS I 313 -14.86 -42.45 31.35
C LYS I 313 -14.15 -43.80 31.26
N LEU I 314 -12.88 -43.76 30.88
CA LEU I 314 -12.08 -44.97 30.72
C LEU I 314 -11.85 -45.64 32.07
PG ATP L . 0.84 51.95 5.91
O1G ATP L . 2.29 51.56 5.94
O2G ATP L . -0.11 50.77 6.01
O3G ATP L . 0.46 52.80 4.70
PB ATP L . 0.92 54.24 7.83
O1B ATP L . 0.04 55.35 7.38
O2B ATP L . 1.01 54.02 9.33
O3B ATP L . 0.49 52.86 7.17
PA ATP L . 3.58 55.47 7.47
O1A ATP L . 3.94 56.08 6.18
O2A ATP L . 4.72 54.78 8.21
O3A ATP L . 2.41 54.42 7.30
O5' ATP L . 2.91 56.52 8.44
C5' ATP L . 3.19 57.93 8.32
C4' ATP L . 2.27 58.68 9.25
O4' ATP L . 2.62 58.40 10.61
C3' ATP L . 2.32 60.21 9.10
O3' ATP L . 1.16 60.69 8.42
C2' ATP L . 2.38 60.73 10.55
O2' ATP L . 1.36 61.69 10.80
C1' ATP L . 2.16 59.48 11.39
N9 ATP L . 2.90 59.47 12.65
C8 ATP L . 4.12 58.91 12.89
N7 ATP L . 4.55 59.06 14.12
C5 ATP L . 3.53 59.77 14.74
C6 ATP L . 3.36 60.24 16.06
N6 ATP L . 4.26 60.06 17.03
N1 ATP L . 2.22 60.91 16.35
C2 ATP L . 1.31 61.08 15.38
N3 ATP L . 1.37 60.69 14.11
C4 ATP L . 2.50 60.03 13.85
N SAM M . 13.02 57.99 6.47
CA SAM M . 13.39 58.25 5.09
C SAM M . 14.07 59.63 4.93
O SAM M . 14.68 59.86 3.88
OXT SAM M . 13.92 60.41 5.90
CB SAM M . 12.17 58.16 4.16
CG SAM M . 11.72 56.77 3.77
SD SAM M . 12.30 55.53 4.97
CE SAM M . 12.04 54.00 4.08
C5' SAM M . 10.92 55.55 6.13
C4' SAM M . 11.08 54.49 7.19
O4' SAM M . 12.41 54.51 7.69
C3' SAM M . 10.23 54.71 8.42
O3' SAM M . 8.90 54.37 8.16
C2' SAM M . 10.97 53.82 9.43
O2' SAM M . 10.55 52.51 9.23
C1' SAM M . 12.43 53.99 8.99
N9 SAM M . 13.25 54.81 9.86
C8 SAM M . 13.03 56.14 10.10
N7 SAM M . 13.88 56.67 10.92
C5 SAM M . 14.71 55.63 11.26
C6 SAM M . 15.83 55.55 12.11
N6 SAM M . 16.30 56.60 12.79
N1 SAM M . 16.44 54.37 12.23
C2 SAM M . 15.97 53.33 11.56
N3 SAM M . 14.93 53.28 10.73
C4 SAM M . 14.34 54.46 10.62
MN MN N . 6.00 53.48 9.53
#